data_2RDX
#
_entry.id   2RDX
#
_cell.length_a   169.415
_cell.length_b   169.219
_cell.length_c   223.476
_cell.angle_alpha   90.00
_cell.angle_beta   90.00
_cell.angle_gamma   90.00
#
_symmetry.space_group_name_H-M   'I 2 2 2'
#
loop_
_entity.id
_entity.type
_entity.pdbx_description
1 polymer 'Mandelate racemase/muconate lactonizing enzyme, putative'
2 non-polymer 'MAGNESIUM ION'
3 non-polymer GLYCEROL
4 water water
#
_entity_poly.entity_id   1
_entity_poly.type   'polypeptide(L)'
_entity_poly.pdbx_seq_one_letter_code
;MSLRITRIRLYKTDLPYVDGSYGWGAGNAITVARASVVVIDTDAGLQGCGEFTPCGENYMIAHSEGVDAFARLAAPQLLG
QDPRQVARMERLMDHLVQGHGYAKAPFDAAFWDILGQATGQPVWMLLGGKLCDGAPMYRVAPQRSEAETRAELARHRAAG
YRQFQIKVGADWQSDIDRIRACLPLLEPGEKAMADANQGWRVDNAIRLARATRDLDYILEQPCRSYEECQQVRRVADQPM
KLDECVTGLHMAQRIVADRGAEICCLKISNLGGLSKARRTRDFLIDNRMPVVAEDSWGGEIASAAVAHFAASTPEEFLIN
STDLMNYNTRSTGLGGPTVHQGRLYASDTPGLGVTPDFNSLGAPVADWALPEGHHHHHH
;
_entity_poly.pdbx_strand_id   A,B,C,D,E,F,G,H
#
loop_
_chem_comp.id
_chem_comp.type
_chem_comp.name
_chem_comp.formula
GOL non-polymer GLYCEROL 'C3 H8 O3'
MG non-polymer 'MAGNESIUM ION' 'Mg 2'
#
# COMPACT_ATOMS: atom_id res chain seq x y z
N SER A 2 23.72 29.16 37.44
CA SER A 2 23.02 30.20 36.64
C SER A 2 23.91 30.74 35.52
N LEU A 3 23.30 31.04 34.38
CA LEU A 3 24.01 31.65 33.24
C LEU A 3 23.03 32.45 32.38
N ARG A 4 23.50 33.58 31.87
CA ARG A 4 22.67 34.45 31.04
C ARG A 4 23.49 34.91 29.85
N ILE A 5 22.89 34.89 28.65
CA ILE A 5 23.49 35.53 27.48
C ILE A 5 23.44 37.04 27.69
N THR A 6 24.60 37.69 27.58
CA THR A 6 24.69 39.14 27.79
C THR A 6 24.98 39.94 26.53
N ARG A 7 25.48 39.26 25.49
CA ARG A 7 25.83 39.90 24.23
C ARG A 7 25.79 38.90 23.07
N ILE A 8 25.22 39.33 21.95
CA ILE A 8 25.25 38.58 20.72
C ILE A 8 25.84 39.48 19.64
N ARG A 9 26.86 38.97 18.96
CA ARG A 9 27.47 39.68 17.84
C ARG A 9 27.41 38.84 16.56
N LEU A 10 27.21 39.53 15.44
CA LEU A 10 27.21 38.88 14.14
C LEU A 10 28.34 39.43 13.26
N TYR A 11 29.13 38.51 12.70
CA TYR A 11 30.25 38.88 11.84
C TYR A 11 30.05 38.28 10.47
N LYS A 12 30.52 38.99 9.44
CA LYS A 12 30.47 38.51 8.07
C LYS A 12 31.84 38.67 7.45
N THR A 13 32.31 37.63 6.74
CA THR A 13 33.63 37.66 6.10
C THR A 13 33.67 36.83 4.81
N ASP A 14 34.59 37.17 3.92
CA ASP A 14 34.75 36.47 2.65
C ASP A 14 35.76 35.34 2.76
N LEU A 15 35.35 34.14 2.36
CA LEU A 15 36.26 33.00 2.30
C LEU A 15 36.51 32.62 0.84
N PRO A 16 37.64 33.05 0.28
CA PRO A 16 38.01 32.74 -1.10
C PRO A 16 38.52 31.31 -1.23
N TYR A 17 38.16 30.63 -2.32
CA TYR A 17 38.54 29.23 -2.55
C TYR A 17 40.05 29.12 -2.86
N VAL A 18 40.70 28.08 -2.34
CA VAL A 18 42.15 27.86 -2.54
C VAL A 18 42.59 27.73 -4.01
N ASP A 19 41.75 27.09 -4.83
CA ASP A 19 42.06 26.87 -6.23
C ASP A 19 41.21 27.72 -7.19
N GLY A 20 40.92 28.95 -6.77
CA GLY A 20 40.17 29.90 -7.60
C GLY A 20 38.68 29.61 -7.65
N SER A 21 38.29 28.72 -8.56
CA SER A 21 36.87 28.38 -8.78
C SER A 21 36.55 26.93 -8.39
N TYR A 22 35.35 26.74 -7.84
CA TYR A 22 34.85 25.41 -7.45
C TYR A 22 33.61 25.05 -8.28
N GLY A 23 33.79 24.15 -9.25
CA GLY A 23 32.71 23.75 -10.15
C GLY A 23 31.84 22.63 -9.60
N TRP A 24 30.64 22.98 -9.17
CA TRP A 24 29.68 22.01 -8.65
C TRP A 24 28.34 22.06 -9.40
N GLY A 25 27.63 20.93 -9.44
CA GLY A 25 26.25 20.84 -9.95
C GLY A 25 26.09 21.03 -11.44
N ALA A 26 24.98 21.65 -11.83
CA ALA A 26 24.72 22.00 -13.24
C ALA A 26 25.35 23.35 -13.63
N GLY A 27 26.67 23.40 -13.58
CA GLY A 27 27.45 24.57 -14.03
C GLY A 27 27.50 25.76 -13.09
N ASN A 28 27.72 25.52 -11.80
CA ASN A 28 27.82 26.59 -10.81
C ASN A 28 29.26 26.82 -10.33
N ALA A 29 29.50 27.95 -9.66
CA ALA A 29 30.85 28.31 -9.20
C ALA A 29 30.88 29.08 -7.87
N ILE A 30 31.70 28.60 -6.94
CA ILE A 30 32.05 29.36 -5.72
C ILE A 30 33.44 29.96 -5.89
N THR A 31 33.51 31.22 -6.33
CA THR A 31 34.77 31.94 -6.35
C THR A 31 35.09 32.46 -4.94
N VAL A 32 34.09 33.05 -4.28
CA VAL A 32 34.19 33.53 -2.90
C VAL A 32 32.90 33.14 -2.17
N ALA A 33 33.04 32.46 -1.02
CA ALA A 33 31.92 32.18 -0.14
C ALA A 33 31.79 33.25 0.95
N ARG A 34 30.56 33.51 1.36
CA ARG A 34 30.29 34.56 2.36
C ARG A 34 29.92 33.91 3.70
N ALA A 35 30.85 34.01 4.65
CA ALA A 35 30.73 33.38 5.96
C ALA A 35 29.90 34.22 6.92
N SER A 36 29.09 33.54 7.74
CA SER A 36 28.32 34.20 8.82
C SER A 36 28.72 33.65 10.18
N VAL A 37 29.37 34.48 10.99
CA VAL A 37 29.82 34.04 12.31
C VAL A 37 28.99 34.71 13.43
N VAL A 38 28.46 33.86 14.31
CA VAL A 38 27.70 34.30 15.48
C VAL A 38 28.60 34.17 16.71
N VAL A 39 28.64 35.21 17.54
CA VAL A 39 29.47 35.20 18.76
C VAL A 39 28.62 35.58 19.97
N ILE A 40 28.59 34.71 20.97
CA ILE A 40 27.70 34.88 22.11
C ILE A 40 28.50 34.98 23.41
N ASP A 41 28.27 36.05 24.17
CA ASP A 41 28.93 36.25 25.45
C ASP A 41 27.98 35.99 26.62
N THR A 42 28.53 35.57 27.76
CA THR A 42 27.73 35.33 28.95
C THR A 42 28.20 36.14 30.17
N ASP A 43 27.38 36.16 31.22
CA ASP A 43 27.70 36.88 32.47
C ASP A 43 28.79 36.23 33.34
N ALA A 44 29.17 34.99 33.03
CA ALA A 44 30.34 34.37 33.66
C ALA A 44 31.56 34.45 32.77
N GLY A 45 31.44 35.19 31.67
CA GLY A 45 32.56 35.43 30.75
C GLY A 45 32.94 34.23 29.89
N LEU A 46 31.99 33.31 29.69
CA LEU A 46 32.18 32.22 28.76
C LEU A 46 31.65 32.64 27.39
N GLN A 47 32.45 32.42 26.35
CA GLN A 47 32.08 32.85 25.02
C GLN A 47 31.86 31.66 24.09
N GLY A 48 30.78 31.71 23.31
CA GLY A 48 30.49 30.72 22.29
C GLY A 48 30.53 31.32 20.89
N CYS A 49 30.85 30.50 19.90
CA CYS A 49 30.81 30.93 18.51
C CYS A 49 30.32 29.82 17.59
N GLY A 50 29.72 30.24 16.48
CA GLY A 50 29.16 29.31 15.49
C GLY A 50 29.27 29.92 14.11
N GLU A 51 29.24 29.07 13.08
CA GLU A 51 29.37 29.56 11.71
C GLU A 51 28.44 28.86 10.74
N PHE A 52 27.75 29.64 9.92
CA PHE A 52 27.11 29.11 8.72
C PHE A 52 27.71 29.78 7.49
N THR A 53 28.17 28.96 6.55
CA THR A 53 28.71 29.43 5.28
C THR A 53 28.19 28.50 4.19
N PRO A 54 27.47 29.06 3.20
CA PRO A 54 26.96 28.26 2.11
C PRO A 54 28.00 27.99 1.04
N CYS A 55 27.92 26.81 0.42
CA CYS A 55 28.72 26.47 -0.75
C CYS A 55 27.91 26.78 -2.00
N GLY A 56 27.73 28.07 -2.26
CA GLY A 56 26.83 28.52 -3.31
C GLY A 56 25.50 28.90 -2.69
N GLU A 57 24.97 30.04 -3.10
CA GLU A 57 23.72 30.56 -2.53
C GLU A 57 22.47 29.82 -2.99
N ASN A 58 22.60 28.99 -4.03
CA ASN A 58 21.50 28.19 -4.59
C ASN A 58 21.69 26.68 -4.43
N TYR A 59 22.60 26.30 -3.53
CA TYR A 59 22.94 24.91 -3.28
C TYR A 59 21.83 24.13 -2.57
N MET A 60 21.32 24.73 -1.50
CA MET A 60 20.22 24.15 -0.71
CA MET A 60 20.24 24.15 -0.71
C MET A 60 19.28 25.29 -0.33
N ILE A 61 18.26 25.00 0.48
CA ILE A 61 17.33 26.05 0.90
C ILE A 61 17.97 26.86 2.04
N ALA A 62 18.84 27.79 1.65
CA ALA A 62 19.78 28.49 2.54
C ALA A 62 20.62 29.49 1.77
N HIS A 63 20.69 30.72 2.30
CA HIS A 63 21.58 31.75 1.76
C HIS A 63 22.22 32.59 2.87
N SER A 64 23.25 33.35 2.51
CA SER A 64 24.14 34.01 3.49
C SER A 64 23.50 35.17 4.24
N GLU A 65 22.50 35.79 3.63
CA GLU A 65 21.83 36.94 4.22
C GLU A 65 20.73 36.56 5.22
N GLY A 66 20.41 35.26 5.26
CA GLY A 66 19.34 34.73 6.11
C GLY A 66 19.66 34.68 7.58
N VAL A 67 20.95 34.55 7.90
CA VAL A 67 21.44 34.61 9.28
C VAL A 67 21.19 35.99 9.89
N ASP A 68 21.50 37.02 9.10
CA ASP A 68 21.28 38.41 9.48
CA ASP A 68 21.27 38.41 9.49
C ASP A 68 19.80 38.65 9.80
N ALA A 69 18.94 38.23 8.86
CA ALA A 69 17.49 38.35 8.98
C ALA A 69 16.96 37.66 10.22
N PHE A 70 17.44 36.44 10.48
CA PHE A 70 17.03 35.68 11.66
C PHE A 70 17.49 36.34 12.95
N ALA A 71 18.75 36.77 12.98
CA ALA A 71 19.35 37.44 14.14
C ALA A 71 18.62 38.72 14.53
N ARG A 72 18.15 39.48 13.55
CA ARG A 72 17.44 40.73 13.81
C ARG A 72 16.13 40.52 14.58
N LEU A 73 15.42 39.46 14.23
CA LEU A 73 14.19 39.10 14.93
C LEU A 73 14.47 38.42 16.27
N ALA A 74 15.38 37.45 16.25
CA ALA A 74 15.58 36.54 17.37
C ALA A 74 16.53 36.99 18.48
N ALA A 75 17.63 37.65 18.12
CA ALA A 75 18.65 38.02 19.11
C ALA A 75 18.18 38.85 20.33
N PRO A 76 17.30 39.87 20.13
CA PRO A 76 16.74 40.55 21.32
C PRO A 76 15.98 39.63 22.29
N GLN A 77 15.42 38.54 21.78
CA GLN A 77 14.67 37.60 22.61
CA GLN A 77 14.67 37.60 22.63
C GLN A 77 15.58 36.55 23.25
N LEU A 78 16.80 36.40 22.74
CA LEU A 78 17.75 35.41 23.26
C LEU A 78 18.64 35.94 24.36
N LEU A 79 18.66 37.25 24.53
CA LEU A 79 19.43 37.88 25.59
C LEU A 79 18.85 37.53 26.96
N GLY A 80 19.73 37.21 27.90
CA GLY A 80 19.34 36.92 29.29
C GLY A 80 18.96 35.47 29.53
N GLN A 81 19.04 34.68 28.47
CA GLN A 81 18.58 33.31 28.47
C GLN A 81 19.78 32.41 28.77
N ASP A 82 19.53 31.18 29.21
CA ASP A 82 20.59 30.24 29.61
C ASP A 82 21.05 29.38 28.42
N PRO A 83 22.26 29.66 27.90
CA PRO A 83 22.71 29.03 26.65
C PRO A 83 23.18 27.58 26.77
N ARG A 84 23.49 27.13 28.00
CA ARG A 84 23.91 25.73 28.23
C ARG A 84 22.81 24.74 27.92
N GLN A 85 21.57 25.20 28.08
CA GLN A 85 20.37 24.41 27.90
C GLN A 85 19.97 24.34 26.43
N VAL A 86 20.71 23.54 25.65
CA VAL A 86 20.65 23.57 24.18
C VAL A 86 19.27 23.29 23.59
N ALA A 87 18.52 22.40 24.23
CA ALA A 87 17.19 22.05 23.74
C ALA A 87 16.16 23.13 24.05
N ARG A 88 16.33 23.82 25.17
CA ARG A 88 15.49 24.97 25.48
C ARG A 88 15.72 26.11 24.49
N MET A 89 16.98 26.34 24.13
CA MET A 89 17.35 27.36 23.14
C MET A 89 16.81 26.97 21.76
N GLU A 90 16.98 25.70 21.40
CA GLU A 90 16.39 25.11 20.20
C GLU A 90 14.88 25.36 20.08
N ARG A 91 14.18 24.92 21.09
CA ARG A 91 12.84 25.30 21.27
CA ARG A 91 12.71 25.19 21.12
C ARG A 91 12.28 26.68 21.17
N LEU A 92 13.10 27.53 21.76
CA LEU A 92 12.87 28.98 21.75
C LEU A 92 13.01 29.52 20.34
N MET A 93 14.14 29.24 19.70
CA MET A 93 14.36 29.66 18.31
C MET A 93 13.21 29.22 17.41
N ASP A 94 12.89 27.93 17.46
CA ASP A 94 11.83 27.36 16.62
C ASP A 94 10.46 27.94 16.95
N HIS A 95 10.33 28.57 18.13
CA HIS A 95 9.08 29.26 18.50
C HIS A 95 9.05 30.65 17.89
N LEU A 96 10.22 31.27 17.78
CA LEU A 96 10.35 32.62 17.20
C LEU A 96 10.13 32.60 15.69
N VAL A 97 10.84 31.71 14.99
CA VAL A 97 10.59 31.49 13.58
C VAL A 97 10.32 30.02 13.30
N GLN A 98 9.57 29.74 12.25
CA GLN A 98 9.45 28.37 11.73
C GLN A 98 10.40 28.16 10.58
N GLY A 99 10.94 26.95 10.46
CA GLY A 99 11.91 26.64 9.43
C GLY A 99 13.17 27.48 9.57
N HIS A 100 13.77 27.84 8.44
CA HIS A 100 15.02 28.63 8.38
C HIS A 100 16.17 28.05 9.23
N GLY A 101 16.25 26.71 9.30
CA GLY A 101 17.23 26.01 10.14
C GLY A 101 18.69 26.43 10.02
N TYR A 102 19.12 26.71 8.78
CA TYR A 102 20.49 27.19 8.46
C TYR A 102 20.90 28.43 9.24
N ALA A 103 19.93 29.30 9.49
CA ALA A 103 20.16 30.58 10.13
C ALA A 103 20.24 30.43 11.64
N LYS A 104 19.55 29.41 12.15
CA LYS A 104 19.58 29.05 13.57
C LYS A 104 20.84 28.26 13.91
N ALA A 105 21.40 27.60 12.91
CA ALA A 105 22.55 26.70 13.06
C ALA A 105 23.83 27.26 13.74
N PRO A 106 24.28 28.49 13.38
CA PRO A 106 25.44 29.02 14.10
C PRO A 106 25.17 29.38 15.57
N PHE A 107 23.96 29.82 15.87
CA PHE A 107 23.53 30.05 17.25
C PHE A 107 23.61 28.76 18.08
N ASP A 108 23.02 27.69 17.56
CA ASP A 108 23.02 26.37 18.18
C ASP A 108 24.44 25.85 18.47
N ALA A 109 25.38 26.10 17.56
CA ALA A 109 26.76 25.66 17.71
C ALA A 109 27.47 26.41 18.82
N ALA A 110 27.15 27.69 18.96
CA ALA A 110 27.72 28.55 20.00
C ALA A 110 27.23 28.11 21.39
N PHE A 111 26.01 27.59 21.43
CA PHE A 111 25.41 27.10 22.67
C PHE A 111 26.07 25.81 23.14
N TRP A 112 26.33 24.92 22.17
CA TRP A 112 27.06 23.68 22.42
C TRP A 112 28.49 23.97 22.86
N ASP A 113 29.07 25.04 22.28
CA ASP A 113 30.38 25.57 22.65
C ASP A 113 30.40 25.99 24.12
N ILE A 114 29.39 26.77 24.53
CA ILE A 114 29.27 27.26 25.90
C ILE A 114 29.03 26.13 26.90
N LEU A 115 28.17 25.19 26.54
CA LEU A 115 27.93 24.00 27.36
C LEU A 115 29.20 23.18 27.61
N GLY A 116 30.01 23.00 26.55
CA GLY A 116 31.29 22.33 26.67
C GLY A 116 32.25 23.01 27.64
N GLN A 117 32.37 24.33 27.54
CA GLN A 117 33.25 25.12 28.41
C GLN A 117 32.77 25.10 29.86
N ALA A 118 31.45 25.12 30.04
CA ALA A 118 30.82 25.13 31.36
C ALA A 118 30.92 23.78 32.05
N THR A 119 30.98 22.71 31.26
CA THR A 119 31.11 21.35 31.77
C THR A 119 32.58 20.87 31.79
N GLY A 120 33.46 21.63 31.16
CA GLY A 120 34.88 21.28 31.05
C GLY A 120 35.16 20.11 30.13
N GLN A 121 34.24 19.89 29.18
CA GLN A 121 34.30 18.76 28.26
C GLN A 121 34.22 19.20 26.80
N PRO A 122 34.95 18.51 25.90
CA PRO A 122 34.80 18.74 24.46
C PRO A 122 33.42 18.36 23.98
N VAL A 123 32.98 18.98 22.89
CA VAL A 123 31.62 18.79 22.37
C VAL A 123 31.32 17.33 21.98
N TRP A 124 32.32 16.60 21.47
CA TRP A 124 32.13 15.17 21.17
C TRP A 124 31.69 14.37 22.41
N MET A 125 32.17 14.76 23.58
CA MET A 125 31.83 14.08 24.84
C MET A 125 30.34 14.24 25.19
N LEU A 126 29.81 15.43 24.98
CA LEU A 126 28.40 15.70 25.25
C LEU A 126 27.50 15.17 24.15
N LEU A 127 28.11 14.78 23.02
CA LEU A 127 27.41 14.14 21.93
C LEU A 127 27.43 12.62 22.08
N GLY A 128 28.18 12.10 23.05
CA GLY A 128 28.07 10.70 23.45
C GLY A 128 29.37 9.99 23.74
N GLY A 129 30.48 10.59 23.32
CA GLY A 129 31.80 9.95 23.49
C GLY A 129 32.57 9.94 22.19
N LYS A 130 33.81 9.47 22.23
CA LYS A 130 34.63 9.38 21.02
C LYS A 130 34.41 8.04 20.34
N LEU A 131 33.49 8.01 19.38
CA LEU A 131 33.05 6.77 18.76
C LEU A 131 33.84 6.47 17.48
N CYS A 132 34.57 7.48 17.02
CA CYS A 132 35.48 7.36 15.89
C CYS A 132 36.72 8.17 16.23
N ASP A 133 37.89 7.52 16.18
CA ASP A 133 39.15 8.19 16.43
C ASP A 133 39.80 8.57 15.10
N GLY A 134 39.43 9.75 14.60
CA GLY A 134 39.85 10.20 13.28
C GLY A 134 38.84 9.74 12.23
N ALA A 135 38.10 10.69 11.68
CA ALA A 135 37.10 10.40 10.67
C ALA A 135 37.78 10.21 9.33
N PRO A 136 37.35 9.21 8.54
CA PRO A 136 37.96 9.07 7.22
C PRO A 136 37.62 10.29 6.36
N MET A 137 38.47 10.63 5.42
CA MET A 137 38.23 11.81 4.59
C MET A 137 38.23 11.37 3.13
N TYR A 138 37.75 12.25 2.27
CA TYR A 138 37.87 12.06 0.82
C TYR A 138 38.67 13.22 0.19
N ARG A 139 39.27 12.97 -0.97
CA ARG A 139 39.83 14.06 -1.79
C ARG A 139 39.01 14.22 -3.08
N VAL A 140 38.81 15.46 -3.52
CA VAL A 140 38.38 15.74 -4.88
C VAL A 140 39.52 15.57 -5.86
N ALA A 141 39.34 14.67 -6.83
CA ALA A 141 40.46 14.10 -7.57
C ALA A 141 40.02 13.57 -8.93
N PRO A 142 40.91 13.66 -9.90
CA PRO A 142 41.32 14.95 -10.47
C PRO A 142 41.00 15.03 -11.96
N GLN A 143 40.79 16.24 -12.46
CA GLN A 143 40.25 16.44 -13.80
C GLN A 143 41.33 16.89 -14.78
N ARG A 144 42.11 15.94 -15.28
CA ARG A 144 43.45 16.24 -15.78
C ARG A 144 43.83 15.23 -16.88
N SER A 145 45.13 15.00 -17.05
CA SER A 145 45.66 13.99 -17.96
C SER A 145 45.40 12.56 -17.43
N GLU A 146 45.94 11.55 -18.10
CA GLU A 146 45.84 10.17 -17.61
C GLU A 146 47.00 9.87 -16.67
N ALA A 147 48.19 10.32 -17.05
CA ALA A 147 49.39 10.15 -16.23
C ALA A 147 49.38 11.05 -15.00
N GLU A 148 48.90 12.28 -15.17
CA GLU A 148 48.83 13.27 -14.09
C GLU A 148 47.79 12.92 -13.03
N THR A 149 46.76 12.21 -13.46
CA THR A 149 45.73 11.68 -12.57
C THR A 149 46.29 10.48 -11.77
N ARG A 150 46.92 9.54 -12.49
CA ARG A 150 47.56 8.36 -11.89
C ARG A 150 48.65 8.73 -10.87
N ALA A 151 49.32 9.86 -11.11
CA ALA A 151 50.33 10.38 -10.20
C ALA A 151 49.71 11.16 -9.02
N GLU A 152 48.65 11.91 -9.28
CA GLU A 152 47.99 12.70 -8.23
C GLU A 152 47.16 11.84 -7.28
N LEU A 153 46.62 10.73 -7.78
CA LEU A 153 45.93 9.78 -6.92
C LEU A 153 46.95 9.03 -6.06
N ALA A 154 48.13 8.77 -6.61
CA ALA A 154 49.23 8.13 -5.88
C ALA A 154 49.76 8.96 -4.69
N ARG A 155 49.78 10.28 -4.82
CA ARG A 155 50.25 11.13 -3.72
C ARG A 155 49.20 11.33 -2.63
N HIS A 156 47.93 11.32 -3.02
CA HIS A 156 46.82 11.33 -2.06
C HIS A 156 46.71 9.99 -1.32
N ARG A 157 46.90 8.90 -2.08
CA ARG A 157 46.98 7.54 -1.55
C ARG A 157 48.07 7.43 -0.49
N ALA A 158 49.29 7.87 -0.85
CA ALA A 158 50.45 7.91 0.06
C ALA A 158 50.17 8.71 1.33
N ALA A 159 49.44 9.83 1.19
CA ALA A 159 49.08 10.69 2.31
C ALA A 159 47.96 10.11 3.20
N GLY A 160 47.37 9.01 2.76
CA GLY A 160 46.40 8.27 3.58
C GLY A 160 44.96 8.27 3.10
N TYR A 161 44.71 8.85 1.92
CA TYR A 161 43.35 8.94 1.36
C TYR A 161 42.99 7.71 0.55
N ARG A 162 41.76 7.25 0.75
CA ARG A 162 41.31 5.98 0.19
C ARG A 162 39.99 6.20 -0.55
N GLN A 163 39.44 7.42 -0.43
CA GLN A 163 38.18 7.77 -1.05
C GLN A 163 38.30 9.01 -1.90
N PHE A 164 37.65 9.00 -3.06
CA PHE A 164 37.72 10.11 -4.01
C PHE A 164 36.37 10.54 -4.56
N GLN A 165 36.17 11.86 -4.64
CA GLN A 165 34.96 12.43 -5.23
C GLN A 165 35.17 12.84 -6.69
N ILE A 166 34.46 12.17 -7.60
CA ILE A 166 34.37 12.62 -8.99
C ILE A 166 33.25 13.66 -9.05
N LYS A 167 33.62 14.92 -9.24
CA LYS A 167 32.62 15.97 -9.37
C LYS A 167 32.05 15.91 -10.78
N VAL A 168 30.74 15.67 -10.84
CA VAL A 168 30.03 15.56 -12.11
C VAL A 168 28.75 16.38 -12.01
N GLY A 169 27.87 16.25 -13.01
CA GLY A 169 26.53 16.87 -12.95
C GLY A 169 26.20 17.94 -13.98
N ALA A 170 27.18 18.34 -14.78
CA ALA A 170 26.98 19.43 -15.73
C ALA A 170 26.74 18.95 -17.16
N ASP A 171 27.21 17.73 -17.47
CA ASP A 171 27.03 17.12 -18.79
C ASP A 171 27.12 15.60 -18.67
N TRP A 172 25.95 14.96 -18.59
CA TRP A 172 25.83 13.50 -18.40
C TRP A 172 26.72 12.66 -19.33
N GLN A 173 26.88 13.12 -20.56
CA GLN A 173 27.55 12.38 -21.62
C GLN A 173 29.06 12.30 -21.36
N SER A 174 29.66 13.43 -20.97
CA SER A 174 31.08 13.46 -20.64
C SER A 174 31.32 12.99 -19.21
N ASP A 175 30.26 13.02 -18.40
CA ASP A 175 30.30 12.50 -17.03
C ASP A 175 30.44 10.98 -17.02
N ILE A 176 29.84 10.32 -18.00
CA ILE A 176 30.05 8.90 -18.26
C ILE A 176 31.53 8.61 -18.49
N ASP A 177 32.15 9.42 -19.34
CA ASP A 177 33.57 9.31 -19.68
C ASP A 177 34.51 9.52 -18.48
N ARG A 178 34.14 10.46 -17.61
CA ARG A 178 34.88 10.78 -16.40
C ARG A 178 34.85 9.64 -15.38
N ILE A 179 33.69 9.04 -15.20
CA ILE A 179 33.54 7.91 -14.30
C ILE A 179 34.32 6.70 -14.83
N ARG A 180 34.16 6.42 -16.14
CA ARG A 180 34.85 5.32 -16.81
C ARG A 180 36.37 5.43 -16.83
N ALA A 181 36.89 6.65 -16.81
CA ALA A 181 38.33 6.86 -16.88
C ALA A 181 39.01 6.89 -15.50
N CYS A 182 38.24 7.18 -14.47
CA CYS A 182 38.80 7.33 -13.12
C CYS A 182 38.78 6.02 -12.31
N LEU A 183 37.78 5.17 -12.57
CA LEU A 183 37.66 3.89 -11.86
C LEU A 183 38.79 2.85 -12.07
N PRO A 184 39.30 2.69 -13.31
CA PRO A 184 40.48 1.82 -13.45
C PRO A 184 41.78 2.38 -12.86
N LEU A 185 41.75 3.62 -12.40
CA LEU A 185 42.93 4.27 -11.83
C LEU A 185 42.98 4.16 -10.31
N LEU A 186 41.91 3.62 -9.74
CA LEU A 186 41.85 3.37 -8.33
C LEU A 186 42.15 1.93 -8.11
N GLU A 187 42.69 1.60 -6.94
CA GLU A 187 42.82 0.22 -6.52
C GLU A 187 41.87 -0.10 -5.38
N PRO A 188 41.78 -1.38 -5.02
CA PRO A 188 40.50 -2.10 -5.00
C PRO A 188 39.80 -1.96 -3.65
N GLY A 189 40.55 -1.58 -2.62
CA GLY A 189 39.96 -1.21 -1.35
C GLY A 189 39.33 0.17 -1.38
N GLU A 190 39.39 0.82 -2.52
CA GLU A 190 39.21 2.26 -2.60
C GLU A 190 37.80 2.60 -3.11
N LYS A 191 37.32 3.78 -2.75
CA LYS A 191 35.94 4.19 -3.06
CA LYS A 191 35.95 4.18 -3.08
C LYS A 191 35.86 5.47 -3.89
N ALA A 192 35.08 5.41 -4.97
CA ALA A 192 34.79 6.59 -5.80
C ALA A 192 33.34 7.00 -5.62
N MET A 193 33.11 8.29 -5.42
CA MET A 193 31.74 8.80 -5.40
C MET A 193 31.50 9.84 -6.47
N ALA A 194 30.56 9.53 -7.36
CA ALA A 194 30.18 10.42 -8.45
C ALA A 194 29.08 11.33 -7.94
N ASP A 195 29.45 12.55 -7.59
CA ASP A 195 28.50 13.52 -7.10
C ASP A 195 28.04 14.42 -8.23
N ALA A 196 26.76 14.28 -8.60
CA ALA A 196 26.16 15.15 -9.62
C ALA A 196 25.67 16.45 -9.03
N ASN A 197 25.52 16.46 -7.70
CA ASN A 197 25.10 17.65 -6.94
CA ASN A 197 25.11 17.64 -6.95
C ASN A 197 23.80 18.24 -7.47
N GLN A 198 22.78 17.37 -7.54
CA GLN A 198 21.44 17.70 -8.07
C GLN A 198 21.43 18.05 -9.57
N GLY A 199 22.50 17.69 -10.27
CA GLY A 199 22.73 18.18 -11.62
C GLY A 199 21.94 17.56 -12.76
N TRP A 200 21.70 16.26 -12.72
CA TRP A 200 21.09 15.59 -13.88
C TRP A 200 19.57 15.63 -13.95
N ARG A 201 19.07 15.69 -15.17
CA ARG A 201 17.68 15.45 -15.45
C ARG A 201 17.50 13.95 -15.35
N VAL A 202 16.32 13.52 -14.92
CA VAL A 202 16.07 12.13 -14.53
C VAL A 202 16.39 11.08 -15.62
N ASP A 203 16.07 11.40 -16.87
CA ASP A 203 16.32 10.53 -18.02
C ASP A 203 17.81 10.34 -18.32
N ASN A 204 18.58 11.42 -18.21
CA ASN A 204 20.02 11.42 -18.46
C ASN A 204 20.80 10.74 -17.36
N ALA A 205 20.30 10.87 -16.13
CA ALA A 205 20.88 10.16 -14.99
C ALA A 205 20.71 8.65 -15.16
N ILE A 206 19.56 8.24 -15.70
CA ILE A 206 19.30 6.84 -16.00
C ILE A 206 20.21 6.31 -17.13
N ARG A 207 20.37 7.09 -18.20
CA ARG A 207 21.33 6.77 -19.27
C ARG A 207 22.75 6.56 -18.74
N LEU A 208 23.20 7.48 -17.88
CA LEU A 208 24.51 7.37 -17.24
C LEU A 208 24.64 6.11 -16.36
N ALA A 209 23.63 5.86 -15.54
CA ALA A 209 23.61 4.70 -14.65
C ALA A 209 23.65 3.39 -15.43
N ARG A 210 22.93 3.34 -16.56
CA ARG A 210 22.93 2.19 -17.46
C ARG A 210 24.29 1.98 -18.14
N ALA A 211 24.93 3.05 -18.56
CA ALA A 211 26.20 2.97 -19.31
C ALA A 211 27.38 2.63 -18.41
N THR A 212 27.15 2.69 -17.11
CA THR A 212 28.17 2.42 -16.11
C THR A 212 27.69 1.34 -15.13
N ARG A 213 26.75 0.50 -15.57
CA ARG A 213 26.19 -0.59 -14.74
C ARG A 213 27.21 -1.66 -14.32
N ASP A 214 28.29 -1.80 -15.08
CA ASP A 214 29.34 -2.78 -14.80
C ASP A 214 30.40 -2.25 -13.82
N LEU A 215 30.16 -1.08 -13.27
CA LEU A 215 31.17 -0.37 -12.49
C LEU A 215 30.78 -0.19 -11.02
N ASP A 216 31.79 -0.26 -10.15
CA ASP A 216 31.60 -0.10 -8.71
C ASP A 216 31.95 1.31 -8.26
N TYR A 217 30.92 2.13 -8.05
CA TYR A 217 31.08 3.49 -7.55
C TYR A 217 29.82 3.90 -6.77
N ILE A 218 29.94 4.96 -5.98
CA ILE A 218 28.81 5.50 -5.25
C ILE A 218 28.15 6.57 -6.08
N LEU A 219 26.90 6.32 -6.46
CA LEU A 219 26.13 7.25 -7.24
C LEU A 219 25.53 8.27 -6.30
N GLU A 220 26.01 9.51 -6.34
CA GLU A 220 25.62 10.50 -5.32
C GLU A 220 24.70 11.64 -5.79
N GLN A 221 23.57 11.80 -5.08
CA GLN A 221 22.54 12.82 -5.37
C GLN A 221 22.38 13.15 -6.88
N PRO A 222 22.02 12.14 -7.71
CA PRO A 222 22.01 12.37 -9.16
C PRO A 222 21.09 13.50 -9.64
N CYS A 223 19.96 13.66 -8.96
CA CYS A 223 18.92 14.61 -9.33
C CYS A 223 18.57 15.49 -8.12
N ARG A 224 17.75 16.51 -8.34
CA ARG A 224 17.40 17.46 -7.29
C ARG A 224 16.55 16.85 -6.18
N SER A 225 15.39 16.32 -6.56
CA SER A 225 14.43 15.82 -5.59
C SER A 225 14.65 14.35 -5.24
N TYR A 226 14.08 13.95 -4.10
CA TYR A 226 14.12 12.57 -3.64
C TYR A 226 13.43 11.63 -4.61
N GLU A 227 12.28 12.06 -5.11
CA GLU A 227 11.44 11.30 -6.02
C GLU A 227 12.15 10.96 -7.33
N GLU A 228 12.88 11.94 -7.87
CA GLU A 228 13.71 11.75 -9.05
C GLU A 228 14.82 10.76 -8.79
N CYS A 229 15.46 10.89 -7.63
CA CYS A 229 16.54 10.00 -7.22
C CYS A 229 16.06 8.55 -7.10
N GLN A 230 14.86 8.38 -6.56
CA GLN A 230 14.19 7.07 -6.50
C GLN A 230 13.87 6.49 -7.88
N GLN A 231 13.49 7.36 -8.84
CA GLN A 231 13.25 6.95 -10.23
C GLN A 231 14.53 6.44 -10.91
N VAL A 232 15.65 7.09 -10.62
CA VAL A 232 16.98 6.64 -11.08
C VAL A 232 17.36 5.31 -10.41
N ARG A 233 17.04 5.19 -9.12
CA ARG A 233 17.28 3.99 -8.32
C ARG A 233 16.50 2.78 -8.80
N ARG A 234 15.39 3.02 -9.52
CA ARG A 234 14.63 1.93 -10.15
C ARG A 234 15.52 1.12 -11.08
N VAL A 235 16.47 1.80 -11.72
CA VAL A 235 17.36 1.23 -12.73
C VAL A 235 18.80 1.01 -12.21
N ALA A 236 19.32 1.93 -11.40
CA ALA A 236 20.71 1.91 -10.95
C ALA A 236 20.88 1.05 -9.71
N ASP A 237 21.78 0.06 -9.80
CA ASP A 237 22.12 -0.84 -8.69
C ASP A 237 23.28 -0.30 -7.85
N GLN A 238 24.00 0.70 -8.37
CA GLN A 238 25.07 1.36 -7.61
C GLN A 238 24.58 1.82 -6.23
N PRO A 239 25.43 1.72 -5.19
CA PRO A 239 25.10 2.30 -3.88
C PRO A 239 24.74 3.76 -4.08
N MET A 240 23.57 4.16 -3.57
CA MET A 240 23.11 5.53 -3.74
CA MET A 240 23.10 5.52 -3.73
C MET A 240 23.33 6.35 -2.47
N LYS A 241 23.94 7.52 -2.65
CA LYS A 241 24.14 8.44 -1.57
C LYS A 241 23.21 9.63 -1.75
N LEU A 242 22.38 9.91 -0.74
CA LEU A 242 21.55 11.09 -0.78
C LEU A 242 22.17 12.16 0.10
N ASP A 243 22.03 13.41 -0.30
CA ASP A 243 22.76 14.48 0.35
C ASP A 243 21.84 15.66 0.58
N GLU A 244 21.70 16.52 -0.42
CA GLU A 244 21.01 17.81 -0.26
C GLU A 244 19.52 17.71 0.02
N CYS A 245 18.92 16.57 -0.31
CA CYS A 245 17.51 16.32 -0.04
C CYS A 245 17.29 15.83 1.39
N VAL A 246 18.36 15.37 2.05
CA VAL A 246 18.31 15.05 3.48
C VAL A 246 18.27 16.33 4.33
N THR A 247 17.06 16.84 4.56
CA THR A 247 16.85 18.15 5.16
C THR A 247 16.41 18.08 6.63
N GLY A 248 16.08 16.89 7.11
CA GLY A 248 15.64 16.75 8.49
C GLY A 248 15.24 15.34 8.86
N LEU A 249 14.63 15.21 10.05
CA LEU A 249 14.20 13.91 10.54
C LEU A 249 13.06 13.30 9.71
N HIS A 250 12.16 14.16 9.23
N HIS A 250 12.18 14.14 9.19
CA HIS A 250 11.00 13.78 8.42
CA HIS A 250 11.00 13.66 8.46
C HIS A 250 11.44 13.03 7.16
C HIS A 250 11.34 13.11 7.08
N MET A 251 12.48 13.55 6.55
CA MET A 251 13.01 12.97 5.31
C MET A 251 13.76 11.67 5.61
N ALA A 252 14.58 11.69 6.65
CA ALA A 252 15.29 10.48 7.11
C ALA A 252 14.33 9.32 7.38
N GLN A 253 13.17 9.62 7.96
CA GLN A 253 12.12 8.61 8.21
C GLN A 253 11.59 8.01 6.92
N ARG A 254 11.32 8.88 5.94
CA ARG A 254 10.90 8.50 4.60
C ARG A 254 11.96 7.63 3.93
N ILE A 255 13.21 8.04 4.05
CA ILE A 255 14.33 7.31 3.46
C ILE A 255 14.48 5.91 4.07
N VAL A 256 14.40 5.84 5.40
CA VAL A 256 14.45 4.56 6.13
C VAL A 256 13.25 3.67 5.77
N ALA A 257 12.04 4.23 5.83
CA ALA A 257 10.81 3.53 5.41
C ALA A 257 10.93 2.91 4.01
N ASP A 258 11.48 3.68 3.08
CA ASP A 258 11.68 3.21 1.71
C ASP A 258 12.92 2.33 1.56
N ARG A 259 13.82 2.34 2.56
CA ARG A 259 15.22 1.84 2.43
C ARG A 259 15.85 2.42 1.17
N GLY A 260 15.76 3.74 1.07
CA GLY A 260 15.94 4.46 -0.20
C GLY A 260 17.33 5.00 -0.52
N ALA A 261 18.33 4.64 0.29
CA ALA A 261 19.72 5.02 0.04
C ALA A 261 20.64 4.07 0.76
N GLU A 262 21.90 4.02 0.31
CA GLU A 262 22.96 3.24 0.98
C GLU A 262 23.86 4.09 1.88
N ILE A 263 23.87 5.41 1.64
CA ILE A 263 24.60 6.35 2.48
C ILE A 263 23.73 7.61 2.57
N CYS A 264 23.56 8.16 3.77
CA CYS A 264 22.89 9.46 3.93
C CYS A 264 23.91 10.50 4.34
N CYS A 265 24.00 11.57 3.57
CA CYS A 265 24.96 12.65 3.85
C CYS A 265 24.34 13.70 4.76
N LEU A 266 24.99 13.95 5.89
CA LEU A 266 24.43 14.81 6.92
C LEU A 266 25.19 16.12 7.04
N LYS A 267 24.65 17.16 6.40
CA LYS A 267 25.21 18.50 6.52
C LYS A 267 24.54 19.24 7.67
N ILE A 268 25.34 19.56 8.69
CA ILE A 268 24.88 20.21 9.93
C ILE A 268 23.88 21.36 9.74
N SER A 269 24.20 22.30 8.85
CA SER A 269 23.35 23.48 8.66
CA SER A 269 23.35 23.48 8.65
C SER A 269 22.09 23.18 7.85
N ASN A 270 22.18 22.19 6.95
CA ASN A 270 21.03 21.76 6.16
C ASN A 270 20.04 21.00 7.02
N LEU A 271 20.54 20.44 8.12
CA LEU A 271 19.70 19.80 9.12
C LEU A 271 19.18 20.76 10.21
N GLY A 272 19.67 22.00 10.20
CA GLY A 272 19.17 23.02 11.14
C GLY A 272 20.01 23.21 12.39
N GLY A 273 21.25 22.73 12.36
CA GLY A 273 22.13 22.88 13.50
C GLY A 273 22.55 21.55 14.09
N LEU A 274 23.59 21.60 14.93
CA LEU A 274 24.14 20.42 15.58
C LEU A 274 23.14 19.61 16.43
N SER A 275 22.17 20.29 17.04
CA SER A 275 21.12 19.60 17.81
C SER A 275 20.24 18.71 16.93
N LYS A 276 19.73 19.25 15.83
CA LYS A 276 18.89 18.49 14.92
C LYS A 276 19.71 17.52 14.07
N ALA A 277 20.96 17.88 13.83
CA ALA A 277 21.89 17.01 13.09
C ALA A 277 22.25 15.76 13.88
N ARG A 278 22.52 15.93 15.18
CA ARG A 278 22.77 14.83 16.09
C ARG A 278 21.59 13.85 16.21
N ARG A 279 20.36 14.39 16.29
CA ARG A 279 19.16 13.55 16.42
C ARG A 279 18.82 12.79 15.15
N THR A 280 19.03 13.43 14.00
CA THR A 280 18.89 12.79 12.69
C THR A 280 19.98 11.74 12.52
N ARG A 281 21.21 12.06 12.94
CA ARG A 281 22.32 11.09 12.92
C ARG A 281 22.01 9.85 13.74
N ASP A 282 21.57 10.05 14.97
CA ASP A 282 21.31 8.96 15.90
C ASP A 282 20.15 8.09 15.45
N PHE A 283 19.15 8.73 14.83
CA PHE A 283 18.04 8.01 14.19
C PHE A 283 18.49 7.06 13.08
N LEU A 284 19.36 7.54 12.21
CA LEU A 284 19.83 6.76 11.05
C LEU A 284 20.76 5.64 11.45
N ILE A 285 21.61 5.93 12.44
CA ILE A 285 22.52 4.96 13.03
C ILE A 285 21.76 3.82 13.68
N ASP A 286 20.70 4.14 14.43
CA ASP A 286 19.86 3.12 15.06
C ASP A 286 19.10 2.26 14.07
N ASN A 287 18.87 2.80 12.88
CA ASN A 287 18.30 2.06 11.78
C ASN A 287 19.34 1.49 10.83
N ARG A 288 20.59 1.51 11.26
CA ARG A 288 21.72 0.88 10.57
C ARG A 288 22.01 1.45 9.16
N MET A 289 21.83 2.76 9.02
CA MET A 289 22.15 3.50 7.79
C MET A 289 23.53 4.16 7.86
N PRO A 290 24.42 3.85 6.89
CA PRO A 290 25.71 4.53 6.80
C PRO A 290 25.56 6.03 6.57
N VAL A 291 26.39 6.83 7.25
CA VAL A 291 26.25 8.28 7.22
C VAL A 291 27.57 8.98 6.91
N VAL A 292 27.48 10.17 6.32
CA VAL A 292 28.59 11.11 6.19
C VAL A 292 28.30 12.27 7.13
N ALA A 293 29.32 12.75 7.84
CA ALA A 293 29.18 13.88 8.77
C ALA A 293 29.92 15.11 8.25
N GLU A 294 29.14 16.11 7.84
CA GLU A 294 29.68 17.28 7.13
C GLU A 294 28.95 18.56 7.50
N ASP A 295 29.22 19.57 6.68
CA ASP A 295 28.42 20.77 6.58
C ASP A 295 28.63 21.27 5.15
N SER A 296 27.86 22.30 4.77
CA SER A 296 27.94 22.90 3.44
C SER A 296 29.34 23.37 3.07
N TRP A 297 29.90 24.27 3.87
CA TRP A 297 31.16 24.96 3.56
C TRP A 297 31.61 25.66 4.82
N GLY A 298 32.82 26.22 4.82
CA GLY A 298 33.18 27.14 5.89
C GLY A 298 34.55 27.02 6.51
N GLY A 299 34.80 27.90 7.49
CA GLY A 299 36.11 28.01 8.12
C GLY A 299 36.30 27.07 9.29
N GLU A 300 37.10 27.50 10.26
CA GLU A 300 37.49 26.66 11.40
C GLU A 300 36.34 26.45 12.38
N ILE A 301 35.48 27.47 12.51
CA ILE A 301 34.35 27.42 13.43
C ILE A 301 33.31 26.39 12.97
N ALA A 302 32.96 26.44 11.69
CA ALA A 302 32.07 25.44 11.09
C ALA A 302 32.67 24.03 11.13
N SER A 303 33.96 23.93 10.85
CA SER A 303 34.70 22.66 10.83
C SER A 303 34.81 21.99 12.21
N ALA A 304 34.85 22.82 13.25
CA ALA A 304 34.93 22.33 14.62
C ALA A 304 33.64 21.61 14.98
N ALA A 305 32.52 22.17 14.54
CA ALA A 305 31.21 21.54 14.71
C ALA A 305 31.13 20.23 13.94
N VAL A 306 31.66 20.23 12.71
CA VAL A 306 31.75 19.03 11.85
C VAL A 306 32.57 17.90 12.50
N ALA A 307 33.74 18.25 13.04
CA ALA A 307 34.69 17.29 13.61
C ALA A 307 34.17 16.57 14.85
N HIS A 308 33.46 17.31 15.71
CA HIS A 308 32.84 16.76 16.92
C HIS A 308 31.61 15.94 16.59
N PHE A 309 30.91 16.37 15.55
CA PHE A 309 29.77 15.64 14.99
C PHE A 309 30.27 14.31 14.43
N ALA A 310 31.37 14.35 13.68
CA ALA A 310 32.00 13.15 13.15
C ALA A 310 32.61 12.23 14.22
N ALA A 311 33.23 12.84 15.24
CA ALA A 311 33.92 12.07 16.29
C ALA A 311 32.94 11.25 17.12
N SER A 312 31.71 11.72 17.22
CA SER A 312 30.68 11.07 18.02
C SER A 312 29.78 10.18 17.18
N THR A 313 30.18 9.96 15.94
CA THR A 313 29.49 9.03 15.06
C THR A 313 30.21 7.70 15.18
N PRO A 314 29.47 6.60 15.43
CA PRO A 314 30.06 5.27 15.47
C PRO A 314 30.91 5.01 14.22
N GLU A 315 32.14 4.55 14.45
CA GLU A 315 33.09 4.22 13.38
C GLU A 315 32.55 3.25 12.33
N GLU A 316 31.77 2.27 12.78
CA GLU A 316 31.24 1.22 11.89
C GLU A 316 30.34 1.81 10.81
N PHE A 317 29.69 2.94 11.08
CA PHE A 317 28.72 3.54 10.17
C PHE A 317 29.15 4.87 9.54
N LEU A 318 30.30 5.39 9.95
CA LEU A 318 30.78 6.66 9.42
C LEU A 318 31.60 6.45 8.15
N ILE A 319 31.09 6.97 7.04
CA ILE A 319 31.74 6.81 5.74
C ILE A 319 32.94 7.74 5.64
N ASN A 320 32.68 9.04 5.79
CA ASN A 320 33.75 10.02 5.77
C ASN A 320 33.33 11.33 6.41
N SER A 321 34.28 12.25 6.48
CA SER A 321 33.99 13.63 6.82
C SER A 321 34.89 14.47 5.93
N THR A 322 34.88 15.80 6.14
CA THR A 322 35.70 16.70 5.33
C THR A 322 36.25 17.88 6.12
N ASP A 323 37.43 18.32 5.69
CA ASP A 323 38.15 19.43 6.28
C ASP A 323 37.80 20.71 5.55
N LEU A 324 36.65 21.27 5.92
CA LEU A 324 36.09 22.44 5.22
C LEU A 324 36.98 23.66 5.30
N MET A 325 37.66 23.82 6.43
CA MET A 325 38.55 24.96 6.66
C MET A 325 39.73 25.00 5.69
N ASN A 326 40.14 23.84 5.19
CA ASN A 326 41.27 23.74 4.25
C ASN A 326 40.89 24.08 2.80
N TYR A 327 39.61 24.35 2.54
CA TYR A 327 39.18 24.75 1.20
C TYR A 327 39.25 26.25 0.94
N ASN A 328 39.57 27.04 1.97
CA ASN A 328 39.62 28.49 1.86
C ASN A 328 41.02 29.08 2.07
N THR A 329 41.21 30.33 1.66
CA THR A 329 42.46 31.05 1.90
C THR A 329 42.38 32.00 3.09
N ARG A 330 41.21 32.12 3.71
CA ARG A 330 41.02 32.97 4.88
C ARG A 330 40.37 32.22 6.03
N SER A 331 40.34 32.80 7.23
CA SER A 331 39.85 32.11 8.42
C SER A 331 38.62 32.75 9.06
N THR A 332 37.82 31.93 9.72
CA THR A 332 36.75 32.43 10.58
C THR A 332 37.15 32.27 12.04
N GLY A 333 38.04 31.31 12.29
CA GLY A 333 38.37 30.96 13.66
C GLY A 333 39.82 30.62 13.94
N LEU A 334 40.17 30.76 15.22
CA LEU A 334 41.48 30.42 15.75
C LEU A 334 41.38 29.07 16.45
N GLY A 335 42.20 28.14 16.01
CA GLY A 335 42.15 26.77 16.49
C GLY A 335 41.38 25.92 15.51
N GLY A 336 40.35 25.24 16.00
CA GLY A 336 39.57 24.30 15.18
C GLY A 336 40.21 22.94 15.10
N PRO A 337 39.73 22.07 14.20
CA PRO A 337 40.17 20.70 14.14
C PRO A 337 41.46 20.52 13.33
N THR A 338 41.99 19.30 13.33
CA THR A 338 43.22 18.99 12.59
C THR A 338 43.04 17.77 11.68
N VAL A 339 43.98 17.61 10.75
CA VAL A 339 43.98 16.54 9.79
C VAL A 339 45.28 15.74 9.92
N HIS A 340 45.17 14.44 10.14
CA HIS A 340 46.35 13.60 10.27
C HIS A 340 46.19 12.29 9.50
N GLN A 341 47.12 12.04 8.57
CA GLN A 341 47.11 10.87 7.67
C GLN A 341 45.75 10.59 7.03
N GLY A 342 45.16 11.62 6.44
CA GLY A 342 43.89 11.51 5.72
C GLY A 342 42.65 11.41 6.60
N ARG A 343 42.78 11.80 7.86
CA ARG A 343 41.70 11.64 8.83
C ARG A 343 41.46 12.93 9.61
N LEU A 344 40.20 13.20 9.92
CA LEU A 344 39.79 14.44 10.58
C LEU A 344 39.64 14.22 12.07
N TYR A 345 40.40 14.99 12.85
CA TYR A 345 40.43 14.85 14.30
C TYR A 345 39.84 16.07 14.98
N ALA A 346 38.87 15.83 15.86
CA ALA A 346 38.34 16.90 16.70
C ALA A 346 39.36 17.31 17.77
N SER A 347 39.14 18.48 18.36
CA SER A 347 39.92 18.90 19.52
C SER A 347 39.40 18.15 20.75
N ASP A 348 40.23 18.08 21.78
CA ASP A 348 39.86 17.41 23.04
C ASP A 348 39.77 18.38 24.21
N THR A 349 39.98 19.66 23.93
CA THR A 349 39.86 20.73 24.91
C THR A 349 38.36 21.07 25.05
N PRO A 350 37.92 21.71 26.17
CA PRO A 350 36.48 21.93 26.38
C PRO A 350 35.84 22.86 25.35
N GLY A 351 34.54 22.68 25.10
CA GLY A 351 33.84 23.49 24.11
C GLY A 351 34.09 22.99 22.69
N LEU A 352 33.90 23.87 21.70
CA LEU A 352 34.13 23.53 20.30
C LEU A 352 35.60 23.45 19.92
N GLY A 353 36.47 24.05 20.72
CA GLY A 353 37.91 24.00 20.45
C GLY A 353 38.35 25.10 19.50
N VAL A 354 37.54 26.14 19.41
CA VAL A 354 37.75 27.22 18.46
C VAL A 354 37.28 28.56 19.07
N THR A 355 38.01 29.63 18.81
CA THR A 355 37.61 31.00 19.15
C THR A 355 37.56 31.80 17.85
N PRO A 356 36.81 32.93 17.81
CA PRO A 356 36.77 33.73 16.57
C PRO A 356 38.08 34.44 16.20
N ASP A 357 38.45 34.34 14.92
CA ASP A 357 39.59 35.08 14.36
C ASP A 357 39.08 36.49 14.13
N PHE A 358 39.17 37.33 15.16
CA PHE A 358 38.62 38.68 15.13
C PHE A 358 39.30 39.61 14.12
N ASN A 359 40.59 39.40 13.90
CA ASN A 359 41.35 40.18 12.92
CA ASN A 359 41.35 40.16 12.91
C ASN A 359 40.84 39.94 11.49
N SER A 360 40.48 38.68 11.19
CA SER A 360 39.95 38.31 9.88
C SER A 360 38.48 38.71 9.70
N LEU A 361 37.69 38.57 10.76
CA LEU A 361 36.25 38.82 10.70
C LEU A 361 35.89 40.30 10.54
N GLY A 362 36.62 41.17 11.24
CA GLY A 362 36.39 42.61 11.19
C GLY A 362 35.42 43.13 12.23
N ALA A 363 34.84 44.29 11.95
CA ALA A 363 33.81 44.89 12.78
C ALA A 363 32.55 44.01 12.71
N PRO A 364 31.85 43.86 13.84
CA PRO A 364 30.58 43.12 13.75
C PRO A 364 29.54 43.94 12.99
N VAL A 365 28.77 43.26 12.15
CA VAL A 365 27.73 43.93 11.37
C VAL A 365 26.51 44.22 12.24
N ALA A 366 26.41 43.53 13.39
CA ALA A 366 25.34 43.73 14.35
C ALA A 366 25.77 43.31 15.75
N ASP A 367 25.24 44.00 16.75
CA ASP A 367 25.64 43.83 18.13
C ASP A 367 24.43 44.11 19.03
N TRP A 368 23.97 43.08 19.74
CA TRP A 368 22.90 43.23 20.73
C TRP A 368 23.50 42.96 22.10
N ALA A 369 23.25 43.87 23.03
CA ALA A 369 23.74 43.74 24.41
C ALA A 369 22.63 43.94 25.43
N LEU A 370 22.63 43.11 26.46
CA LEU A 370 21.59 43.08 27.48
C LEU A 370 21.67 44.26 28.44
N SER B 2 10.17 45.45 -26.21
CA SER B 2 11.28 45.01 -25.33
C SER B 2 11.35 45.84 -24.05
N LEU B 3 11.47 45.16 -22.91
CA LEU B 3 11.39 45.82 -21.60
C LEU B 3 12.49 45.35 -20.65
N ARG B 4 12.93 46.27 -19.80
CA ARG B 4 14.01 46.01 -18.83
C ARG B 4 13.65 46.62 -17.48
N ILE B 5 13.94 45.89 -16.41
CA ILE B 5 13.85 46.42 -15.05
C ILE B 5 15.01 47.40 -14.86
N THR B 6 14.69 48.64 -14.50
CA THR B 6 15.70 49.68 -14.31
C THR B 6 15.95 50.04 -12.85
N ARG B 7 14.95 49.80 -12.00
CA ARG B 7 15.06 50.10 -10.58
C ARG B 7 14.20 49.15 -9.75
N ILE B 8 14.73 48.76 -8.58
CA ILE B 8 14.01 48.00 -7.56
C ILE B 8 14.18 48.74 -6.24
N ARG B 9 13.07 49.04 -5.59
CA ARG B 9 13.09 49.67 -4.26
C ARG B 9 12.32 48.81 -3.25
N LEU B 10 12.89 48.63 -2.07
CA LEU B 10 12.24 47.93 -0.99
C LEU B 10 11.78 48.91 0.08
N TYR B 11 10.50 48.81 0.44
CA TYR B 11 9.89 49.69 1.44
C TYR B 11 9.41 48.84 2.60
N LYS B 12 9.44 49.43 3.80
CA LYS B 12 8.94 48.80 5.00
C LYS B 12 8.02 49.76 5.74
N THR B 13 6.90 49.25 6.25
CA THR B 13 5.97 50.07 7.04
C THR B 13 5.18 49.24 8.05
N ASP B 14 4.69 49.92 9.08
CA ASP B 14 3.87 49.30 10.13
C ASP B 14 2.40 49.33 9.77
N LEU B 15 1.72 48.22 10.00
CA LEU B 15 0.28 48.12 9.80
C LEU B 15 -0.38 47.69 11.11
N PRO B 16 -0.87 48.66 11.89
CA PRO B 16 -1.60 48.37 13.13
C PRO B 16 -2.97 47.72 12.87
N TYR B 17 -3.36 46.77 13.72
CA TYR B 17 -4.66 46.09 13.57
C TYR B 17 -5.83 46.97 14.00
N VAL B 18 -6.96 46.86 13.30
CA VAL B 18 -8.15 47.71 13.53
C VAL B 18 -8.84 47.61 14.89
N ASP B 19 -8.85 46.41 15.47
CA ASP B 19 -9.49 46.17 16.76
C ASP B 19 -8.44 45.88 17.84
N GLY B 20 -7.33 46.62 17.80
CA GLY B 20 -6.27 46.52 18.81
C GLY B 20 -5.46 45.23 18.76
N SER B 21 -5.99 44.18 19.39
CA SER B 21 -5.33 42.88 19.46
C SER B 21 -6.00 41.83 18.57
N TYR B 22 -5.18 40.96 17.99
CA TYR B 22 -5.63 39.90 17.11
C TYR B 22 -5.11 38.59 17.69
N GLY B 23 -5.94 37.93 18.48
CA GLY B 23 -5.55 36.66 19.09
C GLY B 23 -5.67 35.51 18.11
N TRP B 24 -4.53 34.94 17.75
CA TRP B 24 -4.48 33.76 16.89
C TRP B 24 -3.54 32.68 17.45
N GLY B 25 -3.87 31.42 17.17
CA GLY B 25 -3.00 30.29 17.48
C GLY B 25 -2.85 29.95 18.94
N ALA B 26 -1.68 29.39 19.28
CA ALA B 26 -1.37 28.89 20.62
C ALA B 26 -1.11 29.98 21.68
N GLY B 27 -1.43 31.23 21.34
CA GLY B 27 -1.28 32.35 22.28
C GLY B 27 -0.52 33.54 21.69
N ASN B 28 -0.50 33.61 20.36
CA ASN B 28 0.13 34.71 19.62
C ASN B 28 -0.83 35.88 19.41
N ALA B 29 -0.28 37.04 19.02
CA ALA B 29 -1.09 38.24 18.79
C ALA B 29 -0.48 39.22 17.78
N ILE B 30 -1.33 39.74 16.89
CA ILE B 30 -0.92 40.82 15.97
C ILE B 30 -1.46 42.18 16.42
N THR B 31 -0.59 43.02 16.95
CA THR B 31 -0.92 44.42 17.21
C THR B 31 -0.48 45.23 16.00
N VAL B 32 0.82 45.16 15.68
CA VAL B 32 1.38 45.82 14.52
C VAL B 32 2.09 44.79 13.64
N ALA B 33 1.67 44.70 12.39
CA ALA B 33 2.31 43.83 11.41
C ALA B 33 3.29 44.62 10.54
N ARG B 34 4.39 43.98 10.16
CA ARG B 34 5.46 44.65 9.40
C ARG B 34 5.35 44.35 7.91
N ALA B 35 4.98 45.36 7.14
CA ALA B 35 4.79 45.20 5.71
C ALA B 35 6.10 45.33 4.94
N SER B 36 6.23 44.59 3.84
CA SER B 36 7.37 44.71 2.94
C SER B 36 6.85 44.90 1.52
N VAL B 37 7.11 46.09 0.97
CA VAL B 37 6.62 46.46 -0.36
C VAL B 37 7.76 46.54 -1.37
N VAL B 38 7.63 45.82 -2.47
CA VAL B 38 8.64 45.85 -3.52
C VAL B 38 8.10 46.65 -4.69
N VAL B 39 8.86 47.66 -5.11
CA VAL B 39 8.51 48.54 -6.22
C VAL B 39 9.50 48.34 -7.36
N ILE B 40 8.98 47.99 -8.54
CA ILE B 40 9.81 47.71 -9.70
C ILE B 40 9.54 48.75 -10.77
N ASP B 41 10.59 49.43 -11.21
CA ASP B 41 10.52 50.41 -12.29
C ASP B 41 11.07 49.83 -13.58
N THR B 42 10.62 50.36 -14.72
CA THR B 42 11.07 49.89 -16.03
C THR B 42 11.45 51.05 -16.96
N ASP B 43 12.15 50.74 -18.05
CA ASP B 43 12.59 51.75 -19.02
C ASP B 43 11.46 52.35 -19.90
N ALA B 44 10.29 51.70 -19.90
CA ALA B 44 9.11 52.25 -20.60
C ALA B 44 8.18 53.03 -19.67
N GLY B 45 8.60 53.22 -18.43
CA GLY B 45 7.84 54.00 -17.46
C GLY B 45 6.77 53.24 -16.71
N LEU B 46 6.70 51.92 -16.93
CA LEU B 46 5.72 51.07 -16.24
C LEU B 46 6.24 50.69 -14.87
N GLN B 47 5.42 50.92 -13.85
CA GLN B 47 5.81 50.56 -12.48
C GLN B 47 4.91 49.48 -11.90
N GLY B 48 5.52 48.43 -11.38
CA GLY B 48 4.80 47.37 -10.69
C GLY B 48 5.14 47.34 -9.23
N CYS B 49 4.21 46.88 -8.41
CA CYS B 49 4.43 46.77 -6.97
C CYS B 49 3.85 45.48 -6.41
N GLY B 50 4.38 45.07 -5.26
CA GLY B 50 3.96 43.83 -4.61
C GLY B 50 4.23 43.92 -3.12
N GLU B 51 3.53 43.10 -2.34
CA GLU B 51 3.63 43.17 -0.89
C GLU B 51 3.61 41.79 -0.25
N PHE B 52 4.48 41.59 0.74
CA PHE B 52 4.35 40.51 1.71
C PHE B 52 4.25 41.12 3.10
N THR B 53 3.27 40.64 3.86
CA THR B 53 3.10 41.02 5.26
C THR B 53 2.72 39.74 6.01
N PRO B 54 3.55 39.33 7.00
CA PRO B 54 3.17 38.15 7.74
C PRO B 54 2.06 38.46 8.75
N CYS B 55 1.19 37.48 8.97
CA CYS B 55 0.21 37.53 10.04
C CYS B 55 0.81 36.85 11.27
N GLY B 56 1.79 37.53 11.88
CA GLY B 56 2.60 36.91 12.91
C GLY B 56 3.90 36.39 12.30
N GLU B 57 5.01 36.69 12.95
CA GLU B 57 6.33 36.35 12.43
C GLU B 57 6.66 34.85 12.57
N ASN B 58 5.87 34.14 13.37
CA ASN B 58 6.05 32.69 13.58
C ASN B 58 4.91 31.83 13.00
N TYR B 59 4.02 32.47 12.23
CA TYR B 59 2.80 31.85 11.66
C TYR B 59 3.07 30.69 10.67
N MET B 60 3.90 30.97 9.67
CA MET B 60 4.29 30.01 8.65
C MET B 60 5.81 30.10 8.47
N ILE B 61 6.37 29.34 7.52
CA ILE B 61 7.79 29.44 7.23
C ILE B 61 8.02 30.72 6.41
N ALA B 62 8.01 31.84 7.13
CA ALA B 62 7.98 33.18 6.56
C ALA B 62 8.13 34.22 7.68
N HIS B 63 9.00 35.19 7.46
CA HIS B 63 9.15 36.34 8.34
C HIS B 63 9.56 37.60 7.57
N SER B 64 9.32 38.78 8.16
CA SER B 64 9.44 40.06 7.44
C SER B 64 10.85 40.45 7.06
N GLU B 65 11.82 40.09 7.90
CA GLU B 65 13.23 40.39 7.65
C GLU B 65 13.83 39.56 6.51
N GLY B 66 13.21 38.41 6.24
CA GLY B 66 13.61 37.52 5.15
C GLY B 66 13.48 38.13 3.76
N VAL B 67 12.54 39.06 3.60
CA VAL B 67 12.35 39.77 2.33
C VAL B 67 13.57 40.63 2.00
N ASP B 68 14.07 41.37 3.00
CA ASP B 68 15.27 42.19 2.87
C ASP B 68 16.48 41.35 2.49
N ALA B 69 16.63 40.22 3.17
CA ALA B 69 17.72 39.28 2.94
C ALA B 69 17.72 38.75 1.51
N PHE B 70 16.54 38.33 1.03
CA PHE B 70 16.39 37.84 -0.32
C PHE B 70 16.68 38.92 -1.35
N ALA B 71 16.07 40.09 -1.13
CA ALA B 71 16.22 41.23 -2.03
C ALA B 71 17.69 41.64 -2.23
N ARG B 72 18.50 41.58 -1.18
CA ARG B 72 19.92 41.89 -1.28
C ARG B 72 20.65 40.92 -2.22
N LEU B 73 20.27 39.66 -2.15
CA LEU B 73 20.86 38.61 -2.97
C LEU B 73 20.35 38.66 -4.42
N ALA B 74 19.03 38.83 -4.58
CA ALA B 74 18.38 38.73 -5.90
C ALA B 74 18.33 40.03 -6.71
N ALA B 75 18.01 41.16 -6.08
CA ALA B 75 17.75 42.41 -6.83
C ALA B 75 18.84 42.91 -7.82
N PRO B 76 20.15 42.80 -7.48
CA PRO B 76 21.13 43.11 -8.53
C PRO B 76 21.12 42.16 -9.74
N GLN B 77 20.65 40.93 -9.54
CA GLN B 77 20.61 39.94 -10.61
C GLN B 77 19.37 40.08 -11.50
N LEU B 78 18.38 40.86 -11.03
CA LEU B 78 17.10 41.01 -11.73
C LEU B 78 17.02 42.28 -12.56
N LEU B 79 17.93 43.21 -12.33
CA LEU B 79 18.01 44.45 -13.09
C LEU B 79 18.31 44.13 -14.55
N GLY B 80 17.63 44.83 -15.45
CA GLY B 80 17.84 44.69 -16.88
C GLY B 80 17.08 43.54 -17.51
N GLN B 81 16.22 42.90 -16.72
CA GLN B 81 15.49 41.72 -17.18
C GLN B 81 14.07 42.11 -17.55
N ASP B 82 13.43 41.29 -18.39
CA ASP B 82 12.06 41.56 -18.86
C ASP B 82 11.04 41.03 -17.85
N PRO B 83 10.36 41.95 -17.14
CA PRO B 83 9.47 41.56 -16.04
C PRO B 83 8.09 41.07 -16.48
N ARG B 84 7.80 41.19 -17.77
CA ARG B 84 6.52 40.73 -18.32
C ARG B 84 6.52 39.22 -18.46
N GLN B 85 7.71 38.64 -18.62
CA GLN B 85 7.87 37.21 -18.75
C GLN B 85 7.91 36.55 -17.37
N VAL B 86 6.73 36.42 -16.76
CA VAL B 86 6.57 36.04 -15.35
C VAL B 86 7.20 34.70 -14.99
N ALA B 87 7.13 33.71 -15.89
CA ALA B 87 7.68 32.38 -15.65
C ALA B 87 9.18 32.38 -15.75
N ARG B 88 9.73 33.27 -16.56
CA ARG B 88 11.18 33.41 -16.70
C ARG B 88 11.77 34.01 -15.43
N MET B 89 11.06 34.98 -14.86
CA MET B 89 11.47 35.63 -13.62
C MET B 89 11.36 34.66 -12.45
N GLU B 90 10.27 33.88 -12.46
CA GLU B 90 10.02 32.84 -11.48
C GLU B 90 11.17 31.84 -11.44
N ARG B 91 11.59 31.38 -12.61
CA ARG B 91 12.66 30.39 -12.72
C ARG B 91 14.02 31.01 -12.44
N LEU B 92 14.18 32.29 -12.76
CA LEU B 92 15.39 33.06 -12.43
C LEU B 92 15.55 33.20 -10.92
N MET B 93 14.53 33.71 -10.27
CA MET B 93 14.49 33.77 -8.84
C MET B 93 14.69 32.41 -8.14
N ASP B 94 14.05 31.37 -8.66
CA ASP B 94 14.22 30.00 -8.19
C ASP B 94 15.62 29.45 -8.48
N HIS B 95 16.26 29.96 -9.52
CA HIS B 95 17.64 29.59 -9.80
C HIS B 95 18.60 30.29 -8.81
N LEU B 96 18.29 31.54 -8.45
CA LEU B 96 19.14 32.31 -7.54
C LEU B 96 19.09 31.82 -6.08
N VAL B 97 17.89 31.64 -5.52
CA VAL B 97 17.75 30.99 -4.21
C VAL B 97 16.66 29.91 -4.23
N GLN B 98 16.93 28.80 -3.55
CA GLN B 98 15.93 27.75 -3.39
C GLN B 98 15.02 28.09 -2.20
N GLY B 99 13.73 27.77 -2.34
CA GLY B 99 12.74 28.04 -1.29
C GLY B 99 12.52 29.53 -1.07
N HIS B 100 12.26 29.91 0.17
CA HIS B 100 12.01 31.31 0.58
C HIS B 100 10.95 32.01 -0.29
N GLY B 101 9.92 31.26 -0.66
CA GLY B 101 8.88 31.70 -1.59
C GLY B 101 8.15 32.97 -1.17
N TYR B 102 7.95 33.14 0.13
CA TYR B 102 7.35 34.35 0.72
C TYR B 102 8.03 35.66 0.31
N ALA B 103 9.34 35.58 0.09
CA ALA B 103 10.18 36.74 -0.21
C ALA B 103 10.18 37.03 -1.71
N LYS B 104 9.93 35.99 -2.50
CA LYS B 104 9.82 36.09 -3.95
C LYS B 104 8.43 36.59 -4.36
N ALA B 105 7.48 36.43 -3.44
CA ALA B 105 6.09 36.78 -3.64
C ALA B 105 5.79 38.26 -3.97
N PRO B 106 6.40 39.24 -3.25
CA PRO B 106 6.15 40.63 -3.64
C PRO B 106 6.68 40.98 -5.03
N PHE B 107 7.85 40.45 -5.37
CA PHE B 107 8.45 40.66 -6.68
C PHE B 107 7.59 40.05 -7.78
N ASP B 108 7.06 38.85 -7.52
CA ASP B 108 6.16 38.16 -8.46
C ASP B 108 4.84 38.93 -8.70
N ALA B 109 4.32 39.59 -7.66
CA ALA B 109 3.10 40.39 -7.77
C ALA B 109 3.31 41.62 -8.64
N ALA B 110 4.53 42.16 -8.57
CA ALA B 110 4.94 43.34 -9.32
C ALA B 110 5.14 43.05 -10.80
N PHE B 111 5.47 41.81 -11.12
CA PHE B 111 5.66 41.39 -12.51
C PHE B 111 4.33 41.21 -13.20
N TRP B 112 3.40 40.56 -12.51
CA TRP B 112 2.02 40.41 -12.97
C TRP B 112 1.32 41.77 -13.08
N ASP B 113 1.80 42.74 -12.29
CA ASP B 113 1.34 44.13 -12.36
C ASP B 113 1.86 44.79 -13.63
N ILE B 114 3.16 44.67 -13.89
CA ILE B 114 3.79 45.26 -15.08
C ILE B 114 3.24 44.64 -16.37
N LEU B 115 3.19 43.30 -16.43
CA LEU B 115 2.59 42.55 -17.55
C LEU B 115 1.14 42.97 -17.81
N GLY B 116 0.40 43.22 -16.73
CA GLY B 116 -0.97 43.71 -16.81
C GLY B 116 -1.09 45.06 -17.48
N GLN B 117 -0.22 45.98 -17.07
CA GLN B 117 -0.20 47.32 -17.63
C GLN B 117 0.27 47.31 -19.09
N ALA B 118 1.21 46.42 -19.39
CA ALA B 118 1.81 46.32 -20.71
C ALA B 118 0.86 45.69 -21.73
N THR B 119 -0.06 44.88 -21.23
CA THR B 119 -1.10 44.26 -22.06
C THR B 119 -2.40 45.07 -22.08
N GLY B 120 -2.52 46.04 -21.18
CA GLY B 120 -3.74 46.84 -21.03
C GLY B 120 -4.88 46.08 -20.37
N GLN B 121 -4.55 45.03 -19.61
CA GLN B 121 -5.54 44.15 -18.98
C GLN B 121 -5.35 44.03 -17.48
N PRO B 122 -6.45 43.86 -16.71
CA PRO B 122 -6.34 43.49 -15.30
C PRO B 122 -5.71 42.11 -15.09
N VAL B 123 -5.25 41.84 -13.87
CA VAL B 123 -4.54 40.58 -13.60
C VAL B 123 -5.48 39.36 -13.68
N TRP B 124 -6.74 39.55 -13.30
CA TRP B 124 -7.74 38.47 -13.41
C TRP B 124 -7.92 37.98 -14.85
N MET B 125 -7.82 38.89 -15.82
CA MET B 125 -7.86 38.52 -17.23
C MET B 125 -6.64 37.70 -17.70
N LEU B 126 -5.48 37.96 -17.12
CA LEU B 126 -4.26 37.23 -17.47
C LEU B 126 -4.17 35.89 -16.73
N LEU B 127 -4.98 35.76 -15.67
CA LEU B 127 -5.11 34.55 -14.89
C LEU B 127 -6.20 33.61 -15.45
N GLY B 128 -6.91 34.06 -16.48
CA GLY B 128 -7.89 33.21 -17.16
C GLY B 128 -9.21 33.89 -17.51
N GLY B 129 -9.69 34.77 -16.64
CA GLY B 129 -10.98 35.45 -16.82
C GLY B 129 -11.68 35.70 -15.49
N LYS B 130 -12.83 36.38 -15.52
CA LYS B 130 -13.63 36.61 -14.31
C LYS B 130 -14.57 35.43 -14.09
N LEU B 131 -14.10 34.47 -13.31
CA LEU B 131 -14.81 33.21 -13.09
C LEU B 131 -15.68 33.31 -11.86
N CYS B 132 -15.53 34.41 -11.13
CA CYS B 132 -16.29 34.73 -9.95
C CYS B 132 -16.45 36.23 -9.90
N ASP B 133 -17.70 36.69 -9.82
CA ASP B 133 -18.02 38.11 -9.76
C ASP B 133 -18.34 38.52 -8.32
N GLY B 134 -17.29 38.86 -7.58
CA GLY B 134 -17.42 39.19 -6.16
C GLY B 134 -17.31 37.95 -5.32
N ALA B 135 -16.13 37.72 -4.77
CA ALA B 135 -15.85 36.56 -3.93
C ALA B 135 -16.60 36.68 -2.61
N PRO B 136 -17.41 35.64 -2.25
CA PRO B 136 -18.03 35.63 -0.92
C PRO B 136 -16.98 35.80 0.16
N MET B 137 -17.23 36.66 1.14
CA MET B 137 -16.22 36.99 2.13
C MET B 137 -16.47 36.35 3.49
N TYR B 138 -15.39 36.19 4.25
CA TYR B 138 -15.51 35.91 5.67
C TYR B 138 -14.78 36.98 6.49
N ARG B 139 -15.11 37.07 7.77
CA ARG B 139 -14.39 37.91 8.70
C ARG B 139 -13.86 37.03 9.83
N VAL B 140 -12.60 37.22 10.19
CA VAL B 140 -12.08 36.57 11.40
C VAL B 140 -12.55 37.31 12.65
N ALA B 141 -13.07 36.53 13.60
CA ALA B 141 -13.38 37.03 14.93
C ALA B 141 -12.28 36.47 15.85
N PRO B 142 -11.30 37.32 16.23
CA PRO B 142 -10.15 36.95 17.05
C PRO B 142 -10.50 36.46 18.46
N GLN B 143 -9.49 35.99 19.18
CA GLN B 143 -9.68 35.40 20.51
C GLN B 143 -10.04 36.44 21.57
N ARG B 144 -11.35 36.59 21.80
CA ARG B 144 -11.88 37.43 22.88
C ARG B 144 -12.86 36.62 23.72
N SER B 145 -13.51 37.28 24.67
CA SER B 145 -14.56 36.70 25.52
C SER B 145 -15.78 36.27 24.71
N GLU B 146 -16.57 35.35 25.27
CA GLU B 146 -17.71 34.78 24.54
C GLU B 146 -18.95 35.68 24.50
N ALA B 147 -19.03 36.63 25.44
CA ALA B 147 -20.12 37.60 25.49
C ALA B 147 -19.88 38.74 24.50
N GLU B 148 -18.62 38.91 24.09
CA GLU B 148 -18.22 39.99 23.20
C GLU B 148 -17.84 39.53 21.78
N THR B 149 -17.92 38.22 21.53
CA THR B 149 -17.87 37.70 20.16
C THR B 149 -19.27 37.55 19.58
N ARG B 150 -20.29 37.43 20.44
CA ARG B 150 -21.69 37.47 20.01
C ARG B 150 -22.01 38.84 19.42
N ALA B 151 -21.50 39.88 20.07
CA ALA B 151 -21.63 41.26 19.60
C ALA B 151 -20.72 41.54 18.40
N GLU B 152 -19.61 40.80 18.30
CA GLU B 152 -18.69 40.95 17.18
C GLU B 152 -19.23 40.24 15.93
N LEU B 153 -20.02 39.19 16.14
CA LEU B 153 -20.66 38.45 15.06
C LEU B 153 -21.92 39.18 14.59
N ALA B 154 -22.48 40.02 15.46
CA ALA B 154 -23.55 40.93 15.05
C ALA B 154 -22.97 42.11 14.26
N ARG B 155 -21.79 42.57 14.68
CA ARG B 155 -21.09 43.68 14.02
C ARG B 155 -20.57 43.29 12.64
N HIS B 156 -20.05 42.07 12.53
CA HIS B 156 -19.54 41.57 11.25
C HIS B 156 -20.63 41.19 10.26
N ARG B 157 -21.74 40.66 10.76
CA ARG B 157 -22.94 40.40 9.93
C ARG B 157 -23.52 41.70 9.37
N ALA B 158 -23.46 42.76 10.17
CA ALA B 158 -23.90 44.09 9.78
C ALA B 158 -23.10 44.62 8.57
N ALA B 159 -21.80 44.34 8.56
CA ALA B 159 -20.92 44.76 7.45
C ALA B 159 -21.12 43.91 6.20
N GLY B 160 -21.99 42.91 6.29
CA GLY B 160 -22.39 42.11 5.14
C GLY B 160 -21.74 40.76 5.00
N TYR B 161 -20.90 40.36 5.97
CA TYR B 161 -20.27 39.04 5.94
C TYR B 161 -21.29 37.96 6.30
N ARG B 162 -21.23 36.84 5.60
CA ARG B 162 -22.11 35.71 5.88
C ARG B 162 -21.31 34.47 6.26
N GLN B 163 -19.99 34.64 6.37
CA GLN B 163 -19.11 33.57 6.81
C GLN B 163 -18.18 34.11 7.91
N PHE B 164 -17.96 33.31 8.95
CA PHE B 164 -17.20 33.79 10.11
C PHE B 164 -16.16 32.78 10.52
N GLN B 165 -14.91 33.24 10.69
CA GLN B 165 -13.85 32.41 11.22
C GLN B 165 -13.65 32.66 12.71
N ILE B 166 -14.01 31.67 13.52
CA ILE B 166 -13.82 31.73 14.96
C ILE B 166 -12.40 31.35 15.28
N LYS B 167 -11.65 32.29 15.85
CA LYS B 167 -10.29 32.02 16.29
C LYS B 167 -10.30 31.20 17.57
N VAL B 168 -9.73 30.01 17.47
CA VAL B 168 -9.58 29.09 18.60
C VAL B 168 -8.10 28.66 18.61
N GLY B 169 -7.79 27.67 19.45
CA GLY B 169 -6.44 27.08 19.44
C GLY B 169 -5.53 27.42 20.59
N ALA B 170 -5.99 28.29 21.51
CA ALA B 170 -5.21 28.66 22.68
C ALA B 170 -5.46 27.75 23.88
N ASP B 171 -6.66 27.15 23.91
CA ASP B 171 -7.05 26.23 24.98
C ASP B 171 -8.25 25.39 24.56
N TRP B 172 -7.99 24.11 24.25
CA TRP B 172 -9.02 23.14 23.79
C TRP B 172 -10.31 23.09 24.63
N GLN B 173 -10.17 23.22 25.94
CA GLN B 173 -11.29 23.16 26.89
C GLN B 173 -12.28 24.29 26.70
N SER B 174 -11.78 25.52 26.69
CA SER B 174 -12.61 26.70 26.53
C SER B 174 -13.02 26.86 25.07
N ASP B 175 -12.21 26.31 24.17
CA ASP B 175 -12.50 26.26 22.72
C ASP B 175 -13.73 25.40 22.39
N ILE B 176 -14.01 24.40 23.23
CA ILE B 176 -15.20 23.56 23.07
C ILE B 176 -16.42 24.41 23.37
N ASP B 177 -16.33 25.16 24.48
CA ASP B 177 -17.38 26.08 24.91
C ASP B 177 -17.61 27.20 23.89
N ARG B 178 -16.51 27.79 23.45
CA ARG B 178 -16.50 28.87 22.45
C ARG B 178 -17.13 28.44 21.11
N ILE B 179 -16.87 27.20 20.69
CA ILE B 179 -17.54 26.64 19.50
C ILE B 179 -19.05 26.41 19.73
N ARG B 180 -19.39 25.73 20.82
CA ARG B 180 -20.80 25.39 21.17
C ARG B 180 -21.71 26.60 21.40
N ALA B 181 -21.12 27.72 21.84
CA ALA B 181 -21.87 28.95 22.07
C ALA B 181 -22.07 29.73 20.78
N CYS B 182 -21.09 29.62 19.87
CA CYS B 182 -21.08 30.41 18.63
C CYS B 182 -22.03 29.90 17.56
N LEU B 183 -22.17 28.58 17.47
CA LEU B 183 -22.96 27.98 16.40
C LEU B 183 -24.48 28.28 16.43
N PRO B 184 -25.12 28.25 17.62
CA PRO B 184 -26.54 28.62 17.62
C PRO B 184 -26.78 30.13 17.51
N LEU B 185 -25.70 30.90 17.41
CA LEU B 185 -25.78 32.35 17.24
C LEU B 185 -25.72 32.77 15.77
N LEU B 186 -25.64 31.78 14.88
CA LEU B 186 -25.70 32.06 13.44
C LEU B 186 -26.99 31.56 12.77
N GLU B 187 -27.39 32.31 11.75
CA GLU B 187 -28.64 32.10 11.03
C GLU B 187 -28.45 31.15 9.84
N PRO B 188 -29.57 30.62 9.27
CA PRO B 188 -29.50 29.84 8.03
C PRO B 188 -28.68 30.47 6.90
N GLY B 189 -27.86 29.66 6.23
CA GLY B 189 -27.02 30.14 5.14
C GLY B 189 -25.63 30.58 5.56
N GLU B 190 -25.47 30.90 6.86
CA GLU B 190 -24.18 31.31 7.40
C GLU B 190 -23.29 30.14 7.78
N LYS B 191 -21.99 30.30 7.52
CA LYS B 191 -20.97 29.27 7.81
C LYS B 191 -20.02 29.70 8.91
N ALA B 192 -19.55 28.73 9.70
CA ALA B 192 -18.50 28.99 10.67
C ALA B 192 -17.30 28.09 10.46
N MET B 193 -16.10 28.65 10.52
CA MET B 193 -14.90 27.83 10.65
C MET B 193 -14.20 28.08 11.98
N ALA B 194 -13.73 27.01 12.60
CA ALA B 194 -12.95 27.09 13.83
C ALA B 194 -11.49 26.90 13.46
N ASP B 195 -10.74 28.00 13.49
CA ASP B 195 -9.31 27.97 13.12
C ASP B 195 -8.45 27.94 14.36
N ALA B 196 -7.76 26.82 14.56
CA ALA B 196 -6.87 26.67 15.71
C ALA B 196 -5.48 27.20 15.42
N ASN B 197 -5.22 27.50 14.15
CA ASN B 197 -3.90 27.97 13.68
C ASN B 197 -2.77 27.17 14.28
N GLN B 198 -2.83 25.86 14.02
CA GLN B 198 -1.82 24.89 14.43
C GLN B 198 -1.70 24.71 15.96
N GLY B 199 -2.62 25.30 16.71
CA GLY B 199 -2.48 25.42 18.15
C GLY B 199 -2.61 24.17 19.00
N TRP B 200 -3.50 23.26 18.60
CA TRP B 200 -3.84 22.09 19.44
C TRP B 200 -2.84 20.96 19.31
N ARG B 201 -2.65 20.26 20.43
CA ARG B 201 -1.93 19.00 20.47
C ARG B 201 -2.92 17.93 19.98
N VAL B 202 -2.44 16.91 19.26
CA VAL B 202 -3.35 15.89 18.65
C VAL B 202 -4.40 15.26 19.56
N ASP B 203 -4.02 14.90 20.78
CA ASP B 203 -4.93 14.27 21.73
C ASP B 203 -6.06 15.22 22.15
N ASN B 204 -5.72 16.51 22.28
CA ASN B 204 -6.66 17.57 22.63
C ASN B 204 -7.58 17.95 21.46
N ALA B 205 -7.04 17.89 20.25
CA ALA B 205 -7.80 18.15 19.04
C ALA B 205 -8.86 17.08 18.81
N ILE B 206 -8.49 15.83 19.08
CA ILE B 206 -9.41 14.69 19.02
C ILE B 206 -10.55 14.90 20.03
N ARG B 207 -10.19 15.26 21.27
CA ARG B 207 -11.15 15.52 22.35
C ARG B 207 -12.15 16.61 21.94
N LEU B 208 -11.64 17.68 21.34
CA LEU B 208 -12.48 18.75 20.80
C LEU B 208 -13.43 18.24 19.72
N ALA B 209 -12.90 17.41 18.81
CA ALA B 209 -13.67 16.89 17.69
C ALA B 209 -14.81 15.97 18.14
N ARG B 210 -14.53 15.13 19.13
CA ARG B 210 -15.53 14.23 19.72
C ARG B 210 -16.61 15.00 20.49
N ALA B 211 -16.20 16.09 21.15
CA ALA B 211 -17.10 16.91 21.94
C ALA B 211 -18.03 17.75 21.09
N THR B 212 -17.63 18.01 19.84
CA THR B 212 -18.39 18.84 18.91
C THR B 212 -18.91 18.06 17.69
N ARG B 213 -18.97 16.73 17.80
CA ARG B 213 -19.41 15.85 16.70
C ARG B 213 -20.85 16.04 16.19
N ASP B 214 -21.71 16.61 17.03
CA ASP B 214 -23.11 16.86 16.73
CA ASP B 214 -23.09 16.82 16.62
C ASP B 214 -23.33 18.25 16.11
N LEU B 215 -22.24 18.89 15.70
CA LEU B 215 -22.29 20.26 15.20
C LEU B 215 -21.80 20.38 13.76
N ASP B 216 -22.24 21.41 13.06
CA ASP B 216 -21.82 21.70 11.68
C ASP B 216 -20.98 22.98 11.63
N TYR B 217 -19.68 22.80 11.52
CA TYR B 217 -18.71 23.89 11.35
C TYR B 217 -17.53 23.31 10.59
N ILE B 218 -16.68 24.19 10.07
CA ILE B 218 -15.47 23.79 9.34
C ILE B 218 -14.29 23.73 10.32
N LEU B 219 -13.72 22.55 10.47
CA LEU B 219 -12.58 22.38 11.36
C LEU B 219 -11.28 22.74 10.65
N GLU B 220 -10.70 23.88 11.01
CA GLU B 220 -9.58 24.43 10.24
C GLU B 220 -8.21 24.27 10.89
N GLN B 221 -7.28 23.67 10.15
CA GLN B 221 -5.90 23.44 10.59
C GLN B 221 -5.80 23.20 12.11
N PRO B 222 -6.34 22.05 12.58
CA PRO B 222 -6.36 21.81 14.03
C PRO B 222 -4.97 21.74 14.68
N CYS B 223 -4.02 21.14 13.97
CA CYS B 223 -2.66 20.91 14.48
C CYS B 223 -1.60 21.44 13.51
N ARG B 224 -0.33 21.35 13.89
CA ARG B 224 0.73 21.95 13.07
C ARG B 224 0.93 21.27 11.73
N SER B 225 1.27 19.98 11.79
CA SER B 225 1.64 19.24 10.59
C SER B 225 0.42 18.60 9.96
N TYR B 226 0.56 18.32 8.66
CA TYR B 226 -0.40 17.54 7.88
C TYR B 226 -0.73 16.19 8.52
N GLU B 227 0.29 15.50 8.98
CA GLU B 227 0.15 14.19 9.61
C GLU B 227 -0.71 14.24 10.86
N GLU B 228 -0.44 15.22 11.72
CA GLU B 228 -1.24 15.48 12.92
C GLU B 228 -2.70 15.74 12.59
N CYS B 229 -2.93 16.57 11.58
CA CYS B 229 -4.30 16.87 11.10
C CYS B 229 -4.98 15.62 10.55
N GLN B 230 -4.24 14.75 9.86
CA GLN B 230 -4.77 13.44 9.43
C GLN B 230 -5.14 12.50 10.60
N GLN B 231 -4.34 12.53 11.68
CA GLN B 231 -4.64 11.76 12.89
C GLN B 231 -5.95 12.22 13.55
N VAL B 232 -6.18 13.53 13.53
CA VAL B 232 -7.45 14.13 14.01
C VAL B 232 -8.63 13.72 13.12
N ARG B 233 -8.43 13.83 11.81
CA ARG B 233 -9.41 13.49 10.77
C ARG B 233 -9.94 12.05 10.84
N ARG B 234 -9.14 11.16 11.40
CA ARG B 234 -9.53 9.75 11.63
C ARG B 234 -10.76 9.66 12.51
N VAL B 235 -10.86 10.60 13.45
CA VAL B 235 -11.98 10.67 14.38
C VAL B 235 -12.98 11.78 14.01
N ALA B 236 -12.49 12.88 13.45
CA ALA B 236 -13.30 14.07 13.17
C ALA B 236 -14.01 13.99 11.81
N ASP B 237 -15.35 13.96 11.83
CA ASP B 237 -16.16 13.93 10.61
C ASP B 237 -16.44 15.32 10.03
N GLN B 238 -16.10 16.38 10.77
CA GLN B 238 -16.27 17.77 10.33
C GLN B 238 -15.48 18.03 9.06
N PRO B 239 -16.06 18.84 8.14
CA PRO B 239 -15.27 19.25 6.99
C PRO B 239 -13.98 19.91 7.47
N MET B 240 -12.85 19.41 6.96
CA MET B 240 -11.55 19.87 7.40
C MET B 240 -10.98 20.83 6.37
N LYS B 241 -10.59 22.01 6.84
CA LYS B 241 -9.84 22.96 6.03
C LYS B 241 -8.37 22.88 6.42
N LEU B 242 -7.50 22.76 5.41
CA LEU B 242 -6.06 22.82 5.62
C LEU B 242 -5.56 24.15 5.10
N ASP B 243 -4.59 24.73 5.80
CA ASP B 243 -4.18 26.10 5.53
C ASP B 243 -2.67 26.24 5.47
N GLU B 244 -2.03 26.38 6.64
CA GLU B 244 -0.61 26.69 6.73
C GLU B 244 0.29 25.63 6.13
N CYS B 245 -0.15 24.38 6.23
CA CYS B 245 0.65 23.27 5.71
C CYS B 245 0.55 23.16 4.18
N VAL B 246 -0.46 23.79 3.57
CA VAL B 246 -0.58 23.88 2.11
C VAL B 246 0.49 24.85 1.55
N THR B 247 1.70 24.34 1.36
CA THR B 247 2.86 25.17 1.05
C THR B 247 3.22 25.23 -0.44
N GLY B 248 2.54 24.39 -1.23
CA GLY B 248 2.86 24.27 -2.65
C GLY B 248 2.15 23.12 -3.33
N LEU B 249 2.62 22.80 -4.53
CA LEU B 249 2.02 21.75 -5.37
C LEU B 249 2.32 20.37 -4.84
N HIS B 250 3.50 20.19 -4.22
CA HIS B 250 3.89 18.90 -3.64
C HIS B 250 2.91 18.49 -2.54
N MET B 251 2.52 19.45 -1.69
CA MET B 251 1.53 19.20 -0.64
CA MET B 251 1.52 19.17 -0.65
C MET B 251 0.13 19.02 -1.24
N ALA B 252 -0.18 19.82 -2.25
CA ALA B 252 -1.46 19.72 -2.97
C ALA B 252 -1.67 18.33 -3.56
N GLN B 253 -0.61 17.78 -4.13
CA GLN B 253 -0.60 16.42 -4.66
C GLN B 253 -0.89 15.40 -3.57
N ARG B 254 -0.19 15.51 -2.44
CA ARG B 254 -0.36 14.64 -1.28
C ARG B 254 -1.78 14.70 -0.70
N ILE B 255 -2.34 15.91 -0.62
CA ILE B 255 -3.68 16.13 -0.10
C ILE B 255 -4.75 15.50 -1.01
N VAL B 256 -4.59 15.68 -2.32
CA VAL B 256 -5.48 15.07 -3.31
C VAL B 256 -5.39 13.53 -3.34
N ALA B 257 -4.17 13.00 -3.29
CA ALA B 257 -3.96 11.55 -3.24
C ALA B 257 -4.66 10.91 -2.04
N ASP B 258 -4.65 11.61 -0.92
CA ASP B 258 -5.30 11.14 0.31
C ASP B 258 -6.77 11.55 0.38
N ARG B 259 -7.23 12.40 -0.53
CA ARG B 259 -8.51 13.15 -0.37
C ARG B 259 -8.59 13.66 1.08
N GLY B 260 -7.61 14.48 1.45
CA GLY B 260 -7.25 14.71 2.84
C GLY B 260 -7.87 15.91 3.52
N ALA B 261 -8.70 16.64 2.78
CA ALA B 261 -9.39 17.83 3.28
C ALA B 261 -10.63 18.11 2.43
N GLU B 262 -11.54 18.90 2.99
CA GLU B 262 -12.74 19.33 2.28
C GLU B 262 -12.51 20.72 1.69
N ILE B 263 -11.61 21.48 2.32
CA ILE B 263 -11.21 22.80 1.84
C ILE B 263 -9.70 22.92 1.95
N CYS B 264 -9.07 23.50 0.93
CA CYS B 264 -7.66 23.88 0.98
C CYS B 264 -7.58 25.40 0.91
N CYS B 265 -6.93 26.00 1.90
CA CYS B 265 -6.70 27.43 1.89
C CYS B 265 -5.44 27.78 1.10
N LEU B 266 -5.57 28.77 0.22
CA LEU B 266 -4.46 29.17 -0.63
C LEU B 266 -4.04 30.60 -0.34
N LYS B 267 -3.01 30.74 0.48
CA LYS B 267 -2.39 32.02 0.75
C LYS B 267 -1.25 32.23 -0.23
N ILE B 268 -1.33 33.34 -0.98
CA ILE B 268 -0.39 33.66 -2.06
C ILE B 268 1.10 33.57 -1.67
N SER B 269 1.43 34.16 -0.53
CA SER B 269 2.82 34.21 -0.06
CA SER B 269 2.82 34.21 -0.08
C SER B 269 3.30 32.88 0.50
N ASN B 270 2.38 32.09 1.06
CA ASN B 270 2.71 30.76 1.56
C ASN B 270 3.01 29.81 0.41
N LEU B 271 2.39 30.08 -0.73
CA LEU B 271 2.60 29.27 -1.93
C LEU B 271 3.78 29.77 -2.77
N GLY B 272 4.32 30.93 -2.44
CA GLY B 272 5.53 31.42 -3.08
C GLY B 272 5.32 32.41 -4.21
N GLY B 273 4.16 33.05 -4.21
CA GLY B 273 3.83 34.06 -5.21
C GLY B 273 2.61 33.70 -6.00
N LEU B 274 2.13 34.65 -6.80
CA LEU B 274 0.93 34.49 -7.60
C LEU B 274 1.08 33.43 -8.70
N SER B 275 2.28 33.33 -9.28
CA SER B 275 2.53 32.35 -10.34
C SER B 275 2.35 30.94 -9.81
N LYS B 276 2.95 30.65 -8.65
CA LYS B 276 2.82 29.34 -8.03
C LYS B 276 1.44 29.12 -7.41
N ALA B 277 0.85 30.19 -6.85
CA ALA B 277 -0.50 30.12 -6.27
C ALA B 277 -1.53 29.76 -7.30
N ARG B 278 -1.45 30.40 -8.47
CA ARG B 278 -2.31 30.15 -9.62
C ARG B 278 -2.29 28.66 -10.00
N ARG B 279 -1.10 28.08 -10.03
CA ARG B 279 -0.92 26.70 -10.47
C ARG B 279 -1.41 25.68 -9.44
N THR B 280 -1.29 26.00 -8.15
CA THR B 280 -1.81 25.14 -7.10
C THR B 280 -3.34 25.24 -7.08
N ARG B 281 -3.86 26.45 -7.30
CA ARG B 281 -5.30 26.66 -7.46
C ARG B 281 -5.83 25.83 -8.62
N ASP B 282 -5.24 26.00 -9.79
CA ASP B 282 -5.67 25.32 -11.02
C ASP B 282 -5.59 23.80 -10.92
N PHE B 283 -4.57 23.29 -10.22
CA PHE B 283 -4.43 21.87 -9.96
C PHE B 283 -5.56 21.35 -9.05
N LEU B 284 -5.84 22.08 -7.97
CA LEU B 284 -6.88 21.69 -7.01
C LEU B 284 -8.29 21.76 -7.58
N ILE B 285 -8.57 22.78 -8.40
CA ILE B 285 -9.88 22.94 -9.05
C ILE B 285 -10.17 21.78 -10.01
N ASP B 286 -9.12 21.36 -10.73
CA ASP B 286 -9.20 20.24 -11.65
C ASP B 286 -9.40 18.90 -10.92
N ASN B 287 -8.96 18.83 -9.66
CA ASN B 287 -9.23 17.68 -8.80
C ASN B 287 -10.46 17.89 -7.90
N ARG B 288 -11.20 18.96 -8.20
CA ARG B 288 -12.49 19.29 -7.59
C ARG B 288 -12.42 19.45 -6.08
N MET B 289 -11.33 20.08 -5.64
CA MET B 289 -11.10 20.47 -4.27
C MET B 289 -11.52 21.93 -4.13
N PRO B 290 -12.50 22.20 -3.24
CA PRO B 290 -12.88 23.56 -2.84
C PRO B 290 -11.70 24.31 -2.24
N VAL B 291 -11.55 25.58 -2.62
CA VAL B 291 -10.41 26.40 -2.18
C VAL B 291 -10.84 27.72 -1.55
N VAL B 292 -9.93 28.30 -0.76
CA VAL B 292 -10.05 29.66 -0.27
C VAL B 292 -8.90 30.44 -0.88
N ALA B 293 -9.18 31.62 -1.46
CA ALA B 293 -8.16 32.42 -2.14
C ALA B 293 -7.80 33.63 -1.30
N GLU B 294 -6.56 33.65 -0.80
CA GLU B 294 -6.16 34.59 0.23
C GLU B 294 -4.69 34.99 0.15
N ASP B 295 -4.27 35.73 1.17
CA ASP B 295 -2.87 35.85 1.54
C ASP B 295 -2.83 35.90 3.06
N SER B 296 -1.61 36.00 3.61
CA SER B 296 -1.35 36.01 5.04
C SER B 296 -1.96 37.22 5.76
N TRP B 297 -1.61 38.41 5.27
CA TRP B 297 -2.01 39.67 5.89
C TRP B 297 -1.64 40.77 4.91
N GLY B 298 -2.07 42.00 5.18
CA GLY B 298 -1.51 43.13 4.46
C GLY B 298 -2.42 44.23 4.00
N GLY B 299 -1.82 45.23 3.34
CA GLY B 299 -2.54 46.40 2.85
C GLY B 299 -3.18 46.17 1.49
N GLU B 300 -3.40 47.27 0.77
CA GLU B 300 -4.09 47.26 -0.52
C GLU B 300 -3.33 46.50 -1.60
N ILE B 301 -2.00 46.57 -1.55
CA ILE B 301 -1.16 45.94 -2.57
C ILE B 301 -1.26 44.42 -2.48
N ALA B 302 -1.16 43.89 -1.26
CA ALA B 302 -1.35 42.45 -1.04
C ALA B 302 -2.78 42.05 -1.39
N SER B 303 -3.74 42.90 -1.03
CA SER B 303 -5.17 42.64 -1.28
C SER B 303 -5.55 42.67 -2.75
N ALA B 304 -4.83 43.48 -3.55
CA ALA B 304 -5.02 43.54 -5.00
C ALA B 304 -4.73 42.19 -5.66
N ALA B 305 -3.60 41.58 -5.32
CA ALA B 305 -3.24 40.25 -5.83
C ALA B 305 -4.23 39.18 -5.39
N VAL B 306 -4.69 39.26 -4.13
CA VAL B 306 -5.72 38.37 -3.57
C VAL B 306 -7.03 38.46 -4.35
N ALA B 307 -7.46 39.69 -4.69
CA ALA B 307 -8.73 39.91 -5.37
C ALA B 307 -8.75 39.38 -6.80
N HIS B 308 -7.60 39.47 -7.48
CA HIS B 308 -7.45 38.95 -8.84
C HIS B 308 -7.36 37.44 -8.87
N PHE B 309 -6.79 36.90 -7.79
CA PHE B 309 -6.66 35.47 -7.56
C PHE B 309 -8.04 34.87 -7.32
N ALA B 310 -8.82 35.51 -6.44
CA ALA B 310 -10.20 35.14 -6.15
C ALA B 310 -11.13 35.27 -7.37
N ALA B 311 -10.95 36.34 -8.16
CA ALA B 311 -11.83 36.62 -9.32
C ALA B 311 -11.64 35.63 -10.45
N SER B 312 -10.43 35.06 -10.56
CA SER B 312 -10.16 34.06 -11.58
C SER B 312 -10.31 32.63 -11.09
N THR B 313 -10.90 32.47 -9.91
CA THR B 313 -11.21 31.15 -9.36
C THR B 313 -12.68 30.86 -9.65
N PRO B 314 -13.00 29.66 -10.22
CA PRO B 314 -14.39 29.28 -10.49
C PRO B 314 -15.26 29.41 -9.25
N GLU B 315 -16.37 30.12 -9.38
CA GLU B 315 -17.23 30.45 -8.24
C GLU B 315 -17.83 29.21 -7.57
N GLU B 316 -17.90 28.12 -8.33
CA GLU B 316 -18.43 26.84 -7.86
CA GLU B 316 -18.44 26.86 -7.83
C GLU B 316 -17.53 26.22 -6.79
N PHE B 317 -16.23 26.48 -6.92
CA PHE B 317 -15.21 25.91 -6.01
C PHE B 317 -14.53 26.90 -5.07
N LEU B 318 -14.88 28.17 -5.17
CA LEU B 318 -14.34 29.20 -4.26
C LEU B 318 -15.24 29.38 -3.05
N ILE B 319 -14.75 28.92 -1.90
CA ILE B 319 -15.47 28.98 -0.64
C ILE B 319 -15.60 30.42 -0.17
N ASN B 320 -14.45 31.07 0.00
CA ASN B 320 -14.37 32.47 0.41
C ASN B 320 -13.03 33.13 0.12
N SER B 321 -12.98 34.42 0.42
CA SER B 321 -11.76 35.20 0.47
C SER B 321 -11.99 36.23 1.58
N THR B 322 -11.07 37.18 1.74
CA THR B 322 -11.25 38.27 2.70
C THR B 322 -10.58 39.57 2.24
N ASP B 323 -11.08 40.69 2.77
CA ASP B 323 -10.54 42.01 2.48
C ASP B 323 -9.43 42.39 3.47
N LEU B 324 -8.21 41.93 3.16
CA LEU B 324 -7.07 42.08 4.07
C LEU B 324 -6.77 43.53 4.42
N MET B 325 -6.86 44.42 3.42
CA MET B 325 -6.61 45.86 3.60
C MET B 325 -7.47 46.54 4.67
N ASN B 326 -8.62 45.94 4.98
CA ASN B 326 -9.55 46.50 5.97
C ASN B 326 -9.33 46.00 7.39
N TYR B 327 -8.26 45.24 7.59
CA TYR B 327 -7.89 44.78 8.93
C TYR B 327 -6.89 45.74 9.56
N ASN B 328 -6.37 46.66 8.76
CA ASN B 328 -5.30 47.55 9.21
C ASN B 328 -5.79 48.96 9.31
N THR B 329 -5.12 49.75 10.15
CA THR B 329 -5.43 51.17 10.25
C THR B 329 -4.61 51.95 9.23
N ARG B 330 -3.57 51.33 8.69
CA ARG B 330 -2.68 52.02 7.76
C ARG B 330 -2.58 51.33 6.39
N SER B 331 -2.05 52.06 5.41
CA SER B 331 -2.03 51.64 4.02
C SER B 331 -0.63 51.29 3.51
N THR B 332 -0.59 50.38 2.53
CA THR B 332 0.61 50.16 1.74
C THR B 332 0.41 50.71 0.34
N GLY B 333 -0.86 50.83 -0.07
CA GLY B 333 -1.17 51.15 -1.45
C GLY B 333 -2.22 52.21 -1.68
N LEU B 334 -2.24 52.72 -2.90
CA LEU B 334 -3.26 53.65 -3.37
C LEU B 334 -4.09 52.92 -4.41
N GLY B 335 -5.39 52.85 -4.17
CA GLY B 335 -6.28 52.08 -5.02
C GLY B 335 -6.49 50.70 -4.43
N GLY B 336 -6.33 49.67 -5.26
CA GLY B 336 -6.56 48.30 -4.82
C GLY B 336 -7.99 47.83 -5.04
N PRO B 337 -8.38 46.73 -4.38
CA PRO B 337 -9.74 46.17 -4.57
C PRO B 337 -10.84 46.99 -3.89
N THR B 338 -12.08 46.65 -4.20
CA THR B 338 -13.24 47.26 -3.56
C THR B 338 -14.17 46.17 -3.05
N VAL B 339 -14.85 46.40 -1.94
CA VAL B 339 -15.86 45.46 -1.48
C VAL B 339 -17.28 46.06 -1.50
N HIS B 340 -18.26 45.22 -1.83
CA HIS B 340 -19.65 45.64 -1.94
C HIS B 340 -20.55 44.51 -1.49
N GLN B 341 -21.25 44.74 -0.37
CA GLN B 341 -22.22 43.80 0.24
C GLN B 341 -21.64 42.44 0.61
N GLY B 342 -20.46 42.45 1.22
CA GLY B 342 -19.81 41.25 1.72
C GLY B 342 -19.20 40.39 0.64
N ARG B 343 -18.89 41.01 -0.50
CA ARG B 343 -18.18 40.33 -1.60
C ARG B 343 -16.98 41.16 -2.04
N LEU B 344 -15.86 40.50 -2.34
CA LEU B 344 -14.61 41.14 -2.72
C LEU B 344 -14.47 41.24 -4.24
N TYR B 345 -14.29 42.47 -4.73
CA TYR B 345 -14.22 42.73 -6.18
C TYR B 345 -12.84 43.15 -6.63
N ALA B 346 -12.35 42.50 -7.68
CA ALA B 346 -11.10 42.87 -8.32
C ALA B 346 -11.32 44.13 -9.15
N SER B 347 -10.26 44.91 -9.33
CA SER B 347 -10.26 46.04 -10.26
C SER B 347 -10.29 45.57 -11.72
N ASP B 348 -10.90 46.38 -12.60
CA ASP B 348 -10.97 46.11 -14.03
C ASP B 348 -10.00 46.98 -14.86
N THR B 349 -9.27 47.84 -14.16
CA THR B 349 -8.20 48.66 -14.75
C THR B 349 -6.95 47.79 -15.01
N PRO B 350 -6.07 48.19 -15.96
CA PRO B 350 -4.83 47.43 -16.24
C PRO B 350 -3.91 47.22 -15.03
N GLY B 351 -3.13 46.13 -15.08
CA GLY B 351 -2.21 45.79 -13.99
C GLY B 351 -2.92 45.28 -12.75
N LEU B 352 -2.29 45.48 -11.60
CA LEU B 352 -2.90 45.12 -10.31
C LEU B 352 -4.02 46.08 -9.90
N GLY B 353 -4.02 47.29 -10.45
CA GLY B 353 -4.98 48.31 -10.08
C GLY B 353 -4.60 49.02 -8.79
N VAL B 354 -3.31 48.99 -8.46
CA VAL B 354 -2.79 49.57 -7.21
C VAL B 354 -1.39 50.15 -7.43
N THR B 355 -1.13 51.29 -6.80
CA THR B 355 0.16 51.94 -6.83
C THR B 355 0.65 52.11 -5.39
N PRO B 356 1.97 52.23 -5.17
CA PRO B 356 2.46 52.39 -3.80
C PRO B 356 2.03 53.70 -3.14
N ASP B 357 1.62 53.61 -1.88
CA ASP B 357 1.30 54.77 -1.07
C ASP B 357 2.61 55.34 -0.52
N PHE B 358 3.32 56.12 -1.34
CA PHE B 358 4.68 56.58 -1.03
C PHE B 358 4.83 57.38 0.27
N ASN B 359 3.81 58.19 0.58
CA ASN B 359 3.77 58.97 1.82
C ASN B 359 3.62 58.14 3.09
N SER B 360 2.89 57.02 2.99
CA SER B 360 2.70 56.13 4.13
C SER B 360 3.91 55.23 4.32
N LEU B 361 4.56 54.88 3.22
CA LEU B 361 5.69 53.95 3.25
C LEU B 361 6.97 54.60 3.75
N GLY B 362 7.18 55.87 3.40
CA GLY B 362 8.39 56.59 3.76
C GLY B 362 9.48 56.36 2.73
N ALA B 363 10.71 56.73 3.09
CA ALA B 363 11.88 56.52 2.25
C ALA B 363 12.19 55.02 2.15
N PRO B 364 12.65 54.54 0.97
CA PRO B 364 12.91 53.10 0.84
C PRO B 364 14.11 52.66 1.68
N VAL B 365 14.05 51.44 2.20
CA VAL B 365 15.15 50.92 3.03
C VAL B 365 16.31 50.41 2.18
N ALA B 366 16.01 50.09 0.92
CA ALA B 366 17.03 49.70 -0.05
C ALA B 366 16.61 50.11 -1.46
N ASP B 367 17.59 50.41 -2.30
CA ASP B 367 17.36 50.95 -3.64
C ASP B 367 18.47 50.42 -4.56
N TRP B 368 18.05 49.67 -5.58
CA TRP B 368 18.96 49.17 -6.60
C TRP B 368 18.57 49.76 -7.94
N ALA B 369 19.51 50.43 -8.59
CA ALA B 369 19.26 51.04 -9.90
C ALA B 369 20.43 50.81 -10.85
N LEU B 370 20.20 50.97 -12.14
CA LEU B 370 21.31 50.98 -13.12
C LEU B 370 21.37 52.26 -13.96
N SER C 2 40.20 11.73 30.90
CA SER C 2 40.61 10.34 31.25
C SER C 2 39.94 9.83 32.54
N LEU C 3 39.29 8.68 32.45
CA LEU C 3 38.61 8.03 33.59
C LEU C 3 38.43 6.53 33.31
N ARG C 4 38.43 5.73 34.37
CA ARG C 4 38.33 4.28 34.25
C ARG C 4 37.39 3.69 35.28
N ILE C 5 36.57 2.73 34.86
CA ILE C 5 35.79 1.91 35.79
C ILE C 5 36.76 0.99 36.53
N THR C 6 36.72 1.05 37.86
CA THR C 6 37.61 0.24 38.67
C THR C 6 36.85 -0.86 39.40
N ARG C 7 35.55 -0.64 39.61
CA ARG C 7 34.75 -1.58 40.37
C ARG C 7 33.27 -1.56 40.00
N ILE C 8 32.67 -2.74 39.88
CA ILE C 8 31.23 -2.90 39.63
C ILE C 8 30.64 -3.82 40.69
N ARG C 9 29.58 -3.36 41.35
CA ARG C 9 28.88 -4.17 42.36
C ARG C 9 27.39 -4.28 42.04
N LEU C 10 26.84 -5.48 42.25
CA LEU C 10 25.40 -5.71 42.08
C LEU C 10 24.74 -5.94 43.45
N TYR C 11 23.68 -5.20 43.71
CA TYR C 11 22.90 -5.35 44.94
C TYR C 11 21.50 -5.80 44.59
N LYS C 12 20.85 -6.52 45.51
CA LYS C 12 19.48 -6.98 45.34
C LYS C 12 18.71 -6.73 46.63
N THR C 13 17.52 -6.13 46.51
CA THR C 13 16.68 -5.87 47.70
C THR C 13 15.17 -5.98 47.45
N ASP C 14 14.43 -6.26 48.52
CA ASP C 14 12.97 -6.34 48.50
C ASP C 14 12.33 -4.97 48.69
N LEU C 15 11.41 -4.61 47.81
CA LEU C 15 10.63 -3.38 47.95
C LEU C 15 9.14 -3.74 48.13
N PRO C 16 8.68 -3.93 49.39
CA PRO C 16 7.26 -4.24 49.58
C PRO C 16 6.36 -3.09 49.14
N TYR C 17 5.21 -3.43 48.55
CA TYR C 17 4.21 -2.44 48.15
C TYR C 17 3.55 -1.79 49.35
N VAL C 18 3.42 -0.46 49.30
CA VAL C 18 2.88 0.35 50.42
C VAL C 18 1.45 -0.02 50.86
N ASP C 19 0.62 -0.48 49.93
CA ASP C 19 -0.78 -0.83 50.24
C ASP C 19 -1.10 -2.33 50.12
N GLY C 20 -0.19 -3.19 50.58
CA GLY C 20 -0.38 -4.64 50.57
C GLY C 20 -0.21 -5.26 49.19
N SER C 21 -1.33 -5.44 48.48
CA SER C 21 -1.37 -6.06 47.16
C SER C 21 -1.76 -5.06 46.06
N TYR C 22 -1.12 -5.19 44.90
CA TYR C 22 -1.30 -4.25 43.78
C TYR C 22 -1.89 -4.94 42.54
N GLY C 23 -3.21 -4.88 42.41
CA GLY C 23 -3.91 -5.55 41.31
C GLY C 23 -3.79 -4.86 39.96
N TRP C 24 -3.19 -5.56 39.00
CA TRP C 24 -3.02 -5.06 37.63
C TRP C 24 -3.25 -6.14 36.55
N GLY C 25 -3.74 -5.71 35.39
CA GLY C 25 -3.89 -6.59 34.22
C GLY C 25 -4.97 -7.65 34.33
N ALA C 26 -4.73 -8.80 33.69
CA ALA C 26 -5.67 -9.91 33.67
C ALA C 26 -5.40 -10.93 34.80
N GLY C 27 -5.47 -10.46 36.05
CA GLY C 27 -5.32 -11.32 37.23
C GLY C 27 -3.92 -11.40 37.80
N ASN C 28 -3.22 -10.27 37.87
CA ASN C 28 -1.87 -10.21 38.47
C ASN C 28 -1.85 -9.35 39.75
N ALA C 29 -0.90 -9.66 40.63
CA ALA C 29 -0.75 -8.93 41.90
C ALA C 29 0.71 -8.89 42.35
N ILE C 30 1.20 -7.69 42.64
CA ILE C 30 2.56 -7.50 43.18
C ILE C 30 2.52 -7.05 44.65
N THR C 31 3.11 -7.86 45.52
CA THR C 31 3.17 -7.59 46.97
C THR C 31 4.58 -7.11 47.34
N VAL C 32 5.60 -7.79 46.81
CA VAL C 32 7.00 -7.42 46.99
C VAL C 32 7.68 -7.41 45.63
N ALA C 33 8.36 -6.32 45.30
CA ALA C 33 9.12 -6.21 44.06
C ALA C 33 10.62 -6.32 44.34
N ARG C 34 11.33 -7.01 43.45
CA ARG C 34 12.73 -7.33 43.64
C ARG C 34 13.65 -6.38 42.85
N ALA C 35 14.36 -5.52 43.57
CA ALA C 35 15.19 -4.47 42.97
C ALA C 35 16.58 -4.96 42.61
N SER C 36 17.12 -4.46 41.51
CA SER C 36 18.51 -4.72 41.15
C SER C 36 19.21 -3.39 41.04
N VAL C 37 20.22 -3.18 41.88
CA VAL C 37 20.96 -1.94 41.86
C VAL C 37 22.41 -2.20 41.44
N VAL C 38 22.87 -1.42 40.46
CA VAL C 38 24.26 -1.49 39.99
C VAL C 38 25.02 -0.28 40.52
N VAL C 39 26.19 -0.52 41.09
CA VAL C 39 27.07 0.53 41.61
C VAL C 39 28.41 0.46 40.88
N ILE C 40 28.79 1.56 40.24
CA ILE C 40 30.03 1.66 39.48
C ILE C 40 31.01 2.66 40.12
N ASP C 41 32.21 2.18 40.44
CA ASP C 41 33.27 3.02 41.02
C ASP C 41 34.33 3.36 39.98
N THR C 42 34.95 4.54 40.12
CA THR C 42 36.00 4.98 39.21
C THR C 42 37.30 5.31 39.94
N ASP C 43 38.39 5.44 39.17
CA ASP C 43 39.71 5.75 39.74
C ASP C 43 39.85 7.19 40.25
N ALA C 44 38.93 8.07 39.85
CA ALA C 44 38.89 9.44 40.39
C ALA C 44 37.94 9.57 41.57
N GLY C 45 37.36 8.45 42.00
CA GLY C 45 36.47 8.43 43.15
C GLY C 45 35.04 8.85 42.87
N LEU C 46 34.71 9.04 41.59
CA LEU C 46 33.33 9.29 41.17
C LEU C 46 32.57 7.97 41.14
N GLN C 47 31.44 7.94 41.84
CA GLN C 47 30.62 6.73 41.91
C GLN C 47 29.26 7.00 41.27
N GLY C 48 28.77 6.04 40.50
CA GLY C 48 27.44 6.12 39.90
C GLY C 48 26.60 4.92 40.24
N CYS C 49 25.28 5.11 40.30
CA CYS C 49 24.36 4.00 40.58
C CYS C 49 23.18 3.99 39.63
N GLY C 50 22.64 2.79 39.41
CA GLY C 50 21.45 2.62 38.59
C GLY C 50 20.54 1.55 39.17
N GLU C 51 19.29 1.51 38.71
CA GLU C 51 18.30 0.56 39.23
C GLU C 51 17.33 0.03 38.16
N PHE C 52 17.05 -1.27 38.19
CA PHE C 52 15.87 -1.81 37.52
C PHE C 52 15.05 -2.67 38.48
N THR C 53 13.76 -2.35 38.57
CA THR C 53 12.79 -3.12 39.34
C THR C 53 11.53 -3.29 38.50
N PRO C 54 11.19 -4.55 38.16
CA PRO C 54 9.95 -4.81 37.45
C PRO C 54 8.73 -4.63 38.36
N CYS C 55 7.61 -4.23 37.76
CA CYS C 55 6.32 -4.27 38.45
C CYS C 55 5.64 -5.57 38.04
N GLY C 56 6.13 -6.67 38.62
CA GLY C 56 5.69 -8.00 38.23
C GLY C 56 6.67 -8.58 37.23
N GLU C 57 7.03 -9.85 37.43
CA GLU C 57 8.03 -10.51 36.61
C GLU C 57 7.57 -10.75 35.15
N ASN C 58 6.25 -10.81 34.95
CA ASN C 58 5.66 -11.05 33.64
C ASN C 58 5.05 -9.81 32.96
N TYR C 59 5.39 -8.64 33.48
CA TYR C 59 4.83 -7.37 33.01
C TYR C 59 5.27 -7.00 31.57
N MET C 60 6.58 -7.06 31.34
CA MET C 60 7.17 -6.75 30.04
C MET C 60 8.23 -7.81 29.74
N ILE C 61 9.01 -7.62 28.67
CA ILE C 61 10.07 -8.59 28.35
C ILE C 61 11.28 -8.24 29.23
N ALA C 62 11.16 -8.62 30.49
CA ALA C 62 12.04 -8.15 31.57
C ALA C 62 11.71 -8.91 32.85
N HIS C 63 12.75 -9.39 33.54
CA HIS C 63 12.59 -9.92 34.88
C HIS C 63 13.79 -9.57 35.78
N SER C 64 13.63 -9.73 37.09
CA SER C 64 14.64 -9.31 38.07
CA SER C 64 14.64 -9.32 38.07
C SER C 64 15.95 -10.09 37.97
N GLU C 65 15.85 -11.39 37.71
CA GLU C 65 17.02 -12.26 37.64
C GLU C 65 17.90 -12.04 36.40
N GLY C 66 17.35 -11.34 35.40
CA GLY C 66 18.06 -11.07 34.16
C GLY C 66 19.18 -10.04 34.23
N VAL C 67 19.15 -9.19 35.26
CA VAL C 67 20.22 -8.21 35.52
C VAL C 67 21.49 -8.91 35.99
N ASP C 68 21.33 -9.83 36.95
CA ASP C 68 22.41 -10.72 37.42
C ASP C 68 23.13 -11.41 36.27
N ALA C 69 22.35 -12.02 35.37
CA ALA C 69 22.85 -12.82 34.26
C ALA C 69 23.64 -11.98 33.25
N PHE C 70 23.09 -10.82 32.89
CA PHE C 70 23.77 -9.85 32.03
C PHE C 70 25.08 -9.38 32.66
N ALA C 71 25.02 -9.04 33.95
CA ALA C 71 26.16 -8.52 34.68
C ALA C 71 27.31 -9.51 34.72
N ARG C 72 26.99 -10.78 34.95
CA ARG C 72 28.01 -11.82 35.06
C ARG C 72 28.79 -11.97 33.76
N LEU C 73 28.12 -11.67 32.64
CA LEU C 73 28.74 -11.75 31.33
C LEU C 73 29.42 -10.45 30.89
N ALA C 74 28.81 -9.32 31.21
CA ALA C 74 29.28 -8.01 30.71
C ALA C 74 30.22 -7.23 31.64
N ALA C 75 30.03 -7.34 32.95
CA ALA C 75 30.81 -6.55 33.94
C ALA C 75 32.35 -6.70 33.92
N PRO C 76 32.89 -7.94 33.75
CA PRO C 76 34.35 -8.06 33.59
C PRO C 76 34.89 -7.36 32.34
N GLN C 77 34.05 -7.24 31.32
CA GLN C 77 34.40 -6.59 30.06
C GLN C 77 34.26 -5.06 30.12
N LEU C 78 33.59 -4.54 31.16
CA LEU C 78 33.43 -3.09 31.33
C LEU C 78 34.48 -2.43 32.24
N LEU C 79 35.22 -3.22 33.01
CA LEU C 79 36.29 -2.69 33.86
C LEU C 79 37.40 -2.06 33.01
N GLY C 80 37.82 -0.86 33.40
CA GLY C 80 38.85 -0.10 32.68
C GLY C 80 38.31 0.87 31.64
N GLN C 81 37.01 0.81 31.40
CA GLN C 81 36.35 1.65 30.40
C GLN C 81 36.00 3.03 30.93
N ASP C 82 35.83 4.00 30.02
CA ASP C 82 35.46 5.38 30.37
C ASP C 82 33.94 5.53 30.43
N PRO C 83 33.38 5.60 31.66
CA PRO C 83 31.94 5.59 31.86
C PRO C 83 31.22 6.88 31.45
N ARG C 84 31.95 7.99 31.32
CA ARG C 84 31.38 9.28 30.90
C ARG C 84 30.90 9.28 29.45
N GLN C 85 31.52 8.43 28.64
CA GLN C 85 31.19 8.28 27.23
C GLN C 85 30.04 7.32 27.12
N VAL C 86 28.81 7.83 27.26
CA VAL C 86 27.63 7.00 27.45
C VAL C 86 27.24 6.22 26.20
N ALA C 87 27.54 6.77 25.02
CA ALA C 87 27.22 6.12 23.77
C ALA C 87 28.23 5.02 23.46
N ARG C 88 29.48 5.22 23.87
CA ARG C 88 30.50 4.20 23.75
C ARG C 88 30.17 2.99 24.64
N MET C 89 29.71 3.28 25.86
CA MET C 89 29.26 2.24 26.79
C MET C 89 28.00 1.53 26.28
N GLU C 90 27.06 2.31 25.76
CA GLU C 90 25.86 1.76 25.13
C GLU C 90 26.21 0.76 24.02
N ARG C 91 27.10 1.17 23.12
CA ARG C 91 27.48 0.33 21.99
C ARG C 91 28.36 -0.88 22.37
N LEU C 92 29.13 -0.77 23.45
CA LEU C 92 29.90 -1.89 23.97
C LEU C 92 28.96 -2.93 24.54
N MET C 93 28.05 -2.51 25.41
CA MET C 93 27.04 -3.41 25.96
C MET C 93 26.28 -4.14 24.86
N ASP C 94 25.83 -3.39 23.85
CA ASP C 94 25.04 -3.95 22.76
C ASP C 94 25.87 -4.88 21.88
N HIS C 95 27.18 -4.70 21.89
CA HIS C 95 28.09 -5.61 21.20
C HIS C 95 28.27 -6.88 22.01
N LEU C 96 28.33 -6.78 23.34
CA LEU C 96 28.53 -7.95 24.21
C LEU C 96 27.32 -8.90 24.27
N VAL C 97 26.13 -8.34 24.45
CA VAL C 97 24.90 -9.09 24.26
C VAL C 97 23.92 -8.32 23.36
N GLN C 98 23.07 -9.06 22.66
CA GLN C 98 21.94 -8.46 21.93
C GLN C 98 20.69 -8.43 22.79
N GLY C 99 19.91 -7.35 22.66
CA GLY C 99 18.65 -7.19 23.38
C GLY C 99 18.90 -7.06 24.87
N HIS C 100 17.98 -7.58 25.69
CA HIS C 100 18.09 -7.60 27.16
C HIS C 100 18.35 -6.21 27.71
N GLY C 101 17.70 -5.20 27.13
CA GLY C 101 17.95 -3.81 27.43
C GLY C 101 17.64 -3.40 28.85
N TYR C 102 16.65 -4.08 29.44
CA TYR C 102 16.25 -3.88 30.85
C TYR C 102 17.40 -4.14 31.81
N ALA C 103 18.29 -5.06 31.43
CA ALA C 103 19.41 -5.46 32.26
C ALA C 103 20.56 -4.47 32.10
N LYS C 104 20.61 -3.85 30.92
CA LYS C 104 21.61 -2.83 30.62
C LYS C 104 21.25 -1.49 31.25
N ALA C 105 19.96 -1.24 31.39
CA ALA C 105 19.40 0.01 31.95
C ALA C 105 20.00 0.55 33.28
N PRO C 106 20.23 -0.31 34.30
CA PRO C 106 20.90 0.22 35.52
C PRO C 106 22.35 0.67 35.28
N PHE C 107 23.09 -0.04 34.43
CA PHE C 107 24.44 0.36 34.07
C PHE C 107 24.44 1.71 33.35
N ASP C 108 23.51 1.86 32.40
CA ASP C 108 23.34 3.11 31.65
C ASP C 108 23.06 4.31 32.57
N ALA C 109 22.21 4.11 33.58
CA ALA C 109 21.88 5.18 34.54
C ALA C 109 23.09 5.62 35.34
N ALA C 110 23.90 4.64 35.74
CA ALA C 110 25.11 4.86 36.54
C ALA C 110 26.15 5.65 35.77
N PHE C 111 26.22 5.41 34.46
CA PHE C 111 27.12 6.15 33.56
C PHE C 111 26.68 7.59 33.36
N TRP C 112 25.37 7.83 33.26
CA TRP C 112 24.81 9.19 33.20
C TRP C 112 25.05 9.95 34.51
N ASP C 113 25.00 9.20 35.61
CA ASP C 113 25.29 9.71 36.95
C ASP C 113 26.75 10.19 37.05
N ILE C 114 27.67 9.34 36.65
CA ILE C 114 29.11 9.65 36.62
C ILE C 114 29.43 10.85 35.71
N LEU C 115 28.83 10.86 34.52
CA LEU C 115 28.99 11.97 33.58
C LEU C 115 28.52 13.32 34.18
N GLY C 116 27.36 13.31 34.84
CA GLY C 116 26.85 14.52 35.52
C GLY C 116 27.76 15.02 36.62
N GLN C 117 28.42 14.09 37.30
CA GLN C 117 29.36 14.42 38.37
C GLN C 117 30.66 14.97 37.81
N ALA C 118 31.18 14.33 36.76
CA ALA C 118 32.37 14.78 36.05
C ALA C 118 32.22 16.15 35.36
N THR C 119 30.98 16.50 35.00
CA THR C 119 30.69 17.76 34.32
C THR C 119 30.12 18.82 35.28
N GLY C 120 29.83 18.41 36.50
CA GLY C 120 29.25 19.30 37.52
C GLY C 120 27.82 19.76 37.27
N GLN C 121 27.06 18.94 36.55
CA GLN C 121 25.72 19.29 36.08
C GLN C 121 24.72 18.17 36.37
N PRO C 122 23.46 18.51 36.72
CA PRO C 122 22.38 17.52 36.80
C PRO C 122 22.16 16.81 35.48
N VAL C 123 21.63 15.59 35.53
CA VAL C 123 21.38 14.82 34.31
C VAL C 123 20.41 15.53 33.35
N TRP C 124 19.39 16.24 33.88
CA TRP C 124 18.46 16.97 33.01
C TRP C 124 19.16 18.00 32.11
N MET C 125 20.22 18.63 32.61
CA MET C 125 21.03 19.57 31.83
C MET C 125 21.73 18.85 30.68
N LEU C 126 22.22 17.66 30.96
CA LEU C 126 22.89 16.85 29.95
C LEU C 126 21.91 16.23 28.96
N LEU C 127 20.63 16.22 29.30
CA LEU C 127 19.60 15.77 28.36
C LEU C 127 18.93 16.91 27.60
N GLY C 128 19.51 18.11 27.70
CA GLY C 128 19.02 19.26 26.94
C GLY C 128 18.57 20.49 27.75
N GLY C 129 18.18 20.29 29.01
CA GLY C 129 17.78 21.42 29.85
C GLY C 129 16.49 21.18 30.60
N LYS C 130 16.09 22.13 31.43
CA LYS C 130 14.83 22.00 32.15
C LYS C 130 13.72 22.56 31.29
N LEU C 131 13.12 21.67 30.51
CA LEU C 131 12.05 21.99 29.57
C LEU C 131 10.69 21.83 30.23
N CYS C 132 10.68 21.26 31.42
CA CYS C 132 9.48 21.18 32.25
C CYS C 132 9.85 21.38 33.72
N ASP C 133 9.30 22.43 34.34
CA ASP C 133 9.56 22.71 35.75
C ASP C 133 8.45 22.11 36.63
N GLY C 134 8.72 20.90 37.11
CA GLY C 134 7.75 20.09 37.82
C GLY C 134 6.84 19.35 36.87
N ALA C 135 7.15 18.08 36.62
CA ALA C 135 6.30 17.23 35.79
C ALA C 135 4.96 16.95 36.47
N PRO C 136 3.84 17.05 35.71
CA PRO C 136 2.52 16.76 36.28
C PRO C 136 2.43 15.28 36.66
N MET C 137 1.68 14.97 37.72
CA MET C 137 1.59 13.60 38.20
C MET C 137 0.17 13.07 38.12
N TYR C 138 0.04 11.74 38.18
CA TYR C 138 -1.28 11.12 38.26
C TYR C 138 -1.42 10.34 39.56
N ARG C 139 -2.68 10.11 39.97
CA ARG C 139 -2.97 9.23 41.11
C ARG C 139 -3.79 8.01 40.70
N VAL C 140 -3.31 6.82 41.08
CA VAL C 140 -3.89 5.57 40.59
C VAL C 140 -5.16 5.23 41.35
N ALA C 141 -5.98 6.24 41.61
CA ALA C 141 -7.08 6.12 42.57
C ALA C 141 -8.42 6.06 41.87
N PRO C 142 -9.46 5.68 42.62
CA PRO C 142 -9.38 4.52 43.51
C PRO C 142 -10.01 3.28 42.87
N GLN C 143 -10.96 2.67 43.57
CA GLN C 143 -11.35 1.29 43.29
C GLN C 143 -12.48 0.85 44.20
N ARG C 144 -13.27 1.81 44.69
CA ARG C 144 -14.29 1.53 45.71
C ARG C 144 -15.62 2.27 45.56
N SER C 145 -16.33 2.41 46.69
CA SER C 145 -17.66 3.01 46.79
C SER C 145 -17.75 4.46 46.32
N GLU C 146 -18.97 4.90 45.96
CA GLU C 146 -19.23 6.27 45.51
C GLU C 146 -18.92 7.35 46.57
N ALA C 147 -19.24 7.04 47.83
CA ALA C 147 -18.96 7.93 48.96
C ALA C 147 -17.47 8.04 49.25
N GLU C 148 -16.75 6.93 49.08
CA GLU C 148 -15.31 6.88 49.33
C GLU C 148 -14.46 7.39 48.16
N THR C 149 -14.98 7.31 46.94
CA THR C 149 -14.29 7.86 45.76
C THR C 149 -14.34 9.39 45.75
N ARG C 150 -15.46 9.96 46.19
CA ARG C 150 -15.64 11.42 46.28
C ARG C 150 -14.70 12.09 47.29
N ALA C 151 -14.53 11.46 48.46
CA ALA C 151 -13.63 11.93 49.51
C ALA C 151 -12.16 11.79 49.12
N GLU C 152 -11.83 10.73 48.39
CA GLU C 152 -10.51 10.47 47.87
C GLU C 152 -10.08 11.35 46.71
N LEU C 153 -11.02 11.73 45.82
CA LEU C 153 -10.76 12.62 44.70
C LEU C 153 -10.71 14.08 45.14
N ALA C 154 -11.39 14.39 46.25
CA ALA C 154 -11.33 15.73 46.85
C ALA C 154 -10.00 16.00 47.55
N ARG C 155 -9.43 14.98 48.20
CA ARG C 155 -8.10 15.13 48.83
C ARG C 155 -6.98 15.14 47.79
N HIS C 156 -7.20 14.47 46.68
CA HIS C 156 -6.23 14.41 45.60
C HIS C 156 -6.22 15.72 44.83
N ARG C 157 -7.42 16.23 44.55
CA ARG C 157 -7.63 17.54 43.91
C ARG C 157 -6.93 18.66 44.68
N ALA C 158 -7.23 18.76 45.98
CA ALA C 158 -6.60 19.73 46.91
C ALA C 158 -5.08 19.58 47.02
N ALA C 159 -4.57 18.36 46.82
CA ALA C 159 -3.13 18.10 46.81
C ALA C 159 -2.46 18.44 45.47
N GLY C 160 -3.26 18.92 44.51
CA GLY C 160 -2.76 19.39 43.22
C GLY C 160 -2.99 18.47 42.03
N TYR C 161 -3.43 17.23 42.30
CA TYR C 161 -3.61 16.21 41.25
C TYR C 161 -4.83 16.47 40.38
N ARG C 162 -4.67 16.20 39.10
CA ARG C 162 -5.66 16.54 38.08
C ARG C 162 -5.80 15.39 37.08
N GLN C 163 -5.02 14.32 37.28
CA GLN C 163 -5.03 13.17 36.38
C GLN C 163 -5.15 11.87 37.17
N PHE C 164 -6.07 11.00 36.75
CA PHE C 164 -6.32 9.76 37.50
C PHE C 164 -6.33 8.49 36.65
N GLN C 165 -5.57 7.48 37.08
CA GLN C 165 -5.54 6.18 36.43
C GLN C 165 -6.53 5.19 37.08
N ILE C 166 -7.41 4.61 36.28
CA ILE C 166 -8.26 3.51 36.74
C ILE C 166 -7.63 2.19 36.31
N LYS C 167 -7.21 1.39 37.28
CA LYS C 167 -6.62 0.09 37.01
C LYS C 167 -7.73 -0.88 36.66
N VAL C 168 -7.72 -1.34 35.40
CA VAL C 168 -8.75 -2.25 34.91
C VAL C 168 -8.06 -3.40 34.18
N GLY C 169 -8.83 -4.25 33.52
CA GLY C 169 -8.26 -5.24 32.61
C GLY C 169 -8.42 -6.69 33.02
N ALA C 170 -9.20 -6.92 34.07
CA ALA C 170 -9.40 -8.26 34.61
C ALA C 170 -10.80 -8.78 34.30
N ASP C 171 -11.73 -7.86 34.05
CA ASP C 171 -13.11 -8.20 33.72
C ASP C 171 -13.75 -7.02 32.98
N TRP C 172 -13.77 -7.11 31.65
CA TRP C 172 -14.27 -6.05 30.77
C TRP C 172 -15.66 -5.53 31.15
N GLN C 173 -16.51 -6.43 31.63
CA GLN C 173 -17.90 -6.14 31.95
C GLN C 173 -18.07 -5.18 33.11
N SER C 174 -17.30 -5.40 34.17
CA SER C 174 -17.36 -4.55 35.35
C SER C 174 -16.34 -3.40 35.25
N ASP C 175 -15.48 -3.47 34.24
CA ASP C 175 -14.59 -2.37 33.87
C ASP C 175 -15.38 -1.26 33.16
N ILE C 176 -16.45 -1.66 32.46
CA ILE C 176 -17.39 -0.72 31.84
C ILE C 176 -18.03 0.11 32.95
N ASP C 177 -18.52 -0.59 33.97
CA ASP C 177 -19.17 0.01 35.13
C ASP C 177 -18.25 0.91 35.97
N ARG C 178 -16.99 0.49 36.12
CA ARG C 178 -15.97 1.31 36.79
C ARG C 178 -15.72 2.63 36.09
N ILE C 179 -15.50 2.58 34.78
CA ILE C 179 -15.34 3.77 33.95
C ILE C 179 -16.58 4.66 34.02
N ARG C 180 -17.76 4.06 33.85
CA ARG C 180 -19.04 4.79 33.86
C ARG C 180 -19.38 5.48 35.19
N ALA C 181 -18.94 4.89 36.30
CA ALA C 181 -19.23 5.43 37.62
C ALA C 181 -18.17 6.44 38.10
N CYS C 182 -16.99 6.39 37.49
CA CYS C 182 -15.90 7.28 37.91
C CYS C 182 -15.86 8.62 37.18
N LEU C 183 -16.11 8.59 35.86
CA LEU C 183 -16.05 9.80 35.02
C LEU C 183 -16.94 11.01 35.41
N PRO C 184 -18.22 10.79 35.79
CA PRO C 184 -19.00 11.98 36.20
C PRO C 184 -18.66 12.50 37.61
N LEU C 185 -17.73 11.83 38.29
CA LEU C 185 -17.27 12.23 39.62
C LEU C 185 -15.97 13.05 39.57
N LEU C 186 -15.70 13.67 38.43
CA LEU C 186 -14.55 14.57 38.29
C LEU C 186 -14.85 15.80 37.41
N GLU C 187 -14.31 16.95 37.81
CA GLU C 187 -14.67 18.26 37.23
C GLU C 187 -13.92 18.60 35.91
N PRO C 188 -14.53 19.48 35.06
CA PRO C 188 -14.07 19.96 33.74
C PRO C 188 -12.59 19.85 33.34
N GLY C 189 -11.68 20.26 34.23
CA GLY C 189 -10.25 20.27 33.89
C GLY C 189 -9.56 18.92 33.88
N GLU C 190 -10.10 17.98 34.64
CA GLU C 190 -9.41 16.72 34.98
C GLU C 190 -9.35 15.68 33.85
N LYS C 191 -8.50 14.68 34.03
CA LYS C 191 -8.35 13.60 33.07
C LYS C 191 -8.36 12.24 33.75
N ALA C 192 -8.71 11.21 32.98
CA ALA C 192 -8.73 9.84 33.47
C ALA C 192 -8.30 8.85 32.40
N MET C 193 -7.35 7.98 32.75
CA MET C 193 -6.92 6.90 31.86
C MET C 193 -7.27 5.52 32.40
N ALA C 194 -7.91 4.72 31.56
CA ALA C 194 -8.26 3.35 31.89
C ALA C 194 -7.14 2.46 31.36
N ASP C 195 -6.32 1.95 32.26
CA ASP C 195 -5.22 1.11 31.87
C ASP C 195 -5.60 -0.33 32.12
N ALA C 196 -5.77 -1.06 31.03
CA ALA C 196 -6.09 -2.49 31.08
C ALA C 196 -4.84 -3.33 31.27
N ASN C 197 -3.67 -2.71 31.17
CA ASN C 197 -2.37 -3.37 31.31
C ASN C 197 -2.31 -4.68 30.58
N GLN C 198 -2.54 -4.61 29.27
CA GLN C 198 -2.42 -5.74 28.32
C GLN C 198 -3.48 -6.80 28.54
N GLY C 199 -4.53 -6.45 29.29
CA GLY C 199 -5.40 -7.44 29.92
C GLY C 199 -6.62 -7.93 29.17
N TRP C 200 -7.19 -7.10 28.30
CA TRP C 200 -8.40 -7.50 27.60
C TRP C 200 -8.08 -8.32 26.37
N ARG C 201 -8.94 -9.30 26.09
CA ARG C 201 -8.97 -9.97 24.81
C ARG C 201 -9.65 -9.02 23.83
N VAL C 202 -9.26 -9.09 22.55
CA VAL C 202 -9.59 -8.06 21.55
C VAL C 202 -11.09 -7.84 21.35
N ASP C 203 -11.86 -8.92 21.39
CA ASP C 203 -13.30 -8.84 21.27
C ASP C 203 -13.93 -8.15 22.48
N ASN C 204 -13.39 -8.40 23.67
CA ASN C 204 -13.88 -7.80 24.92
C ASN C 204 -13.50 -6.33 25.03
N ALA C 205 -12.30 -6.00 24.56
CA ALA C 205 -11.85 -4.61 24.48
C ALA C 205 -12.76 -3.77 23.58
N ILE C 206 -13.20 -4.37 22.47
CA ILE C 206 -14.13 -3.73 21.52
C ILE C 206 -15.52 -3.51 22.14
N ARG C 207 -15.99 -4.50 22.89
CA ARG C 207 -17.27 -4.40 23.60
C ARG C 207 -17.24 -3.28 24.64
N LEU C 208 -16.13 -3.17 25.35
CA LEU C 208 -15.90 -2.07 26.28
C LEU C 208 -15.83 -0.71 25.58
N ALA C 209 -15.14 -0.67 24.44
CA ALA C 209 -15.02 0.57 23.66
C ALA C 209 -16.38 1.08 23.19
N ARG C 210 -17.20 0.16 22.68
CA ARG C 210 -18.54 0.47 22.16
C ARG C 210 -19.53 0.89 23.23
N ALA C 211 -19.39 0.30 24.42
CA ALA C 211 -20.28 0.60 25.54
C ALA C 211 -19.99 1.99 26.08
N THR C 212 -18.73 2.40 26.00
CA THR C 212 -18.29 3.69 26.50
C THR C 212 -17.92 4.68 25.38
N ARG C 213 -18.55 4.55 24.21
CA ARG C 213 -18.19 5.36 23.03
C ARG C 213 -18.60 6.84 23.12
N ASP C 214 -19.32 7.19 24.18
CA ASP C 214 -19.81 8.56 24.37
C ASP C 214 -19.04 9.29 25.48
N LEU C 215 -17.97 8.67 25.95
CA LEU C 215 -17.26 9.13 27.14
C LEU C 215 -15.84 9.64 26.88
N ASP C 216 -15.44 10.65 27.64
CA ASP C 216 -14.12 11.25 27.51
C ASP C 216 -13.11 10.67 28.50
N TYR C 217 -12.33 9.70 28.03
CA TYR C 217 -11.26 9.09 28.83
C TYR C 217 -10.16 8.64 27.88
N ILE C 218 -9.05 8.20 28.46
CA ILE C 218 -7.91 7.71 27.71
C ILE C 218 -7.87 6.19 27.78
N LEU C 219 -7.98 5.55 26.62
CA LEU C 219 -7.94 4.11 26.50
C LEU C 219 -6.48 3.64 26.50
N GLU C 220 -6.01 3.17 27.64
CA GLU C 220 -4.59 2.84 27.76
C GLU C 220 -4.34 1.35 27.61
N GLN C 221 -3.38 1.00 26.74
CA GLN C 221 -2.92 -0.37 26.46
C GLN C 221 -4.00 -1.44 26.65
N PRO C 222 -5.12 -1.37 25.87
CA PRO C 222 -6.23 -2.31 26.12
C PRO C 222 -5.84 -3.78 25.98
N CYS C 223 -5.02 -4.09 24.98
CA CYS C 223 -4.60 -5.46 24.72
C CYS C 223 -3.07 -5.54 24.75
N ARG C 224 -2.54 -6.76 24.66
CA ARG C 224 -1.10 -6.97 24.74
C ARG C 224 -0.34 -6.41 23.55
N SER C 225 -0.60 -6.96 22.37
CA SER C 225 0.13 -6.56 21.17
C SER C 225 -0.37 -5.23 20.60
N TYR C 226 0.51 -4.59 19.84
CA TYR C 226 0.19 -3.39 19.08
C TYR C 226 -0.96 -3.60 18.11
N GLU C 227 -0.95 -4.74 17.42
CA GLU C 227 -1.92 -5.04 16.36
C GLU C 227 -3.33 -5.24 16.92
N GLU C 228 -3.38 -5.91 18.07
CA GLU C 228 -4.60 -6.06 18.85
C GLU C 228 -5.18 -4.70 19.26
N CYS C 229 -4.30 -3.84 19.77
CA CYS C 229 -4.63 -2.43 20.09
C CYS C 229 -5.12 -1.62 18.88
N GLN C 230 -4.52 -1.84 17.71
CA GLN C 230 -4.95 -1.18 16.48
C GLN C 230 -6.33 -1.68 16.04
N GLN C 231 -6.57 -2.98 16.22
CA GLN C 231 -7.89 -3.57 15.98
C GLN C 231 -8.98 -2.94 16.86
N VAL C 232 -8.64 -2.64 18.11
CA VAL C 232 -9.57 -1.97 19.04
C VAL C 232 -9.82 -0.55 18.55
N ARG C 233 -8.74 0.09 18.13
CA ARG C 233 -8.72 1.45 17.60
C ARG C 233 -9.53 1.65 16.32
N ARG C 234 -9.79 0.58 15.57
CA ARG C 234 -10.70 0.61 14.44
C ARG C 234 -12.07 1.16 14.86
N VAL C 235 -12.46 0.82 16.09
CA VAL C 235 -13.77 1.14 16.66
C VAL C 235 -13.71 2.33 17.66
N ALA C 236 -12.64 2.36 18.45
CA ALA C 236 -12.49 3.33 19.54
C ALA C 236 -11.97 4.70 19.10
N ASP C 237 -12.81 5.71 19.28
CA ASP C 237 -12.46 7.11 19.02
C ASP C 237 -11.73 7.80 20.18
N GLN C 238 -11.74 7.18 21.37
CA GLN C 238 -11.01 7.72 22.54
C GLN C 238 -9.52 7.91 22.23
N PRO C 239 -8.89 8.92 22.83
CA PRO C 239 -7.44 8.97 22.82
C PRO C 239 -6.83 7.66 23.32
N MET C 240 -5.98 7.05 22.50
CA MET C 240 -5.32 5.78 22.85
C MET C 240 -3.92 6.03 23.37
N LYS C 241 -3.61 5.37 24.49
CA LYS C 241 -2.30 5.45 25.08
C LYS C 241 -1.60 4.11 24.97
N LEU C 242 -0.44 4.10 24.33
CA LEU C 242 0.32 2.87 24.21
C LEU C 242 1.49 2.89 25.20
N ASP C 243 1.73 1.75 25.83
CA ASP C 243 2.66 1.66 26.94
C ASP C 243 3.66 0.51 26.78
N GLU C 244 3.29 -0.69 27.21
CA GLU C 244 4.23 -1.82 27.30
C GLU C 244 4.77 -2.28 25.95
N CYS C 245 3.97 -2.12 24.91
CA CYS C 245 4.39 -2.48 23.56
C CYS C 245 5.40 -1.49 22.98
N VAL C 246 5.61 -0.34 23.63
CA VAL C 246 6.57 0.67 23.17
C VAL C 246 7.97 0.32 23.70
N THR C 247 8.62 -0.58 22.99
CA THR C 247 9.85 -1.24 23.44
C THR C 247 11.13 -0.57 22.92
N GLY C 248 10.96 0.45 22.07
CA GLY C 248 12.11 1.07 21.44
C GLY C 248 11.72 1.90 20.26
N LEU C 249 12.73 2.29 19.48
CA LEU C 249 12.56 3.25 18.39
C LEU C 249 11.83 2.69 17.18
N HIS C 250 12.09 1.41 16.90
N HIS C 250 12.06 1.41 16.90
CA HIS C 250 11.49 0.66 15.79
CA HIS C 250 11.46 0.76 15.75
C HIS C 250 9.97 0.64 15.93
C HIS C 250 9.95 0.58 15.91
N MET C 251 9.51 0.41 17.15
CA MET C 251 8.08 0.40 17.42
C MET C 251 7.53 1.82 17.43
N ALA C 252 8.34 2.76 17.89
CA ALA C 252 7.97 4.19 17.83
C ALA C 252 7.84 4.73 16.40
N GLN C 253 8.68 4.23 15.50
CA GLN C 253 8.59 4.49 14.06
C GLN C 253 7.32 3.90 13.43
N ARG C 254 6.98 2.66 13.82
CA ARG C 254 5.73 2.05 13.39
CA ARG C 254 5.71 2.02 13.41
C ARG C 254 4.54 2.87 13.86
N ILE C 255 4.54 3.24 15.15
CA ILE C 255 3.46 4.05 15.74
C ILE C 255 3.29 5.37 15.01
N VAL C 256 4.39 6.10 14.80
CA VAL C 256 4.36 7.35 14.04
C VAL C 256 3.83 7.18 12.60
N ALA C 257 4.32 6.16 11.89
CA ALA C 257 3.89 5.87 10.52
C ALA C 257 2.39 5.63 10.37
N ASP C 258 1.81 4.92 11.33
CA ASP C 258 0.37 4.63 11.37
C ASP C 258 -0.44 5.75 12.03
N ARG C 259 0.27 6.70 12.66
CA ARG C 259 -0.31 7.61 13.66
CA ARG C 259 -0.32 7.62 13.64
C ARG C 259 -1.26 6.81 14.54
N GLY C 260 -0.70 5.82 15.21
CA GLY C 260 -1.48 4.80 15.87
C GLY C 260 -1.71 4.93 17.35
N ALA C 261 -1.45 6.12 17.90
CA ALA C 261 -1.72 6.43 19.30
C ALA C 261 -1.78 7.94 19.48
N GLU C 262 -2.48 8.41 20.51
CA GLU C 262 -2.48 9.83 20.88
C GLU C 262 -1.46 10.16 21.98
N ILE C 263 -1.05 9.14 22.73
CA ILE C 263 -0.03 9.28 23.79
C ILE C 263 0.85 8.05 23.74
N CYS C 264 2.16 8.25 23.83
CA CYS C 264 3.11 7.15 24.01
C CYS C 264 3.73 7.20 25.40
N CYS C 265 3.64 6.08 26.10
CA CYS C 265 4.22 5.96 27.43
C CYS C 265 5.62 5.38 27.32
N LEU C 266 6.55 6.07 27.97
CA LEU C 266 7.96 5.76 27.87
C LEU C 266 8.56 5.33 29.23
N LYS C 267 8.74 4.02 29.38
CA LYS C 267 9.39 3.44 30.54
C LYS C 267 10.86 3.17 30.22
N ILE C 268 11.72 3.85 30.98
CA ILE C 268 13.17 3.86 30.76
C ILE C 268 13.77 2.46 30.57
N SER C 269 13.37 1.53 31.44
CA SER C 269 13.92 0.17 31.40
CA SER C 269 13.96 0.20 31.37
C SER C 269 13.31 -0.68 30.31
N ASN C 270 12.11 -0.32 29.87
CA ASN C 270 11.45 -1.00 28.75
C ASN C 270 12.08 -0.60 27.42
N LEU C 271 12.69 0.59 27.41
CA LEU C 271 13.38 1.15 26.24
C LEU C 271 14.87 0.79 26.25
N GLY C 272 15.31 0.10 27.28
CA GLY C 272 16.70 -0.32 27.36
C GLY C 272 17.64 0.72 27.95
N GLY C 273 17.10 1.64 28.74
CA GLY C 273 17.95 2.59 29.45
C GLY C 273 17.73 4.02 29.03
N LEU C 274 18.24 4.94 29.86
CA LEU C 274 18.08 6.38 29.67
C LEU C 274 18.56 6.88 28.31
N SER C 275 19.60 6.26 27.76
CA SER C 275 20.15 6.68 26.47
C SER C 275 19.16 6.39 25.35
N LYS C 276 18.68 5.15 25.28
CA LYS C 276 17.68 4.82 24.28
C LYS C 276 16.36 5.49 24.58
N ALA C 277 16.07 5.69 25.86
CA ALA C 277 14.83 6.34 26.26
C ALA C 277 14.77 7.79 25.78
N ARG C 278 15.88 8.52 25.92
CA ARG C 278 16.03 9.90 25.43
CA ARG C 278 15.93 9.90 25.44
C ARG C 278 15.86 9.98 23.91
N ARG C 279 16.45 9.02 23.21
CA ARG C 279 16.40 9.05 21.75
C ARG C 279 15.00 8.76 21.22
N THR C 280 14.30 7.83 21.87
CA THR C 280 12.93 7.52 21.51
C THR C 280 12.00 8.70 21.81
N ARG C 281 12.14 9.32 22.98
CA ARG C 281 11.36 10.51 23.30
C ARG C 281 11.57 11.69 22.37
N ASP C 282 12.81 11.99 22.06
CA ASP C 282 13.16 13.11 21.21
C ASP C 282 12.61 12.90 19.81
N PHE C 283 12.64 11.65 19.35
CA PHE C 283 12.07 11.27 18.07
C PHE C 283 10.55 11.48 18.05
N LEU C 284 9.87 11.11 19.13
CA LEU C 284 8.41 11.24 19.23
C LEU C 284 7.96 12.69 19.40
N ILE C 285 8.75 13.46 20.15
CA ILE C 285 8.50 14.89 20.34
C ILE C 285 8.67 15.65 19.01
N ASP C 286 9.69 15.25 18.23
CA ASP C 286 9.92 15.82 16.89
C ASP C 286 8.80 15.45 15.92
N ASN C 287 8.12 14.35 16.23
CA ASN C 287 6.94 13.91 15.48
C ASN C 287 5.63 14.30 16.15
N ARG C 288 5.76 15.13 17.18
CA ARG C 288 4.67 15.79 17.88
C ARG C 288 3.66 14.83 18.52
N MET C 289 4.22 13.79 19.12
CA MET C 289 3.49 12.80 19.88
C MET C 289 3.62 13.14 21.37
N PRO C 290 2.48 13.33 22.06
CA PRO C 290 2.44 13.41 23.52
C PRO C 290 3.03 12.19 24.20
N VAL C 291 3.86 12.40 25.22
CA VAL C 291 4.51 11.30 25.92
C VAL C 291 4.32 11.32 27.42
N VAL C 292 4.45 10.15 28.04
CA VAL C 292 4.60 10.01 29.48
C VAL C 292 6.03 9.53 29.73
N ALA C 293 6.70 10.17 30.68
CA ALA C 293 8.07 9.87 31.03
C ALA C 293 8.11 9.18 32.38
N GLU C 294 8.46 7.90 32.38
CA GLU C 294 8.48 7.11 33.61
C GLU C 294 9.39 5.88 33.53
N ASP C 295 9.11 4.89 34.38
CA ASP C 295 9.80 3.60 34.38
C ASP C 295 8.83 2.57 34.97
N SER C 296 9.23 1.30 34.94
CA SER C 296 8.40 0.19 35.40
C SER C 296 7.96 0.32 36.86
N TRP C 297 8.93 0.43 37.76
CA TRP C 297 8.70 0.40 39.21
C TRP C 297 10.04 0.77 39.83
N GLY C 298 10.08 0.95 41.15
CA GLY C 298 11.36 1.04 41.85
C GLY C 298 11.52 2.16 42.85
N GLY C 299 12.73 2.25 43.39
CA GLY C 299 13.01 3.17 44.49
C GLY C 299 13.61 4.48 44.00
N GLU C 300 14.37 5.13 44.88
CA GLU C 300 14.89 6.48 44.65
C GLU C 300 15.88 6.57 43.48
N ILE C 301 16.60 5.48 43.20
CA ILE C 301 17.57 5.45 42.08
C ILE C 301 16.88 5.41 40.71
N ALA C 302 15.88 4.54 40.57
CA ALA C 302 15.06 4.50 39.36
C ALA C 302 14.29 5.82 39.19
N SER C 303 13.76 6.34 40.30
CA SER C 303 12.97 7.58 40.29
C SER C 303 13.78 8.84 40.00
N ALA C 304 15.08 8.81 40.29
CA ALA C 304 15.96 9.94 39.99
C ALA C 304 16.10 10.07 38.49
N ALA C 305 16.29 8.93 37.81
CA ALA C 305 16.42 8.87 36.36
C ALA C 305 15.13 9.31 35.67
N VAL C 306 14.00 8.84 36.20
CA VAL C 306 12.65 9.24 35.75
C VAL C 306 12.46 10.76 35.81
N ALA C 307 12.82 11.35 36.95
CA ALA C 307 12.61 12.78 37.16
C ALA C 307 13.47 13.64 36.25
N HIS C 308 14.69 13.18 35.96
CA HIS C 308 15.56 13.87 35.01
C HIS C 308 15.07 13.70 33.58
N PHE C 309 14.44 12.56 33.31
CA PHE C 309 13.85 12.23 32.01
C PHE C 309 12.63 13.12 31.77
N ALA C 310 11.79 13.26 32.80
CA ALA C 310 10.63 14.13 32.77
C ALA C 310 11.00 15.60 32.62
N ALA C 311 11.99 16.06 33.41
CA ALA C 311 12.43 17.46 33.43
C ALA C 311 12.97 17.96 32.09
N SER C 312 13.49 17.04 31.27
CA SER C 312 14.06 17.38 29.97
C SER C 312 13.09 17.12 28.84
N THR C 313 11.84 16.83 29.20
CA THR C 313 10.79 16.67 28.24
C THR C 313 10.04 18.01 28.12
N PRO C 314 9.87 18.49 26.88
CA PRO C 314 9.06 19.69 26.61
C PRO C 314 7.69 19.64 27.28
N GLU C 315 7.39 20.65 28.09
CA GLU C 315 6.16 20.68 28.89
C GLU C 315 4.85 20.68 28.08
N GLU C 316 4.90 21.15 26.83
CA GLU C 316 3.74 21.14 25.93
C GLU C 316 3.31 19.73 25.61
N PHE C 317 4.29 18.82 25.60
CA PHE C 317 4.10 17.43 25.17
C PHE C 317 4.21 16.38 26.27
N LEU C 318 4.58 16.79 27.47
CA LEU C 318 4.72 15.85 28.58
C LEU C 318 3.38 15.72 29.24
N ILE C 319 2.81 14.52 29.20
CA ILE C 319 1.46 14.30 29.74
C ILE C 319 1.57 14.23 31.25
N ASN C 320 2.37 13.28 31.73
CA ASN C 320 2.65 13.17 33.16
C ASN C 320 3.93 12.40 33.42
N SER C 321 4.29 12.31 34.69
CA SER C 321 5.33 11.42 35.17
C SER C 321 4.84 10.81 36.48
N THR C 322 5.69 10.06 37.18
CA THR C 322 5.25 9.41 38.42
C THR C 322 6.32 9.30 39.52
N ASP C 323 5.88 9.28 40.77
CA ASP C 323 6.79 9.19 41.90
C ASP C 323 6.96 7.74 42.37
N LEU C 324 7.79 7.01 41.63
CA LEU C 324 7.95 5.58 41.83
C LEU C 324 8.38 5.19 43.24
N MET C 325 9.27 5.98 43.83
CA MET C 325 9.80 5.74 45.18
C MET C 325 8.75 5.72 46.27
N ASN C 326 7.65 6.43 46.07
CA ASN C 326 6.60 6.55 47.07
C ASN C 326 5.60 5.39 47.05
N TYR C 327 5.79 4.44 46.14
CA TYR C 327 4.93 3.26 46.10
C TYR C 327 5.41 2.13 47.01
N ASN C 328 6.61 2.29 47.57
CA ASN C 328 7.24 1.23 48.36
C ASN C 328 7.48 1.64 49.81
N THR C 329 7.70 0.64 50.65
CA THR C 329 7.95 0.85 52.08
C THR C 329 9.44 0.83 52.40
N ARG C 330 10.28 0.54 51.39
CA ARG C 330 11.73 0.45 51.57
C ARG C 330 12.46 1.21 50.46
N SER C 331 13.78 1.36 50.60
CA SER C 331 14.58 2.24 49.76
C SER C 331 15.72 1.54 49.03
N THR C 332 16.13 2.13 47.91
CA THR C 332 17.31 1.70 47.17
C THR C 332 18.37 2.80 47.18
N GLY C 333 17.93 4.02 47.48
CA GLY C 333 18.80 5.17 47.43
C GLY C 333 18.56 6.25 48.46
N LEU C 334 19.56 7.13 48.58
CA LEU C 334 19.53 8.28 49.48
C LEU C 334 19.43 9.54 48.61
N GLY C 335 18.32 10.27 48.77
CA GLY C 335 18.02 11.40 47.89
C GLY C 335 16.99 11.04 46.83
N GLY C 336 17.26 11.42 45.58
CA GLY C 336 16.26 11.22 44.53
C GLY C 336 15.39 12.46 44.40
N PRO C 337 14.30 12.38 43.63
CA PRO C 337 13.48 13.54 43.38
C PRO C 337 12.56 13.92 44.55
N THR C 338 11.85 15.03 44.39
CA THR C 338 10.88 15.49 45.39
C THR C 338 9.50 15.75 44.75
N VAL C 339 8.48 15.83 45.60
CA VAL C 339 7.10 16.08 45.16
C VAL C 339 6.60 17.33 45.87
N HIS C 340 6.02 18.26 45.12
CA HIS C 340 5.42 19.45 45.67
C HIS C 340 4.20 19.83 44.87
N GLN C 341 3.07 19.94 45.55
CA GLN C 341 1.76 20.32 45.01
C GLN C 341 1.37 19.54 43.73
N GLY C 342 1.64 18.24 43.78
CA GLY C 342 1.26 17.32 42.71
C GLY C 342 2.18 17.32 41.52
N ARG C 343 3.38 17.87 41.68
CA ARG C 343 4.37 17.87 40.60
C ARG C 343 5.70 17.24 41.06
N LEU C 344 6.31 16.47 40.17
CA LEU C 344 7.57 15.75 40.41
C LEU C 344 8.76 16.60 40.00
N TYR C 345 9.68 16.84 40.93
CA TYR C 345 10.82 17.72 40.70
C TYR C 345 12.15 16.98 40.76
N ALA C 346 12.91 17.07 39.67
CA ALA C 346 14.28 16.56 39.62
C ALA C 346 15.23 17.40 40.49
N SER C 347 16.37 16.81 40.85
CA SER C 347 17.41 17.52 41.60
C SER C 347 18.24 18.40 40.65
N ASP C 348 18.86 19.43 41.21
CA ASP C 348 19.67 20.40 40.46
C ASP C 348 21.18 20.25 40.72
N THR C 349 21.53 19.36 41.63
CA THR C 349 22.91 19.04 41.99
C THR C 349 23.52 18.10 40.94
N PRO C 350 24.88 17.99 40.87
CA PRO C 350 25.52 17.16 39.83
C PRO C 350 25.12 15.68 39.78
N GLY C 351 24.97 15.14 38.57
CA GLY C 351 24.66 13.72 38.37
C GLY C 351 23.19 13.41 38.52
N LEU C 352 22.88 12.20 38.99
CA LEU C 352 21.49 11.77 39.17
C LEU C 352 20.87 12.34 40.44
N GLY C 353 21.70 12.77 41.39
CA GLY C 353 21.19 13.33 42.64
C GLY C 353 20.80 12.28 43.67
N VAL C 354 21.42 11.11 43.57
CA VAL C 354 21.12 9.99 44.47
C VAL C 354 22.39 9.14 44.70
N THR C 355 22.52 8.62 45.92
CA THR C 355 23.58 7.65 46.24
C THR C 355 22.92 6.34 46.69
N PRO C 356 23.65 5.20 46.63
CA PRO C 356 23.02 3.95 47.04
C PRO C 356 22.82 3.86 48.55
N ASP C 357 21.63 3.48 48.96
CA ASP C 357 21.33 3.26 50.39
C ASP C 357 21.94 1.90 50.73
N PHE C 358 23.24 1.90 51.00
CA PHE C 358 24.00 0.67 51.22
C PHE C 358 23.48 -0.18 52.38
N ASN C 359 22.89 0.48 53.38
CA ASN C 359 22.33 -0.19 54.55
C ASN C 359 21.06 -0.99 54.25
N SER C 360 20.21 -0.45 53.38
CA SER C 360 18.99 -1.14 52.95
C SER C 360 19.31 -2.26 51.96
N LEU C 361 20.30 -2.01 51.11
CA LEU C 361 20.68 -2.92 50.04
C LEU C 361 21.39 -4.18 50.54
N GLY C 362 22.10 -4.05 51.66
CA GLY C 362 22.84 -5.17 52.27
C GLY C 362 24.15 -5.46 51.55
N ALA C 363 24.62 -6.70 51.70
CA ALA C 363 25.86 -7.15 51.08
C ALA C 363 25.70 -7.21 49.57
N PRO C 364 26.78 -6.87 48.82
CA PRO C 364 26.71 -7.02 47.36
C PRO C 364 26.55 -8.49 46.98
N VAL C 365 25.63 -8.80 46.06
CA VAL C 365 25.47 -10.19 45.59
C VAL C 365 26.58 -10.60 44.60
N ALA C 366 27.18 -9.61 43.94
CA ALA C 366 28.28 -9.83 43.02
C ALA C 366 29.19 -8.61 43.02
N ASP C 367 30.49 -8.83 42.80
CA ASP C 367 31.53 -7.81 42.98
C ASP C 367 32.64 -8.05 41.97
N TRP C 368 32.82 -7.12 41.03
CA TRP C 368 33.92 -7.20 40.07
C TRP C 368 34.89 -6.03 40.26
N ALA C 369 36.16 -6.34 40.42
CA ALA C 369 37.18 -5.32 40.69
C ALA C 369 38.35 -5.39 39.72
N LEU C 370 38.91 -4.23 39.40
CA LEU C 370 40.00 -4.09 38.42
C LEU C 370 41.31 -4.68 38.93
N SER D 2 -1.68 -39.68 34.88
CA SER D 2 -1.24 -38.59 35.80
C SER D 2 0.27 -38.60 35.99
N LEU D 3 0.88 -37.42 35.96
CA LEU D 3 2.33 -37.27 36.15
C LEU D 3 2.67 -35.92 36.78
N ARG D 4 3.61 -35.93 37.73
CA ARG D 4 4.02 -34.72 38.43
CA ARG D 4 4.02 -34.73 38.46
C ARG D 4 5.54 -34.53 38.35
N ILE D 5 5.97 -33.30 38.11
CA ILE D 5 7.40 -32.98 38.14
C ILE D 5 7.84 -32.92 39.60
N THR D 6 8.81 -33.74 39.95
CA THR D 6 9.29 -33.82 41.32
C THR D 6 10.65 -33.16 41.55
N ARG D 7 11.44 -32.98 40.50
CA ARG D 7 12.78 -32.40 40.61
C ARG D 7 13.22 -31.69 39.34
N ILE D 8 13.79 -30.50 39.52
CA ILE D 8 14.39 -29.77 38.42
C ILE D 8 15.85 -29.48 38.78
N ARG D 9 16.77 -29.86 37.89
CA ARG D 9 18.20 -29.59 38.08
C ARG D 9 18.76 -28.86 36.88
N LEU D 10 19.68 -27.93 37.12
CA LEU D 10 20.37 -27.22 36.05
C LEU D 10 21.84 -27.56 36.09
N TYR D 11 22.39 -27.86 34.91
CA TYR D 11 23.79 -28.21 34.77
C TYR D 11 24.44 -27.20 33.85
N LYS D 12 25.74 -26.98 34.03
CA LYS D 12 26.49 -26.10 33.15
C LYS D 12 27.82 -26.75 32.84
N THR D 13 28.20 -26.76 31.56
CA THR D 13 29.48 -27.37 31.15
C THR D 13 30.12 -26.68 29.94
N ASP D 14 31.44 -26.76 29.83
CA ASP D 14 32.16 -26.16 28.71
C ASP D 14 32.28 -27.17 27.57
N LEU D 15 31.95 -26.73 26.36
CA LEU D 15 32.12 -27.55 25.16
C LEU D 15 33.15 -26.84 24.27
N PRO D 16 34.42 -27.30 24.31
CA PRO D 16 35.44 -26.69 23.45
C PRO D 16 35.25 -27.10 21.98
N TYR D 17 35.57 -26.18 21.07
CA TYR D 17 35.44 -26.44 19.63
C TYR D 17 36.57 -27.34 19.13
N VAL D 18 36.22 -28.26 18.23
CA VAL D 18 37.10 -29.36 17.78
C VAL D 18 38.35 -28.90 17.00
N ASP D 19 38.25 -27.77 16.31
CA ASP D 19 39.35 -27.24 15.48
C ASP D 19 39.93 -25.94 16.02
N GLY D 20 40.01 -25.82 17.34
CA GLY D 20 40.59 -24.64 17.99
C GLY D 20 39.67 -23.44 18.09
N SER D 21 39.66 -22.62 17.04
CA SER D 21 38.86 -21.39 16.99
C SER D 21 37.90 -21.37 15.80
N TYR D 22 36.63 -21.08 16.08
CA TYR D 22 35.59 -20.98 15.06
C TYR D 22 35.27 -19.52 14.77
N GLY D 23 35.54 -19.09 13.54
CA GLY D 23 35.28 -17.72 13.12
C GLY D 23 33.94 -17.57 12.43
N TRP D 24 33.05 -16.79 13.03
CA TRP D 24 31.75 -16.45 12.43
C TRP D 24 31.52 -14.94 12.38
N GLY D 25 30.88 -14.47 11.32
CA GLY D 25 30.45 -13.07 11.20
C GLY D 25 31.54 -12.04 11.04
N ALA D 26 31.36 -10.90 11.71
CA ALA D 26 32.34 -9.80 11.68
C ALA D 26 33.47 -10.01 12.71
N GLY D 27 34.36 -10.96 12.42
CA GLY D 27 35.56 -11.22 13.21
C GLY D 27 35.40 -11.92 14.55
N ASN D 28 34.20 -12.40 14.86
CA ASN D 28 33.91 -13.05 16.14
C ASN D 28 34.49 -14.47 16.24
N ALA D 29 34.98 -14.84 17.42
CA ALA D 29 35.67 -16.11 17.62
C ALA D 29 35.19 -16.89 18.85
N ILE D 30 34.86 -18.16 18.64
CA ILE D 30 34.48 -19.10 19.71
C ILE D 30 35.50 -20.25 19.84
N THR D 31 36.07 -20.41 21.04
CA THR D 31 36.94 -21.54 21.33
C THR D 31 36.29 -22.48 22.36
N VAL D 32 35.46 -21.93 23.23
CA VAL D 32 34.68 -22.69 24.21
C VAL D 32 33.24 -22.15 24.22
N ALA D 33 32.25 -23.03 24.09
CA ALA D 33 30.85 -22.66 24.24
C ALA D 33 30.32 -23.17 25.56
N ARG D 34 29.42 -22.40 26.18
CA ARG D 34 28.94 -22.73 27.52
C ARG D 34 27.53 -23.31 27.45
N ALA D 35 27.44 -24.59 27.76
CA ALA D 35 26.20 -25.35 27.68
C ALA D 35 25.38 -25.22 28.94
N SER D 36 24.06 -25.10 28.78
CA SER D 36 23.15 -25.21 29.92
C SER D 36 22.26 -26.41 29.66
N VAL D 37 22.22 -27.33 30.63
CA VAL D 37 21.40 -28.53 30.51
C VAL D 37 20.35 -28.59 31.63
N VAL D 38 19.10 -28.80 31.25
CA VAL D 38 18.01 -28.94 32.22
C VAL D 38 17.64 -30.42 32.31
N VAL D 39 17.58 -30.94 33.54
CA VAL D 39 17.20 -32.34 33.79
C VAL D 39 15.94 -32.37 34.65
N ILE D 40 14.92 -33.10 34.19
CA ILE D 40 13.59 -33.07 34.82
C ILE D 40 13.11 -34.46 35.27
N ASP D 41 12.93 -34.63 36.58
CA ASP D 41 12.45 -35.88 37.17
C ASP D 41 10.95 -35.86 37.46
N THR D 42 10.34 -37.04 37.37
CA THR D 42 8.90 -37.19 37.61
C THR D 42 8.62 -38.28 38.63
N ASP D 43 7.38 -38.32 39.13
CA ASP D 43 6.99 -39.27 40.19
C ASP D 43 6.85 -40.72 39.70
N ALA D 44 6.69 -40.92 38.40
CA ALA D 44 6.66 -42.27 37.82
C ALA D 44 8.01 -42.71 37.26
N GLY D 45 9.06 -41.97 37.61
CA GLY D 45 10.44 -42.34 37.27
C GLY D 45 10.87 -42.03 35.85
N LEU D 46 10.17 -41.11 35.18
CA LEU D 46 10.55 -40.71 33.84
C LEU D 46 11.39 -39.44 33.95
N GLN D 47 12.54 -39.45 33.29
CA GLN D 47 13.44 -38.32 33.29
C GLN D 47 13.59 -37.73 31.89
N GLY D 48 13.42 -36.41 31.80
CA GLY D 48 13.63 -35.67 30.57
C GLY D 48 14.82 -34.73 30.64
N CYS D 49 15.37 -34.37 29.49
CA CYS D 49 16.51 -33.47 29.44
C CYS D 49 16.46 -32.56 28.20
N GLY D 50 17.07 -31.38 28.32
CA GLY D 50 17.06 -30.39 27.25
C GLY D 50 18.26 -29.51 27.38
N GLU D 51 18.66 -28.87 26.28
CA GLU D 51 19.91 -28.11 26.23
C GLU D 51 19.81 -26.87 25.37
N PHE D 52 20.37 -25.76 25.87
CA PHE D 52 20.67 -24.60 25.05
C PHE D 52 22.13 -24.24 25.19
N THR D 53 22.83 -24.15 24.05
CA THR D 53 24.23 -23.74 24.01
C THR D 53 24.38 -22.72 22.87
N PRO D 54 24.82 -21.50 23.21
CA PRO D 54 25.04 -20.53 22.13
C PRO D 54 26.36 -20.79 21.40
N CYS D 55 26.44 -20.34 20.14
CA CYS D 55 27.73 -20.33 19.44
C CYS D 55 28.57 -19.18 19.98
N GLY D 56 28.02 -17.97 19.88
CA GLY D 56 28.58 -16.79 20.54
C GLY D 56 27.54 -16.17 21.46
N GLU D 57 27.99 -15.41 22.44
CA GLU D 57 27.08 -14.78 23.40
C GLU D 57 26.34 -13.58 22.78
N ASN D 58 26.88 -13.03 21.70
CA ASN D 58 26.28 -11.91 20.97
C ASN D 58 25.68 -12.27 19.61
N TYR D 59 25.52 -13.57 19.39
CA TYR D 59 25.12 -14.12 18.10
C TYR D 59 23.63 -13.91 17.80
N MET D 60 22.79 -14.09 18.80
CA MET D 60 21.35 -13.80 18.71
C MET D 60 20.89 -13.17 20.02
N ILE D 61 19.59 -12.92 20.15
CA ILE D 61 19.06 -12.39 21.43
C ILE D 61 18.96 -13.55 22.42
N ALA D 62 20.12 -13.90 22.98
CA ALA D 62 20.36 -15.14 23.70
C ALA D 62 21.75 -15.11 24.28
N HIS D 63 21.90 -15.59 25.51
CA HIS D 63 23.20 -15.82 26.14
C HIS D 63 23.10 -16.93 27.19
N SER D 64 24.24 -17.53 27.54
CA SER D 64 24.28 -18.72 28.38
C SER D 64 23.83 -18.53 29.84
N GLU D 65 24.04 -17.33 30.37
CA GLU D 65 23.68 -17.02 31.76
C GLU D 65 22.17 -16.80 31.98
N GLY D 66 21.47 -16.49 30.90
CA GLY D 66 20.03 -16.26 30.91
C GLY D 66 19.15 -17.45 31.23
N VAL D 67 19.67 -18.65 30.99
CA VAL D 67 18.95 -19.90 31.33
C VAL D 67 18.82 -20.05 32.85
N ASP D 68 19.91 -19.75 33.55
CA ASP D 68 19.96 -19.73 35.02
C ASP D 68 18.92 -18.79 35.61
N ALA D 69 18.87 -17.58 35.06
CA ALA D 69 17.98 -16.51 35.52
C ALA D 69 16.52 -16.90 35.40
N PHE D 70 16.17 -17.52 34.28
CA PHE D 70 14.81 -18.01 34.04
C PHE D 70 14.47 -19.16 34.98
N ALA D 71 15.36 -20.14 35.10
CA ALA D 71 15.17 -21.28 35.97
C ALA D 71 15.01 -20.88 37.43
N ARG D 72 15.74 -19.85 37.84
CA ARG D 72 15.61 -19.30 39.20
C ARG D 72 14.20 -18.75 39.47
N LEU D 73 13.58 -18.16 38.45
CA LEU D 73 12.21 -17.67 38.57
C LEU D 73 11.17 -18.78 38.43
N ALA D 74 11.34 -19.62 37.41
CA ALA D 74 10.28 -20.51 36.93
C ALA D 74 10.25 -21.92 37.52
N ALA D 75 11.42 -22.49 37.79
CA ALA D 75 11.50 -23.86 38.31
C ALA D 75 10.73 -24.17 39.62
N PRO D 76 10.68 -23.22 40.59
CA PRO D 76 9.74 -23.43 41.70
C PRO D 76 8.26 -23.56 41.27
N GLN D 77 7.87 -22.82 40.24
CA GLN D 77 6.50 -22.80 39.73
C GLN D 77 6.15 -24.00 38.84
N LEU D 78 7.17 -24.71 38.37
CA LEU D 78 6.97 -25.82 37.43
C LEU D 78 6.84 -27.17 38.12
N LEU D 79 7.25 -27.21 39.38
CA LEU D 79 7.16 -28.41 40.20
C LEU D 79 5.70 -28.77 40.44
N GLY D 80 5.40 -30.06 40.33
CA GLY D 80 4.04 -30.57 40.52
C GLY D 80 3.20 -30.63 39.26
N GLN D 81 3.68 -29.96 38.20
CA GLN D 81 2.94 -29.89 36.96
C GLN D 81 3.16 -31.14 36.12
N ASP D 82 2.32 -31.32 35.11
CA ASP D 82 2.35 -32.50 34.24
C ASP D 82 3.13 -32.13 32.99
N PRO D 83 4.39 -32.65 32.89
CA PRO D 83 5.33 -32.32 31.80
C PRO D 83 4.97 -32.93 30.44
N ARG D 84 3.99 -33.85 30.42
CA ARG D 84 3.55 -34.49 29.17
C ARG D 84 2.75 -33.50 28.34
N GLN D 85 2.07 -32.59 29.03
CA GLN D 85 1.22 -31.59 28.38
C GLN D 85 2.05 -30.38 27.93
N VAL D 86 2.78 -30.58 26.83
CA VAL D 86 3.78 -29.62 26.35
C VAL D 86 3.25 -28.21 26.08
N ALA D 87 2.02 -28.11 25.58
CA ALA D 87 1.40 -26.82 25.28
C ALA D 87 0.91 -26.12 26.54
N ARG D 88 0.59 -26.90 27.56
CA ARG D 88 0.24 -26.35 28.87
C ARG D 88 1.50 -25.77 29.54
N MET D 89 2.62 -26.48 29.39
CA MET D 89 3.89 -26.06 29.95
C MET D 89 4.41 -24.81 29.23
N GLU D 90 4.31 -24.82 27.91
CA GLU D 90 4.64 -23.65 27.08
C GLU D 90 3.89 -22.38 27.50
N ARG D 91 2.58 -22.50 27.65
CA ARG D 91 1.67 -21.40 28.04
CA ARG D 91 1.74 -21.35 28.01
C ARG D 91 1.98 -20.91 29.45
N LEU D 92 2.33 -21.86 30.33
CA LEU D 92 2.70 -21.55 31.71
C LEU D 92 4.03 -20.80 31.76
N MET D 93 5.04 -21.29 31.03
CA MET D 93 6.33 -20.60 30.97
C MET D 93 6.17 -19.18 30.40
N ASP D 94 5.40 -19.05 29.31
CA ASP D 94 5.08 -17.75 28.71
C ASP D 94 4.27 -16.84 29.67
N HIS D 95 3.53 -17.45 30.58
CA HIS D 95 2.84 -16.68 31.60
C HIS D 95 3.77 -16.18 32.71
N LEU D 96 4.79 -16.97 33.04
CA LEU D 96 5.71 -16.58 34.13
C LEU D 96 6.66 -15.47 33.67
N VAL D 97 7.20 -15.61 32.47
CA VAL D 97 7.96 -14.52 31.84
C VAL D 97 7.60 -14.36 30.36
N GLN D 98 7.75 -13.13 29.86
CA GLN D 98 7.67 -12.86 28.43
C GLN D 98 9.04 -12.90 27.77
N GLY D 99 9.08 -13.35 26.52
CA GLY D 99 10.33 -13.46 25.79
C GLY D 99 11.20 -14.53 26.41
N HIS D 100 12.52 -14.36 26.30
CA HIS D 100 13.54 -15.26 26.85
C HIS D 100 13.34 -16.70 26.40
N GLY D 101 13.07 -16.83 25.10
CA GLY D 101 12.69 -18.11 24.51
C GLY D 101 13.79 -19.14 24.55
N TYR D 102 15.02 -18.68 24.35
CA TYR D 102 16.22 -19.53 24.44
C TYR D 102 16.36 -20.21 25.80
N ALA D 103 15.91 -19.51 26.84
CA ALA D 103 15.97 -19.98 28.23
C ALA D 103 14.87 -20.97 28.53
N LYS D 104 13.73 -20.82 27.86
CA LYS D 104 12.61 -21.76 27.98
C LYS D 104 12.83 -23.00 27.15
N ALA D 105 13.63 -22.88 26.09
CA ALA D 105 13.96 -23.97 25.16
C ALA D 105 14.50 -25.31 25.73
N PRO D 106 15.43 -25.29 26.71
CA PRO D 106 15.82 -26.58 27.28
C PRO D 106 14.73 -27.27 28.11
N PHE D 107 13.85 -26.49 28.72
CA PHE D 107 12.74 -27.04 29.49
C PHE D 107 11.75 -27.73 28.55
N ASP D 108 11.41 -27.04 27.47
CA ASP D 108 10.52 -27.51 26.42
C ASP D 108 10.98 -28.83 25.79
N ALA D 109 12.29 -28.96 25.54
CA ALA D 109 12.89 -30.20 25.03
C ALA D 109 12.82 -31.36 26.04
N ALA D 110 12.94 -31.05 27.32
CA ALA D 110 12.78 -32.05 28.38
C ALA D 110 11.35 -32.58 28.46
N PHE D 111 10.39 -31.68 28.24
CA PHE D 111 8.95 -32.00 28.27
C PHE D 111 8.53 -32.90 27.08
N TRP D 112 9.08 -32.63 25.90
CA TRP D 112 8.87 -33.47 24.72
C TRP D 112 9.46 -34.86 24.91
N ASP D 113 10.62 -34.90 25.54
CA ASP D 113 11.35 -36.13 25.85
C ASP D 113 10.50 -37.04 26.74
N ILE D 114 9.97 -36.45 27.82
CA ILE D 114 9.09 -37.12 28.77
C ILE D 114 7.80 -37.63 28.11
N LEU D 115 7.21 -36.81 27.24
CA LEU D 115 6.02 -37.19 26.47
C LEU D 115 6.33 -38.40 25.58
N GLY D 116 7.47 -38.35 24.89
CA GLY D 116 7.93 -39.48 24.09
C GLY D 116 7.98 -40.77 24.87
N GLN D 117 8.67 -40.73 26.00
CA GLN D 117 8.85 -41.85 26.92
C GLN D 117 7.53 -42.37 27.47
N ALA D 118 6.64 -41.44 27.81
CA ALA D 118 5.31 -41.75 28.34
C ALA D 118 4.41 -42.44 27.31
N THR D 119 4.70 -42.20 26.03
CA THR D 119 3.90 -42.73 24.93
C THR D 119 4.58 -43.89 24.21
N GLY D 120 5.84 -44.16 24.58
CA GLY D 120 6.66 -45.18 23.92
C GLY D 120 7.03 -44.87 22.48
N GLN D 121 7.17 -43.58 22.17
CA GLN D 121 7.42 -43.12 20.80
C GLN D 121 8.56 -42.11 20.72
N PRO D 122 9.37 -42.16 19.64
CA PRO D 122 10.37 -41.14 19.40
C PRO D 122 9.72 -39.79 19.15
N VAL D 123 10.41 -38.72 19.50
CA VAL D 123 9.83 -37.38 19.43
C VAL D 123 9.33 -37.02 18.02
N TRP D 124 10.01 -37.50 16.97
CA TRP D 124 9.57 -37.30 15.57
C TRP D 124 8.16 -37.81 15.27
N MET D 125 7.76 -38.92 15.91
CA MET D 125 6.40 -39.48 15.75
C MET D 125 5.38 -38.48 16.26
N LEU D 126 5.67 -37.91 17.42
CA LEU D 126 4.82 -36.90 18.06
C LEU D 126 4.81 -35.56 17.35
N LEU D 127 5.82 -35.32 16.50
CA LEU D 127 5.87 -34.13 15.67
C LEU D 127 5.25 -34.37 14.28
N GLY D 128 4.70 -35.56 14.06
CA GLY D 128 3.91 -35.82 12.85
C GLY D 128 4.27 -37.07 12.06
N GLY D 129 5.48 -37.59 12.27
CA GLY D 129 5.97 -38.75 11.53
C GLY D 129 7.35 -38.57 10.93
N LYS D 130 7.88 -39.62 10.31
CA LYS D 130 9.19 -39.56 9.67
C LYS D 130 9.00 -39.12 8.23
N LEU D 131 9.12 -37.80 8.04
CA LEU D 131 8.80 -37.17 6.77
C LEU D 131 10.06 -36.98 5.95
N CYS D 132 11.20 -37.14 6.62
CA CYS D 132 12.49 -37.17 5.98
C CYS D 132 13.33 -38.24 6.68
N ASP D 133 13.60 -39.32 5.97
CA ASP D 133 14.50 -40.33 6.51
C ASP D 133 15.92 -39.93 6.12
N GLY D 134 16.60 -39.26 7.04
CA GLY D 134 17.94 -38.73 6.81
C GLY D 134 17.94 -37.34 6.22
N ALA D 135 18.28 -36.37 7.06
CA ALA D 135 18.35 -34.99 6.67
C ALA D 135 19.66 -34.71 5.95
N PRO D 136 19.63 -33.96 4.83
CA PRO D 136 20.89 -33.66 4.16
C PRO D 136 21.75 -32.77 5.05
N MET D 137 23.07 -32.83 4.87
CA MET D 137 23.98 -32.07 5.71
C MET D 137 24.93 -31.23 4.85
N TYR D 138 25.63 -30.30 5.49
CA TYR D 138 26.58 -29.47 4.79
C TYR D 138 27.97 -29.61 5.42
N ARG D 139 29.00 -29.20 4.69
CA ARG D 139 30.34 -29.08 5.29
C ARG D 139 30.82 -27.62 5.34
N VAL D 140 31.67 -27.32 6.29
CA VAL D 140 31.88 -25.96 6.70
C VAL D 140 33.03 -25.32 6.05
N ALA D 141 33.32 -25.67 4.81
CA ALA D 141 34.70 -25.77 4.39
C ALA D 141 34.96 -25.01 3.13
N PRO D 142 36.23 -24.84 2.77
CA PRO D 142 37.29 -24.58 3.73
C PRO D 142 38.38 -23.66 3.19
N GLN D 143 39.38 -23.39 4.00
CA GLN D 143 40.21 -22.21 3.81
C GLN D 143 41.70 -22.52 3.67
N ARG D 144 42.11 -22.73 2.45
CA ARG D 144 43.48 -23.13 2.07
C ARG D 144 43.79 -22.87 0.59
N SER D 145 44.80 -23.55 0.07
CA SER D 145 45.17 -23.54 -1.35
C SER D 145 44.10 -24.18 -2.23
N GLU D 146 44.17 -23.94 -3.54
CA GLU D 146 43.25 -24.53 -4.52
C GLU D 146 43.29 -26.06 -4.55
N ALA D 147 44.50 -26.62 -4.56
CA ALA D 147 44.69 -28.08 -4.58
C ALA D 147 44.26 -28.74 -3.27
N GLU D 148 44.45 -28.03 -2.16
CA GLU D 148 44.04 -28.52 -0.82
C GLU D 148 42.55 -28.37 -0.60
N THR D 149 41.96 -27.37 -1.26
CA THR D 149 40.51 -27.19 -1.26
C THR D 149 39.84 -28.29 -2.09
N ARG D 150 40.34 -28.50 -3.31
CA ARG D 150 39.87 -29.56 -4.21
C ARG D 150 39.93 -30.95 -3.58
N ALA D 151 41.01 -31.23 -2.84
CA ALA D 151 41.22 -32.52 -2.17
C ALA D 151 40.22 -32.73 -1.03
N GLU D 152 40.04 -31.71 -0.19
CA GLU D 152 39.16 -31.79 0.96
C GLU D 152 37.68 -31.83 0.56
N LEU D 153 37.36 -31.15 -0.54
CA LEU D 153 35.99 -31.17 -1.07
C LEU D 153 35.65 -32.49 -1.75
N ALA D 154 36.64 -33.14 -2.36
CA ALA D 154 36.46 -34.46 -2.97
C ALA D 154 36.24 -35.57 -1.92
N ARG D 155 36.88 -35.42 -0.76
CA ARG D 155 36.67 -36.32 0.37
C ARG D 155 35.29 -36.14 0.97
N HIS D 156 34.82 -34.90 1.04
CA HIS D 156 33.47 -34.61 1.51
C HIS D 156 32.42 -35.12 0.52
N ARG D 157 32.69 -34.91 -0.76
CA ARG D 157 31.87 -35.42 -1.87
C ARG D 157 31.74 -36.95 -1.81
N ALA D 158 32.85 -37.63 -1.56
CA ALA D 158 32.85 -39.09 -1.36
C ALA D 158 32.15 -39.50 -0.06
N ALA D 159 32.21 -38.64 0.96
CA ALA D 159 31.51 -38.89 2.24
C ALA D 159 30.00 -38.68 2.15
N GLY D 160 29.55 -38.10 1.04
CA GLY D 160 28.12 -37.91 0.79
C GLY D 160 27.64 -36.47 0.87
N TYR D 161 28.56 -35.52 0.94
CA TYR D 161 28.20 -34.10 1.09
C TYR D 161 28.11 -33.38 -0.25
N ARG D 162 27.04 -32.59 -0.40
CA ARG D 162 26.77 -31.89 -1.63
C ARG D 162 26.36 -30.44 -1.32
N GLN D 163 26.50 -30.06 -0.05
CA GLN D 163 26.21 -28.70 0.39
C GLN D 163 27.40 -28.14 1.18
N PHE D 164 27.79 -26.89 0.89
CA PHE D 164 28.99 -26.29 1.49
C PHE D 164 28.77 -24.87 1.99
N GLN D 165 29.17 -24.62 3.23
CA GLN D 165 29.03 -23.28 3.82
C GLN D 165 30.32 -22.46 3.79
N ILE D 166 30.24 -21.29 3.18
CA ILE D 166 31.37 -20.39 3.10
C ILE D 166 31.22 -19.35 4.20
N LYS D 167 32.08 -19.46 5.22
CA LYS D 167 32.17 -18.51 6.33
C LYS D 167 32.70 -17.16 5.84
N VAL D 168 31.83 -16.17 5.82
CA VAL D 168 32.17 -14.81 5.37
C VAL D 168 31.60 -13.79 6.38
N GLY D 169 31.74 -12.51 6.10
CA GLY D 169 31.08 -11.48 6.89
C GLY D 169 31.99 -10.52 7.64
N ALA D 170 33.29 -10.80 7.66
CA ALA D 170 34.25 -9.96 8.39
C ALA D 170 34.85 -8.85 7.53
N ASP D 171 34.77 -9.01 6.22
CA ASP D 171 35.39 -8.10 5.26
C ASP D 171 34.85 -8.39 3.87
N TRP D 172 33.85 -7.62 3.47
CA TRP D 172 33.14 -7.76 2.17
C TRP D 172 34.06 -7.95 0.95
N GLN D 173 35.21 -7.29 0.99
CA GLN D 173 36.13 -7.18 -0.15
C GLN D 173 36.89 -8.48 -0.43
N SER D 174 37.39 -9.11 0.63
CA SER D 174 38.08 -10.37 0.51
C SER D 174 37.08 -11.53 0.58
N ASP D 175 35.86 -11.24 1.05
CA ASP D 175 34.75 -12.19 0.99
C ASP D 175 34.30 -12.43 -0.45
N ILE D 176 34.39 -11.40 -1.29
CA ILE D 176 34.09 -11.49 -2.71
C ILE D 176 35.02 -12.53 -3.32
N ASP D 177 36.31 -12.40 -3.02
CA ASP D 177 37.34 -13.31 -3.51
C ASP D 177 37.15 -14.76 -2.99
N ARG D 178 36.83 -14.88 -1.70
CA ARG D 178 36.50 -16.15 -1.08
CA ARG D 178 36.52 -16.16 -1.08
C ARG D 178 35.43 -16.91 -1.88
N ILE D 179 34.33 -16.21 -2.19
CA ILE D 179 33.21 -16.75 -3.00
C ILE D 179 33.66 -17.13 -4.41
N ARG D 180 34.36 -16.22 -5.10
CA ARG D 180 34.86 -16.45 -6.46
CA ARG D 180 34.86 -16.45 -6.46
C ARG D 180 35.84 -17.61 -6.57
N ALA D 181 36.57 -17.87 -5.48
CA ALA D 181 37.55 -18.96 -5.44
C ALA D 181 36.87 -20.31 -5.30
N CYS D 182 35.83 -20.35 -4.48
CA CYS D 182 35.20 -21.60 -4.09
C CYS D 182 34.27 -22.18 -5.15
N LEU D 183 33.41 -21.34 -5.74
CA LEU D 183 32.40 -21.80 -6.70
C LEU D 183 32.88 -22.65 -7.89
N PRO D 184 33.99 -22.27 -8.57
CA PRO D 184 34.42 -23.10 -9.71
C PRO D 184 35.01 -24.46 -9.29
N LEU D 185 35.12 -24.69 -7.99
CA LEU D 185 35.65 -25.94 -7.44
C LEU D 185 34.50 -26.84 -7.03
N LEU D 186 33.28 -26.31 -7.10
CA LEU D 186 32.09 -27.09 -6.87
C LEU D 186 31.56 -27.69 -8.17
N GLU D 187 30.83 -28.79 -8.04
CA GLU D 187 30.26 -29.51 -9.17
C GLU D 187 28.82 -29.02 -9.41
N PRO D 188 28.25 -29.26 -10.63
N PRO D 188 28.23 -29.28 -10.62
CA PRO D 188 26.85 -28.92 -10.89
CA PRO D 188 26.90 -28.84 -11.04
C PRO D 188 25.88 -29.64 -9.95
C PRO D 188 25.83 -28.60 -9.96
N GLY D 189 24.96 -28.88 -9.38
N GLY D 189 25.27 -29.66 -9.38
CA GLY D 189 24.00 -29.43 -8.43
CA GLY D 189 24.12 -29.53 -8.49
C GLY D 189 24.33 -29.13 -6.99
C GLY D 189 24.39 -29.30 -7.01
N GLU D 190 25.60 -28.89 -6.69
CA GLU D 190 26.03 -28.60 -5.33
C GLU D 190 25.60 -27.20 -4.87
N LYS D 191 25.19 -27.11 -3.62
CA LYS D 191 24.78 -25.84 -3.03
C LYS D 191 25.96 -25.20 -2.32
N ALA D 192 26.15 -23.90 -2.50
CA ALA D 192 27.09 -23.15 -1.67
C ALA D 192 26.35 -22.01 -1.00
N MET D 193 26.46 -21.93 0.33
CA MET D 193 25.90 -20.82 1.09
C MET D 193 26.97 -19.90 1.64
N ALA D 194 26.91 -18.63 1.26
CA ALA D 194 27.78 -17.61 1.81
C ALA D 194 27.09 -16.99 3.03
N ASP D 195 27.48 -17.47 4.21
CA ASP D 195 26.87 -17.03 5.45
C ASP D 195 27.73 -15.94 6.05
N ALA D 196 27.23 -14.71 5.97
CA ALA D 196 27.88 -13.55 6.53
C ALA D 196 27.63 -13.40 8.03
N ASN D 197 26.70 -14.20 8.56
CA ASN D 197 26.33 -14.15 9.98
C ASN D 197 26.10 -12.73 10.50
N GLN D 198 25.27 -11.99 9.75
CA GLN D 198 24.85 -10.62 10.09
C GLN D 198 25.94 -9.56 9.93
N GLY D 199 27.02 -9.92 9.26
CA GLY D 199 28.28 -9.16 9.37
C GLY D 199 28.48 -7.92 8.52
N TRP D 200 27.85 -7.87 7.34
CA TRP D 200 28.06 -6.74 6.43
C TRP D 200 27.18 -5.54 6.74
N ARG D 201 27.75 -4.36 6.52
CA ARG D 201 27.01 -3.12 6.51
C ARG D 201 26.30 -3.15 5.16
N VAL D 202 25.11 -2.53 5.10
CA VAL D 202 24.20 -2.68 3.95
C VAL D 202 24.79 -2.30 2.58
N ASP D 203 25.59 -1.23 2.52
CA ASP D 203 26.23 -0.78 1.27
C ASP D 203 27.30 -1.77 0.78
N ASN D 204 28.02 -2.36 1.73
CA ASN D 204 29.09 -3.29 1.45
C ASN D 204 28.54 -4.64 1.00
N ALA D 205 27.41 -5.03 1.58
CA ALA D 205 26.71 -6.25 1.16
C ALA D 205 26.22 -6.13 -0.27
N ILE D 206 25.75 -4.93 -0.63
CA ILE D 206 25.34 -4.60 -2.00
C ILE D 206 26.51 -4.68 -2.99
N ARG D 207 27.66 -4.12 -2.60
CA ARG D 207 28.88 -4.22 -3.41
C ARG D 207 29.25 -5.68 -3.73
N LEU D 208 29.21 -6.52 -2.69
CA LEU D 208 29.47 -7.96 -2.81
C LEU D 208 28.46 -8.64 -3.74
N ALA D 209 27.19 -8.31 -3.59
CA ALA D 209 26.14 -8.87 -4.42
C ALA D 209 26.34 -8.51 -5.90
N ARG D 210 26.72 -7.25 -6.14
CA ARG D 210 26.96 -6.74 -7.48
C ARG D 210 28.19 -7.38 -8.13
N ALA D 211 29.24 -7.59 -7.34
CA ALA D 211 30.49 -8.15 -7.89
C ALA D 211 30.40 -9.65 -8.08
N THR D 212 29.38 -10.28 -7.47
CA THR D 212 29.17 -11.72 -7.60
C THR D 212 27.83 -12.09 -8.28
N ARG D 213 27.26 -11.17 -9.06
CA ARG D 213 25.97 -11.39 -9.73
C ARG D 213 25.97 -12.48 -10.81
N ASP D 214 27.15 -12.86 -11.28
CA ASP D 214 27.29 -13.89 -12.30
C ASP D 214 27.37 -15.29 -11.70
N LEU D 215 27.08 -15.40 -10.40
CA LEU D 215 27.40 -16.61 -9.66
C LEU D 215 26.18 -17.28 -9.02
N ASP D 216 26.21 -18.60 -8.96
CA ASP D 216 25.16 -19.42 -8.35
C ASP D 216 25.58 -19.85 -6.97
N TYR D 217 25.08 -19.14 -5.95
CA TYR D 217 25.28 -19.52 -4.57
C TYR D 217 24.11 -18.95 -3.81
N ILE D 218 23.98 -19.35 -2.55
CA ILE D 218 22.96 -18.86 -1.64
C ILE D 218 23.57 -17.73 -0.81
N LEU D 219 22.95 -16.55 -0.86
CA LEU D 219 23.36 -15.42 -0.05
C LEU D 219 22.66 -15.50 1.32
N GLU D 220 23.44 -15.71 2.38
CA GLU D 220 22.84 -15.99 3.68
C GLU D 220 23.07 -14.90 4.73
N GLN D 221 21.95 -14.43 5.30
CA GLN D 221 21.90 -13.42 6.35
C GLN D 221 23.00 -12.38 6.22
N PRO D 222 23.01 -11.60 5.11
CA PRO D 222 24.14 -10.71 4.86
C PRO D 222 24.27 -9.57 5.86
N CYS D 223 23.14 -9.21 6.47
CA CYS D 223 23.07 -8.10 7.42
C CYS D 223 22.30 -8.51 8.67
N ARG D 224 22.37 -7.69 9.71
CA ARG D 224 21.71 -7.99 10.98
C ARG D 224 20.19 -8.03 10.81
N SER D 225 19.59 -6.89 10.49
CA SER D 225 18.14 -6.80 10.49
C SER D 225 17.52 -7.30 9.19
N TYR D 226 16.25 -7.66 9.27
CA TYR D 226 15.44 -8.04 8.10
C TYR D 226 15.39 -6.91 7.07
N GLU D 227 15.14 -5.69 7.52
CA GLU D 227 15.02 -4.55 6.61
C GLU D 227 16.29 -4.39 5.79
N GLU D 228 17.42 -4.46 6.45
CA GLU D 228 18.73 -4.45 5.77
C GLU D 228 18.86 -5.53 4.73
N CYS D 229 18.52 -6.76 5.09
CA CYS D 229 18.56 -7.87 4.13
C CYS D 229 17.65 -7.63 2.92
N GLN D 230 16.48 -7.04 3.16
CA GLN D 230 15.56 -6.66 2.08
C GLN D 230 16.16 -5.58 1.19
N GLN D 231 16.89 -4.64 1.80
CA GLN D 231 17.60 -3.61 1.02
C GLN D 231 18.70 -4.21 0.14
N VAL D 232 19.33 -5.28 0.61
CA VAL D 232 20.31 -6.03 -0.21
C VAL D 232 19.61 -6.80 -1.33
N ARG D 233 18.45 -7.36 -1.00
CA ARG D 233 17.60 -8.14 -1.90
C ARG D 233 17.09 -7.34 -3.12
N ARG D 234 17.04 -6.01 -2.97
CA ARG D 234 16.63 -5.11 -4.05
C ARG D 234 17.59 -5.21 -5.25
N VAL D 235 18.85 -5.51 -4.93
CA VAL D 235 19.92 -5.61 -5.93
C VAL D 235 20.35 -7.06 -6.22
N ALA D 236 20.33 -7.90 -5.19
CA ALA D 236 20.80 -9.28 -5.25
C ALA D 236 19.75 -10.25 -5.76
N ASP D 237 20.05 -10.93 -6.86
CA ASP D 237 19.12 -11.92 -7.42
C ASP D 237 19.34 -13.31 -6.84
N GLN D 238 20.48 -13.51 -6.18
CA GLN D 238 20.85 -14.83 -5.62
C GLN D 238 19.77 -15.31 -4.66
N PRO D 239 19.56 -16.63 -4.54
CA PRO D 239 18.64 -17.07 -3.46
C PRO D 239 19.11 -16.55 -2.11
N MET D 240 18.19 -15.97 -1.35
CA MET D 240 18.49 -15.42 -0.02
C MET D 240 18.00 -16.31 1.09
N LYS D 241 18.88 -16.60 2.04
CA LYS D 241 18.56 -17.39 3.21
C LYS D 241 18.53 -16.46 4.42
N LEU D 242 17.43 -16.48 5.14
CA LEU D 242 17.33 -15.72 6.37
C LEU D 242 17.49 -16.67 7.55
N ASP D 243 18.22 -16.23 8.56
CA ASP D 243 18.57 -17.12 9.67
C ASP D 243 18.28 -16.46 11.01
N GLU D 244 19.23 -15.65 11.50
CA GLU D 244 19.16 -15.15 12.86
C GLU D 244 18.04 -14.15 13.08
N CYS D 245 17.50 -13.59 12.01
CA CYS D 245 16.37 -12.67 12.14
C CYS D 245 15.03 -13.42 12.21
N VAL D 246 15.05 -14.72 11.89
CA VAL D 246 13.86 -15.56 12.00
C VAL D 246 13.66 -16.00 13.46
N THR D 247 13.02 -15.11 14.23
CA THR D 247 12.89 -15.29 15.69
C THR D 247 11.56 -15.87 16.13
N GLY D 248 10.64 -16.07 15.19
CA GLY D 248 9.31 -16.53 15.56
C GLY D 248 8.30 -16.43 14.46
N LEU D 249 7.05 -16.71 14.82
CA LEU D 249 5.94 -16.74 13.88
C LEU D 249 5.67 -15.38 13.22
N HIS D 250 5.73 -14.33 14.05
N HIS D 250 5.76 -14.29 13.99
CA HIS D 250 5.55 -12.94 13.62
CA HIS D 250 5.44 -12.98 13.43
C HIS D 250 6.43 -12.62 12.41
C HIS D 250 6.46 -12.48 12.42
N MET D 251 7.73 -12.88 12.57
CA MET D 251 8.72 -12.64 11.53
C MET D 251 8.49 -13.58 10.35
N ALA D 252 8.18 -14.85 10.65
CA ALA D 252 7.82 -15.84 9.62
C ALA D 252 6.71 -15.32 8.70
N GLN D 253 5.69 -14.72 9.31
CA GLN D 253 4.52 -14.19 8.62
C GLN D 253 4.84 -13.03 7.70
N ARG D 254 5.80 -12.20 8.08
CA ARG D 254 6.17 -11.08 7.22
C ARG D 254 7.17 -11.46 6.13
N ILE D 255 7.95 -12.52 6.39
CA ILE D 255 8.81 -13.09 5.35
C ILE D 255 7.91 -13.65 4.25
N VAL D 256 6.87 -14.38 4.65
CA VAL D 256 5.88 -14.93 3.72
C VAL D 256 5.13 -13.83 2.96
N ALA D 257 4.64 -12.81 3.65
CA ALA D 257 3.89 -11.72 3.00
C ALA D 257 4.70 -10.97 1.94
N ASP D 258 5.99 -10.75 2.20
CA ASP D 258 6.87 -10.06 1.25
C ASP D 258 7.50 -11.00 0.22
N ARG D 259 7.25 -12.31 0.40
CA ARG D 259 8.05 -13.35 -0.24
CA ARG D 259 8.05 -13.37 -0.22
C ARG D 259 9.53 -12.96 -0.15
N GLY D 260 9.98 -12.76 1.09
CA GLY D 260 11.26 -12.14 1.43
C GLY D 260 12.53 -12.97 1.45
N ALA D 261 12.41 -14.28 1.25
CA ALA D 261 13.57 -15.17 1.20
C ALA D 261 13.24 -16.41 0.41
N GLU D 262 14.30 -17.10 -0.03
CA GLU D 262 14.18 -18.38 -0.71
C GLU D 262 14.33 -19.54 0.27
N ILE D 263 14.97 -19.29 1.41
CA ILE D 263 15.16 -20.29 2.49
C ILE D 263 15.03 -19.59 3.83
N CYS D 264 14.31 -20.21 4.77
CA CYS D 264 14.30 -19.74 6.15
C CYS D 264 14.97 -20.74 7.06
N CYS D 265 15.99 -20.29 7.75
CA CYS D 265 16.73 -21.12 8.67
C CYS D 265 16.12 -21.06 10.06
N LEU D 266 15.86 -22.24 10.62
CA LEU D 266 15.13 -22.36 11.88
C LEU D 266 16.02 -22.98 12.98
N LYS D 267 16.53 -22.12 13.85
CA LYS D 267 17.26 -22.52 15.02
C LYS D 267 16.28 -22.63 16.17
N ILE D 268 16.20 -23.84 16.73
CA ILE D 268 15.20 -24.20 17.77
C ILE D 268 15.18 -23.23 18.94
N SER D 269 16.36 -22.93 19.47
CA SER D 269 16.49 -22.04 20.61
C SER D 269 16.21 -20.58 20.26
N ASN D 270 16.49 -20.20 19.01
CA ASN D 270 16.16 -18.86 18.52
C ASN D 270 14.66 -18.65 18.39
N LEU D 271 13.94 -19.75 18.14
CA LEU D 271 12.48 -19.72 18.00
C LEU D 271 11.76 -19.92 19.33
N GLY D 272 12.51 -20.25 20.37
CA GLY D 272 11.97 -20.33 21.71
C GLY D 272 11.59 -21.72 22.18
N GLY D 273 12.19 -22.72 21.55
CA GLY D 273 11.93 -24.12 21.92
C GLY D 273 11.37 -24.96 20.78
N LEU D 274 11.44 -26.28 20.92
CA LEU D 274 10.86 -27.23 19.95
C LEU D 274 9.36 -27.04 19.65
N SER D 275 8.57 -26.62 20.63
CA SER D 275 7.14 -26.36 20.44
C SER D 275 6.86 -25.19 19.48
N LYS D 276 7.55 -24.07 19.67
CA LYS D 276 7.38 -22.92 18.79
C LYS D 276 8.08 -23.13 17.44
N ALA D 277 9.22 -23.82 17.46
CA ALA D 277 9.98 -24.14 16.24
C ALA D 277 9.18 -25.00 15.26
N ARG D 278 8.52 -26.00 15.81
CA ARG D 278 7.62 -26.84 15.09
CA ARG D 278 7.61 -26.89 15.06
C ARG D 278 6.52 -26.05 14.40
N ARG D 279 5.92 -25.15 15.12
CA ARG D 279 4.80 -24.35 14.63
C ARG D 279 5.21 -23.37 13.55
N THR D 280 6.43 -22.85 13.63
CA THR D 280 6.96 -21.95 12.61
C THR D 280 7.35 -22.74 11.34
N ARG D 281 7.95 -23.89 11.51
CA ARG D 281 8.19 -24.88 10.47
C ARG D 281 6.97 -25.17 9.61
N ASP D 282 5.93 -25.55 10.29
CA ASP D 282 4.65 -26.01 9.75
C ASP D 282 3.97 -24.89 8.97
N PHE D 283 4.06 -23.68 9.51
CA PHE D 283 3.55 -22.49 8.86
C PHE D 283 4.31 -22.21 7.56
N LEU D 284 5.63 -22.27 7.63
CA LEU D 284 6.48 -22.02 6.46
C LEU D 284 6.32 -23.09 5.39
N ILE D 285 6.18 -24.35 5.78
CA ILE D 285 5.95 -25.46 4.83
C ILE D 285 4.59 -25.36 4.14
N ASP D 286 3.52 -25.04 4.87
CA ASP D 286 2.20 -24.80 4.27
C ASP D 286 2.17 -23.58 3.36
N ASN D 287 3.17 -22.71 3.52
CA ASN D 287 3.37 -21.58 2.61
C ASN D 287 4.47 -21.85 1.58
N ARG D 288 4.90 -23.11 1.53
CA ARG D 288 5.86 -23.61 0.56
C ARG D 288 7.19 -22.87 0.55
N MET D 289 7.66 -22.59 1.76
CA MET D 289 8.97 -21.98 1.98
C MET D 289 9.92 -23.09 2.42
N PRO D 290 11.00 -23.30 1.64
CA PRO D 290 12.11 -24.20 1.97
C PRO D 290 12.75 -23.83 3.29
N VAL D 291 13.04 -24.82 4.12
CA VAL D 291 13.55 -24.55 5.48
C VAL D 291 14.82 -25.34 5.84
N VAL D 292 15.56 -24.80 6.81
CA VAL D 292 16.67 -25.48 7.43
C VAL D 292 16.29 -25.70 8.90
N ALA D 293 16.43 -26.94 9.36
CA ALA D 293 16.10 -27.33 10.74
C ALA D 293 17.38 -27.51 11.54
N GLU D 294 17.64 -26.62 12.49
CA GLU D 294 18.86 -26.71 13.28
C GLU D 294 18.76 -26.03 14.64
N ASP D 295 19.92 -25.72 15.21
CA ASP D 295 20.04 -24.92 16.42
C ASP D 295 21.38 -24.18 16.37
N SER D 296 21.60 -23.34 17.38
CA SER D 296 22.76 -22.44 17.45
C SER D 296 24.08 -23.19 17.54
N TRP D 297 24.12 -24.15 18.47
CA TRP D 297 25.30 -24.92 18.83
C TRP D 297 24.86 -25.94 19.86
N GLY D 298 25.73 -26.91 20.17
CA GLY D 298 25.52 -27.75 21.33
C GLY D 298 25.96 -29.19 21.24
N GLY D 299 25.80 -29.92 22.34
CA GLY D 299 26.13 -31.34 22.39
C GLY D 299 24.98 -32.25 21.97
N GLU D 300 24.98 -33.46 22.50
CA GLU D 300 24.04 -34.52 22.10
C GLU D 300 22.58 -34.23 22.42
N ILE D 301 22.33 -33.51 23.50
CA ILE D 301 20.96 -33.18 23.91
C ILE D 301 20.34 -32.13 22.99
N ALA D 302 21.08 -31.06 22.70
CA ALA D 302 20.69 -30.09 21.68
C ALA D 302 20.54 -30.75 20.32
N SER D 303 21.48 -31.62 19.97
CA SER D 303 21.48 -32.33 18.69
C SER D 303 20.34 -33.32 18.50
N ALA D 304 19.89 -33.96 19.58
CA ALA D 304 18.77 -34.90 19.54
C ALA D 304 17.46 -34.21 19.16
N ALA D 305 17.23 -33.02 19.71
CA ALA D 305 16.04 -32.25 19.38
C ALA D 305 16.09 -31.82 17.91
N VAL D 306 17.27 -31.43 17.44
CA VAL D 306 17.47 -30.96 16.06
C VAL D 306 17.12 -32.05 15.06
N ALA D 307 17.51 -33.27 15.38
CA ALA D 307 17.33 -34.42 14.52
C ALA D 307 15.88 -34.87 14.40
N HIS D 308 15.13 -34.79 15.49
CA HIS D 308 13.70 -35.09 15.46
C HIS D 308 12.94 -34.02 14.68
N PHE D 309 13.29 -32.76 14.94
CA PHE D 309 12.79 -31.58 14.21
C PHE D 309 13.03 -31.72 12.71
N ALA D 310 14.24 -32.16 12.34
CA ALA D 310 14.60 -32.40 10.93
C ALA D 310 13.82 -33.55 10.31
N ALA D 311 13.67 -34.64 11.07
CA ALA D 311 13.03 -35.86 10.59
C ALA D 311 11.53 -35.69 10.36
N SER D 312 10.92 -34.71 11.00
CA SER D 312 9.50 -34.46 10.82
C SER D 312 9.23 -33.29 9.88
N THR D 313 10.26 -32.90 9.13
CA THR D 313 10.14 -31.88 8.10
C THR D 313 10.07 -32.61 6.76
N PRO D 314 9.06 -32.30 5.93
CA PRO D 314 8.95 -32.79 4.57
C PRO D 314 10.26 -32.71 3.80
N GLU D 315 10.71 -33.87 3.29
CA GLU D 315 11.93 -33.98 2.49
C GLU D 315 11.97 -32.99 1.33
N GLU D 316 10.79 -32.75 0.76
CA GLU D 316 10.61 -31.83 -0.36
CA GLU D 316 10.61 -31.83 -0.36
C GLU D 316 11.14 -30.44 -0.05
N PHE D 317 10.89 -29.97 1.18
CA PHE D 317 11.26 -28.60 1.57
C PHE D 317 12.41 -28.49 2.57
N LEU D 318 12.90 -29.60 3.11
CA LEU D 318 14.04 -29.54 4.03
C LEU D 318 15.34 -29.37 3.25
N ILE D 319 15.97 -28.20 3.38
CA ILE D 319 17.23 -27.94 2.67
C ILE D 319 18.40 -28.71 3.28
N ASN D 320 18.58 -28.59 4.60
CA ASN D 320 19.60 -29.33 5.34
C ASN D 320 19.36 -29.32 6.85
N SER D 321 20.13 -30.14 7.56
CA SER D 321 20.29 -30.00 9.00
C SER D 321 21.78 -30.08 9.34
N THR D 322 22.11 -30.20 10.63
CA THR D 322 23.52 -30.17 11.06
C THR D 322 23.77 -31.05 12.28
N ASP D 323 24.97 -31.64 12.33
CA ASP D 323 25.37 -32.49 13.45
C ASP D 323 26.16 -31.71 14.52
N LEU D 324 25.43 -30.94 15.32
CA LEU D 324 26.07 -30.01 16.29
C LEU D 324 27.03 -30.66 17.29
N MET D 325 26.72 -31.90 17.68
CA MET D 325 27.52 -32.64 18.64
C MET D 325 28.93 -32.93 18.13
N ASN D 326 29.08 -33.02 16.81
CA ASN D 326 30.37 -33.38 16.19
C ASN D 326 31.34 -32.21 16.00
N TYR D 327 30.93 -31.03 16.45
CA TYR D 327 31.79 -29.84 16.41
C TYR D 327 32.56 -29.65 17.72
N ASN D 328 32.26 -30.48 18.71
CA ASN D 328 32.86 -30.34 20.04
C ASN D 328 33.71 -31.53 20.44
N THR D 329 34.67 -31.27 21.35
CA THR D 329 35.53 -32.31 21.93
C THR D 329 34.92 -32.92 23.20
N ARG D 330 33.82 -32.34 23.69
CA ARG D 330 33.16 -32.83 24.90
C ARG D 330 31.65 -33.02 24.70
N SER D 331 31.00 -33.65 25.67
CA SER D 331 29.62 -34.09 25.55
C SER D 331 28.68 -33.55 26.64
N THR D 332 27.42 -33.35 26.27
CA THR D 332 26.38 -33.03 27.26
C THR D 332 25.49 -34.23 27.52
N GLY D 333 25.49 -35.19 26.58
CA GLY D 333 24.60 -36.32 26.67
C GLY D 333 25.16 -37.63 26.17
N LEU D 334 24.56 -38.72 26.66
CA LEU D 334 24.81 -40.07 26.21
C LEU D 334 23.72 -40.45 25.21
N GLY D 335 24.13 -40.95 24.04
CA GLY D 335 23.19 -41.26 22.97
C GLY D 335 23.15 -40.19 21.89
N GLY D 336 21.93 -39.78 21.51
CA GLY D 336 21.74 -38.71 20.50
C GLY D 336 21.59 -39.22 19.08
N PRO D 337 21.63 -38.29 18.09
CA PRO D 337 21.49 -38.66 16.66
C PRO D 337 22.72 -39.36 16.08
N THR D 338 22.57 -39.90 14.87
CA THR D 338 23.69 -40.53 14.17
C THR D 338 23.88 -39.90 12.80
N VAL D 339 25.05 -40.10 12.21
CA VAL D 339 25.36 -39.57 10.89
C VAL D 339 25.66 -40.73 9.96
N HIS D 340 24.92 -40.82 8.85
CA HIS D 340 25.17 -41.87 7.87
C HIS D 340 25.15 -41.32 6.44
N GLN D 341 26.27 -41.51 5.74
CA GLN D 341 26.48 -41.07 4.36
C GLN D 341 26.05 -39.61 4.14
N GLY D 342 26.56 -38.74 4.99
CA GLY D 342 26.29 -37.31 4.93
C GLY D 342 24.88 -36.90 5.29
N ARG D 343 24.16 -37.78 5.99
CA ARG D 343 22.79 -37.49 6.41
C ARG D 343 22.63 -37.66 7.91
N LEU D 344 21.80 -36.81 8.51
CA LEU D 344 21.57 -36.83 9.94
C LEU D 344 20.30 -37.61 10.27
N TYR D 345 20.46 -38.65 11.08
CA TYR D 345 19.37 -39.54 11.42
C TYR D 345 18.98 -39.38 12.88
N ALA D 346 17.67 -39.23 13.12
CA ALA D 346 17.13 -39.19 14.48
C ALA D 346 17.10 -40.61 15.06
N SER D 347 16.87 -40.70 16.37
CA SER D 347 16.72 -41.98 17.05
CA SER D 347 16.71 -41.99 17.04
C SER D 347 15.28 -42.46 16.94
N ASP D 348 15.08 -43.78 17.01
CA ASP D 348 13.74 -44.35 16.87
C ASP D 348 13.18 -44.93 18.17
N THR D 349 14.00 -44.90 19.22
CA THR D 349 13.62 -45.32 20.57
C THR D 349 12.80 -44.18 21.23
N PRO D 350 11.98 -44.47 22.27
CA PRO D 350 11.11 -43.47 22.92
C PRO D 350 11.80 -42.20 23.43
N GLY D 351 11.14 -41.06 23.26
CA GLY D 351 11.68 -39.78 23.73
C GLY D 351 12.66 -39.14 22.77
N LEU D 352 13.59 -38.36 23.32
CA LEU D 352 14.65 -37.72 22.54
C LEU D 352 15.74 -38.72 22.14
N GLY D 353 15.83 -39.82 22.89
CA GLY D 353 16.83 -40.84 22.64
C GLY D 353 18.19 -40.46 23.18
N VAL D 354 18.18 -39.60 24.19
CA VAL D 354 19.40 -39.12 24.81
C VAL D 354 19.18 -39.02 26.32
N THR D 355 20.22 -39.37 27.08
CA THR D 355 20.23 -39.22 28.53
C THR D 355 21.42 -38.33 28.88
N PRO D 356 21.35 -37.59 30.01
CA PRO D 356 22.44 -36.66 30.38
C PRO D 356 23.77 -37.36 30.67
N ASP D 357 24.87 -36.78 30.19
CA ASP D 357 26.21 -37.30 30.50
C ASP D 357 26.65 -36.67 31.82
N PHE D 358 26.17 -37.26 32.92
CA PHE D 358 26.36 -36.74 34.27
C PHE D 358 27.81 -36.58 34.71
N ASN D 359 28.68 -37.45 34.21
CA ASN D 359 30.12 -37.36 34.49
C ASN D 359 30.81 -36.18 33.84
N SER D 360 30.43 -35.88 32.59
CA SER D 360 30.94 -34.72 31.88
C SER D 360 30.33 -33.41 32.40
N LEU D 361 29.04 -33.46 32.72
CA LEU D 361 28.29 -32.29 33.18
C LEU D 361 28.75 -31.81 34.56
N GLY D 362 29.09 -32.77 35.42
CA GLY D 362 29.49 -32.48 36.78
C GLY D 362 28.30 -32.29 37.69
N ALA D 363 28.54 -31.67 38.83
CA ALA D 363 27.53 -31.42 39.85
C ALA D 363 26.57 -30.35 39.34
N PRO D 364 25.27 -30.47 39.68
CA PRO D 364 24.31 -29.43 39.25
C PRO D 364 24.60 -28.07 39.89
N VAL D 365 24.48 -26.99 39.12
CA VAL D 365 24.68 -25.65 39.66
C VAL D 365 23.45 -25.19 40.46
N ALA D 366 22.32 -25.87 40.24
CA ALA D 366 21.05 -25.57 40.90
C ALA D 366 20.15 -26.81 40.93
N ASP D 367 19.32 -26.91 41.95
CA ASP D 367 18.53 -28.11 42.25
C ASP D 367 17.25 -27.68 42.97
N TRP D 368 16.10 -27.90 42.34
CA TRP D 368 14.81 -27.61 42.95
C TRP D 368 14.02 -28.91 43.10
N ALA D 369 13.73 -29.31 44.34
CA ALA D 369 12.95 -30.53 44.61
C ALA D 369 11.60 -30.22 45.25
N LEU D 370 10.61 -31.07 44.96
CA LEU D 370 9.22 -30.82 45.35
C LEU D 370 8.94 -31.07 46.84
N SER E 2 -24.94 -17.58 -43.79
CA SER E 2 -24.26 -16.29 -44.10
C SER E 2 -25.25 -15.13 -44.09
N LEU E 3 -24.78 -13.97 -43.64
CA LEU E 3 -25.60 -12.76 -43.63
C LEU E 3 -24.74 -11.52 -43.82
N ARG E 4 -25.27 -10.54 -44.55
CA ARG E 4 -24.57 -9.29 -44.82
C ARG E 4 -25.45 -8.10 -44.47
N ILE E 5 -24.86 -7.08 -43.84
CA ILE E 5 -25.52 -5.80 -43.67
C ILE E 5 -25.59 -5.13 -45.05
N THR E 6 -26.81 -4.81 -45.49
CA THR E 6 -27.01 -4.19 -46.80
C THR E 6 -27.41 -2.72 -46.72
N ARG E 7 -27.94 -2.31 -45.56
CA ARG E 7 -28.41 -0.94 -45.38
C ARG E 7 -28.40 -0.49 -43.93
N ILE E 8 -27.95 0.76 -43.72
CA ILE E 8 -27.95 1.40 -42.40
C ILE E 8 -28.65 2.77 -42.51
N ARG E 9 -29.61 3.02 -41.63
CA ARG E 9 -30.34 4.29 -41.64
C ARG E 9 -30.29 4.95 -40.26
N LEU E 10 -30.39 6.28 -40.25
CA LEU E 10 -30.34 7.03 -39.00
C LEU E 10 -31.56 7.92 -38.85
N TYR E 11 -32.33 7.65 -37.79
CA TYR E 11 -33.56 8.39 -37.48
C TYR E 11 -33.37 9.25 -36.25
N LYS E 12 -34.09 10.37 -36.21
CA LYS E 12 -34.02 11.31 -35.09
C LYS E 12 -35.41 11.79 -34.73
N THR E 13 -35.78 11.69 -33.45
CA THR E 13 -37.10 12.13 -32.99
C THR E 13 -37.07 12.71 -31.57
N ASP E 14 -38.11 13.47 -31.21
CA ASP E 14 -38.21 14.08 -29.89
C ASP E 14 -39.14 13.30 -28.97
N LEU E 15 -38.68 13.05 -27.75
CA LEU E 15 -39.49 12.36 -26.74
C LEU E 15 -39.73 13.30 -25.54
N PRO E 16 -40.86 14.02 -25.55
CA PRO E 16 -41.23 14.94 -24.48
C PRO E 16 -41.63 14.23 -23.18
N TYR E 17 -41.08 14.70 -22.06
CA TYR E 17 -41.32 14.11 -20.73
C TYR E 17 -42.77 14.26 -20.29
N VAL E 18 -43.31 13.19 -19.68
CA VAL E 18 -44.72 13.13 -19.26
C VAL E 18 -45.15 14.15 -18.20
N ASP E 19 -44.25 14.48 -17.27
CA ASP E 19 -44.59 15.37 -16.15
C ASP E 19 -44.14 16.84 -16.38
N GLY E 20 -44.22 17.28 -17.64
CA GLY E 20 -43.85 18.66 -18.00
C GLY E 20 -42.36 18.92 -17.98
N SER E 21 -41.82 19.20 -16.79
CA SER E 21 -40.39 19.44 -16.61
C SER E 21 -39.75 18.40 -15.68
N TYR E 22 -38.45 18.15 -15.89
CA TYR E 22 -37.72 17.09 -15.19
C TYR E 22 -36.45 17.64 -14.54
N GLY E 23 -36.51 17.86 -13.23
CA GLY E 23 -35.38 18.42 -12.50
C GLY E 23 -34.36 17.38 -12.07
N TRP E 24 -33.12 17.52 -12.54
CA TRP E 24 -32.01 16.65 -12.13
C TRP E 24 -30.71 17.43 -11.94
N GLY E 25 -29.87 16.96 -11.02
CA GLY E 25 -28.50 17.47 -10.85
C GLY E 25 -28.40 18.81 -10.14
N ALA E 26 -27.41 19.60 -10.56
CA ALA E 26 -27.12 20.91 -9.96
C ALA E 26 -27.99 22.06 -10.50
N GLY E 27 -29.01 21.71 -11.30
CA GLY E 27 -29.96 22.69 -11.83
C GLY E 27 -30.42 22.43 -13.25
N ASN E 28 -30.11 21.24 -13.77
CA ASN E 28 -30.41 20.87 -15.15
C ASN E 28 -31.86 20.43 -15.37
N ALA E 29 -32.32 20.50 -16.62
CA ALA E 29 -33.68 20.10 -17.00
C ALA E 29 -33.77 19.64 -18.46
N ILE E 30 -34.70 18.71 -18.72
CA ILE E 30 -35.09 18.34 -20.09
C ILE E 30 -36.62 18.35 -20.28
N THR E 31 -37.08 19.06 -21.30
CA THR E 31 -38.49 19.01 -21.70
C THR E 31 -38.66 18.12 -22.93
N VAL E 32 -37.67 18.12 -23.80
CA VAL E 32 -37.63 17.21 -24.95
C VAL E 32 -36.26 16.54 -25.12
N ALA E 33 -36.20 15.25 -24.83
CA ALA E 33 -34.99 14.47 -25.06
C ALA E 33 -34.89 14.09 -26.54
N ARG E 34 -33.67 14.17 -27.08
CA ARG E 34 -33.42 13.96 -28.50
C ARG E 34 -33.01 12.50 -28.74
N ALA E 35 -33.91 11.73 -29.37
CA ALA E 35 -33.64 10.32 -29.65
C ALA E 35 -32.83 10.12 -30.93
N SER E 36 -32.04 9.06 -30.94
CA SER E 36 -31.30 8.62 -32.13
C SER E 36 -31.56 7.13 -32.33
N VAL E 37 -32.13 6.80 -33.50
CA VAL E 37 -32.48 5.42 -33.83
C VAL E 37 -31.69 4.94 -35.04
N VAL E 38 -30.99 3.82 -34.87
CA VAL E 38 -30.25 3.18 -35.95
C VAL E 38 -31.02 1.96 -36.44
N VAL E 39 -31.25 1.88 -37.74
CA VAL E 39 -31.99 0.76 -38.34
C VAL E 39 -31.09 0.00 -39.32
N ILE E 40 -30.90 -1.29 -39.07
CA ILE E 40 -29.98 -2.11 -39.85
C ILE E 40 -30.68 -3.21 -40.66
N ASP E 41 -30.60 -3.11 -41.99
CA ASP E 41 -31.19 -4.08 -42.91
C ASP E 41 -30.16 -5.07 -43.41
N THR E 42 -30.63 -6.30 -43.66
CA THR E 42 -29.75 -7.36 -44.12
C THR E 42 -30.20 -7.93 -45.45
N ASP E 43 -29.33 -8.76 -46.05
CA ASP E 43 -29.64 -9.43 -47.33
C ASP E 43 -30.66 -10.56 -47.21
N ALA E 44 -30.89 -11.06 -45.99
CA ALA E 44 -31.95 -12.05 -45.75
C ALA E 44 -33.26 -11.41 -45.29
N GLY E 45 -33.30 -10.08 -45.25
CA GLY E 45 -34.51 -9.36 -44.87
C GLY E 45 -34.79 -9.32 -43.37
N LEU E 46 -33.76 -9.61 -42.57
CA LEU E 46 -33.83 -9.41 -41.13
C LEU E 46 -33.46 -7.96 -40.81
N GLN E 47 -34.31 -7.29 -40.06
CA GLN E 47 -34.07 -5.90 -39.66
C GLN E 47 -33.90 -5.78 -38.16
N GLY E 48 -32.84 -5.08 -37.74
CA GLY E 48 -32.61 -4.80 -36.34
C GLY E 48 -32.57 -3.31 -36.12
N CYS E 49 -32.99 -2.89 -34.94
CA CYS E 49 -32.99 -1.48 -34.56
C CYS E 49 -32.44 -1.27 -33.17
N GLY E 50 -31.92 -0.08 -32.93
CA GLY E 50 -31.31 0.27 -31.66
C GLY E 50 -31.38 1.76 -31.45
N GLU E 51 -31.30 2.18 -30.19
CA GLU E 51 -31.57 3.56 -29.81
C GLU E 51 -30.62 4.08 -28.73
N PHE E 52 -30.07 5.28 -28.94
CA PHE E 52 -29.52 6.07 -27.83
C PHE E 52 -30.27 7.38 -27.66
N THR E 53 -30.74 7.61 -26.43
CA THR E 53 -31.36 8.88 -26.05
C THR E 53 -30.76 9.31 -24.70
N PRO E 54 -30.13 10.50 -24.67
CA PRO E 54 -29.61 10.97 -23.38
C PRO E 54 -30.70 11.55 -22.48
N CYS E 55 -30.44 11.60 -21.18
CA CYS E 55 -31.29 12.31 -20.24
C CYS E 55 -30.60 13.64 -19.87
N GLY E 56 -30.38 14.45 -20.90
CA GLY E 56 -29.56 15.66 -20.77
C GLY E 56 -28.23 15.49 -21.48
N GLU E 57 -27.85 16.51 -22.24
CA GLU E 57 -26.64 16.48 -23.08
C GLU E 57 -25.31 16.58 -22.32
N ASN E 58 -25.37 17.01 -21.05
CA ASN E 58 -24.20 17.13 -20.19
C ASN E 58 -24.18 16.19 -18.98
N TYR E 59 -25.08 15.19 -19.02
CA TYR E 59 -25.27 14.23 -17.93
C TYR E 59 -24.09 13.28 -17.78
N MET E 60 -23.65 12.72 -18.89
CA MET E 60 -22.52 11.82 -18.94
C MET E 60 -21.71 12.16 -20.18
N ILE E 61 -20.56 11.50 -20.38
CA ILE E 61 -19.74 11.74 -21.58
C ILE E 61 -20.42 11.13 -22.82
N ALA E 62 -21.37 11.89 -23.35
CA ALA E 62 -22.36 11.43 -24.32
C ALA E 62 -23.31 12.57 -24.67
N HIS E 63 -23.52 12.76 -25.96
CA HIS E 63 -24.56 13.66 -26.43
C HIS E 63 -25.19 13.18 -27.74
N SER E 64 -26.31 13.76 -28.13
CA SER E 64 -27.14 13.26 -29.23
C SER E 64 -26.54 13.43 -30.63
N GLU E 65 -25.68 14.43 -30.79
CA GLU E 65 -25.11 14.75 -32.09
C GLU E 65 -23.93 13.85 -32.46
N GLY E 66 -23.32 13.25 -31.44
CA GLY E 66 -22.18 12.35 -31.62
C GLY E 66 -22.54 11.02 -32.27
N VAL E 67 -23.81 10.64 -32.13
CA VAL E 67 -24.35 9.46 -32.79
C VAL E 67 -24.28 9.64 -34.32
N ASP E 68 -24.64 10.83 -34.79
CA ASP E 68 -24.53 11.21 -36.21
C ASP E 68 -23.09 11.19 -36.69
N ALA E 69 -22.18 11.70 -35.85
CA ALA E 69 -20.75 11.84 -36.17
C ALA E 69 -20.04 10.50 -36.33
N PHE E 70 -20.30 9.58 -35.40
CA PHE E 70 -19.74 8.23 -35.46
C PHE E 70 -20.31 7.46 -36.66
N ALA E 71 -21.62 7.57 -36.89
CA ALA E 71 -22.29 6.85 -37.97
C ALA E 71 -21.76 7.23 -39.35
N ARG E 72 -21.38 8.50 -39.52
CA ARG E 72 -20.80 8.95 -40.78
CA ARG E 72 -20.78 8.98 -40.76
C ARG E 72 -19.42 8.36 -41.03
N LEU E 73 -18.69 8.07 -39.96
CA LEU E 73 -17.37 7.44 -40.07
C LEU E 73 -17.45 5.93 -40.19
N ALA E 74 -18.33 5.33 -39.39
CA ALA E 74 -18.39 3.86 -39.24
C ALA E 74 -19.33 3.14 -40.19
N ALA E 75 -20.52 3.69 -40.43
CA ALA E 75 -21.52 3.00 -41.27
C ALA E 75 -21.03 2.48 -42.64
N PRO E 76 -20.30 3.31 -43.44
CA PRO E 76 -19.76 2.74 -44.70
C PRO E 76 -18.73 1.59 -44.52
N GLN E 77 -18.18 1.44 -43.32
CA GLN E 77 -17.27 0.34 -43.03
C GLN E 77 -17.98 -0.91 -42.50
N LEU E 78 -19.27 -0.79 -42.20
CA LEU E 78 -20.05 -1.90 -41.64
C LEU E 78 -20.94 -2.60 -42.64
N LEU E 79 -21.08 -2.00 -43.82
CA LEU E 79 -21.88 -2.62 -44.88
C LEU E 79 -21.16 -3.86 -45.42
N GLY E 80 -21.95 -4.91 -45.65
CA GLY E 80 -21.42 -6.19 -46.15
C GLY E 80 -20.90 -7.09 -45.05
N GLN E 81 -21.08 -6.66 -43.81
CA GLN E 81 -20.52 -7.37 -42.68
C GLN E 81 -21.60 -8.21 -42.01
N ASP E 82 -21.19 -9.23 -41.27
CA ASP E 82 -22.14 -10.16 -40.63
C ASP E 82 -22.55 -9.67 -39.25
N PRO E 83 -23.82 -9.22 -39.11
CA PRO E 83 -24.26 -8.57 -37.89
C PRO E 83 -24.54 -9.52 -36.73
N ARG E 84 -24.65 -10.82 -37.00
CA ARG E 84 -24.95 -11.82 -35.96
C ARG E 84 -23.77 -12.05 -35.06
N GLN E 85 -22.59 -11.77 -35.58
CA GLN E 85 -21.35 -11.92 -34.84
C GLN E 85 -21.12 -10.65 -34.05
N VAL E 86 -21.74 -10.58 -32.87
CA VAL E 86 -21.79 -9.36 -32.07
C VAL E 86 -20.42 -8.87 -31.58
N ALA E 87 -19.54 -9.81 -31.22
CA ALA E 87 -18.20 -9.48 -30.74
C ALA E 87 -17.26 -9.03 -31.86
N ARG E 88 -17.45 -9.59 -33.05
CA ARG E 88 -16.71 -9.16 -34.22
C ARG E 88 -17.12 -7.73 -34.61
N MET E 89 -18.41 -7.43 -34.52
CA MET E 89 -18.91 -6.07 -34.75
C MET E 89 -18.46 -5.11 -33.66
N GLU E 90 -18.35 -5.61 -32.43
CA GLU E 90 -17.87 -4.80 -31.31
C GLU E 90 -16.41 -4.44 -31.52
N ARG E 91 -15.61 -5.43 -31.90
CA ARG E 91 -14.18 -5.24 -32.16
C ARG E 91 -13.89 -4.42 -33.41
N LEU E 92 -14.76 -4.52 -34.41
CA LEU E 92 -14.65 -3.68 -35.60
C LEU E 92 -14.96 -2.21 -35.31
N MET E 93 -16.09 -1.95 -34.66
CA MET E 93 -16.45 -0.59 -34.26
C MET E 93 -15.34 0.07 -33.45
N ASP E 94 -14.86 -0.65 -32.45
CA ASP E 94 -13.79 -0.16 -31.57
C ASP E 94 -12.47 0.03 -32.32
N HIS E 95 -12.27 -0.73 -33.38
CA HIS E 95 -11.08 -0.57 -34.22
C HIS E 95 -11.17 0.70 -35.07
N LEU E 96 -12.38 1.00 -35.52
CA LEU E 96 -12.66 2.19 -36.32
C LEU E 96 -12.47 3.49 -35.54
N VAL E 97 -13.09 3.57 -34.36
CA VAL E 97 -12.89 4.70 -33.46
C VAL E 97 -12.77 4.22 -32.01
N GLN E 98 -11.90 4.88 -31.26
CA GLN E 98 -11.75 4.63 -29.82
C GLN E 98 -12.74 5.48 -29.02
N GLY E 99 -13.23 4.92 -27.91
CA GLY E 99 -14.26 5.58 -27.09
C GLY E 99 -15.57 5.74 -27.85
N HIS E 100 -16.34 6.76 -27.47
CA HIS E 100 -17.63 7.10 -28.11
C HIS E 100 -18.64 5.95 -28.04
N GLY E 101 -18.67 5.28 -26.89
CA GLY E 101 -19.44 4.05 -26.71
C GLY E 101 -20.93 4.24 -26.83
N TYR E 102 -21.41 5.40 -26.37
CA TYR E 102 -22.80 5.84 -26.48
C TYR E 102 -23.32 5.86 -27.91
N ALA E 103 -22.42 6.15 -28.86
CA ALA E 103 -22.77 6.26 -30.26
C ALA E 103 -22.79 4.88 -30.89
N LYS E 104 -21.97 3.99 -30.32
CA LYS E 104 -21.88 2.62 -30.77
C LYS E 104 -23.03 1.77 -30.25
N ALA E 105 -23.56 2.16 -29.08
CA ALA E 105 -24.64 1.44 -28.42
C ALA E 105 -25.90 1.13 -29.27
N PRO E 106 -26.43 2.08 -30.01
CA PRO E 106 -27.53 1.82 -30.92
C PRO E 106 -27.26 0.72 -31.91
N PHE E 107 -26.12 0.76 -32.53
CA PHE E 107 -25.70 -0.23 -33.51
C PHE E 107 -25.58 -1.61 -32.88
N ASP E 108 -24.96 -1.65 -31.70
CA ASP E 108 -24.77 -2.88 -30.94
C ASP E 108 -26.08 -3.57 -30.63
N ALA E 109 -27.10 -2.79 -30.26
CA ALA E 109 -28.44 -3.30 -29.97
C ALA E 109 -29.13 -3.92 -31.19
N ALA E 110 -28.91 -3.32 -32.35
CA ALA E 110 -29.47 -3.80 -33.60
C ALA E 110 -28.89 -5.16 -34.01
N PHE E 111 -27.59 -5.34 -33.76
CA PHE E 111 -26.88 -6.59 -34.06
C PHE E 111 -27.38 -7.73 -33.18
N TRP E 112 -27.62 -7.42 -31.90
CA TRP E 112 -28.25 -8.36 -30.95
C TRP E 112 -29.69 -8.70 -31.35
N ASP E 113 -30.39 -7.73 -31.93
CA ASP E 113 -31.75 -7.93 -32.43
C ASP E 113 -31.74 -8.94 -33.60
N ILE E 114 -30.93 -8.63 -34.61
CA ILE E 114 -30.72 -9.49 -35.77
C ILE E 114 -30.26 -10.92 -35.39
N LEU E 115 -29.34 -11.03 -34.43
CA LEU E 115 -28.90 -12.34 -33.92
C LEU E 115 -30.07 -13.12 -33.32
N GLY E 116 -30.88 -12.44 -32.51
CA GLY E 116 -32.07 -13.02 -31.88
C GLY E 116 -33.07 -13.56 -32.88
N GLN E 117 -33.32 -12.79 -33.93
CA GLN E 117 -34.26 -13.18 -34.98
C GLN E 117 -33.77 -14.36 -35.77
N ALA E 118 -32.45 -14.38 -36.04
CA ALA E 118 -31.82 -15.46 -36.77
C ALA E 118 -31.75 -16.77 -35.98
N THR E 119 -31.75 -16.64 -34.66
CA THR E 119 -31.69 -17.81 -33.78
C THR E 119 -33.07 -18.23 -33.28
N GLY E 120 -34.08 -17.40 -33.55
CA GLY E 120 -35.46 -17.65 -33.11
C GLY E 120 -35.62 -17.54 -31.60
N GLN E 121 -34.82 -16.66 -30.99
CA GLN E 121 -34.75 -16.55 -29.53
C GLN E 121 -34.82 -15.10 -29.09
N PRO E 122 -35.52 -14.83 -27.97
CA PRO E 122 -35.45 -13.51 -27.34
C PRO E 122 -34.03 -13.23 -26.87
N VAL E 123 -33.62 -11.96 -26.87
CA VAL E 123 -32.26 -11.56 -26.51
C VAL E 123 -31.85 -12.04 -25.09
N TRP E 124 -32.79 -12.04 -24.14
CA TRP E 124 -32.49 -12.55 -22.79
C TRP E 124 -32.00 -14.00 -22.76
N MET E 125 -32.46 -14.80 -23.72
CA MET E 125 -32.00 -16.19 -23.84
C MET E 125 -30.54 -16.23 -24.31
N LEU E 126 -30.21 -15.32 -25.20
CA LEU E 126 -28.84 -15.21 -25.71
C LEU E 126 -27.91 -14.54 -24.71
N LEU E 127 -28.47 -13.88 -23.69
CA LEU E 127 -27.69 -13.32 -22.60
C LEU E 127 -27.62 -14.26 -21.39
N GLY E 128 -28.12 -15.48 -21.52
CA GLY E 128 -27.99 -16.50 -20.48
C GLY E 128 -29.29 -17.12 -19.96
N GLY E 129 -30.42 -16.49 -20.25
CA GLY E 129 -31.71 -17.02 -19.85
C GLY E 129 -32.43 -16.05 -18.94
N LYS E 130 -33.62 -16.45 -18.48
CA LYS E 130 -34.45 -15.61 -17.62
C LYS E 130 -34.08 -15.83 -16.16
N LEU E 131 -33.21 -14.97 -15.65
CA LEU E 131 -32.70 -15.09 -14.30
C LEU E 131 -33.54 -14.25 -13.34
N CYS E 132 -34.36 -13.38 -13.93
CA CYS E 132 -35.33 -12.57 -13.21
C CYS E 132 -36.63 -12.50 -14.00
N ASP E 133 -37.69 -13.09 -13.47
CA ASP E 133 -38.99 -13.03 -14.11
C ASP E 133 -39.77 -11.82 -13.58
N GLY E 134 -39.60 -10.68 -14.24
CA GLY E 134 -40.16 -9.40 -13.79
C GLY E 134 -39.21 -8.67 -12.87
N ALA E 135 -38.44 -7.75 -13.46
CA ALA E 135 -37.50 -6.89 -12.73
C ALA E 135 -38.24 -5.85 -11.89
N PRO E 136 -37.97 -5.78 -10.56
CA PRO E 136 -38.67 -4.79 -9.72
C PRO E 136 -38.31 -3.37 -10.18
N MET E 137 -39.26 -2.44 -10.07
CA MET E 137 -39.07 -1.11 -10.66
C MET E 137 -39.04 0.00 -9.62
N TYR E 138 -38.36 1.09 -9.99
CA TYR E 138 -38.40 2.35 -9.25
C TYR E 138 -38.99 3.47 -10.11
N ARG E 139 -39.56 4.47 -9.43
CA ARG E 139 -39.98 5.71 -10.09
C ARG E 139 -39.03 6.84 -9.78
N VAL E 140 -38.30 7.28 -10.80
CA VAL E 140 -37.57 8.54 -10.75
C VAL E 140 -38.56 9.72 -10.73
N ALA E 141 -38.60 10.40 -9.60
CA ALA E 141 -39.47 11.55 -9.40
C ALA E 141 -38.62 12.82 -9.42
N PRO E 142 -38.97 13.80 -10.29
CA PRO E 142 -38.18 15.04 -10.48
C PRO E 142 -38.18 16.00 -9.28
N GLN E 143 -37.45 17.11 -9.43
CA GLN E 143 -37.34 18.12 -8.37
C GLN E 143 -38.57 19.02 -8.33
N ALA E 147 -43.74 20.84 -2.79
CA ALA E 147 -43.32 20.41 -4.14
C ALA E 147 -43.57 18.91 -4.34
N GLU E 148 -42.94 18.10 -3.45
CA GLU E 148 -42.98 16.64 -3.58
C GLU E 148 -43.81 16.01 -2.44
N THR E 149 -45.10 15.86 -2.69
CA THR E 149 -46.10 15.58 -1.65
C THR E 149 -46.10 14.12 -1.14
N ARG E 150 -46.72 13.93 0.01
CA ARG E 150 -47.08 12.61 0.58
C ARG E 150 -48.01 11.82 -0.34
N ALA E 151 -48.97 12.53 -0.94
CA ALA E 151 -49.97 11.95 -1.83
C ALA E 151 -49.42 11.55 -3.21
N GLU E 152 -48.31 12.16 -3.62
CA GLU E 152 -47.65 11.79 -4.87
C GLU E 152 -46.97 10.42 -4.78
N LEU E 153 -46.32 10.15 -3.65
CA LEU E 153 -45.65 8.87 -3.41
C LEU E 153 -46.63 7.72 -3.23
N ALA E 154 -47.83 8.03 -2.75
CA ALA E 154 -48.90 7.04 -2.64
C ALA E 154 -49.43 6.61 -4.00
N ARG E 155 -49.31 7.49 -4.99
CA ARG E 155 -49.80 7.22 -6.35
C ARG E 155 -48.83 6.36 -7.15
N HIS E 156 -47.52 6.58 -6.95
CA HIS E 156 -46.50 5.71 -7.53
C HIS E 156 -46.55 4.31 -6.90
N ARG E 157 -46.77 4.29 -5.58
CA ARG E 157 -47.07 3.06 -4.82
C ARG E 157 -48.31 2.36 -5.35
N ALA E 158 -49.36 3.14 -5.64
CA ALA E 158 -50.60 2.66 -6.25
C ALA E 158 -50.38 2.03 -7.62
N ALA E 159 -49.43 2.58 -8.38
CA ALA E 159 -49.06 2.06 -9.70
C ALA E 159 -48.11 0.86 -9.61
N GLY E 160 -47.67 0.53 -8.40
CA GLY E 160 -46.89 -0.68 -8.17
C GLY E 160 -45.47 -0.52 -7.70
N TYR E 161 -44.93 0.69 -7.78
CA TYR E 161 -43.54 0.94 -7.39
C TYR E 161 -43.37 0.90 -5.87
N ARG E 162 -42.33 0.22 -5.40
CA ARG E 162 -42.06 0.19 -3.98
C ARG E 162 -40.70 0.84 -3.72
N GLN E 163 -40.10 1.37 -4.77
CA GLN E 163 -38.80 2.06 -4.68
C GLN E 163 -38.89 3.42 -5.38
N PHE E 164 -38.26 4.42 -4.78
CA PHE E 164 -38.46 5.81 -5.21
C PHE E 164 -37.17 6.59 -5.21
N GLN E 165 -36.87 7.21 -6.35
CA GLN E 165 -35.73 8.09 -6.47
C GLN E 165 -36.11 9.51 -6.07
N ILE E 166 -35.41 10.03 -5.07
CA ILE E 166 -35.50 11.43 -4.72
C ILE E 166 -34.40 12.13 -5.52
N LYS E 167 -34.82 13.01 -6.43
CA LYS E 167 -33.88 13.85 -7.17
C LYS E 167 -33.45 15.02 -6.29
N VAL E 168 -32.17 14.99 -5.91
CA VAL E 168 -31.55 16.03 -5.11
C VAL E 168 -30.36 16.57 -5.93
N GLY E 169 -29.51 17.38 -5.31
CA GLY E 169 -28.25 17.77 -5.94
C GLY E 169 -28.04 19.21 -6.35
N ALA E 170 -29.10 20.02 -6.28
CA ALA E 170 -29.02 21.42 -6.68
C ALA E 170 -28.76 22.35 -5.50
N ASP E 171 -29.06 21.87 -4.30
CA ASP E 171 -29.08 22.70 -3.09
C ASP E 171 -29.05 21.77 -1.89
N TRP E 172 -27.83 21.36 -1.49
CA TRP E 172 -27.60 20.42 -0.37
C TRP E 172 -28.39 20.71 0.91
N GLN E 173 -28.68 21.99 1.18
CA GLN E 173 -29.29 22.42 2.42
C GLN E 173 -30.79 22.09 2.45
N SER E 174 -31.46 22.41 1.35
CA SER E 174 -32.88 22.07 1.21
C SER E 174 -33.04 20.59 0.85
N ASP E 175 -31.97 20.00 0.30
CA ASP E 175 -31.90 18.56 0.04
C ASP E 175 -31.95 17.71 1.31
N ILE E 176 -31.39 18.22 2.40
CA ILE E 176 -31.46 17.60 3.73
C ILE E 176 -32.92 17.48 4.16
N ASP E 177 -33.65 18.59 4.04
CA ASP E 177 -35.04 18.70 4.42
C ASP E 177 -35.92 17.80 3.57
N ARG E 178 -35.61 17.73 2.29
CA ARG E 178 -36.32 16.88 1.35
C ARG E 178 -36.16 15.40 1.67
N ILE E 179 -34.94 14.99 2.02
CA ILE E 179 -34.65 13.60 2.42
C ILE E 179 -35.37 13.28 3.73
N ARG E 180 -35.28 14.20 4.69
CA ARG E 180 -35.88 14.01 6.02
C ARG E 180 -37.40 13.92 6.01
N ALA E 181 -38.04 14.52 5.01
CA ALA E 181 -39.50 14.50 4.88
C ALA E 181 -40.01 13.31 4.07
N CYS E 182 -39.12 12.71 3.27
CA CYS E 182 -39.47 11.57 2.42
C CYS E 182 -39.46 10.23 3.13
N LEU E 183 -38.47 10.02 3.99
CA LEU E 183 -38.30 8.73 4.65
C LEU E 183 -39.41 8.28 5.63
N PRO E 184 -39.98 9.20 6.46
CA PRO E 184 -41.15 8.78 7.25
C PRO E 184 -42.44 8.57 6.45
N LEU E 185 -42.35 8.71 5.13
CA LEU E 185 -43.48 8.46 4.24
C LEU E 185 -43.37 7.09 3.59
N LEU E 186 -42.24 6.41 3.81
CA LEU E 186 -42.05 5.06 3.28
C LEU E 186 -42.71 4.04 4.19
N GLU E 187 -43.15 2.93 3.59
CA GLU E 187 -43.71 1.80 4.31
C GLU E 187 -42.57 0.79 4.53
N PRO E 188 -42.70 -0.12 5.54
CA PRO E 188 -41.69 -1.15 5.85
C PRO E 188 -40.83 -1.71 4.70
N GLY E 189 -41.46 -2.17 3.62
CA GLY E 189 -40.71 -2.80 2.52
C GLY E 189 -40.06 -1.87 1.49
N GLU E 190 -40.17 -0.56 1.71
CA GLU E 190 -39.88 0.41 0.66
C GLU E 190 -38.50 1.07 0.74
N LYS E 191 -37.93 1.35 -0.42
CA LYS E 191 -36.64 2.03 -0.55
C LYS E 191 -36.74 3.45 -1.09
N ALA E 192 -35.91 4.34 -0.57
CA ALA E 192 -35.67 5.63 -1.21
C ALA E 192 -34.19 5.80 -1.52
N MET E 193 -33.90 6.25 -2.74
CA MET E 193 -32.53 6.63 -3.11
C MET E 193 -32.45 8.12 -3.43
N ALA E 194 -31.54 8.80 -2.75
CA ALA E 194 -31.32 10.23 -2.94
C ALA E 194 -30.24 10.39 -3.99
N ASP E 195 -30.66 10.78 -5.19
CA ASP E 195 -29.74 10.91 -6.32
C ASP E 195 -29.42 12.38 -6.60
N ALA E 196 -28.15 12.72 -6.44
CA ALA E 196 -27.69 14.09 -6.62
C ALA E 196 -27.29 14.36 -8.07
N ASN E 197 -27.22 13.28 -8.85
CA ASN E 197 -26.80 13.30 -10.25
C ASN E 197 -25.51 14.08 -10.44
N GLN E 198 -24.50 13.74 -9.63
CA GLN E 198 -23.16 14.35 -9.64
C GLN E 198 -23.10 15.80 -9.13
N GLY E 199 -24.15 16.24 -8.45
CA GLY E 199 -24.38 17.67 -8.22
C GLY E 199 -23.65 18.39 -7.09
N TRP E 200 -23.45 17.70 -5.96
CA TRP E 200 -22.83 18.30 -4.78
C TRP E 200 -21.32 18.44 -4.85
N ARG E 201 -20.82 19.50 -4.23
CA ARG E 201 -19.40 19.66 -3.99
C ARG E 201 -19.07 18.87 -2.72
N VAL E 202 -17.87 18.28 -2.65
CA VAL E 202 -17.55 17.33 -1.56
C VAL E 202 -17.89 17.78 -0.14
N ASP E 203 -17.59 19.04 0.19
CA ASP E 203 -17.87 19.54 1.54
C ASP E 203 -19.37 19.54 1.82
N ASN E 204 -20.16 19.97 0.83
CA ASN E 204 -21.62 20.04 0.94
C ASN E 204 -22.25 18.67 1.04
N ALA E 205 -21.69 17.71 0.31
CA ALA E 205 -22.11 16.31 0.40
C ALA E 205 -21.75 15.69 1.77
N ILE E 206 -20.60 16.08 2.32
CA ILE E 206 -20.19 15.67 3.67
C ILE E 206 -21.21 16.18 4.69
N ARG E 207 -21.55 17.47 4.59
CA ARG E 207 -22.52 18.11 5.49
C ARG E 207 -23.90 17.47 5.42
N LEU E 208 -24.30 17.08 4.22
CA LEU E 208 -25.56 16.35 4.05
C LEU E 208 -25.48 14.95 4.65
N ALA E 209 -24.33 14.29 4.49
CA ALA E 209 -24.15 12.94 5.01
C ALA E 209 -24.21 12.94 6.53
N ARG E 210 -23.56 13.93 7.14
CA ARG E 210 -23.47 14.06 8.59
C ARG E 210 -24.82 14.40 9.20
N ALA E 211 -25.59 15.22 8.50
CA ALA E 211 -26.90 15.66 8.98
C ALA E 211 -27.98 14.61 8.82
N THR E 212 -27.71 13.61 7.98
CA THR E 212 -28.68 12.54 7.72
C THR E 212 -28.11 11.15 8.09
N ARG E 213 -27.19 11.11 9.05
CA ARG E 213 -26.54 9.87 9.46
C ARG E 213 -27.45 8.89 10.20
N ASP E 214 -28.55 9.40 10.75
CA ASP E 214 -29.54 8.61 11.48
CA ASP E 214 -29.50 8.55 11.47
C ASP E 214 -30.62 8.02 10.56
N LEU E 215 -30.42 8.15 9.26
CA LEU E 215 -31.44 7.77 8.28
C LEU E 215 -31.07 6.60 7.38
N ASP E 216 -32.10 5.92 6.87
CA ASP E 216 -31.93 4.75 6.01
C ASP E 216 -32.34 5.08 4.58
N TYR E 217 -31.36 5.40 3.74
CA TYR E 217 -31.59 5.64 2.32
C TYR E 217 -30.34 5.28 1.54
N ILE E 218 -30.47 5.24 0.21
CA ILE E 218 -29.34 5.00 -0.64
C ILE E 218 -28.77 6.33 -1.10
N LEU E 219 -27.51 6.56 -0.79
CA LEU E 219 -26.80 7.74 -1.26
C LEU E 219 -26.28 7.49 -2.65
N GLU E 220 -26.93 8.09 -3.63
CA GLU E 220 -26.61 7.85 -5.02
C GLU E 220 -25.79 8.97 -5.65
N GLN E 221 -24.63 8.60 -6.19
CA GLN E 221 -23.72 9.48 -6.94
C GLN E 221 -23.68 10.92 -6.42
N PRO E 222 -23.23 11.11 -5.16
CA PRO E 222 -23.32 12.46 -4.57
C PRO E 222 -22.48 13.51 -5.30
N CYS E 223 -21.36 13.09 -5.90
CA CYS E 223 -20.42 13.98 -6.57
C CYS E 223 -20.10 13.48 -7.97
N ARG E 224 -19.41 14.30 -8.78
CA ARG E 224 -19.08 13.93 -10.16
C ARG E 224 -18.14 12.74 -10.29
N SER E 225 -17.01 12.80 -9.62
CA SER E 225 -15.97 11.79 -9.78
C SER E 225 -16.07 10.71 -8.72
N TYR E 226 -15.42 9.58 -9.01
CA TYR E 226 -15.33 8.44 -8.11
C TYR E 226 -14.61 8.81 -6.83
N GLU E 227 -13.51 9.55 -6.97
CA GLU E 227 -12.65 9.94 -5.87
C GLU E 227 -13.35 10.84 -4.86
N GLU E 228 -14.14 11.79 -5.39
CA GLU E 228 -15.03 12.62 -4.60
C GLU E 228 -16.06 11.78 -3.86
N CYS E 229 -16.60 10.78 -4.55
CA CYS E 229 -17.63 9.92 -3.95
C CYS E 229 -17.03 9.07 -2.83
N GLN E 230 -15.81 8.58 -3.06
CA GLN E 230 -15.02 7.90 -2.04
C GLN E 230 -14.71 8.77 -0.82
N GLN E 231 -14.43 10.06 -1.07
CA GLN E 231 -14.21 11.03 -0.02
C GLN E 231 -15.46 11.24 0.84
N VAL E 232 -16.63 11.25 0.21
CA VAL E 232 -17.92 11.38 0.92
C VAL E 232 -18.15 10.11 1.75
N ARG E 233 -17.82 8.98 1.15
CA ARG E 233 -17.94 7.64 1.74
C ARG E 233 -17.14 7.47 3.04
N ARG E 234 -16.06 8.25 3.18
CA ARG E 234 -15.26 8.29 4.42
C ARG E 234 -16.15 8.58 5.64
N VAL E 235 -17.18 9.38 5.42
CA VAL E 235 -18.07 9.84 6.49
C VAL E 235 -19.44 9.13 6.42
N ALA E 236 -19.94 8.95 5.18
CA ALA E 236 -21.28 8.42 4.95
C ALA E 236 -21.38 6.90 5.07
N ASP E 237 -22.25 6.43 5.98
CA ASP E 237 -22.46 5.00 6.20
C ASP E 237 -23.62 4.40 5.42
N GLN E 238 -24.44 5.27 4.80
CA GLN E 238 -25.56 4.84 3.96
C GLN E 238 -25.06 4.00 2.79
N PRO E 239 -25.86 3.00 2.33
CA PRO E 239 -25.45 2.27 1.12
C PRO E 239 -25.21 3.22 -0.04
N MET E 240 -24.06 3.10 -0.70
CA MET E 240 -23.74 4.06 -1.76
C MET E 240 -24.05 3.43 -3.10
N LYS E 241 -24.72 4.19 -3.95
CA LYS E 241 -24.94 3.79 -5.32
C LYS E 241 -24.08 4.63 -6.25
N LEU E 242 -23.26 3.97 -7.06
CA LEU E 242 -22.48 4.69 -8.07
C LEU E 242 -23.17 4.51 -9.42
N ASP E 243 -23.32 5.61 -10.14
CA ASP E 243 -24.07 5.59 -11.38
C ASP E 243 -23.23 6.06 -12.56
N GLU E 244 -23.17 7.37 -12.81
CA GLU E 244 -22.55 7.92 -14.04
C GLU E 244 -21.05 7.62 -14.17
N CYS E 245 -20.39 7.41 -13.05
CA CYS E 245 -18.94 7.18 -13.07
C CYS E 245 -18.61 5.73 -13.38
N VAL E 246 -19.62 4.87 -13.38
CA VAL E 246 -19.45 3.46 -13.75
C VAL E 246 -19.50 3.35 -15.28
N THR E 247 -18.40 3.72 -15.92
CA THR E 247 -18.32 3.90 -17.37
C THR E 247 -17.93 2.63 -18.14
N GLY E 248 -17.48 1.61 -17.42
CA GLY E 248 -17.00 0.38 -18.04
C GLY E 248 -16.35 -0.57 -17.07
N LEU E 249 -15.71 -1.60 -17.61
CA LEU E 249 -15.11 -2.68 -16.81
C LEU E 249 -13.95 -2.21 -15.93
N HIS E 250 -13.14 -1.27 -16.46
CA HIS E 250 -11.98 -0.71 -15.76
CA HIS E 250 -11.99 -0.81 -15.72
C HIS E 250 -12.40 -0.02 -14.47
N MET E 251 -13.49 0.72 -14.54
CA MET E 251 -14.02 1.36 -13.34
C MET E 251 -14.67 0.32 -12.44
N ALA E 252 -15.39 -0.63 -13.04
CA ALA E 252 -15.98 -1.76 -12.30
C ALA E 252 -14.94 -2.51 -11.43
N GLN E 253 -13.77 -2.74 -12.02
CA GLN E 253 -12.62 -3.39 -11.35
C GLN E 253 -12.07 -2.59 -10.19
N ARG E 254 -12.05 -1.26 -10.37
CA ARG E 254 -11.63 -0.35 -9.31
CA ARG E 254 -11.65 -0.33 -9.30
C ARG E 254 -12.64 -0.34 -8.14
N ILE E 255 -13.94 -0.29 -8.46
CA ILE E 255 -15.00 -0.25 -7.44
C ILE E 255 -14.97 -1.51 -6.57
N VAL E 256 -14.79 -2.65 -7.22
CA VAL E 256 -14.71 -3.96 -6.55
C VAL E 256 -13.46 -4.07 -5.67
N ALA E 257 -12.31 -3.65 -6.20
CA ALA E 257 -11.06 -3.69 -5.46
C ALA E 257 -11.15 -2.88 -4.18
N ASP E 258 -11.79 -1.71 -4.26
CA ASP E 258 -11.99 -0.84 -3.10
C ASP E 258 -13.21 -1.23 -2.27
N ARG E 259 -14.01 -2.19 -2.77
CA ARG E 259 -15.37 -2.40 -2.29
CA ARG E 259 -15.39 -2.42 -2.31
C ARG E 259 -16.06 -1.04 -2.09
N GLY E 260 -16.02 -0.22 -3.14
CA GLY E 260 -16.36 1.19 -3.05
C GLY E 260 -17.80 1.63 -3.27
N ALA E 261 -18.73 0.67 -3.29
CA ALA E 261 -20.17 0.97 -3.38
C ALA E 261 -20.98 -0.24 -2.95
N GLU E 262 -22.24 -0.01 -2.62
CA GLU E 262 -23.16 -1.08 -2.29
C GLU E 262 -24.00 -1.45 -3.51
N ILE E 263 -24.12 -0.53 -4.46
CA ILE E 263 -24.87 -0.75 -5.70
C ILE E 263 -24.13 -0.06 -6.84
N CYS E 264 -23.99 -0.77 -7.96
CA CYS E 264 -23.52 -0.15 -9.19
C CYS E 264 -24.65 -0.06 -10.20
N CYS E 265 -24.92 1.15 -10.68
CA CYS E 265 -25.94 1.35 -11.69
C CYS E 265 -25.32 1.13 -13.04
N LEU E 266 -26.00 0.37 -13.89
CA LEU E 266 -25.48 0.02 -15.20
C LEU E 266 -26.37 0.56 -16.31
N LYS E 267 -25.98 1.69 -16.88
CA LYS E 267 -26.68 2.27 -18.01
C LYS E 267 -26.05 1.78 -19.30
N ILE E 268 -26.85 1.09 -20.12
CA ILE E 268 -26.38 0.42 -21.34
C ILE E 268 -25.51 1.29 -22.25
N SER E 269 -25.96 2.52 -22.50
CA SER E 269 -25.25 3.44 -23.39
CA SER E 269 -25.26 3.43 -23.40
C SER E 269 -24.05 4.11 -22.73
N ASN E 270 -24.09 4.24 -21.40
CA ASN E 270 -22.93 4.72 -20.64
C ASN E 270 -21.78 3.71 -20.70
N LEU E 271 -22.16 2.43 -20.69
CA LEU E 271 -21.22 1.29 -20.76
C LEU E 271 -20.78 0.95 -22.18
N GLY E 272 -21.41 1.57 -23.18
CA GLY E 272 -20.98 1.43 -24.57
C GLY E 272 -21.71 0.39 -25.42
N GLY E 273 -22.91 0.02 -24.99
CA GLY E 273 -23.70 -1.00 -25.69
C GLY E 273 -23.95 -2.23 -24.84
N LEU E 274 -24.97 -2.99 -25.24
CA LEU E 274 -25.38 -4.23 -24.55
C LEU E 274 -24.26 -5.26 -24.40
N SER E 275 -23.34 -5.35 -25.36
CA SER E 275 -22.22 -6.30 -25.30
C SER E 275 -21.29 -6.04 -24.11
N LYS E 276 -20.80 -4.81 -23.97
CA LYS E 276 -19.94 -4.52 -22.83
C LYS E 276 -20.68 -4.14 -21.54
N ALA E 277 -21.96 -3.84 -21.65
CA ALA E 277 -22.83 -3.72 -20.47
C ALA E 277 -23.02 -5.10 -19.82
N ARG E 278 -23.19 -6.10 -20.67
CA ARG E 278 -23.35 -7.50 -20.27
C ARG E 278 -22.11 -8.04 -19.58
N ARG E 279 -20.94 -7.69 -20.12
CA ARG E 279 -19.69 -8.14 -19.55
C ARG E 279 -19.39 -7.47 -18.20
N THR E 280 -19.76 -6.21 -18.06
CA THR E 280 -19.58 -5.49 -16.79
C THR E 280 -20.56 -6.00 -15.74
N ARG E 281 -21.77 -6.30 -16.18
CA ARG E 281 -22.77 -6.90 -15.30
C ARG E 281 -22.32 -8.26 -14.77
N ASP E 282 -21.81 -9.10 -15.68
CA ASP E 282 -21.37 -10.43 -15.33
C ASP E 282 -20.17 -10.41 -14.39
N PHE E 283 -19.28 -9.43 -14.58
CA PHE E 283 -18.16 -9.19 -13.68
C PHE E 283 -18.64 -8.82 -12.26
N LEU E 284 -19.60 -7.92 -12.18
CA LEU E 284 -20.04 -7.37 -10.89
C LEU E 284 -20.86 -8.39 -10.10
N ILE E 285 -21.69 -9.14 -10.80
CA ILE E 285 -22.47 -10.22 -10.19
C ILE E 285 -21.57 -11.34 -9.70
N ASP E 286 -20.52 -11.65 -10.46
CA ASP E 286 -19.59 -12.69 -10.02
C ASP E 286 -18.72 -12.23 -8.86
N ASN E 287 -18.67 -10.91 -8.67
CA ASN E 287 -18.04 -10.32 -7.50
C ASN E 287 -19.07 -9.93 -6.44
N ARG E 288 -20.31 -10.36 -6.66
CA ARG E 288 -21.39 -10.26 -5.67
C ARG E 288 -21.76 -8.83 -5.31
N MET E 289 -21.70 -7.97 -6.33
CA MET E 289 -22.10 -6.58 -6.23
C MET E 289 -23.51 -6.40 -6.78
N PRO E 290 -24.44 -5.89 -5.94
CA PRO E 290 -25.80 -5.57 -6.39
C PRO E 290 -25.78 -4.53 -7.52
N VAL E 291 -26.69 -4.70 -8.48
CA VAL E 291 -26.67 -3.86 -9.68
C VAL E 291 -28.05 -3.30 -10.00
N VAL E 292 -28.04 -2.15 -10.68
CA VAL E 292 -29.24 -1.64 -11.34
C VAL E 292 -29.04 -1.76 -12.84
N ALA E 293 -29.98 -2.42 -13.52
CA ALA E 293 -29.88 -2.64 -14.97
C ALA E 293 -30.82 -1.70 -15.70
N GLU E 294 -30.27 -0.67 -16.33
CA GLU E 294 -31.09 0.32 -17.03
C GLU E 294 -30.35 1.00 -18.20
N ASP E 295 -30.75 2.22 -18.52
CA ASP E 295 -30.10 3.06 -19.52
C ASP E 295 -30.48 4.49 -19.18
N SER E 296 -29.88 5.45 -19.90
CA SER E 296 -30.10 6.88 -19.68
C SER E 296 -31.57 7.28 -19.78
N TRP E 297 -32.18 7.03 -20.94
CA TRP E 297 -33.52 7.53 -21.26
C TRP E 297 -34.04 6.78 -22.49
N GLY E 298 -35.25 7.14 -22.93
CA GLY E 298 -35.72 6.72 -24.25
C GLY E 298 -37.06 6.05 -24.37
N GLY E 299 -37.36 5.60 -25.59
CA GLY E 299 -38.63 4.99 -25.92
C GLY E 299 -38.58 3.49 -25.87
N GLU E 300 -39.36 2.86 -26.75
CA GLU E 300 -39.57 1.41 -26.73
C GLU E 300 -38.35 0.60 -27.15
N ILE E 301 -37.51 1.19 -28.00
CA ILE E 301 -36.36 0.46 -28.55
C ILE E 301 -35.27 0.27 -27.50
N ALA E 302 -34.84 1.39 -26.89
CA ALA E 302 -33.93 1.38 -25.76
C ALA E 302 -34.45 0.56 -24.59
N SER E 303 -35.75 0.71 -24.27
CA SER E 303 -36.38 -0.04 -23.17
C SER E 303 -36.38 -1.55 -23.38
N ALA E 304 -36.54 -1.98 -24.63
CA ALA E 304 -36.53 -3.40 -24.98
C ALA E 304 -35.17 -4.01 -24.66
N ALA E 305 -34.09 -3.26 -24.96
CA ALA E 305 -32.73 -3.68 -24.62
C ALA E 305 -32.51 -3.70 -23.09
N VAL E 306 -33.11 -2.72 -22.40
CA VAL E 306 -33.07 -2.63 -20.94
C VAL E 306 -33.77 -3.83 -20.29
N ALA E 307 -34.95 -4.16 -20.80
CA ALA E 307 -35.74 -5.25 -20.24
C ALA E 307 -35.11 -6.63 -20.43
N HIS E 308 -34.40 -6.83 -21.54
CA HIS E 308 -33.63 -8.05 -21.77
C HIS E 308 -32.39 -8.14 -20.88
N PHE E 309 -31.73 -6.99 -20.71
CA PHE E 309 -30.58 -6.83 -19.82
C PHE E 309 -30.97 -7.17 -18.38
N ALA E 310 -32.14 -6.66 -17.97
CA ALA E 310 -32.66 -6.87 -16.63
C ALA E 310 -33.10 -8.31 -16.39
N ALA E 311 -33.75 -8.88 -17.40
CA ALA E 311 -34.27 -10.26 -17.32
C ALA E 311 -33.17 -11.31 -17.23
N SER E 312 -31.98 -10.96 -17.72
CA SER E 312 -30.84 -11.85 -17.70
C SER E 312 -29.91 -11.58 -16.51
N THR E 313 -30.37 -10.73 -15.60
CA THR E 313 -29.66 -10.42 -14.37
C THR E 313 -30.22 -11.30 -13.27
N PRO E 314 -29.35 -12.02 -12.54
CA PRO E 314 -29.78 -12.80 -11.36
C PRO E 314 -30.63 -11.96 -10.42
N GLU E 315 -31.81 -12.47 -10.08
CA GLU E 315 -32.81 -11.71 -9.31
C GLU E 315 -32.36 -11.39 -7.88
N GLU E 316 -31.40 -12.15 -7.38
CA GLU E 316 -30.82 -11.93 -6.05
C GLU E 316 -30.04 -10.62 -6.01
N PHE E 317 -29.38 -10.28 -7.12
CA PHE E 317 -28.49 -9.12 -7.17
C PHE E 317 -29.04 -7.95 -7.97
N LEU E 318 -30.18 -8.15 -8.63
CA LEU E 318 -30.86 -7.06 -9.32
C LEU E 318 -31.70 -6.22 -8.35
N ILE E 319 -31.24 -5.02 -8.05
CA ILE E 319 -31.94 -4.08 -7.18
C ILE E 319 -33.22 -3.63 -7.85
N ASN E 320 -33.07 -3.00 -9.02
CA ASN E 320 -34.21 -2.57 -9.83
C ASN E 320 -33.87 -2.31 -11.30
N SER E 321 -34.91 -2.13 -12.10
CA SER E 321 -34.80 -1.54 -13.41
C SER E 321 -35.92 -0.50 -13.47
N THR E 322 -36.12 0.12 -14.63
CA THR E 322 -37.27 1.02 -14.81
C THR E 322 -37.88 0.97 -16.21
N ASP E 323 -39.16 1.36 -16.30
CA ASP E 323 -39.90 1.38 -17.56
C ASP E 323 -39.74 2.73 -18.27
N LEU E 324 -38.56 2.92 -18.88
CA LEU E 324 -38.13 4.15 -19.54
C LEU E 324 -39.10 4.72 -20.56
N MET E 325 -39.76 3.81 -21.29
CA MET E 325 -40.70 4.17 -22.35
C MET E 325 -41.96 4.88 -21.84
N ASN E 326 -42.30 4.63 -20.58
CA ASN E 326 -43.46 5.26 -19.96
C ASN E 326 -43.19 6.65 -19.39
N TYR E 327 -41.97 7.16 -19.60
CA TYR E 327 -41.63 8.52 -19.18
C TYR E 327 -41.79 9.54 -20.31
N ASN E 328 -42.26 9.09 -21.47
CA ASN E 328 -42.42 9.97 -22.64
C ASN E 328 -43.86 10.04 -23.17
N THR E 329 -44.14 11.08 -23.95
CA THR E 329 -45.44 11.22 -24.60
C THR E 329 -45.42 10.62 -26.01
N ARG E 330 -44.22 10.48 -26.56
CA ARG E 330 -44.05 10.00 -27.94
C ARG E 330 -43.27 8.68 -27.97
N SER E 331 -43.24 8.05 -29.14
CA SER E 331 -42.62 6.72 -29.29
C SER E 331 -41.44 6.71 -30.24
N THR E 332 -40.56 5.71 -30.05
CA THR E 332 -39.51 5.39 -31.02
C THR E 332 -39.78 4.05 -31.71
N GLY E 333 -40.57 3.19 -31.08
CA GLY E 333 -40.84 1.86 -31.60
C GLY E 333 -42.21 1.27 -31.33
N LEU E 334 -42.55 0.21 -32.07
CA LEU E 334 -43.77 -0.55 -31.86
C LEU E 334 -43.46 -1.83 -31.10
N GLY E 335 -44.21 -2.09 -30.04
CA GLY E 335 -43.99 -3.25 -29.19
C GLY E 335 -43.17 -2.89 -27.97
N GLY E 336 -42.01 -3.53 -27.82
CA GLY E 336 -41.15 -3.30 -26.67
C GLY E 336 -41.59 -4.09 -25.44
N PRO E 337 -41.08 -3.70 -24.25
CA PRO E 337 -41.42 -4.43 -23.02
C PRO E 337 -42.76 -4.04 -22.40
N THR E 338 -43.24 -4.90 -21.50
CA THR E 338 -44.50 -4.68 -20.79
C THR E 338 -44.22 -4.57 -19.30
N VAL E 339 -45.03 -3.78 -18.60
CA VAL E 339 -44.99 -3.74 -17.14
C VAL E 339 -46.26 -4.32 -16.54
N HIS E 340 -46.09 -5.19 -15.56
CA HIS E 340 -47.20 -5.78 -14.83
C HIS E 340 -46.87 -5.87 -13.34
N GLN E 341 -47.75 -5.30 -12.53
CA GLN E 341 -47.67 -5.28 -11.06
C GLN E 341 -46.33 -4.76 -10.51
N GLY E 342 -45.91 -3.62 -11.06
CA GLY E 342 -44.72 -2.91 -10.59
C GLY E 342 -43.40 -3.52 -11.01
N ARG E 343 -43.45 -4.38 -12.02
CA ARG E 343 -42.25 -5.07 -12.51
C ARG E 343 -42.11 -4.96 -14.03
N LEU E 344 -40.87 -4.83 -14.51
CA LEU E 344 -40.60 -4.75 -15.94
C LEU E 344 -40.38 -6.14 -16.55
N TYR E 345 -41.17 -6.45 -17.57
CA TYR E 345 -41.13 -7.76 -18.21
C TYR E 345 -40.59 -7.69 -19.65
N ALA E 346 -39.58 -8.51 -19.93
CA ALA E 346 -39.04 -8.62 -21.28
C ALA E 346 -39.95 -9.41 -22.22
N SER E 347 -39.76 -9.22 -23.52
CA SER E 347 -40.49 -9.96 -24.55
C SER E 347 -39.90 -11.36 -24.71
N ASP E 348 -40.73 -12.29 -25.16
CA ASP E 348 -40.30 -13.68 -25.34
C ASP E 348 -40.20 -14.08 -26.81
N THR E 349 -40.56 -13.16 -27.70
CA THR E 349 -40.48 -13.35 -29.15
C THR E 349 -39.05 -13.07 -29.64
N PRO E 350 -38.61 -13.75 -30.73
CA PRO E 350 -37.29 -13.54 -31.34
C PRO E 350 -36.80 -12.09 -31.44
N GLY E 351 -35.52 -11.87 -31.13
CA GLY E 351 -34.92 -10.54 -31.19
C GLY E 351 -35.23 -9.67 -29.99
N LEU E 352 -35.26 -8.35 -30.20
CA LEU E 352 -35.57 -7.37 -29.15
C LEU E 352 -37.07 -7.25 -28.83
N GLY E 353 -37.92 -7.79 -29.71
CA GLY E 353 -39.37 -7.73 -29.51
C GLY E 353 -39.92 -6.34 -29.81
N VAL E 354 -39.19 -5.60 -30.64
CA VAL E 354 -39.51 -4.22 -30.98
C VAL E 354 -39.11 -3.94 -32.44
N THR E 355 -39.99 -3.22 -33.13
CA THR E 355 -39.74 -2.76 -34.49
C THR E 355 -39.80 -1.22 -34.47
N PRO E 356 -39.18 -0.52 -35.45
CA PRO E 356 -39.23 0.95 -35.42
C PRO E 356 -40.61 1.54 -35.68
N ASP E 357 -40.82 2.76 -35.17
CA ASP E 357 -42.06 3.49 -35.39
C ASP E 357 -41.80 4.57 -36.45
N PHE E 358 -41.77 4.14 -37.71
CA PHE E 358 -41.38 4.98 -38.85
C PHE E 358 -42.27 6.20 -39.06
N ASN E 359 -43.54 6.11 -38.65
CA ASN E 359 -44.47 7.23 -38.66
C ASN E 359 -44.05 8.35 -37.70
N SER E 360 -43.57 7.95 -36.53
CA SER E 360 -43.09 8.89 -35.51
C SER E 360 -41.71 9.43 -35.87
N LEU E 361 -40.85 8.52 -36.34
CA LEU E 361 -39.44 8.82 -36.60
C LEU E 361 -39.19 9.69 -37.82
N GLY E 362 -40.19 9.74 -38.72
CA GLY E 362 -40.11 10.50 -39.95
C GLY E 362 -39.13 9.92 -40.95
N ALA E 363 -38.61 10.78 -41.82
CA ALA E 363 -37.62 10.39 -42.82
C ALA E 363 -36.27 10.24 -42.14
N PRO E 364 -35.46 9.25 -42.56
CA PRO E 364 -34.12 9.12 -41.98
C PRO E 364 -33.22 10.32 -42.30
N VAL E 365 -32.40 10.75 -41.34
CA VAL E 365 -31.51 11.90 -41.54
C VAL E 365 -30.23 11.54 -42.31
N ALA E 366 -29.90 10.25 -42.31
CA ALA E 366 -28.76 9.72 -43.06
C ALA E 366 -29.04 8.28 -43.45
N ASP E 367 -28.51 7.86 -44.59
CA ASP E 367 -28.85 6.56 -45.18
C ASP E 367 -27.68 6.00 -45.99
N TRP E 368 -27.11 4.89 -45.51
CA TRP E 368 -26.04 4.20 -46.19
C TRP E 368 -26.54 2.86 -46.73
N ALA E 369 -26.40 2.65 -48.04
CA ALA E 369 -26.90 1.46 -48.69
C ALA E 369 -25.86 0.82 -49.64
N LEU E 370 -25.84 -0.50 -49.67
CA LEU E 370 -25.07 -1.24 -50.66
C LEU E 370 -25.77 -1.19 -52.02
N PRO E 371 -25.04 -0.83 -53.09
CA PRO E 371 -25.57 -0.87 -54.47
C PRO E 371 -25.92 -2.30 -54.91
N GLU E 372 -26.66 -2.41 -56.01
CA GLU E 372 -27.18 -3.69 -56.51
C GLU E 372 -26.12 -4.72 -56.93
N GLY E 373 -24.94 -4.25 -57.35
CA GLY E 373 -23.80 -5.13 -57.62
C GLY E 373 -23.19 -5.73 -56.37
N SER F 2 -14.78 45.41 -22.89
CA SER F 2 -15.90 44.45 -23.09
C SER F 2 -15.87 43.86 -24.50
N LEU F 3 -16.06 42.54 -24.60
CA LEU F 3 -16.05 41.85 -25.90
C LEU F 3 -17.14 40.79 -26.02
N ARG F 4 -17.67 40.63 -27.24
CA ARG F 4 -18.70 39.65 -27.52
C ARG F 4 -18.33 38.81 -28.74
N ILE F 5 -18.61 37.51 -28.69
CA ILE F 5 -18.50 36.65 -29.87
C ILE F 5 -19.76 36.85 -30.71
N THR F 6 -19.58 37.30 -31.95
CA THR F 6 -20.71 37.60 -32.83
C THR F 6 -20.96 36.52 -33.88
N ARG F 7 -19.95 35.70 -34.13
CA ARG F 7 -20.04 34.66 -35.16
C ARG F 7 -19.07 33.50 -34.90
N ILE F 8 -19.52 32.28 -35.20
CA ILE F 8 -18.67 31.09 -35.18
C ILE F 8 -18.83 30.36 -36.52
N ARG F 9 -17.74 30.12 -37.22
CA ARG F 9 -17.85 29.28 -38.36
C ARG F 9 -16.90 28.10 -38.34
N LEU F 10 -17.32 27.00 -38.96
CA LEU F 10 -16.54 25.77 -39.03
C LEU F 10 -16.14 25.47 -40.47
N TYR F 11 -14.84 25.27 -40.67
CA TYR F 11 -14.27 24.97 -41.98
C TYR F 11 -13.66 23.57 -41.95
N LYS F 12 -13.67 22.89 -43.10
CA LYS F 12 -13.09 21.55 -43.22
C LYS F 12 -12.32 21.39 -44.53
N THR F 13 -11.12 20.83 -44.46
CA THR F 13 -10.32 20.56 -45.66
C THR F 13 -9.43 19.30 -45.56
N ASP F 14 -8.87 18.91 -46.70
CA ASP F 14 -7.97 17.76 -46.78
C ASP F 14 -6.49 18.15 -46.74
N LEU F 15 -5.71 17.39 -45.99
CA LEU F 15 -4.27 17.57 -45.93
C LEU F 15 -3.53 16.28 -46.29
N PRO F 16 -3.19 16.11 -47.58
CA PRO F 16 -2.43 14.95 -48.08
C PRO F 16 -1.04 14.87 -47.47
N TYR F 17 -0.53 13.65 -47.32
CA TYR F 17 0.84 13.46 -46.80
C TYR F 17 1.90 13.83 -47.85
N VAL F 18 3.06 14.30 -47.39
CA VAL F 18 4.16 14.74 -48.27
C VAL F 18 4.77 13.66 -49.16
N ASP F 19 4.94 12.46 -48.61
CA ASP F 19 5.47 11.32 -49.39
C ASP F 19 4.34 10.52 -50.02
N GLY F 20 3.15 10.61 -49.44
CA GLY F 20 1.98 9.87 -49.91
C GLY F 20 1.66 8.68 -49.04
N SER F 21 2.69 8.11 -48.42
CA SER F 21 2.57 6.93 -47.56
C SER F 21 3.23 7.18 -46.20
N TYR F 22 2.45 7.00 -45.14
CA TYR F 22 2.92 7.26 -43.76
C TYR F 22 2.42 6.18 -42.79
N GLY F 23 3.33 5.30 -42.37
CA GLY F 23 2.99 4.19 -41.49
C GLY F 23 3.18 4.49 -40.02
N TRP F 24 2.24 4.02 -39.20
CA TRP F 24 2.35 4.08 -37.74
C TRP F 24 1.67 2.87 -37.09
N GLY F 25 2.10 2.52 -35.88
CA GLY F 25 1.46 1.49 -35.07
C GLY F 25 1.47 0.09 -35.64
N ALA F 26 0.42 -0.68 -35.33
CA ALA F 26 0.29 -2.05 -35.81
C ALA F 26 -0.39 -2.13 -37.19
N GLY F 27 0.28 -1.57 -38.21
CA GLY F 27 -0.18 -1.63 -39.59
C GLY F 27 -1.30 -0.67 -39.96
N ASN F 28 -1.15 0.60 -39.56
CA ASN F 28 -2.12 1.65 -39.89
C ASN F 28 -1.68 2.46 -41.12
N ALA F 29 -2.65 3.13 -41.76
CA ALA F 29 -2.43 3.79 -43.06
C ALA F 29 -2.86 5.26 -43.11
N ILE F 30 -1.93 6.14 -43.46
CA ILE F 30 -2.21 7.57 -43.69
C ILE F 30 -1.92 7.97 -45.15
N THR F 31 -2.89 8.64 -45.76
CA THR F 31 -2.71 9.25 -47.07
C THR F 31 -3.31 10.67 -47.13
N VAL F 32 -4.49 10.83 -46.53
CA VAL F 32 -5.20 12.11 -46.43
C VAL F 32 -5.72 12.31 -45.00
N ALA F 33 -5.39 13.45 -44.41
CA ALA F 33 -5.89 13.81 -43.08
C ALA F 33 -6.92 14.94 -43.18
N ARG F 34 -8.07 14.75 -42.54
CA ARG F 34 -9.14 15.75 -42.55
C ARG F 34 -8.99 16.77 -41.43
N ALA F 35 -8.91 18.05 -41.81
CA ALA F 35 -8.74 19.16 -40.86
C ALA F 35 -10.07 19.83 -40.52
N SER F 36 -10.17 20.31 -39.28
CA SER F 36 -11.31 21.09 -38.84
C SER F 36 -10.79 22.43 -38.34
N VAL F 37 -11.22 23.51 -38.99
CA VAL F 37 -10.78 24.85 -38.58
C VAL F 37 -11.94 25.66 -38.01
N VAL F 38 -11.78 26.14 -36.79
CA VAL F 38 -12.80 26.94 -36.11
C VAL F 38 -12.41 28.41 -36.17
N VAL F 39 -13.34 29.25 -36.66
CA VAL F 39 -13.10 30.69 -36.81
C VAL F 39 -14.12 31.48 -35.99
N ILE F 40 -13.61 32.32 -35.09
CA ILE F 40 -14.47 33.06 -34.16
C ILE F 40 -14.35 34.56 -34.36
N ASP F 41 -15.50 35.21 -34.55
CA ASP F 41 -15.57 36.63 -34.80
C ASP F 41 -16.13 37.46 -33.68
N THR F 42 -15.52 38.61 -33.50
CA THR F 42 -15.93 39.49 -32.41
C THR F 42 -16.44 40.85 -32.90
N ASP F 43 -17.19 41.53 -32.03
CA ASP F 43 -17.76 42.85 -32.35
C ASP F 43 -16.73 43.97 -32.48
N ALA F 44 -15.51 43.74 -31.99
CA ALA F 44 -14.43 44.70 -32.20
C ALA F 44 -13.59 44.40 -33.44
N GLY F 45 -14.00 43.39 -34.20
CA GLY F 45 -13.31 43.00 -35.43
C GLY F 45 -12.02 42.24 -35.23
N LEU F 46 -11.91 41.55 -34.10
CA LEU F 46 -10.81 40.62 -33.88
C LEU F 46 -11.29 39.22 -34.23
N GLN F 47 -10.40 38.44 -34.83
CA GLN F 47 -10.74 37.10 -35.29
C GLN F 47 -9.63 36.11 -35.00
N GLY F 48 -9.99 35.03 -34.31
CA GLY F 48 -9.05 33.97 -34.00
C GLY F 48 -9.39 32.69 -34.74
N CYS F 49 -8.37 31.83 -34.90
CA CYS F 49 -8.54 30.54 -35.55
C CYS F 49 -7.88 29.41 -34.75
N GLY F 50 -8.50 28.23 -34.82
CA GLY F 50 -7.97 27.02 -34.20
C GLY F 50 -8.09 25.81 -35.11
N GLU F 51 -7.43 24.71 -34.75
CA GLU F 51 -7.40 23.53 -35.60
C GLU F 51 -7.24 22.21 -34.84
N PHE F 52 -8.04 21.22 -35.21
CA PHE F 52 -7.79 19.84 -34.85
C PHE F 52 -7.76 18.96 -36.10
N THR F 53 -6.68 18.20 -36.24
CA THR F 53 -6.49 17.26 -37.34
C THR F 53 -5.89 15.99 -36.74
N PRO F 54 -6.57 14.86 -36.90
CA PRO F 54 -5.99 13.65 -36.34
C PRO F 54 -4.97 13.02 -37.28
N CYS F 55 -4.13 12.14 -36.74
CA CYS F 55 -3.27 11.30 -37.56
C CYS F 55 -3.83 9.88 -37.54
N GLY F 56 -4.97 9.73 -38.23
CA GLY F 56 -5.77 8.53 -38.20
C GLY F 56 -6.97 8.72 -37.31
N GLU F 57 -8.10 8.13 -37.70
CA GLU F 57 -9.36 8.24 -36.96
C GLU F 57 -9.45 7.31 -35.74
N ASN F 58 -8.46 6.43 -35.59
CA ASN F 58 -8.40 5.50 -34.47
C ASN F 58 -7.11 5.62 -33.66
N TYR F 59 -6.43 6.75 -33.81
CA TYR F 59 -5.16 7.02 -33.15
C TYR F 59 -5.33 7.25 -31.64
N MET F 60 -6.26 8.13 -31.29
CA MET F 60 -6.59 8.45 -29.90
C MET F 60 -8.12 8.50 -29.77
N ILE F 61 -8.62 8.88 -28.59
CA ILE F 61 -10.06 9.05 -28.40
C ILE F 61 -10.47 10.39 -29.03
N ALA F 62 -10.59 10.36 -30.36
CA ALA F 62 -10.69 11.55 -31.20
C ALA F 62 -10.91 11.19 -32.67
N HIS F 63 -11.92 11.81 -33.29
CA HIS F 63 -12.17 11.68 -34.73
C HIS F 63 -12.65 13.00 -35.35
N SER F 64 -12.44 13.15 -36.66
CA SER F 64 -12.65 14.41 -37.37
C SER F 64 -14.10 14.92 -37.46
N GLU F 65 -15.06 14.00 -37.48
CA GLU F 65 -16.48 14.35 -37.52
C GLU F 65 -17.01 14.80 -36.17
N GLY F 66 -16.22 14.57 -35.12
CA GLY F 66 -16.59 14.91 -33.74
C GLY F 66 -16.53 16.38 -33.41
N VAL F 67 -15.84 17.16 -34.24
CA VAL F 67 -15.72 18.61 -34.05
C VAL F 67 -17.03 19.28 -34.45
N ASP F 68 -17.61 18.79 -35.54
CA ASP F 68 -18.88 19.29 -36.08
C ASP F 68 -19.99 19.10 -35.07
N ALA F 69 -20.06 17.90 -34.50
CA ALA F 69 -21.11 17.49 -33.57
C ALA F 69 -21.10 18.29 -32.27
N PHE F 70 -19.90 18.60 -31.79
CA PHE F 70 -19.71 19.47 -30.63
C PHE F 70 -20.09 20.91 -30.94
N ALA F 71 -19.60 21.43 -32.07
CA ALA F 71 -19.91 22.78 -32.53
C ALA F 71 -21.42 23.04 -32.65
N ARG F 72 -22.14 22.06 -33.20
CA ARG F 72 -23.61 22.14 -33.34
C ARG F 72 -24.38 22.32 -32.02
N LEU F 73 -23.84 21.75 -30.94
CA LEU F 73 -24.41 21.91 -29.60
C LEU F 73 -23.95 23.21 -28.95
N ALA F 74 -22.65 23.49 -29.05
CA ALA F 74 -22.00 24.55 -28.29
C ALA F 74 -22.11 25.94 -28.89
N ALA F 75 -21.84 26.05 -30.20
CA ALA F 75 -21.77 27.37 -30.87
C ALA F 75 -22.95 28.34 -30.68
N PRO F 76 -24.22 27.88 -30.77
CA PRO F 76 -25.30 28.80 -30.37
C PRO F 76 -25.27 29.26 -28.90
N GLN F 77 -24.68 28.44 -28.02
CA GLN F 77 -24.56 28.77 -26.61
C GLN F 77 -23.32 29.61 -26.33
N LEU F 78 -22.38 29.64 -27.29
CA LEU F 78 -21.14 30.40 -27.15
C LEU F 78 -21.21 31.81 -27.72
N LEU F 79 -22.35 32.14 -28.35
CA LEU F 79 -22.53 33.44 -28.96
C LEU F 79 -22.84 34.53 -27.92
N GLY F 80 -22.19 35.68 -28.07
CA GLY F 80 -22.39 36.83 -27.18
C GLY F 80 -21.53 36.76 -25.93
N GLN F 81 -20.59 35.81 -25.92
CA GLN F 81 -19.74 35.54 -24.76
C GLN F 81 -18.34 36.13 -24.96
N ASP F 82 -17.59 36.31 -23.86
CA ASP F 82 -16.30 37.01 -23.92
C ASP F 82 -15.14 36.05 -24.22
N PRO F 83 -14.53 36.15 -25.42
CA PRO F 83 -13.58 35.15 -25.89
C PRO F 83 -12.15 35.25 -25.34
N ARG F 84 -11.76 36.42 -24.83
CA ARG F 84 -10.41 36.55 -24.28
C ARG F 84 -10.36 35.94 -22.88
N GLN F 85 -11.53 35.66 -22.30
CA GLN F 85 -11.62 34.99 -21.02
C GLN F 85 -11.56 33.48 -21.25
N VAL F 86 -10.34 33.03 -21.59
CA VAL F 86 -10.05 31.65 -22.02
C VAL F 86 -10.52 30.57 -21.04
N ALA F 87 -10.37 30.81 -19.74
CA ALA F 87 -10.76 29.84 -18.72
C ALA F 87 -12.26 29.84 -18.51
N ARG F 88 -12.88 30.98 -18.74
CA ARG F 88 -14.33 31.11 -18.62
C ARG F 88 -15.01 30.37 -19.78
N MET F 89 -14.38 30.41 -20.95
CA MET F 89 -14.85 29.68 -22.14
C MET F 89 -14.66 28.17 -21.96
N GLU F 90 -13.56 27.82 -21.32
CA GLU F 90 -13.18 26.44 -21.04
C GLU F 90 -14.23 25.78 -20.16
N ARG F 91 -14.64 26.47 -19.09
CA ARG F 91 -15.61 25.95 -18.13
C ARG F 91 -17.04 25.90 -18.70
N LEU F 92 -17.35 26.85 -19.59
CA LEU F 92 -18.63 26.87 -20.29
C LEU F 92 -18.75 25.71 -21.28
N MET F 93 -17.69 25.48 -22.08
CA MET F 93 -17.64 24.35 -23.01
C MET F 93 -17.69 23.00 -22.29
N ASP F 94 -17.11 22.95 -21.10
CA ASP F 94 -17.16 21.76 -20.24
C ASP F 94 -18.50 21.61 -19.48
N HIS F 95 -19.25 22.70 -19.35
CA HIS F 95 -20.60 22.65 -18.78
C HIS F 95 -21.62 22.20 -19.83
N LEU F 96 -21.34 22.52 -21.10
CA LEU F 96 -22.23 22.14 -22.20
C LEU F 96 -22.17 20.65 -22.58
N VAL F 97 -20.95 20.10 -22.60
CA VAL F 97 -20.74 18.68 -22.87
C VAL F 97 -19.53 18.17 -22.10
N GLN F 98 -19.69 17.02 -21.44
CA GLN F 98 -18.60 16.38 -20.70
C GLN F 98 -17.66 15.65 -21.64
N GLY F 99 -16.37 15.69 -21.33
CA GLY F 99 -15.34 15.04 -22.14
C GLY F 99 -15.21 15.67 -23.50
N HIS F 100 -14.97 14.84 -24.52
CA HIS F 100 -14.84 15.25 -25.92
C HIS F 100 -13.83 16.40 -26.12
N GLY F 101 -12.69 16.27 -25.46
CA GLY F 101 -11.70 17.36 -25.40
C GLY F 101 -11.13 17.79 -26.73
N TYR F 102 -10.90 16.82 -27.61
CA TYR F 102 -10.38 17.04 -28.97
C TYR F 102 -11.20 18.01 -29.81
N ALA F 103 -12.51 18.05 -29.54
CA ALA F 103 -13.46 18.86 -30.28
C ALA F 103 -13.51 20.29 -29.77
N LYS F 104 -13.16 20.47 -28.49
CA LYS F 104 -13.11 21.78 -27.85
C LYS F 104 -11.78 22.46 -28.16
N ALA F 105 -10.76 21.64 -28.41
CA ALA F 105 -9.40 22.11 -28.73
C ALA F 105 -9.26 23.24 -29.77
N PRO F 106 -9.93 23.15 -30.94
CA PRO F 106 -9.77 24.27 -31.90
C PRO F 106 -10.48 25.56 -31.51
N PHE F 107 -11.54 25.46 -30.70
CA PHE F 107 -12.21 26.64 -30.17
C PHE F 107 -11.29 27.38 -29.22
N ASP F 108 -10.67 26.59 -28.33
CA ASP F 108 -9.77 27.09 -27.30
CA ASP F 108 -9.77 27.08 -27.31
C ASP F 108 -8.54 27.80 -27.87
N ALA F 109 -8.05 27.31 -29.01
CA ALA F 109 -6.89 27.91 -29.67
C ALA F 109 -7.21 29.26 -30.29
N ALA F 110 -8.44 29.40 -30.76
CA ALA F 110 -8.94 30.67 -31.30
C ALA F 110 -9.14 31.71 -30.19
N PHE F 111 -9.57 31.23 -29.02
CA PHE F 111 -9.74 32.07 -27.82
C PHE F 111 -8.40 32.61 -27.32
N TRP F 112 -7.37 31.76 -27.38
CA TRP F 112 -6.00 32.16 -27.05
C TRP F 112 -5.39 33.10 -28.09
N ASP F 113 -5.81 32.91 -29.35
CA ASP F 113 -5.37 33.75 -30.47
C ASP F 113 -5.94 35.14 -30.30
N ILE F 114 -7.23 35.20 -29.93
CA ILE F 114 -7.94 36.45 -29.71
C ILE F 114 -7.39 37.19 -28.48
N LEU F 115 -7.09 36.45 -27.42
CA LEU F 115 -6.43 37.01 -26.23
C LEU F 115 -5.10 37.68 -26.58
N GLY F 116 -4.29 37.00 -27.39
CA GLY F 116 -3.02 37.54 -27.87
C GLY F 116 -3.12 38.84 -28.66
N GLN F 117 -4.15 38.93 -29.52
CA GLN F 117 -4.37 40.10 -30.37
C GLN F 117 -4.88 41.29 -29.56
N ALA F 118 -5.72 40.99 -28.57
CA ALA F 118 -6.31 42.00 -27.69
C ALA F 118 -5.28 42.62 -26.75
N THR F 119 -4.28 41.83 -26.37
CA THR F 119 -3.23 42.25 -25.44
C THR F 119 -1.98 42.81 -26.13
N GLY F 120 -1.87 42.55 -27.44
CA GLY F 120 -0.72 43.01 -28.23
C GLY F 120 0.51 42.14 -28.02
N GLN F 121 0.27 40.89 -27.63
CA GLN F 121 1.32 39.95 -27.25
C GLN F 121 1.18 38.61 -27.96
N PRO F 122 2.31 37.92 -28.25
CA PRO F 122 2.25 36.52 -28.72
C PRO F 122 1.74 35.58 -27.63
N VAL F 123 1.27 34.41 -28.05
CA VAL F 123 0.66 33.43 -27.14
C VAL F 123 1.66 32.88 -26.12
N TRP F 124 2.92 32.74 -26.52
CA TRP F 124 3.97 32.32 -25.59
C TRP F 124 4.14 33.25 -24.38
N MET F 125 3.92 34.55 -24.59
CA MET F 125 4.00 35.55 -23.51
C MET F 125 2.90 35.35 -22.46
N LEU F 126 1.69 35.03 -22.93
CA LEU F 126 0.56 34.80 -22.03
C LEU F 126 0.62 33.43 -21.36
N LEU F 127 1.47 32.55 -21.89
CA LEU F 127 1.75 31.25 -21.30
C LEU F 127 2.96 31.30 -20.38
N GLY F 128 3.52 32.50 -20.16
CA GLY F 128 4.61 32.69 -19.20
C GLY F 128 5.89 33.35 -19.69
N GLY F 129 6.10 33.41 -21.00
CA GLY F 129 7.35 33.91 -21.56
C GLY F 129 8.08 32.91 -22.46
N LYS F 130 9.18 33.35 -23.06
CA LYS F 130 9.96 32.53 -23.97
C LYS F 130 11.06 31.78 -23.23
N LEU F 131 10.72 30.59 -22.76
CA LEU F 131 11.56 29.80 -21.87
C LEU F 131 12.47 28.87 -22.64
N CYS F 132 12.28 28.88 -23.96
CA CYS F 132 13.01 28.05 -24.90
C CYS F 132 13.18 28.83 -26.20
N ASP F 133 14.42 29.20 -26.55
CA ASP F 133 14.64 29.89 -27.82
C ASP F 133 14.89 28.86 -28.93
N GLY F 134 13.80 28.38 -29.52
CA GLY F 134 13.86 27.32 -30.52
C GLY F 134 13.82 25.94 -29.91
N ALA F 135 12.67 25.28 -30.06
CA ALA F 135 12.49 23.91 -29.61
C ALA F 135 13.34 22.98 -30.46
N PRO F 136 14.06 22.02 -29.83
CA PRO F 136 14.80 21.05 -30.65
C PRO F 136 13.80 20.16 -31.39
N MET F 137 14.17 19.66 -32.56
CA MET F 137 13.25 18.81 -33.33
C MET F 137 13.86 17.43 -33.59
N TYR F 138 13.07 16.56 -34.22
CA TYR F 138 13.52 15.22 -34.58
C TYR F 138 13.24 14.92 -36.05
N ARG F 139 13.97 13.94 -36.59
CA ARG F 139 13.69 13.45 -37.93
C ARG F 139 13.22 12.00 -37.93
N VAL F 140 12.18 11.75 -38.74
CA VAL F 140 11.42 10.51 -38.72
C VAL F 140 12.11 9.39 -39.54
N ALA F 141 13.43 9.55 -39.72
CA ALA F 141 14.20 8.81 -40.69
C ALA F 141 14.95 7.61 -40.11
N PRO F 142 15.30 6.62 -40.97
CA PRO F 142 14.70 6.30 -42.28
C PRO F 142 13.98 4.95 -42.29
N GLN F 143 13.95 4.32 -43.47
CA GLN F 143 13.41 2.97 -43.64
C GLN F 143 14.34 2.19 -44.57
N ARG F 144 15.13 2.93 -45.34
CA ARG F 144 15.86 2.45 -46.50
C ARG F 144 17.14 1.63 -46.22
N SER F 145 17.99 1.51 -47.24
CA SER F 145 19.25 0.73 -47.20
C SER F 145 20.29 1.30 -46.25
N GLU F 146 21.26 0.47 -45.84
CA GLU F 146 22.32 0.84 -44.88
C GLU F 146 23.22 1.98 -45.38
N ALA F 147 23.57 1.95 -46.66
CA ALA F 147 24.39 2.99 -47.27
C ALA F 147 23.60 4.29 -47.44
N GLU F 148 22.31 4.16 -47.74
CA GLU F 148 21.41 5.29 -47.92
C GLU F 148 21.05 5.93 -46.57
N THR F 149 20.98 5.09 -45.54
CA THR F 149 20.68 5.51 -44.18
C THR F 149 21.81 6.36 -43.60
N ARG F 150 23.04 5.89 -43.78
CA ARG F 150 24.23 6.59 -43.29
C ARG F 150 24.42 7.94 -44.00
N ALA F 151 23.97 8.01 -45.25
CA ALA F 151 23.99 9.26 -46.02
C ALA F 151 22.89 10.22 -45.57
N GLU F 152 21.69 9.71 -45.32
CA GLU F 152 20.53 10.55 -44.97
C GLU F 152 20.61 11.06 -43.53
N LEU F 153 21.24 10.27 -42.66
CA LEU F 153 21.47 10.69 -41.27
C LEU F 153 22.52 11.79 -41.23
N ALA F 154 23.51 11.72 -42.12
CA ALA F 154 24.54 12.75 -42.23
C ALA F 154 24.02 14.06 -42.84
N ARG F 155 22.97 13.95 -43.66
CA ARG F 155 22.27 15.12 -44.19
C ARG F 155 21.39 15.77 -43.12
N HIS F 156 20.84 14.93 -42.25
CA HIS F 156 20.06 15.41 -41.11
C HIS F 156 20.97 16.01 -40.04
N ARG F 157 22.15 15.41 -39.86
CA ARG F 157 23.16 15.86 -38.90
C ARG F 157 23.70 17.25 -39.23
N ALA F 158 24.01 17.48 -40.50
CA ALA F 158 24.49 18.78 -40.99
C ALA F 158 23.41 19.87 -40.99
N ALA F 159 22.14 19.47 -41.08
CA ALA F 159 20.99 20.39 -41.01
C ALA F 159 20.70 20.83 -39.57
N GLY F 160 21.26 20.08 -38.61
CA GLY F 160 21.17 20.44 -37.19
C GLY F 160 20.35 19.46 -36.35
N TYR F 161 20.03 18.30 -36.92
CA TYR F 161 19.22 17.30 -36.22
C TYR F 161 20.09 16.32 -35.45
N ARG F 162 19.70 16.06 -34.21
CA ARG F 162 20.47 15.23 -33.31
C ARG F 162 19.57 14.15 -32.71
N GLN F 163 18.30 14.16 -33.11
CA GLN F 163 17.29 13.25 -32.57
C GLN F 163 16.56 12.54 -33.70
N PHE F 164 16.38 11.23 -33.57
CA PHE F 164 15.80 10.43 -34.65
C PHE F 164 14.74 9.43 -34.17
N GLN F 165 13.59 9.43 -34.83
CA GLN F 165 12.53 8.46 -34.55
C GLN F 165 12.60 7.23 -35.45
N ILE F 166 12.67 6.05 -34.83
CA ILE F 166 12.56 4.77 -35.52
C ILE F 166 11.10 4.32 -35.39
N LYS F 167 10.36 4.38 -36.50
CA LYS F 167 8.94 4.06 -36.50
C LYS F 167 8.73 2.54 -36.47
N VAL F 168 8.20 2.04 -35.36
CA VAL F 168 8.04 0.60 -35.16
C VAL F 168 6.63 0.26 -34.69
N GLY F 169 6.40 -0.98 -34.29
CA GLY F 169 5.15 -1.39 -33.66
C GLY F 169 4.26 -2.35 -34.43
N ALA F 170 4.66 -2.69 -35.65
CA ALA F 170 3.85 -3.56 -36.52
C ALA F 170 4.32 -5.01 -36.54
N ASP F 171 5.56 -5.24 -36.11
CA ASP F 171 6.21 -6.56 -36.16
C ASP F 171 7.41 -6.54 -35.24
N TRP F 172 7.20 -7.00 -34.01
CA TRP F 172 8.17 -6.93 -32.91
C TRP F 172 9.53 -7.57 -33.26
N GLN F 173 9.49 -8.60 -34.09
CA GLN F 173 10.67 -9.35 -34.44
C GLN F 173 11.58 -8.56 -35.38
N SER F 174 10.98 -7.91 -36.38
CA SER F 174 11.76 -7.12 -37.33
C SER F 174 12.08 -5.74 -36.75
N ASP F 175 11.29 -5.31 -35.76
CA ASP F 175 11.55 -4.08 -35.03
C ASP F 175 12.83 -4.20 -34.22
N ILE F 176 13.07 -5.38 -33.64
CA ILE F 176 14.35 -5.71 -32.96
C ILE F 176 15.52 -5.49 -33.91
N ASP F 177 15.37 -5.97 -35.15
CA ASP F 177 16.38 -5.82 -36.20
C ASP F 177 16.58 -4.36 -36.61
N ARG F 178 15.48 -3.60 -36.66
CA ARG F 178 15.51 -2.18 -37.00
C ARG F 178 16.26 -1.34 -35.97
N ILE F 179 16.00 -1.62 -34.69
CA ILE F 179 16.65 -0.93 -33.58
C ILE F 179 18.14 -1.29 -33.53
N ARG F 180 18.45 -2.58 -33.61
CA ARG F 180 19.84 -3.05 -33.58
C ARG F 180 20.72 -2.50 -34.71
N ALA F 181 20.13 -2.26 -35.88
CA ALA F 181 20.88 -1.77 -37.03
C ALA F 181 21.02 -0.26 -37.03
N CYS F 182 20.05 0.44 -36.44
CA CYS F 182 20.05 1.90 -36.44
C CYS F 182 21.03 2.54 -35.45
N LEU F 183 21.09 2.00 -34.23
CA LEU F 183 21.88 2.61 -33.15
C LEU F 183 23.41 2.72 -33.33
N PRO F 184 24.09 1.75 -33.99
CA PRO F 184 25.51 2.00 -34.28
C PRO F 184 25.75 3.01 -35.41
N LEU F 185 24.66 3.46 -36.06
CA LEU F 185 24.74 4.42 -37.17
C LEU F 185 24.58 5.88 -36.71
N LEU F 186 24.08 6.08 -35.49
CA LEU F 186 24.11 7.42 -34.90
C LEU F 186 25.33 7.59 -33.99
N GLU F 187 25.81 8.83 -33.90
CA GLU F 187 27.04 9.13 -33.16
C GLU F 187 26.76 9.52 -31.69
N PRO F 188 27.79 9.47 -30.80
CA PRO F 188 27.75 9.76 -29.36
C PRO F 188 26.59 10.59 -28.78
N GLY F 189 26.46 11.83 -29.25
CA GLY F 189 25.50 12.77 -28.65
C GLY F 189 24.03 12.64 -29.02
N GLU F 190 23.69 11.63 -29.83
CA GLU F 190 22.39 11.58 -30.50
C GLU F 190 21.34 10.67 -29.83
N LYS F 191 20.07 11.05 -29.97
CA LYS F 191 18.95 10.30 -29.38
C LYS F 191 18.14 9.53 -30.42
N ALA F 192 17.80 8.30 -30.09
CA ALA F 192 16.89 7.51 -30.91
C ALA F 192 15.69 7.10 -30.07
N MET F 193 14.51 7.43 -30.57
CA MET F 193 13.27 6.95 -29.97
C MET F 193 12.55 5.97 -30.89
N ALA F 194 12.32 4.77 -30.36
CA ALA F 194 11.59 3.75 -31.09
C ALA F 194 10.12 3.83 -30.68
N ASP F 195 9.30 4.47 -31.51
CA ASP F 195 7.87 4.63 -31.20
C ASP F 195 7.06 3.47 -31.76
N ALA F 196 6.37 2.74 -30.88
CA ALA F 196 5.52 1.64 -31.34
C ALA F 196 4.08 2.08 -31.60
N ASN F 197 3.74 3.28 -31.21
CA ASN F 197 2.39 3.77 -31.34
C ASN F 197 1.32 2.83 -30.88
N GLN F 198 1.39 2.42 -29.63
CA GLN F 198 0.43 1.50 -29.02
C GLN F 198 0.42 0.10 -29.66
N GLY F 199 1.44 -0.21 -30.44
CA GLY F 199 1.38 -1.32 -31.39
C GLY F 199 1.66 -2.74 -30.92
N TRP F 200 2.48 -2.91 -29.90
CA TRP F 200 2.84 -4.27 -29.48
C TRP F 200 1.89 -4.80 -28.44
N ARG F 201 1.72 -6.12 -28.50
CA ARG F 201 1.16 -6.91 -27.43
C ARG F 201 2.21 -6.95 -26.33
N VAL F 202 1.77 -7.10 -25.09
CA VAL F 202 2.64 -6.94 -23.92
C VAL F 202 3.78 -7.97 -23.81
N ASP F 203 3.51 -9.23 -24.18
CA ASP F 203 4.55 -10.26 -24.16
C ASP F 203 5.63 -10.01 -25.22
N ASN F 204 5.18 -9.55 -26.39
CA ASN F 204 6.04 -9.28 -27.53
C ASN F 204 6.84 -8.00 -27.28
N ALA F 205 6.23 -7.06 -26.58
CA ALA F 205 6.92 -5.83 -26.20
C ALA F 205 8.10 -6.16 -25.27
N ILE F 206 7.86 -7.09 -24.34
CA ILE F 206 8.87 -7.53 -23.38
C ILE F 206 10.02 -8.30 -24.06
N ARG F 207 9.71 -9.17 -25.02
CA ARG F 207 10.72 -9.89 -25.80
C ARG F 207 11.68 -8.93 -26.49
N LEU F 208 11.12 -7.85 -27.03
CA LEU F 208 11.89 -6.81 -27.70
C LEU F 208 12.78 -6.06 -26.71
N ALA F 209 12.24 -5.76 -25.53
CA ALA F 209 12.99 -5.11 -24.46
C ALA F 209 14.15 -5.96 -23.96
N ARG F 210 13.93 -7.26 -23.84
CA ARG F 210 14.95 -8.19 -23.39
C ARG F 210 16.02 -8.39 -24.47
N ALA F 211 15.63 -8.29 -25.74
CA ALA F 211 16.54 -8.49 -26.87
C ALA F 211 17.38 -7.26 -27.16
N THR F 212 16.95 -6.12 -26.63
CA THR F 212 17.62 -4.84 -26.86
C THR F 212 18.06 -4.20 -25.53
N ARG F 213 18.15 -5.03 -24.48
CA ARG F 213 18.47 -4.59 -23.10
C ARG F 213 19.83 -3.92 -22.92
N ASP F 214 20.78 -4.28 -23.77
CA ASP F 214 22.13 -3.73 -23.73
C ASP F 214 22.20 -2.38 -24.43
N LEU F 215 21.12 -1.98 -25.10
CA LEU F 215 21.13 -0.83 -25.99
C LEU F 215 20.59 0.46 -25.36
N ASP F 216 21.13 1.59 -25.79
CA ASP F 216 20.70 2.91 -25.35
C ASP F 216 19.78 3.58 -26.37
N TYR F 217 18.48 3.56 -26.10
CA TYR F 217 17.47 4.24 -26.92
C TYR F 217 16.28 4.60 -26.03
N ILE F 218 15.34 5.36 -26.58
CA ILE F 218 14.13 5.73 -25.85
C ILE F 218 12.99 4.80 -26.27
N LEU F 219 12.45 4.06 -25.31
CA LEU F 219 11.32 3.18 -25.58
C LEU F 219 10.01 3.96 -25.48
N GLU F 220 9.36 4.15 -26.63
CA GLU F 220 8.20 5.04 -26.69
C GLU F 220 6.88 4.31 -26.96
N GLN F 221 5.93 4.51 -26.04
CA GLN F 221 4.59 3.92 -26.09
C GLN F 221 4.56 2.49 -26.69
N PRO F 222 5.21 1.53 -26.00
CA PRO F 222 5.26 0.18 -26.59
C PRO F 222 3.86 -0.46 -26.80
N CYS F 223 2.96 -0.20 -25.86
CA CYS F 223 1.64 -0.83 -25.81
C CYS F 223 0.52 0.22 -25.71
N ARG F 224 -0.73 -0.22 -25.76
CA ARG F 224 -1.88 0.71 -25.76
C ARG F 224 -2.13 1.37 -24.42
N SER F 225 -2.43 0.57 -23.41
CA SER F 225 -2.72 1.15 -22.10
C SER F 225 -1.46 1.47 -21.31
N TYR F 226 -1.66 2.30 -20.29
CA TYR F 226 -0.62 2.65 -19.33
C TYR F 226 -0.17 1.41 -18.56
N GLU F 227 -1.12 0.57 -18.15
CA GLU F 227 -0.83 -0.66 -17.39
C GLU F 227 0.02 -1.70 -18.14
N GLU F 228 -0.22 -1.84 -19.43
CA GLU F 228 0.66 -2.67 -20.28
C GLU F 228 2.04 -2.06 -20.37
N CYS F 229 2.10 -0.74 -20.54
CA CYS F 229 3.38 -0.02 -20.59
C CYS F 229 4.20 -0.15 -19.29
N GLN F 230 3.52 -0.06 -18.15
CA GLN F 230 4.13 -0.32 -16.85
C GLN F 230 4.56 -1.76 -16.66
N GLN F 231 3.80 -2.69 -17.24
CA GLN F 231 4.18 -4.10 -17.25
C GLN F 231 5.45 -4.34 -18.08
N VAL F 232 5.62 -3.58 -19.16
CA VAL F 232 6.82 -3.67 -19.99
C VAL F 232 7.99 -3.05 -19.23
N ARG F 233 7.68 -1.98 -18.49
CA ARG F 233 8.65 -1.25 -17.67
C ARG F 233 9.26 -2.08 -16.54
N ARG F 234 8.53 -3.10 -16.08
CA ARG F 234 9.03 -4.03 -15.06
C ARG F 234 10.34 -4.68 -15.50
N VAL F 235 10.49 -4.85 -16.82
CA VAL F 235 11.66 -5.49 -17.42
C VAL F 235 12.59 -4.47 -18.11
N ALA F 236 11.99 -3.47 -18.75
CA ALA F 236 12.70 -2.50 -19.57
C ALA F 236 13.33 -1.32 -18.82
N ASP F 237 14.67 -1.26 -18.85
CA ASP F 237 15.45 -0.18 -18.26
C ASP F 237 15.61 1.04 -19.16
N GLN F 238 15.26 0.91 -20.44
CA GLN F 238 15.27 2.04 -21.37
C GLN F 238 14.42 3.19 -20.84
N PRO F 239 14.92 4.44 -20.96
CA PRO F 239 14.08 5.61 -20.69
C PRO F 239 12.78 5.47 -21.47
N MET F 240 11.66 5.40 -20.74
CA MET F 240 10.34 5.22 -21.35
C MET F 240 9.60 6.52 -21.59
N LYS F 241 9.15 6.68 -22.83
CA LYS F 241 8.32 7.80 -23.21
C LYS F 241 6.87 7.37 -23.37
N LEU F 242 5.99 8.02 -22.61
CA LEU F 242 4.56 7.80 -22.76
C LEU F 242 3.95 8.94 -23.53
N ASP F 243 2.96 8.62 -24.36
CA ASP F 243 2.41 9.55 -25.34
C ASP F 243 0.89 9.49 -25.40
N GLU F 244 0.35 8.55 -26.16
CA GLU F 244 -1.09 8.48 -26.41
C GLU F 244 -1.95 8.29 -25.15
N CYS F 245 -1.40 7.62 -24.14
CA CYS F 245 -2.11 7.44 -22.87
C CYS F 245 -2.14 8.68 -21.96
N VAL F 246 -1.27 9.65 -22.24
CA VAL F 246 -1.25 10.93 -21.50
C VAL F 246 -2.42 11.83 -21.96
N THR F 247 -3.60 11.56 -21.41
CA THR F 247 -4.85 12.15 -21.88
C THR F 247 -5.29 13.38 -21.09
N GLY F 248 -4.58 13.68 -20.01
CA GLY F 248 -4.95 14.82 -19.18
C GLY F 248 -4.21 14.84 -17.87
N LEU F 249 -4.62 15.75 -16.99
CA LEU F 249 -3.99 15.96 -15.70
C LEU F 249 -4.06 14.74 -14.78
N HIS F 250 -5.18 14.03 -14.83
N HIS F 250 -5.16 14.01 -14.84
CA HIS F 250 -5.44 12.84 -14.01
CA HIS F 250 -5.37 12.87 -13.96
C HIS F 250 -4.41 11.74 -14.29
C HIS F 250 -4.48 11.66 -14.30
N MET F 251 -4.10 11.53 -15.57
CA MET F 251 -3.09 10.54 -15.96
C MET F 251 -1.69 11.05 -15.65
N ALA F 252 -1.45 12.34 -15.86
CA ALA F 252 -0.19 12.99 -15.47
C ALA F 252 0.11 12.81 -13.97
N GLN F 253 -0.91 12.97 -13.12
CA GLN F 253 -0.80 12.76 -11.67
C GLN F 253 -0.38 11.35 -11.30
N ARG F 254 -0.89 10.40 -12.07
CA ARG F 254 -0.66 8.98 -11.87
C ARG F 254 0.72 8.56 -12.39
N ILE F 255 1.11 9.08 -13.55
CA ILE F 255 2.49 8.88 -14.06
C ILE F 255 3.51 9.42 -13.05
N VAL F 256 3.22 10.60 -12.48
CA VAL F 256 4.11 11.20 -11.48
C VAL F 256 4.16 10.38 -10.18
N ALA F 257 2.99 9.98 -9.67
CA ALA F 257 2.89 9.15 -8.45
C ALA F 257 3.70 7.86 -8.54
N ASP F 258 3.73 7.27 -9.73
CA ASP F 258 4.40 6.01 -10.01
C ASP F 258 5.84 6.18 -10.47
N ARG F 259 6.23 7.43 -10.73
CA ARG F 259 7.42 7.77 -11.54
C ARG F 259 7.47 6.80 -12.72
N GLY F 260 6.43 6.87 -13.55
CA GLY F 260 6.13 5.81 -14.52
C GLY F 260 6.63 6.03 -15.93
N ALA F 261 7.35 7.14 -16.14
CA ALA F 261 7.96 7.45 -17.44
C ALA F 261 9.13 8.41 -17.28
N GLU F 262 10.03 8.40 -18.24
CA GLU F 262 11.15 9.31 -18.27
C GLU F 262 10.80 10.55 -19.09
N ILE F 263 9.89 10.38 -20.04
CA ILE F 263 9.43 11.48 -20.91
C ILE F 263 7.92 11.38 -21.06
N CYS F 264 7.22 12.50 -20.90
CA CYS F 264 5.81 12.54 -21.19
C CYS F 264 5.58 13.37 -22.43
N CYS F 265 4.88 12.80 -23.39
CA CYS F 265 4.60 13.49 -24.62
C CYS F 265 3.24 14.16 -24.53
N LEU F 266 3.21 15.43 -24.88
CA LEU F 266 2.02 16.23 -24.72
C LEU F 266 1.51 16.69 -26.07
N LYS F 267 0.35 16.13 -26.45
CA LYS F 267 -0.32 16.47 -27.69
C LYS F 267 -1.50 17.34 -27.30
N ILE F 268 -1.50 18.58 -27.78
CA ILE F 268 -2.44 19.63 -27.36
C ILE F 268 -3.93 19.23 -27.41
N SER F 269 -4.32 18.53 -28.48
CA SER F 269 -5.72 18.14 -28.65
CA SER F 269 -5.71 18.12 -28.68
C SER F 269 -6.06 16.80 -27.96
N ASN F 270 -5.04 16.02 -27.62
CA ASN F 270 -5.28 14.79 -26.83
C ASN F 270 -5.50 15.17 -25.37
N LEU F 271 -4.97 16.33 -25.00
CA LEU F 271 -5.14 16.89 -23.67
C LEU F 271 -6.36 17.80 -23.62
N GLY F 272 -6.97 18.05 -24.78
CA GLY F 272 -8.25 18.74 -24.83
C GLY F 272 -8.21 20.24 -25.04
N GLY F 273 -7.11 20.73 -25.58
CA GLY F 273 -6.95 22.16 -25.83
C GLY F 273 -5.70 22.72 -25.20
N LEU F 274 -5.30 23.91 -25.64
CA LEU F 274 -4.09 24.57 -25.17
C LEU F 274 -4.14 25.00 -23.70
N SER F 275 -5.34 25.24 -23.19
CA SER F 275 -5.50 25.61 -21.78
C SER F 275 -5.18 24.43 -20.88
N LYS F 276 -5.75 23.27 -21.20
CA LYS F 276 -5.52 22.04 -20.44
C LYS F 276 -4.12 21.46 -20.67
N ALA F 277 -3.58 21.67 -21.87
CA ALA F 277 -2.24 21.21 -22.24
C ALA F 277 -1.18 21.97 -21.48
N ARG F 278 -1.39 23.28 -21.36
CA ARG F 278 -0.53 24.19 -20.61
C ARG F 278 -0.48 23.81 -19.12
N ARG F 279 -1.64 23.44 -18.57
CA ARG F 279 -1.73 23.10 -17.15
C ARG F 279 -1.09 21.74 -16.82
N THR F 280 -1.27 20.78 -17.71
CA THR F 280 -0.61 19.48 -17.61
C THR F 280 0.92 19.61 -17.72
N ARG F 281 1.43 20.38 -18.68
CA ARG F 281 2.88 20.56 -18.76
C ARG F 281 3.46 21.27 -17.54
N ASP F 282 2.77 22.30 -17.06
CA ASP F 282 3.21 23.07 -15.91
C ASP F 282 3.30 22.21 -14.66
N PHE F 283 2.33 21.29 -14.54
CA PHE F 283 2.33 20.28 -13.49
C PHE F 283 3.51 19.34 -13.63
N LEU F 284 3.77 18.88 -14.84
CA LEU F 284 4.85 17.92 -15.09
C LEU F 284 6.21 18.56 -14.88
N ILE F 285 6.36 19.80 -15.33
CA ILE F 285 7.58 20.60 -15.12
C ILE F 285 7.88 20.79 -13.62
N ASP F 286 6.87 21.20 -12.84
CA ASP F 286 7.01 21.35 -11.39
C ASP F 286 7.36 20.03 -10.68
N ASN F 287 7.04 18.92 -11.33
CA ASN F 287 7.44 17.60 -10.85
C ASN F 287 8.68 17.07 -11.56
N ARG F 288 9.34 17.96 -12.32
CA ARG F 288 10.64 17.73 -12.95
C ARG F 288 10.65 16.56 -13.92
N MET F 289 9.53 16.42 -14.63
CA MET F 289 9.36 15.41 -15.67
C MET F 289 9.61 16.06 -17.03
N PRO F 290 10.55 15.49 -17.81
CA PRO F 290 10.81 15.91 -19.18
C PRO F 290 9.58 15.75 -20.05
N VAL F 291 9.37 16.70 -20.96
CA VAL F 291 8.18 16.67 -21.82
C VAL F 291 8.50 16.92 -23.29
N VAL F 292 7.58 16.48 -24.14
CA VAL F 292 7.59 16.83 -25.55
C VAL F 292 6.32 17.63 -25.74
N ALA F 293 6.41 18.69 -26.53
CA ALA F 293 5.28 19.59 -26.78
C ALA F 293 4.89 19.50 -28.25
N GLU F 294 3.65 19.10 -28.51
CA GLU F 294 3.22 18.64 -29.83
C GLU F 294 1.70 18.70 -30.00
N ASP F 295 1.25 18.26 -31.17
CA ASP F 295 -0.15 17.86 -31.41
C ASP F 295 -0.17 16.63 -32.32
N SER F 296 -1.35 16.07 -32.55
CA SER F 296 -1.51 14.87 -33.37
C SER F 296 -1.04 15.07 -34.82
N TRP F 297 -1.63 16.05 -35.51
CA TRP F 297 -1.33 16.34 -36.90
C TRP F 297 -1.80 17.76 -37.21
N GLY F 298 -1.58 18.22 -38.45
CA GLY F 298 -2.21 19.45 -38.90
C GLY F 298 -1.38 20.39 -39.75
N GLY F 299 -2.00 21.50 -40.12
CA GLY F 299 -1.36 22.53 -40.94
C GLY F 299 -0.78 23.63 -40.07
N GLU F 300 -0.76 24.85 -40.59
CA GLU F 300 -0.11 25.99 -39.93
C GLU F 300 -0.76 26.42 -38.61
N ILE F 301 -2.09 26.43 -38.58
CA ILE F 301 -2.87 26.86 -37.39
C ILE F 301 -2.66 25.99 -36.15
N ALA F 302 -2.71 24.67 -36.32
CA ALA F 302 -2.43 23.74 -35.22
C ALA F 302 -0.96 23.78 -34.85
N SER F 303 -0.10 24.02 -35.84
CA SER F 303 1.35 24.12 -35.65
C SER F 303 1.78 25.39 -34.93
N ALA F 304 0.98 26.45 -35.07
CA ALA F 304 1.22 27.72 -34.40
C ALA F 304 0.96 27.61 -32.89
N ALA F 305 -0.04 26.81 -32.53
CA ALA F 305 -0.34 26.51 -31.13
C ALA F 305 0.77 25.67 -30.50
N VAL F 306 1.30 24.73 -31.28
CA VAL F 306 2.38 23.83 -30.87
C VAL F 306 3.66 24.60 -30.60
N ALA F 307 3.95 25.55 -31.50
CA ALA F 307 5.13 26.38 -31.41
C ALA F 307 5.16 27.26 -30.15
N HIS F 308 4.00 27.80 -29.80
CA HIS F 308 3.85 28.65 -28.63
C HIS F 308 3.84 27.83 -27.35
N PHE F 309 3.37 26.58 -27.47
CA PHE F 309 3.37 25.60 -26.37
C PHE F 309 4.82 25.20 -26.05
N ALA F 310 5.61 24.96 -27.09
CA ALA F 310 7.00 24.54 -26.92
C ALA F 310 7.95 25.66 -26.49
N ALA F 311 7.72 26.86 -27.01
CA ALA F 311 8.55 28.04 -26.68
C ALA F 311 8.37 28.44 -25.22
N SER F 312 7.19 28.18 -24.69
CA SER F 312 6.87 28.49 -23.30
C SER F 312 7.20 27.35 -22.34
N THR F 313 7.81 26.28 -22.85
CA THR F 313 8.29 25.20 -22.01
C THR F 313 9.75 25.48 -21.63
N PRO F 314 10.11 25.34 -20.35
CA PRO F 314 11.52 25.46 -19.93
C PRO F 314 12.47 24.60 -20.75
N GLU F 315 13.56 25.22 -21.22
CA GLU F 315 14.55 24.60 -22.11
C GLU F 315 15.20 23.36 -21.52
N GLU F 316 15.41 23.38 -20.19
CA GLU F 316 15.97 22.27 -19.43
C GLU F 316 15.13 20.98 -19.54
N PHE F 317 13.82 21.12 -19.68
CA PHE F 317 12.91 19.99 -19.65
C PHE F 317 12.19 19.66 -20.96
N LEU F 318 12.43 20.43 -22.01
CA LEU F 318 11.78 20.18 -23.30
C LEU F 318 12.65 19.30 -24.19
N ILE F 319 12.20 18.06 -24.42
CA ILE F 319 12.97 17.10 -25.24
C ILE F 319 12.97 17.49 -26.71
N ASN F 320 11.79 17.49 -27.32
CA ASN F 320 11.62 18.00 -28.66
C ASN F 320 10.24 18.61 -28.90
N SER F 321 10.09 19.22 -30.08
CA SER F 321 8.79 19.51 -30.68
C SER F 321 8.84 19.09 -32.15
N THR F 322 7.81 19.39 -32.93
CA THR F 322 7.77 19.02 -34.35
C THR F 322 7.07 20.03 -35.25
N ASP F 323 7.49 20.05 -36.51
CA ASP F 323 6.92 20.93 -37.54
C ASP F 323 5.80 20.23 -38.33
N LEU F 324 4.63 20.13 -37.69
CA LEU F 324 3.47 19.41 -38.23
C LEU F 324 2.99 19.88 -39.61
N MET F 325 3.13 21.17 -39.89
CA MET F 325 2.71 21.77 -41.16
C MET F 325 3.52 21.32 -42.38
N ASN F 326 4.76 20.89 -42.14
CA ASN F 326 5.66 20.43 -43.21
C ASN F 326 5.55 18.93 -43.51
N TYR F 327 4.55 18.28 -42.90
CA TYR F 327 4.20 16.89 -43.19
C TYR F 327 3.08 16.83 -44.23
N ASN F 328 2.62 18.00 -44.68
CA ASN F 328 1.51 18.10 -45.60
C ASN F 328 1.92 18.85 -46.85
N THR F 329 1.21 18.58 -47.96
CA THR F 329 1.40 19.31 -49.21
C THR F 329 0.43 20.48 -49.33
N ARG F 330 -0.59 20.49 -48.48
CA ARG F 330 -1.57 21.57 -48.44
C ARG F 330 -1.52 22.33 -47.10
N SER F 331 -2.26 23.43 -47.02
CA SER F 331 -2.19 24.35 -45.88
C SER F 331 -3.56 24.66 -45.27
N THR F 332 -3.57 24.97 -43.96
CA THR F 332 -4.80 25.40 -43.28
C THR F 332 -4.80 26.89 -42.95
N GLY F 333 -3.61 27.45 -42.73
CA GLY F 333 -3.48 28.88 -42.42
C GLY F 333 -2.31 29.56 -43.12
N LEU F 334 -2.33 30.89 -43.12
CA LEU F 334 -1.21 31.71 -43.62
C LEU F 334 -0.34 32.17 -42.46
N GLY F 335 0.96 31.85 -42.55
CA GLY F 335 1.90 32.16 -41.49
C GLY F 335 2.24 30.94 -40.66
N GLY F 336 2.07 31.06 -39.35
CA GLY F 336 2.45 29.99 -38.43
C GLY F 336 3.92 30.05 -38.07
N PRO F 337 4.46 28.96 -37.51
CA PRO F 337 5.84 28.92 -37.03
C PRO F 337 6.86 28.78 -38.16
N THR F 338 8.15 28.89 -37.83
CA THR F 338 9.23 28.61 -38.78
C THR F 338 10.22 27.59 -38.22
N VAL F 339 11.04 27.03 -39.10
CA VAL F 339 12.10 26.09 -38.72
C VAL F 339 13.45 26.70 -39.10
N HIS F 340 14.39 26.73 -38.15
CA HIS F 340 15.72 27.25 -38.44
C HIS F 340 16.81 26.39 -37.77
N GLN F 341 17.66 25.80 -38.61
CA GLN F 341 18.77 24.93 -38.20
C GLN F 341 18.41 23.80 -37.21
N GLY F 342 17.31 23.11 -37.51
CA GLY F 342 16.89 21.97 -36.71
C GLY F 342 16.00 22.31 -35.52
N ARG F 343 15.64 23.60 -35.39
CA ARG F 343 14.84 24.05 -34.27
C ARG F 343 13.55 24.76 -34.68
N LEU F 344 12.51 24.60 -33.88
CA LEU F 344 11.17 25.12 -34.16
C LEU F 344 10.88 26.40 -33.35
N TYR F 345 10.54 27.48 -34.05
CA TYR F 345 10.41 28.82 -33.46
C TYR F 345 8.98 29.36 -33.53
N ALA F 346 8.48 29.87 -32.41
CA ALA F 346 7.16 30.50 -32.38
C ALA F 346 7.19 31.89 -33.01
N SER F 347 6.01 32.41 -33.39
CA SER F 347 5.89 33.81 -33.84
C SER F 347 5.98 34.76 -32.67
N ASP F 348 6.39 35.99 -32.94
CA ASP F 348 6.52 37.01 -31.91
C ASP F 348 5.51 38.15 -32.12
N THR F 349 4.73 38.04 -33.19
CA THR F 349 3.62 38.97 -33.45
C THR F 349 2.43 38.59 -32.55
N PRO F 350 1.54 39.56 -32.23
CA PRO F 350 0.31 39.32 -31.46
C PRO F 350 -0.50 38.08 -31.86
N GLY F 351 -1.02 37.37 -30.85
CA GLY F 351 -1.83 36.18 -31.07
C GLY F 351 -1.03 34.96 -31.46
N LEU F 352 -1.69 34.04 -32.15
CA LEU F 352 -1.07 32.80 -32.61
C LEU F 352 -0.07 32.99 -33.75
N GLY F 353 -0.09 34.17 -34.36
CA GLY F 353 0.75 34.48 -35.52
C GLY F 353 0.28 33.79 -36.79
N VAL F 354 -1.02 33.55 -36.86
CA VAL F 354 -1.62 32.79 -37.96
C VAL F 354 -3.05 33.30 -38.26
N THR F 355 -3.39 33.36 -39.55
CA THR F 355 -4.74 33.69 -40.01
C THR F 355 -5.19 32.59 -40.96
N PRO F 356 -6.52 32.31 -41.04
CA PRO F 356 -7.02 31.22 -41.90
C PRO F 356 -6.71 31.39 -43.38
N ASP F 357 -6.26 30.30 -44.01
CA ASP F 357 -6.10 30.25 -45.47
C ASP F 357 -7.47 29.93 -46.07
N PHE F 358 -8.32 30.97 -46.17
CA PHE F 358 -9.72 30.84 -46.59
C PHE F 358 -9.91 30.17 -47.96
N ASN F 359 -8.96 30.41 -48.87
CA ASN F 359 -9.00 29.81 -50.19
C ASN F 359 -8.68 28.30 -50.25
N SER F 360 -7.86 27.82 -49.31
CA SER F 360 -7.57 26.39 -49.20
C SER F 360 -8.73 25.64 -48.54
N LEU F 361 -9.37 26.27 -47.56
CA LEU F 361 -10.42 25.64 -46.75
C LEU F 361 -11.76 25.52 -47.47
N GLY F 362 -12.04 26.50 -48.33
CA GLY F 362 -13.34 26.63 -48.98
C GLY F 362 -14.32 27.45 -48.15
N ALA F 363 -15.57 27.49 -48.58
CA ALA F 363 -16.67 28.10 -47.81
C ALA F 363 -16.94 27.26 -46.55
N PRO F 364 -17.46 27.88 -45.47
CA PRO F 364 -17.60 27.10 -44.24
C PRO F 364 -18.71 26.06 -44.33
N VAL F 365 -18.48 24.87 -43.77
CA VAL F 365 -19.48 23.80 -43.79
C VAL F 365 -20.64 24.07 -42.82
N ALA F 366 -20.38 24.87 -41.80
CA ALA F 366 -21.41 25.28 -40.84
C ALA F 366 -21.16 26.70 -40.34
N ASP F 367 -22.22 27.39 -39.91
CA ASP F 367 -22.15 28.83 -39.63
C ASP F 367 -23.17 29.30 -38.60
N TRP F 368 -22.69 29.96 -37.54
CA TRP F 368 -23.54 30.50 -36.48
C TRP F 368 -23.30 32.00 -36.29
N ALA F 369 -24.28 32.82 -36.67
CA ALA F 369 -24.16 34.28 -36.54
C ALA F 369 -25.25 34.87 -35.64
N LEU F 370 -24.85 35.78 -34.75
CA LEU F 370 -25.73 36.37 -33.74
C LEU F 370 -26.66 37.45 -34.33
N SER G 2 -39.82 -23.28 -25.07
CA SER G 2 -40.25 -24.27 -24.04
C SER G 2 -39.50 -25.59 -24.22
N LEU G 3 -38.69 -25.94 -23.21
CA LEU G 3 -37.88 -27.18 -23.25
C LEU G 3 -37.61 -27.73 -21.85
N ARG G 4 -37.44 -29.04 -21.76
CA ARG G 4 -37.24 -29.74 -20.48
C ARG G 4 -36.20 -30.85 -20.64
N ILE G 5 -35.31 -30.99 -19.66
CA ILE G 5 -34.40 -32.14 -19.56
C ILE G 5 -35.17 -33.38 -19.11
N THR G 6 -35.10 -34.45 -19.90
CA THR G 6 -35.86 -35.66 -19.62
C THR G 6 -34.99 -36.86 -19.18
N ARG G 7 -33.70 -36.82 -19.49
CA ARG G 7 -32.79 -37.92 -19.13
C ARG G 7 -31.34 -37.45 -19.02
N ILE G 8 -30.64 -37.96 -18.01
CA ILE G 8 -29.23 -37.66 -17.81
C ILE G 8 -28.49 -38.98 -17.61
N ARG G 9 -27.44 -39.20 -18.41
CA ARG G 9 -26.62 -40.40 -18.30
C ARG G 9 -25.16 -40.04 -18.16
N LEU G 10 -24.46 -40.76 -17.27
CA LEU G 10 -23.03 -40.56 -17.09
C LEU G 10 -22.28 -41.76 -17.63
N TYR G 11 -21.27 -41.48 -18.46
CA TYR G 11 -20.45 -42.52 -19.08
C TYR G 11 -19.02 -42.38 -18.59
N LYS G 12 -18.34 -43.51 -18.49
CA LYS G 12 -16.95 -43.56 -18.06
C LYS G 12 -16.16 -44.45 -19.01
N THR G 13 -15.04 -43.94 -19.52
CA THR G 13 -14.20 -44.71 -20.43
C THR G 13 -12.70 -44.41 -20.26
N ASP G 14 -11.86 -45.41 -20.56
CA ASP G 14 -10.41 -45.25 -20.49
C ASP G 14 -9.84 -44.65 -21.78
N LEU G 15 -8.99 -43.65 -21.63
CA LEU G 15 -8.31 -43.00 -22.77
C LEU G 15 -6.77 -43.17 -22.68
N PRO G 16 -6.21 -44.19 -23.35
CA PRO G 16 -4.76 -44.43 -23.32
C PRO G 16 -3.96 -43.44 -24.18
N TYR G 17 -2.80 -43.02 -23.68
CA TYR G 17 -1.92 -42.08 -24.38
C TYR G 17 -1.21 -42.74 -25.57
N VAL G 18 -1.07 -42.00 -26.68
CA VAL G 18 -0.48 -42.50 -27.94
C VAL G 18 0.97 -43.01 -27.85
N ASP G 19 1.78 -42.36 -27.02
CA ASP G 19 3.18 -42.76 -26.81
C ASP G 19 3.37 -43.50 -25.48
N GLY G 20 2.29 -44.10 -24.98
CA GLY G 20 2.31 -44.80 -23.70
C GLY G 20 2.30 -43.84 -22.53
N THR G 31 -0.49 -43.31 -17.93
CA THR G 31 -0.57 -43.98 -19.24
C THR G 31 -2.01 -44.03 -19.78
N VAL G 32 -2.99 -43.99 -18.87
CA VAL G 32 -4.43 -43.99 -19.20
C VAL G 32 -5.17 -42.94 -18.33
N ALA G 33 -5.93 -42.05 -18.97
CA ALA G 33 -6.77 -41.09 -18.25
C ALA G 33 -8.23 -41.53 -18.23
N ARG G 34 -8.94 -41.20 -17.15
CA ARG G 34 -10.32 -41.64 -16.97
C ARG G 34 -11.31 -40.55 -17.36
N ALA G 35 -12.03 -40.81 -18.46
CA ALA G 35 -12.97 -39.84 -19.03
C ALA G 35 -14.33 -39.90 -18.36
N SER G 36 -14.99 -38.75 -18.25
CA SER G 36 -16.36 -38.66 -17.73
C SER G 36 -17.22 -37.90 -18.72
N VAL G 37 -18.15 -38.60 -19.36
CA VAL G 37 -19.06 -37.99 -20.31
C VAL G 37 -20.48 -37.93 -19.78
N VAL G 38 -21.11 -36.76 -19.91
CA VAL G 38 -22.48 -36.54 -19.47
C VAL G 38 -23.35 -36.37 -20.72
N VAL G 39 -24.42 -37.13 -20.80
CA VAL G 39 -25.34 -37.02 -21.93
C VAL G 39 -26.75 -36.61 -21.46
N ILE G 40 -27.23 -35.49 -22.01
CA ILE G 40 -28.49 -34.91 -21.59
C ILE G 40 -29.53 -34.92 -22.72
N ASP G 41 -30.67 -35.55 -22.46
CA ASP G 41 -31.77 -35.62 -23.41
C ASP G 41 -32.88 -34.66 -23.06
N THR G 42 -33.61 -34.20 -24.08
CA THR G 42 -34.71 -33.27 -23.87
C THR G 42 -36.04 -33.77 -24.45
N ASP G 43 -37.14 -33.09 -24.10
CA ASP G 43 -38.47 -33.51 -24.56
C ASP G 43 -38.74 -33.23 -26.03
N ALA G 44 -37.88 -32.43 -26.65
CA ALA G 44 -37.92 -32.21 -28.10
C ALA G 44 -36.94 -33.14 -28.85
N GLY G 45 -36.23 -33.97 -28.10
CA GLY G 45 -35.30 -34.93 -28.70
C GLY G 45 -33.94 -34.36 -29.06
N LEU G 46 -33.64 -33.17 -28.57
CA LEU G 46 -32.31 -32.58 -28.72
C LEU G 46 -31.38 -33.16 -27.66
N GLN G 47 -30.24 -33.69 -28.11
CA GLN G 47 -29.29 -34.32 -27.21
C GLN G 47 -28.00 -33.52 -27.10
N GLY G 48 -27.58 -33.28 -25.86
CA GLY G 48 -26.33 -32.59 -25.57
C GLY G 48 -25.35 -33.47 -24.83
N CYS G 49 -24.07 -33.27 -25.10
CA CYS G 49 -23.01 -34.00 -24.41
C CYS G 49 -21.88 -33.06 -23.95
N GLY G 50 -21.16 -33.48 -22.92
CA GLY G 50 -20.04 -32.74 -22.34
C GLY G 50 -19.06 -33.70 -21.69
N GLU G 51 -17.80 -33.30 -21.56
CA GLU G 51 -16.74 -34.18 -21.07
C GLU G 51 -15.79 -33.51 -20.08
N PHE G 52 -15.45 -34.23 -19.00
CA PHE G 52 -14.29 -33.89 -18.19
C PHE G 52 -13.33 -35.08 -18.07
N THR G 53 -12.08 -34.83 -18.43
CA THR G 53 -11.01 -35.81 -18.33
C THR G 53 -9.77 -35.13 -17.75
N PRO G 54 -9.32 -35.59 -16.56
CA PRO G 54 -8.09 -35.04 -15.99
C PRO G 54 -6.84 -35.61 -16.66
N CYS G 55 -5.76 -34.83 -16.68
CA CYS G 55 -4.45 -35.40 -16.98
C CYS G 55 -3.69 -35.59 -15.67
N GLY G 56 -3.92 -36.73 -15.04
CA GLY G 56 -3.43 -36.96 -13.70
C GLY G 56 -4.44 -36.48 -12.67
N GLU G 57 -4.66 -37.30 -11.67
CA GLU G 57 -5.63 -37.00 -10.62
C GLU G 57 -5.15 -35.91 -9.66
N ASN G 58 -3.84 -35.73 -9.55
CA ASN G 58 -3.23 -34.74 -8.64
C ASN G 58 -2.87 -33.41 -9.28
N TYR G 59 -3.31 -33.22 -10.51
CA TYR G 59 -2.82 -32.15 -11.38
C TYR G 59 -3.40 -30.77 -11.05
N MET G 60 -4.71 -30.72 -10.84
CA MET G 60 -5.38 -29.50 -10.35
C MET G 60 -6.40 -29.93 -9.29
N ILE G 61 -7.17 -28.99 -8.73
CA ILE G 61 -8.20 -29.33 -7.74
C ILE G 61 -9.40 -29.95 -8.47
N ALA G 62 -9.21 -31.22 -8.87
CA ALA G 62 -10.08 -31.92 -9.80
C ALA G 62 -9.63 -33.38 -9.85
N HIS G 63 -10.61 -34.29 -9.85
CA HIS G 63 -10.34 -35.72 -10.04
C HIS G 63 -11.51 -36.40 -10.77
N SER G 64 -11.26 -37.59 -11.31
CA SER G 64 -12.21 -38.25 -12.22
C SER G 64 -13.50 -38.80 -11.56
N GLU G 65 -13.42 -39.10 -10.26
CA GLU G 65 -14.55 -39.64 -9.51
C GLU G 65 -15.52 -38.56 -9.01
N GLY G 66 -15.09 -37.31 -9.05
CA GLY G 66 -15.87 -36.19 -8.55
C GLY G 66 -17.06 -35.80 -9.41
N VAL G 67 -17.08 -36.28 -10.66
CA VAL G 67 -18.21 -36.05 -11.55
C VAL G 67 -19.41 -36.91 -11.13
N ASP G 68 -19.14 -38.17 -10.78
CA ASP G 68 -20.14 -39.09 -10.25
C ASP G 68 -20.82 -38.50 -9.07
N ALA G 69 -19.99 -38.10 -8.10
CA ALA G 69 -20.41 -37.51 -6.83
C ALA G 69 -21.35 -36.33 -7.07
N PHE G 70 -20.93 -35.41 -7.94
CA PHE G 70 -21.74 -34.24 -8.25
C PHE G 70 -23.06 -34.62 -8.93
N ALA G 71 -22.98 -35.58 -9.86
CA ALA G 71 -24.16 -36.06 -10.58
C ALA G 71 -25.18 -36.74 -9.67
N ARG G 72 -24.71 -37.53 -8.70
CA ARG G 72 -25.59 -38.25 -7.78
C ARG G 72 -26.42 -37.30 -6.91
N LEU G 73 -25.89 -36.10 -6.71
CA LEU G 73 -26.58 -35.04 -5.98
C LEU G 73 -27.42 -34.15 -6.90
N ALA G 74 -26.88 -33.81 -8.07
CA ALA G 74 -27.46 -32.75 -8.91
C ALA G 74 -28.44 -33.20 -9.98
N ALA G 75 -28.19 -34.35 -10.60
CA ALA G 75 -29.02 -34.82 -11.72
C ALA G 75 -30.52 -35.00 -11.42
N PRO G 76 -30.88 -35.51 -10.22
CA PRO G 76 -32.32 -35.46 -9.86
C PRO G 76 -32.93 -34.05 -9.87
N GLN G 77 -32.13 -33.05 -9.48
CA GLN G 77 -32.56 -31.65 -9.45
C GLN G 77 -32.51 -30.98 -10.83
N LEU G 78 -31.80 -31.60 -11.76
CA LEU G 78 -31.65 -31.02 -13.10
C LEU G 78 -32.68 -31.50 -14.11
N LEU G 79 -33.39 -32.59 -13.76
CA LEU G 79 -34.49 -33.08 -14.59
C LEU G 79 -35.64 -32.08 -14.56
N GLY G 80 -36.23 -31.84 -15.72
CA GLY G 80 -37.37 -30.92 -15.84
C GLY G 80 -37.01 -29.48 -16.14
N GLN G 81 -35.75 -29.12 -15.91
CA GLN G 81 -35.25 -27.76 -16.16
C GLN G 81 -34.92 -27.52 -17.63
N ASP G 82 -34.82 -26.25 -18.01
CA ASP G 82 -34.60 -25.85 -19.41
C ASP G 82 -33.12 -25.65 -19.69
N PRO G 83 -32.50 -26.58 -20.44
CA PRO G 83 -31.05 -26.55 -20.65
C PRO G 83 -30.54 -25.39 -21.52
N ARG G 84 -31.42 -24.83 -22.36
CA ARG G 84 -31.08 -23.69 -23.21
C ARG G 84 -30.64 -22.47 -22.43
N GLN G 85 -31.15 -22.34 -21.22
CA GLN G 85 -30.78 -21.23 -20.35
C GLN G 85 -29.51 -21.59 -19.58
N VAL G 86 -28.37 -21.40 -20.24
CA VAL G 86 -27.06 -21.83 -19.71
C VAL G 86 -26.69 -21.18 -18.35
N ALA G 87 -27.08 -19.92 -18.15
CA ALA G 87 -26.71 -19.21 -16.93
C ALA G 87 -27.63 -19.57 -15.76
N ARG G 88 -28.89 -19.86 -16.07
CA ARG G 88 -29.84 -20.40 -15.09
C ARG G 88 -29.38 -21.77 -14.60
N MET G 89 -28.93 -22.59 -15.53
CA MET G 89 -28.37 -23.90 -15.20
C MET G 89 -27.08 -23.77 -14.39
N GLU G 90 -26.25 -22.79 -14.76
CA GLU G 90 -25.04 -22.43 -14.03
C GLU G 90 -25.33 -22.08 -12.56
N ARG G 91 -26.25 -21.14 -12.35
CA ARG G 91 -26.64 -20.71 -11.00
C ARG G 91 -27.37 -21.78 -10.22
N LEU G 92 -28.09 -22.67 -10.91
CA LEU G 92 -28.74 -23.80 -10.26
C LEU G 92 -27.71 -24.76 -9.72
N MET G 93 -26.76 -25.16 -10.56
CA MET G 93 -25.65 -26.03 -10.15
C MET G 93 -24.82 -25.42 -9.00
N ASP G 94 -24.53 -24.11 -9.09
CA ASP G 94 -23.79 -23.40 -8.05
C ASP G 94 -24.56 -23.20 -6.75
N HIS G 95 -25.88 -23.34 -6.81
CA HIS G 95 -26.72 -23.32 -5.61
C HIS G 95 -26.84 -24.72 -5.00
N LEU G 96 -26.75 -25.76 -5.85
CA LEU G 96 -26.77 -27.16 -5.38
C LEU G 96 -25.50 -27.55 -4.62
N VAL G 97 -24.32 -27.37 -5.21
CA VAL G 97 -23.06 -27.50 -4.45
C VAL G 97 -22.12 -26.31 -4.75
N GLN G 98 -21.32 -25.91 -3.76
CA GLN G 98 -20.32 -24.86 -3.96
C GLN G 98 -19.01 -25.45 -4.46
N GLY G 99 -18.34 -24.71 -5.34
CA GLY G 99 -17.09 -25.19 -5.94
C GLY G 99 -17.34 -26.38 -6.84
N HIS G 100 -16.38 -27.32 -6.83
CA HIS G 100 -16.43 -28.56 -7.62
C HIS G 100 -16.76 -28.28 -9.09
N GLY G 101 -16.07 -27.28 -9.65
CA GLY G 101 -16.40 -26.74 -10.97
C GLY G 101 -16.07 -27.68 -12.08
N TYR G 102 -14.98 -28.43 -11.92
CA TYR G 102 -14.55 -29.46 -12.87
C TYR G 102 -15.66 -30.47 -13.17
N ALA G 103 -16.49 -30.72 -12.16
CA ALA G 103 -17.58 -31.70 -12.20
C ALA G 103 -18.87 -31.13 -12.80
N LYS G 104 -19.06 -29.82 -12.65
CA LYS G 104 -20.19 -29.11 -13.25
C LYS G 104 -19.94 -28.85 -14.75
N ALA G 105 -18.67 -28.82 -15.12
CA ALA G 105 -18.19 -28.51 -16.47
C ALA G 105 -18.75 -29.35 -17.65
N PRO G 106 -18.84 -30.70 -17.51
CA PRO G 106 -19.48 -31.49 -18.57
C PRO G 106 -20.96 -31.18 -18.77
N PHE G 107 -21.67 -30.84 -17.69
CA PHE G 107 -23.09 -30.47 -17.77
C PHE G 107 -23.25 -29.15 -18.54
N ASP G 108 -22.50 -28.13 -18.11
CA ASP G 108 -22.44 -26.82 -18.74
C ASP G 108 -22.21 -26.89 -20.26
N ALA G 109 -21.25 -27.70 -20.68
CA ALA G 109 -20.93 -27.87 -22.11
C ALA G 109 -22.10 -28.45 -22.88
N ALA G 110 -22.76 -29.43 -22.27
CA ALA G 110 -23.93 -30.11 -22.82
C ALA G 110 -25.10 -29.15 -22.99
N PHE G 111 -25.24 -28.24 -22.03
CA PHE G 111 -26.27 -27.19 -22.10
C PHE G 111 -26.00 -26.22 -23.27
N TRP G 112 -24.74 -25.84 -23.47
CA TRP G 112 -24.30 -25.00 -24.60
C TRP G 112 -24.50 -25.68 -25.96
N ASP G 113 -24.30 -27.01 -25.97
CA ASP G 113 -24.53 -27.87 -27.13
C ASP G 113 -26.01 -27.85 -27.51
N ILE G 114 -26.89 -27.94 -26.51
CA ILE G 114 -28.34 -27.91 -26.71
C ILE G 114 -28.82 -26.54 -27.21
N LEU G 115 -28.36 -25.48 -26.55
CA LEU G 115 -28.68 -24.10 -26.97
C LEU G 115 -28.27 -23.84 -28.42
N GLY G 116 -27.13 -24.40 -28.82
CA GLY G 116 -26.65 -24.29 -30.19
C GLY G 116 -27.52 -25.02 -31.19
N GLN G 117 -28.03 -26.18 -30.79
CA GLN G 117 -28.92 -26.97 -31.66
C GLN G 117 -30.28 -26.29 -31.79
N ALA G 118 -30.79 -25.78 -30.67
CA ALA G 118 -32.06 -25.08 -30.65
C ALA G 118 -32.05 -23.79 -31.47
N THR G 119 -30.90 -23.14 -31.50
CA THR G 119 -30.75 -21.86 -32.21
C THR G 119 -30.29 -22.03 -33.66
N GLY G 120 -29.84 -23.23 -34.01
CA GLY G 120 -29.30 -23.50 -35.34
C GLY G 120 -27.92 -22.89 -35.57
N GLN G 121 -27.16 -22.75 -34.49
CA GLN G 121 -25.87 -22.06 -34.54
C GLN G 121 -24.78 -22.85 -33.85
N PRO G 122 -23.52 -22.75 -34.34
CA PRO G 122 -22.41 -23.34 -33.60
C PRO G 122 -22.12 -22.59 -32.30
N VAL G 123 -21.47 -23.25 -31.35
CA VAL G 123 -21.24 -22.67 -30.01
C VAL G 123 -20.42 -21.36 -30.04
N TRP G 124 -19.47 -21.25 -30.98
CA TRP G 124 -18.68 -20.03 -31.17
C TRP G 124 -19.52 -18.81 -31.54
N MET G 125 -20.61 -19.02 -32.29
CA MET G 125 -21.51 -17.92 -32.64
C MET G 125 -22.20 -17.37 -31.39
N LEU G 126 -22.57 -18.26 -30.48
CA LEU G 126 -23.21 -17.88 -29.22
C LEU G 126 -22.22 -17.31 -28.21
N LEU G 127 -20.93 -17.45 -28.53
CA LEU G 127 -19.84 -16.88 -27.75
C LEU G 127 -19.37 -15.56 -28.33
N GLY G 128 -20.03 -15.11 -29.39
CA GLY G 128 -19.79 -13.77 -29.92
C GLY G 128 -19.33 -13.74 -31.36
N GLY G 129 -18.94 -14.90 -31.88
CA GLY G 129 -18.51 -14.97 -33.27
C GLY G 129 -17.15 -15.63 -33.44
N LYS G 130 -16.72 -15.70 -34.69
CA LYS G 130 -15.45 -16.30 -35.05
C LYS G 130 -14.41 -15.19 -35.14
N LEU G 131 -13.68 -15.06 -34.05
CA LEU G 131 -12.73 -13.99 -33.88
C LEU G 131 -11.33 -14.51 -34.23
N CYS G 132 -11.25 -15.82 -34.40
CA CYS G 132 -10.03 -16.50 -34.80
C CYS G 132 -10.36 -17.66 -35.74
N ASP G 133 -9.90 -17.58 -36.98
CA ASP G 133 -10.10 -18.66 -37.93
C ASP G 133 -8.89 -19.60 -37.91
N GLY G 134 -8.96 -20.60 -37.04
CA GLY G 134 -7.85 -21.51 -36.86
C GLY G 134 -6.93 -21.04 -35.77
N ALA G 135 -7.09 -21.63 -34.59
CA ALA G 135 -6.25 -21.33 -33.45
C ALA G 135 -4.86 -21.91 -33.66
N PRO G 136 -3.79 -21.10 -33.42
CA PRO G 136 -2.45 -21.66 -33.54
C PRO G 136 -2.25 -22.83 -32.57
N MET G 137 -1.40 -23.78 -32.95
CA MET G 137 -1.13 -24.95 -32.14
C MET G 137 0.35 -25.07 -31.80
N TYR G 138 0.66 -25.90 -30.80
CA TYR G 138 2.03 -26.20 -30.44
C TYR G 138 2.30 -27.70 -30.58
N ARG G 139 3.58 -28.06 -30.63
CA ARG G 139 4.01 -29.45 -30.56
C ARG G 139 4.89 -29.67 -29.34
N VAL G 140 4.67 -30.77 -28.61
CA VAL G 140 5.48 -31.08 -27.42
C VAL G 140 6.89 -31.52 -27.82
N ALA G 141 7.77 -31.56 -26.82
CA ALA G 141 9.10 -32.19 -26.94
C ALA G 141 9.93 -31.54 -28.09
N PRO G 142 10.86 -32.29 -28.77
CA PRO G 142 11.35 -33.67 -28.68
C PRO G 142 12.45 -33.87 -27.64
N GLN G 143 12.46 -35.05 -27.02
CA GLN G 143 13.42 -35.39 -25.99
C GLN G 143 14.30 -36.56 -26.48
N ARG G 144 15.27 -36.24 -27.33
CA ARG G 144 16.15 -37.25 -27.93
C ARG G 144 17.53 -36.68 -28.33
N SER G 145 18.12 -37.24 -29.38
CA SER G 145 19.42 -36.80 -29.93
C SER G 145 19.34 -35.40 -30.58
N GLU G 146 20.49 -34.74 -30.71
CA GLU G 146 20.57 -33.40 -31.33
C GLU G 146 20.17 -33.38 -32.82
N ALA G 147 20.67 -34.35 -33.58
CA ALA G 147 20.34 -34.47 -35.01
C ALA G 147 18.93 -35.02 -35.25
N GLU G 148 18.40 -35.72 -34.25
CA GLU G 148 17.05 -36.29 -34.30
C GLU G 148 15.97 -35.28 -33.90
N THR G 149 16.30 -34.39 -32.98
CA THR G 149 15.42 -33.27 -32.61
C THR G 149 15.36 -32.26 -33.75
N ARG G 150 16.49 -32.10 -34.44
CA ARG G 150 16.61 -31.18 -35.58
C ARG G 150 15.76 -31.62 -36.76
N ALA G 151 15.71 -32.94 -36.99
CA ALA G 151 14.89 -33.54 -38.03
C ALA G 151 13.41 -33.47 -37.70
N GLU G 152 13.09 -33.67 -36.43
CA GLU G 152 11.70 -33.70 -35.95
C GLU G 152 11.04 -32.32 -35.86
N LEU G 153 11.82 -31.32 -35.47
CA LEU G 153 11.36 -29.92 -35.47
C LEU G 153 11.16 -29.41 -36.89
N ALA G 154 11.98 -29.90 -37.82
CA ALA G 154 11.83 -29.58 -39.25
C ALA G 154 10.58 -30.21 -39.86
N ARG G 155 10.16 -31.36 -39.33
CA ARG G 155 8.93 -32.05 -39.76
C ARG G 155 7.70 -31.33 -39.27
N HIS G 156 7.76 -30.83 -38.04
CA HIS G 156 6.69 -30.03 -37.45
C HIS G 156 6.59 -28.66 -38.12
N ARG G 157 7.77 -28.08 -38.43
CA ARG G 157 7.86 -26.74 -39.03
C ARG G 157 7.27 -26.71 -40.43
N ALA G 158 7.62 -27.71 -41.24
CA ALA G 158 7.10 -27.87 -42.59
C ALA G 158 5.58 -28.05 -42.57
N ALA G 159 5.08 -28.68 -41.51
CA ALA G 159 3.66 -28.97 -41.33
C ALA G 159 2.85 -27.82 -40.69
N GLY G 160 3.52 -26.70 -40.42
CA GLY G 160 2.82 -25.49 -39.96
C GLY G 160 3.02 -25.04 -38.53
N TYR G 161 3.76 -25.79 -37.74
CA TYR G 161 3.96 -25.48 -36.31
C TYR G 161 5.12 -24.53 -36.06
N ARG G 162 4.89 -23.55 -35.19
CA ARG G 162 5.92 -22.57 -34.85
C ARG G 162 6.10 -22.45 -33.35
N GLN G 163 5.29 -23.16 -32.58
CA GLN G 163 5.38 -23.14 -31.12
C GLN G 163 5.67 -24.52 -30.61
N PHE G 164 6.50 -24.61 -29.57
CA PHE G 164 6.93 -25.90 -29.02
C PHE G 164 6.99 -25.90 -27.50
N GLN G 165 6.50 -26.97 -26.89
CA GLN G 165 6.47 -27.09 -25.44
C GLN G 165 7.56 -28.02 -24.90
N ILE G 166 8.55 -27.43 -24.23
CA ILE G 166 9.54 -28.21 -23.50
C ILE G 166 8.92 -28.66 -22.19
N LYS G 167 8.77 -29.98 -22.04
CA LYS G 167 8.19 -30.56 -20.84
C LYS G 167 9.30 -30.67 -19.79
N VAL G 168 9.15 -29.92 -18.70
CA VAL G 168 10.15 -29.87 -17.63
C VAL G 168 9.44 -29.94 -16.28
N GLY G 169 10.18 -29.76 -15.18
CA GLY G 169 9.57 -29.65 -13.85
C GLY G 169 9.79 -30.79 -12.86
N ALA G 170 10.59 -31.78 -13.23
CA ALA G 170 10.86 -32.91 -12.34
C ALA G 170 12.27 -32.86 -11.76
N ASP G 171 13.13 -32.02 -12.35
CA ASP G 171 14.51 -31.85 -11.91
C ASP G 171 15.12 -30.61 -12.54
N TRP G 172 15.09 -29.50 -11.79
CA TRP G 172 15.51 -28.16 -12.26
C TRP G 172 16.86 -28.13 -12.98
N GLN G 173 17.77 -28.97 -12.52
CA GLN G 173 19.17 -28.96 -12.94
C GLN G 173 19.35 -29.50 -14.36
N SER G 174 18.68 -30.62 -14.66
CA SER G 174 18.64 -31.17 -16.01
C SER G 174 17.65 -30.42 -16.90
N ASP G 175 16.69 -29.73 -16.27
CA ASP G 175 15.73 -28.87 -16.98
C ASP G 175 16.44 -27.65 -17.61
N ILE G 176 17.45 -27.13 -16.91
CA ILE G 176 18.35 -26.08 -17.42
C ILE G 176 19.05 -26.57 -18.69
N ASP G 177 19.49 -27.83 -18.66
CA ASP G 177 20.13 -28.46 -19.81
C ASP G 177 19.18 -28.61 -21.00
N ARG G 178 17.95 -29.07 -20.74
CA ARG G 178 16.90 -29.23 -21.76
C ARG G 178 16.56 -27.93 -22.50
N ILE G 179 16.45 -26.84 -21.75
CA ILE G 179 16.14 -25.51 -22.30
C ILE G 179 17.31 -24.98 -23.14
N ARG G 180 18.53 -25.11 -22.62
CA ARG G 180 19.72 -24.61 -23.29
C ARG G 180 20.05 -25.35 -24.58
N ALA G 181 19.53 -26.58 -24.69
CA ALA G 181 19.81 -27.47 -25.82
C ALA G 181 18.78 -27.29 -26.92
N CYS G 182 17.54 -26.97 -26.54
CA CYS G 182 16.44 -26.86 -27.50
C CYS G 182 16.39 -25.51 -28.23
N LEU G 183 16.55 -24.41 -27.49
CA LEU G 183 16.38 -23.06 -28.04
C LEU G 183 17.27 -22.65 -29.25
N PRO G 184 18.57 -23.01 -29.26
CA PRO G 184 19.30 -22.70 -30.50
C PRO G 184 18.98 -23.64 -31.68
N LEU G 185 18.02 -24.55 -31.50
CA LEU G 185 17.61 -25.45 -32.57
C LEU G 185 16.31 -25.02 -33.25
N LEU G 186 15.78 -23.86 -32.84
CA LEU G 186 14.58 -23.31 -33.48
C LEU G 186 14.77 -21.88 -34.01
N GLU G 187 13.99 -21.54 -35.04
CA GLU G 187 14.11 -20.29 -35.82
C GLU G 187 13.66 -19.06 -35.04
N PRO G 188 14.04 -17.83 -35.50
CA PRO G 188 13.68 -16.60 -34.78
C PRO G 188 12.18 -16.28 -34.69
N GLY G 189 11.37 -16.86 -35.57
CA GLY G 189 9.91 -16.68 -35.54
C GLY G 189 9.13 -17.61 -34.64
N GLU G 190 9.83 -18.32 -33.76
CA GLU G 190 9.27 -19.47 -33.07
C GLU G 190 9.30 -19.39 -31.54
N LYS G 191 8.23 -19.89 -30.92
CA LYS G 191 8.05 -19.81 -29.47
C LYS G 191 8.34 -21.12 -28.77
N ALA G 192 8.97 -21.03 -27.60
CA ALA G 192 9.14 -22.18 -26.73
C ALA G 192 8.67 -21.86 -25.32
N MET G 193 7.77 -22.71 -24.81
CA MET G 193 7.33 -22.62 -23.43
C MET G 193 7.89 -23.78 -22.62
N ALA G 194 8.64 -23.43 -21.58
CA ALA G 194 9.16 -24.42 -20.65
C ALA G 194 8.11 -24.56 -19.56
N ASP G 195 7.29 -25.60 -19.67
CA ASP G 195 6.21 -25.85 -18.71
C ASP G 195 6.66 -26.81 -17.63
N ALA G 196 6.72 -26.30 -16.40
CA ALA G 196 7.21 -27.08 -15.28
C ALA G 196 6.09 -27.84 -14.60
N ASN G 197 4.86 -27.46 -14.93
CA ASN G 197 3.64 -28.05 -14.39
C ASN G 197 3.67 -28.06 -12.87
N GLN G 198 3.84 -26.86 -12.30
CA GLN G 198 3.89 -26.62 -10.85
C GLN G 198 5.04 -27.35 -10.15
N GLY G 199 6.07 -27.69 -10.91
CA GLY G 199 7.03 -28.68 -10.44
C GLY G 199 8.17 -28.24 -9.54
N TRP G 200 8.67 -27.03 -9.74
CA TRP G 200 9.87 -26.60 -9.01
C TRP G 200 9.58 -26.00 -7.64
N ARG G 201 10.53 -26.16 -6.73
CA ARG G 201 10.54 -25.46 -5.46
C ARG G 201 11.06 -24.07 -5.78
N VAL G 202 10.65 -23.09 -5.00
CA VAL G 202 10.87 -21.68 -5.33
C VAL G 202 12.35 -21.28 -5.52
N ASP G 203 13.24 -21.84 -4.71
CA ASP G 203 14.67 -21.57 -4.79
C ASP G 203 15.26 -22.11 -6.09
N ASN G 204 14.85 -23.31 -6.46
CA ASN G 204 15.34 -24.01 -7.64
C ASN G 204 14.86 -23.40 -8.94
N ALA G 205 13.62 -22.90 -8.93
CA ALA G 205 13.07 -22.20 -10.09
C ALA G 205 13.84 -20.92 -10.36
N ILE G 206 14.30 -20.29 -9.29
CA ILE G 206 15.11 -19.07 -9.35
C ILE G 206 16.52 -19.37 -9.88
N ARG G 207 17.09 -20.49 -9.43
CA ARG G 207 18.39 -20.94 -9.93
CA ARG G 207 18.38 -20.96 -9.94
C ARG G 207 18.29 -21.17 -11.43
N LEU G 208 17.19 -21.80 -11.86
CA LEU G 208 16.91 -22.07 -13.27
C LEU G 208 16.79 -20.78 -14.08
N ALA G 209 16.01 -19.83 -13.55
CA ALA G 209 15.76 -18.56 -14.21
C ALA G 209 17.02 -17.73 -14.38
N ARG G 210 17.87 -17.73 -13.35
CA ARG G 210 19.16 -17.05 -13.41
C ARG G 210 20.14 -17.68 -14.40
N ALA G 211 20.08 -19.00 -14.53
CA ALA G 211 21.00 -19.75 -15.41
C ALA G 211 20.63 -19.61 -16.87
N THR G 212 19.37 -19.26 -17.12
CA THR G 212 18.85 -19.13 -18.49
C THR G 212 18.40 -17.70 -18.81
N ARG G 213 18.92 -16.71 -18.09
CA ARG G 213 18.51 -15.31 -18.25
C ARG G 213 18.85 -14.68 -19.61
N ASP G 214 19.77 -15.31 -20.32
CA ASP G 214 20.20 -14.86 -21.65
C ASP G 214 19.38 -15.53 -22.76
N LEU G 215 18.24 -16.11 -22.39
CA LEU G 215 17.45 -16.88 -23.34
C LEU G 215 16.02 -16.38 -23.47
N ASP G 216 15.53 -16.40 -24.70
CA ASP G 216 14.16 -16.03 -25.00
C ASP G 216 13.31 -17.29 -25.03
N TYR G 217 12.52 -17.48 -23.98
CA TYR G 217 11.55 -18.55 -23.91
C TYR G 217 10.45 -18.10 -22.94
N ILE G 218 9.36 -18.84 -22.93
CA ILE G 218 8.24 -18.52 -22.06
C ILE G 218 8.37 -19.39 -20.82
N LEU G 219 8.38 -18.76 -19.66
CA LEU G 219 8.51 -19.48 -18.40
C LEU G 219 7.12 -19.85 -17.89
N GLU G 220 6.78 -21.14 -17.93
CA GLU G 220 5.41 -21.55 -17.65
C GLU G 220 5.18 -22.28 -16.33
N GLN G 221 4.23 -21.74 -15.55
CA GLN G 221 3.87 -22.24 -14.21
C GLN G 221 5.04 -22.90 -13.48
N PRO G 222 6.08 -22.11 -13.13
CA PRO G 222 7.29 -22.72 -12.56
C PRO G 222 7.04 -23.43 -11.23
N CYS G 223 6.08 -22.92 -10.47
CA CYS G 223 5.81 -23.37 -9.13
C CYS G 223 4.31 -23.57 -8.97
N ARG G 224 3.91 -24.16 -7.85
CA ARG G 224 2.50 -24.48 -7.63
C ARG G 224 1.61 -23.25 -7.46
N SER G 225 1.89 -22.46 -6.43
CA SER G 225 1.03 -21.34 -6.11
C SER G 225 1.39 -20.09 -6.89
N TYR G 226 0.40 -19.21 -7.00
CA TYR G 226 0.59 -17.89 -7.61
C TYR G 226 1.71 -17.13 -6.93
N GLU G 227 1.77 -17.22 -5.59
CA GLU G 227 2.71 -16.42 -4.81
C GLU G 227 4.17 -16.87 -5.00
N GLU G 228 4.37 -18.18 -5.06
CA GLU G 228 5.68 -18.74 -5.46
C GLU G 228 6.10 -18.28 -6.85
N CYS G 229 5.16 -18.28 -7.78
CA CYS G 229 5.40 -17.81 -9.15
C CYS G 229 5.81 -16.34 -9.20
N GLN G 230 5.12 -15.49 -8.43
CA GLN G 230 5.48 -14.06 -8.32
C GLN G 230 6.84 -13.84 -7.67
N GLN G 231 7.19 -14.72 -6.74
CA GLN G 231 8.52 -14.70 -6.13
C GLN G 231 9.60 -15.08 -7.14
N VAL G 232 9.29 -16.01 -8.04
CA VAL G 232 10.19 -16.35 -9.14
C VAL G 232 10.31 -15.18 -10.12
N ARG G 233 9.17 -14.54 -10.40
CA ARG G 233 9.06 -13.36 -11.27
C ARG G 233 9.89 -12.16 -10.82
N ARG G 234 10.10 -12.02 -9.50
CA ARG G 234 10.95 -10.97 -8.92
C ARG G 234 12.34 -10.98 -9.55
N VAL G 235 12.83 -12.17 -9.87
CA VAL G 235 14.13 -12.37 -10.50
C VAL G 235 14.03 -12.55 -12.03
N ALA G 236 13.06 -13.36 -12.49
CA ALA G 236 12.98 -13.73 -13.91
C ALA G 236 12.33 -12.70 -14.83
N ASP G 237 13.02 -12.40 -15.93
CA ASP G 237 12.57 -11.45 -16.94
C ASP G 237 11.80 -12.12 -18.07
N GLN G 238 11.94 -13.44 -18.19
CA GLN G 238 11.26 -14.22 -19.24
C GLN G 238 9.76 -14.01 -19.17
N PRO G 239 9.10 -13.90 -20.34
CA PRO G 239 7.63 -13.79 -20.28
C PRO G 239 7.05 -14.98 -19.52
N MET G 240 6.22 -14.70 -18.51
CA MET G 240 5.70 -15.76 -17.63
C MET G 240 4.28 -16.13 -18.03
N LYS G 241 4.01 -17.43 -17.98
CA LYS G 241 2.69 -17.93 -18.33
C LYS G 241 2.13 -18.65 -17.14
N LEU G 242 0.95 -18.22 -16.72
CA LEU G 242 0.30 -18.83 -15.59
C LEU G 242 -0.80 -19.75 -16.08
N ASP G 243 -0.92 -20.90 -15.46
CA ASP G 243 -1.79 -21.96 -15.96
C ASP G 243 -2.71 -22.51 -14.88
N GLU G 244 -2.24 -23.54 -14.17
CA GLU G 244 -3.06 -24.30 -13.23
C GLU G 244 -3.56 -23.50 -12.05
N CYS G 245 -2.88 -22.39 -11.76
CA CYS G 245 -3.29 -21.48 -10.69
C CYS G 245 -4.37 -20.49 -11.14
N VAL G 246 -4.61 -20.42 -12.46
CA VAL G 246 -5.70 -19.59 -12.99
C VAL G 246 -7.02 -20.38 -12.85
N THR G 247 -7.68 -20.21 -11.72
CA THR G 247 -8.80 -21.09 -11.35
C THR G 247 -10.18 -20.42 -11.48
N GLY G 248 -10.18 -19.15 -11.87
CA GLY G 248 -11.43 -18.41 -11.92
C GLY G 248 -11.17 -16.94 -12.05
N LEU G 249 -12.25 -16.17 -11.98
CA LEU G 249 -12.22 -14.73 -12.20
C LEU G 249 -11.46 -13.98 -11.11
N HIS G 250 -11.61 -14.45 -9.86
N HIS G 250 -11.55 -14.45 -9.86
CA HIS G 250 -10.94 -13.93 -8.67
CA HIS G 250 -10.88 -13.78 -8.75
C HIS G 250 -9.42 -13.89 -8.88
C HIS G 250 -9.36 -13.92 -8.77
N MET G 251 -8.89 -14.98 -9.42
CA MET G 251 -7.44 -15.10 -9.63
C MET G 251 -7.05 -14.21 -10.79
N ALA G 252 -7.86 -14.28 -11.84
CA ALA G 252 -7.69 -13.41 -13.02
C ALA G 252 -7.65 -11.90 -12.68
N GLN G 253 -8.48 -11.49 -11.73
CA GLN G 253 -8.52 -10.12 -11.21
C GLN G 253 -7.21 -9.72 -10.51
N ARG G 254 -6.71 -10.61 -9.67
CA ARG G 254 -5.46 -10.44 -8.96
C ARG G 254 -4.23 -10.44 -9.88
N ILE G 255 -4.24 -11.30 -10.91
CA ILE G 255 -3.15 -11.33 -11.90
C ILE G 255 -3.07 -9.99 -12.66
N VAL G 256 -4.23 -9.49 -13.08
CA VAL G 256 -4.35 -8.21 -13.78
C VAL G 256 -3.94 -7.04 -12.88
N ALA G 257 -4.39 -7.06 -11.63
CA ALA G 257 -4.01 -6.01 -10.66
C ALA G 257 -2.50 -5.96 -10.41
N ASP G 258 -1.88 -7.13 -10.41
CA ASP G 258 -0.42 -7.21 -10.22
C ASP G 258 0.34 -7.07 -11.51
N ARG G 259 -0.37 -7.13 -12.65
CA ARG G 259 0.20 -7.38 -14.00
C ARG G 259 1.19 -8.56 -13.93
N GLY G 260 0.70 -9.66 -13.34
CA GLY G 260 1.57 -10.72 -12.83
C GLY G 260 1.88 -11.84 -13.80
N ALA G 261 1.55 -11.69 -15.08
CA ALA G 261 1.84 -12.70 -16.13
C ALA G 261 1.81 -12.03 -17.50
N GLU G 262 2.51 -12.62 -18.47
CA GLU G 262 2.45 -12.16 -19.87
C GLU G 262 1.46 -13.00 -20.67
N ILE G 263 1.09 -14.17 -20.17
CA ILE G 263 0.06 -15.06 -20.76
C ILE G 263 -0.69 -15.80 -19.67
N CYS G 264 -2.00 -15.88 -19.78
CA CYS G 264 -2.83 -16.67 -18.88
C CYS G 264 -3.42 -17.85 -19.64
N CYS G 265 -3.11 -19.06 -19.18
CA CYS G 265 -3.62 -20.25 -19.80
C CYS G 265 -4.97 -20.62 -19.22
N LEU G 266 -5.96 -20.78 -20.09
CA LEU G 266 -7.34 -20.97 -19.63
C LEU G 266 -7.88 -22.37 -19.96
N LYS G 267 -7.88 -23.24 -18.94
CA LYS G 267 -8.40 -24.61 -19.08
C LYS G 267 -9.86 -24.66 -18.63
N ILE G 268 -10.73 -25.06 -19.55
CA ILE G 268 -12.19 -25.00 -19.38
C ILE G 268 -12.71 -25.60 -18.07
N SER G 269 -12.25 -26.80 -17.75
CA SER G 269 -12.75 -27.49 -16.55
C SER G 269 -12.12 -26.98 -15.26
N ASN G 270 -10.94 -26.37 -15.37
CA ASN G 270 -10.28 -25.74 -14.23
C ASN G 270 -10.95 -24.43 -13.86
N LEU G 271 -11.52 -23.78 -14.88
CA LEU G 271 -12.31 -22.58 -14.70
C LEU G 271 -13.77 -22.88 -14.36
N GLY G 272 -14.16 -24.16 -14.37
CA GLY G 272 -15.49 -24.53 -13.95
C GLY G 272 -16.51 -24.67 -15.06
N GLY G 273 -16.01 -24.78 -16.28
CA GLY G 273 -16.87 -24.97 -17.44
C GLY G 273 -16.79 -23.82 -18.40
N LEU G 274 -17.36 -24.01 -19.59
CA LEU G 274 -17.32 -23.04 -20.67
C LEU G 274 -17.94 -21.68 -20.34
N SER G 275 -18.98 -21.67 -19.50
CA SER G 275 -19.62 -20.42 -19.06
C SER G 275 -18.68 -19.50 -18.29
N LYS G 276 -18.00 -20.06 -17.28
CA LYS G 276 -17.04 -19.30 -16.48
C LYS G 276 -15.75 -19.04 -17.25
N ALA G 277 -15.35 -20.03 -18.06
CA ALA G 277 -14.13 -19.93 -18.86
C ALA G 277 -14.18 -18.79 -19.87
N ARG G 278 -15.35 -18.62 -20.48
CA ARG G 278 -15.67 -17.53 -21.40
C ARG G 278 -15.62 -16.19 -20.68
N ARG G 279 -16.21 -16.13 -19.48
CA ARG G 279 -16.23 -14.87 -18.71
C ARG G 279 -14.85 -14.45 -18.25
N THR G 280 -14.04 -15.41 -17.80
CA THR G 280 -12.64 -15.16 -17.45
C THR G 280 -11.83 -14.72 -18.69
N ARG G 281 -12.06 -15.37 -19.83
CA ARG G 281 -11.40 -14.97 -21.07
C ARG G 281 -11.76 -13.55 -21.48
N ASP G 282 -13.06 -13.25 -21.45
CA ASP G 282 -13.56 -11.93 -21.81
C ASP G 282 -12.97 -10.87 -20.91
N PHE G 283 -12.86 -11.19 -19.62
CA PHE G 283 -12.25 -10.29 -18.66
C PHE G 283 -10.78 -10.02 -19.00
N LEU G 284 -10.02 -11.06 -19.31
CA LEU G 284 -8.60 -10.91 -19.60
C LEU G 284 -8.31 -10.24 -20.96
N ILE G 285 -9.15 -10.52 -21.97
CA ILE G 285 -9.07 -9.87 -23.28
C ILE G 285 -9.29 -8.37 -23.14
N ASP G 286 -10.32 -7.99 -22.39
CA ASP G 286 -10.62 -6.57 -22.12
C ASP G 286 -9.50 -5.85 -21.34
N ASN G 287 -8.67 -6.62 -20.65
CA ASN G 287 -7.49 -6.10 -19.96
C ASN G 287 -6.20 -6.27 -20.75
N ARG G 288 -6.37 -6.69 -22.01
CA ARG G 288 -5.28 -6.85 -22.97
C ARG G 288 -4.19 -7.83 -22.50
N MET G 289 -4.66 -8.94 -21.94
CA MET G 289 -3.83 -10.06 -21.50
C MET G 289 -3.96 -11.17 -22.53
N PRO G 290 -2.81 -11.57 -23.14
CA PRO G 290 -2.79 -12.72 -24.06
C PRO G 290 -3.21 -14.00 -23.34
N VAL G 291 -3.89 -14.90 -24.05
CA VAL G 291 -4.44 -16.12 -23.43
C VAL G 291 -4.23 -17.38 -24.27
N VAL G 292 -4.18 -18.53 -23.60
CA VAL G 292 -4.22 -19.84 -24.26
C VAL G 292 -5.58 -20.47 -23.96
N ALA G 293 -6.27 -20.97 -24.99
CA ALA G 293 -7.61 -21.56 -24.79
C ALA G 293 -7.53 -23.06 -24.91
N GLU G 294 -7.71 -23.77 -23.80
CA GLU G 294 -7.65 -25.23 -23.82
C GLU G 294 -8.46 -25.89 -22.71
N ASP G 295 -8.07 -27.11 -22.37
CA ASP G 295 -8.62 -27.84 -21.21
C ASP G 295 -7.53 -28.78 -20.75
N SER G 296 -7.81 -29.56 -19.70
CA SER G 296 -6.84 -30.45 -19.10
C SER G 296 -6.42 -31.60 -20.02
N TRP G 297 -7.41 -32.37 -20.49
CA TRP G 297 -7.19 -33.57 -21.30
C TRP G 297 -8.52 -33.99 -21.91
N GLY G 298 -8.49 -34.98 -22.80
CA GLY G 298 -9.73 -35.57 -23.25
C GLY G 298 -9.87 -35.86 -24.72
N GLY G 299 -11.04 -36.39 -25.08
CA GLY G 299 -11.33 -36.79 -26.44
C GLY G 299 -12.14 -35.75 -27.19
N GLU G 300 -12.97 -36.22 -28.12
CA GLU G 300 -13.68 -35.37 -29.07
C GLU G 300 -14.67 -34.40 -28.44
N ILE G 301 -15.29 -34.80 -27.34
CA ILE G 301 -16.31 -33.96 -26.71
C ILE G 301 -15.67 -32.80 -25.93
N ALA G 302 -14.58 -33.08 -25.23
CA ALA G 302 -13.83 -32.04 -24.54
C ALA G 302 -13.14 -31.11 -25.53
N SER G 303 -12.64 -31.67 -26.62
CA SER G 303 -11.92 -30.92 -27.66
C SER G 303 -12.82 -29.98 -28.46
N ALA G 304 -14.08 -30.38 -28.63
CA ALA G 304 -15.08 -29.58 -29.33
C ALA G 304 -15.39 -28.31 -28.56
N ALA G 305 -15.44 -28.42 -27.23
CA ALA G 305 -15.62 -27.27 -26.35
C ALA G 305 -14.42 -26.31 -26.45
N VAL G 306 -13.22 -26.89 -26.42
CA VAL G 306 -11.95 -26.17 -26.59
C VAL G 306 -11.89 -25.36 -27.89
N ALA G 307 -12.22 -25.99 -29.01
CA ALA G 307 -12.13 -25.36 -30.32
C ALA G 307 -13.08 -24.19 -30.50
N HIS G 308 -14.30 -24.30 -29.96
CA HIS G 308 -15.26 -23.20 -29.96
C HIS G 308 -14.82 -22.07 -29.06
N PHE G 309 -14.26 -22.43 -27.91
CA PHE G 309 -13.64 -21.51 -26.97
C PHE G 309 -12.49 -20.72 -27.61
N ALA G 310 -11.66 -21.39 -28.40
CA ALA G 310 -10.55 -20.72 -29.08
C ALA G 310 -11.02 -19.86 -30.27
N ALA G 311 -12.04 -20.33 -30.98
CA ALA G 311 -12.56 -19.63 -32.17
C ALA G 311 -13.22 -18.31 -31.83
N SER G 312 -13.74 -18.22 -30.60
CA SER G 312 -14.37 -17.00 -30.09
C SER G 312 -13.42 -16.05 -29.36
N THR G 313 -12.14 -16.42 -29.33
CA THR G 313 -11.09 -15.58 -28.76
C THR G 313 -10.46 -14.77 -29.89
N PRO G 314 -10.33 -13.43 -29.72
CA PRO G 314 -9.61 -12.58 -30.68
C PRO G 314 -8.23 -13.13 -31.11
N GLU G 315 -8.03 -13.20 -32.43
CA GLU G 315 -6.81 -13.72 -33.05
C GLU G 315 -5.55 -13.04 -32.51
N GLU G 316 -5.65 -11.73 -32.30
CA GLU G 316 -4.53 -10.92 -31.83
CA GLU G 316 -4.50 -10.95 -31.84
C GLU G 316 -4.09 -11.26 -30.40
N PHE G 317 -4.99 -11.84 -29.60
CA PHE G 317 -4.66 -12.19 -28.21
C PHE G 317 -4.61 -13.69 -27.91
N LEU G 318 -4.84 -14.51 -28.91
CA LEU G 318 -4.84 -15.95 -28.71
C LEU G 318 -3.47 -16.52 -29.04
N ILE G 319 -2.82 -17.08 -28.02
CA ILE G 319 -1.46 -17.56 -28.17
C ILE G 319 -1.47 -18.89 -28.88
N ASN G 320 -2.28 -19.81 -28.35
CA ASN G 320 -2.47 -21.11 -28.97
C ASN G 320 -3.70 -21.81 -28.42
N SER G 321 -4.04 -22.94 -29.03
CA SER G 321 -4.96 -23.90 -28.43
C SER G 321 -4.34 -25.29 -28.63
N THR G 322 -5.11 -26.35 -28.36
CA THR G 322 -4.59 -27.71 -28.50
C THR G 322 -5.62 -28.73 -28.99
N ASP G 323 -5.16 -29.67 -29.82
CA ASP G 323 -5.97 -30.80 -30.29
C ASP G 323 -5.93 -31.98 -29.30
N LEU G 324 -6.67 -31.84 -28.21
CA LEU G 324 -6.61 -32.82 -27.11
C LEU G 324 -6.95 -34.25 -27.55
N MET G 325 -7.91 -34.37 -28.45
CA MET G 325 -8.38 -35.68 -28.96
C MET G 325 -7.32 -36.50 -29.68
N ASN G 326 -6.28 -35.84 -30.22
CA ASN G 326 -5.22 -36.51 -30.97
C ASN G 326 -4.10 -37.09 -30.11
N TYR G 327 -4.25 -36.99 -28.79
CA TYR G 327 -3.29 -37.56 -27.84
C TYR G 327 -3.71 -38.95 -27.32
N ASN G 328 -4.94 -39.36 -27.64
CA ASN G 328 -5.47 -40.65 -27.19
C ASN G 328 -5.76 -41.58 -28.35
N THR G 329 -5.69 -42.88 -28.06
CA THR G 329 -5.93 -43.93 -29.06
C THR G 329 -7.41 -44.33 -29.09
N ARG G 330 -8.15 -43.90 -28.07
CA ARG G 330 -9.59 -44.16 -27.99
C ARG G 330 -10.41 -42.88 -28.02
N SER G 331 -11.71 -43.02 -28.26
CA SER G 331 -12.61 -41.87 -28.46
C SER G 331 -13.71 -41.72 -27.41
N THR G 332 -14.16 -40.49 -27.23
CA THR G 332 -15.32 -40.21 -26.39
C THR G 332 -16.51 -39.78 -27.23
N GLY G 333 -16.25 -39.26 -28.43
CA GLY G 333 -17.29 -38.67 -29.27
C GLY G 333 -17.13 -38.86 -30.77
N LEU G 334 -18.23 -38.66 -31.49
CA LEU G 334 -18.24 -38.72 -32.96
C LEU G 334 -18.24 -37.32 -33.55
N GLY G 335 -17.23 -37.03 -34.35
CA GLY G 335 -17.04 -35.70 -34.92
C GLY G 335 -16.04 -34.88 -34.13
N GLY G 336 -16.42 -33.66 -33.79
CA GLY G 336 -15.54 -32.77 -33.06
C GLY G 336 -14.74 -31.87 -33.98
N PRO G 337 -13.71 -31.21 -33.44
CA PRO G 337 -12.92 -30.23 -34.20
C PRO G 337 -11.91 -30.91 -35.10
N THR G 338 -11.30 -30.14 -36.00
CA THR G 338 -10.33 -30.68 -36.96
C THR G 338 -9.04 -29.86 -36.92
N VAL G 339 -7.98 -30.45 -37.46
CA VAL G 339 -6.69 -29.76 -37.56
C VAL G 339 -6.30 -29.62 -39.03
N HIS G 340 -5.98 -28.40 -39.44
CA HIS G 340 -5.53 -28.14 -40.81
C HIS G 340 -4.34 -27.21 -40.76
N GLN G 341 -3.21 -27.70 -41.27
CA GLN G 341 -1.94 -26.95 -41.36
C GLN G 341 -1.50 -26.31 -40.04
N GLY G 342 -1.57 -27.07 -38.95
CA GLY G 342 -1.07 -26.64 -37.65
C GLY G 342 -1.97 -25.66 -36.92
N ARG G 343 -3.23 -25.61 -37.34
CA ARG G 343 -4.24 -24.75 -36.70
C ARG G 343 -5.46 -25.58 -36.33
N LEU G 344 -6.10 -25.24 -35.21
CA LEU G 344 -7.28 -25.97 -34.72
C LEU G 344 -8.56 -25.28 -35.19
N TYR G 345 -9.43 -26.02 -35.87
CA TYR G 345 -10.69 -25.47 -36.36
C TYR G 345 -11.93 -26.03 -35.68
N ALA G 346 -12.77 -25.13 -35.19
CA ALA G 346 -14.08 -25.45 -34.64
C ALA G 346 -15.05 -25.91 -35.73
N SER G 347 -16.15 -26.57 -35.35
CA SER G 347 -17.22 -26.91 -36.30
C SER G 347 -18.06 -25.67 -36.56
N ASP G 348 -18.76 -25.64 -37.69
CA ASP G 348 -19.65 -24.52 -38.01
C ASP G 348 -21.11 -24.98 -38.06
N THR G 349 -21.33 -26.24 -37.70
CA THR G 349 -22.66 -26.84 -37.64
C THR G 349 -23.22 -26.62 -36.24
N PRO G 350 -24.56 -26.60 -36.09
CA PRO G 350 -25.19 -26.27 -34.80
C PRO G 350 -24.74 -27.09 -33.57
N GLY G 351 -24.71 -26.45 -32.41
CA GLY G 351 -24.29 -27.08 -31.17
C GLY G 351 -22.79 -27.17 -31.07
N LEU G 352 -22.30 -28.22 -30.41
CA LEU G 352 -20.86 -28.41 -30.23
C LEU G 352 -20.23 -29.09 -31.45
N GLY G 353 -21.08 -29.69 -32.28
CA GLY G 353 -20.61 -30.37 -33.49
C GLY G 353 -20.02 -31.73 -33.16
N VAL G 354 -20.51 -32.33 -32.07
CA VAL G 354 -20.03 -33.62 -31.61
C VAL G 354 -21.19 -34.38 -30.92
N THR G 355 -21.28 -35.67 -31.21
CA THR G 355 -22.26 -36.55 -30.57
C THR G 355 -21.47 -37.62 -29.80
N PRO G 356 -22.09 -38.32 -28.83
CA PRO G 356 -21.31 -39.32 -28.10
C PRO G 356 -21.00 -40.58 -28.91
N ASP G 357 -19.81 -41.12 -28.69
CA ASP G 357 -19.42 -42.38 -29.29
C ASP G 357 -19.83 -43.48 -28.31
N PHE G 358 -21.06 -43.96 -28.48
CA PHE G 358 -21.65 -44.94 -27.56
C PHE G 358 -20.98 -46.31 -27.61
N ASN G 359 -20.45 -46.67 -28.78
CA ASN G 359 -19.65 -47.89 -28.95
C ASN G 359 -18.39 -47.91 -28.09
N SER G 360 -17.72 -46.77 -28.01
CA SER G 360 -16.52 -46.63 -27.19
C SER G 360 -16.85 -46.44 -25.71
N LEU G 361 -17.96 -45.75 -25.43
CA LEU G 361 -18.30 -45.34 -24.05
C LEU G 361 -18.80 -46.50 -23.19
N GLY G 362 -19.53 -47.42 -23.82
CA GLY G 362 -20.09 -48.57 -23.12
C GLY G 362 -21.46 -48.29 -22.54
N ALA G 363 -21.87 -49.13 -21.59
CA ALA G 363 -23.08 -48.91 -20.82
C ALA G 363 -22.87 -47.75 -19.83
N PRO G 364 -23.88 -46.88 -19.66
CA PRO G 364 -23.72 -45.79 -18.69
C PRO G 364 -23.61 -46.31 -17.25
N VAL G 365 -22.74 -45.67 -16.47
CA VAL G 365 -22.55 -46.06 -15.07
C VAL G 365 -23.71 -45.58 -14.18
N ALA G 366 -24.48 -44.62 -14.69
CA ALA G 366 -25.60 -44.05 -13.97
C ALA G 366 -26.61 -43.45 -14.95
N ASP G 367 -27.89 -43.49 -14.58
CA ASP G 367 -29.00 -43.09 -15.45
C ASP G 367 -30.13 -42.51 -14.60
N TRP G 368 -30.52 -41.27 -14.90
CA TRP G 368 -31.65 -40.61 -14.25
C TRP G 368 -32.63 -40.16 -15.33
N ALA G 369 -33.91 -40.45 -15.13
CA ALA G 369 -34.95 -40.06 -16.08
C ALA G 369 -36.23 -39.60 -15.39
N LEU G 370 -36.92 -38.65 -16.02
CA LEU G 370 -38.28 -38.24 -15.65
C LEU G 370 -39.28 -39.38 -15.86
N PRO G 371 -40.31 -39.49 -14.98
CA PRO G 371 -41.39 -40.47 -15.21
C PRO G 371 -42.32 -40.03 -16.33
N SER H 2 6.53 -51.28 13.87
CA SER H 2 5.86 -50.87 12.60
C SER H 2 4.39 -51.24 12.62
N LEU H 3 3.56 -50.42 11.98
CA LEU H 3 2.13 -50.67 11.85
C LEU H 3 1.72 -50.47 10.39
N ARG H 4 0.78 -51.27 9.92
CA ARG H 4 0.28 -51.17 8.55
C ARG H 4 -1.25 -51.07 8.56
N ILE H 5 -1.80 -50.27 7.64
CA ILE H 5 -3.25 -50.24 7.40
C ILE H 5 -3.65 -51.51 6.61
N THR H 6 -4.51 -52.34 7.20
CA THR H 6 -4.92 -53.61 6.57
C THR H 6 -6.27 -53.55 5.87
N ARG H 7 -7.14 -52.65 6.34
CA ARG H 7 -8.49 -52.56 5.82
C ARG H 7 -9.04 -51.16 5.93
N ILE H 8 -9.79 -50.73 4.91
CA ILE H 8 -10.52 -49.46 4.94
C ILE H 8 -11.98 -49.68 4.53
N ARG H 9 -12.91 -49.21 5.36
CA ARG H 9 -14.34 -49.31 5.05
C ARG H 9 -15.03 -47.96 5.11
N LEU H 10 -15.97 -47.73 4.21
CA LEU H 10 -16.79 -46.52 4.22
C LEU H 10 -18.25 -46.86 4.48
N TYR H 11 -18.84 -46.14 5.44
CA TYR H 11 -20.23 -46.34 5.85
C TYR H 11 -20.98 -45.05 5.62
N LYS H 12 -22.26 -45.18 5.29
CA LYS H 12 -23.13 -44.03 5.13
C LYS H 12 -24.42 -44.27 5.91
N THR H 13 -24.85 -43.26 6.66
CA THR H 13 -26.13 -43.33 7.37
C THR H 13 -26.86 -42.00 7.43
N ASP H 14 -28.16 -42.06 7.71
CA ASP H 14 -29.00 -40.88 7.82
C ASP H 14 -29.11 -40.40 9.27
N LEU H 15 -28.90 -39.10 9.45
CA LEU H 15 -29.04 -38.48 10.77
C LEU H 15 -30.14 -37.42 10.73
N PRO H 16 -31.38 -37.80 11.11
CA PRO H 16 -32.47 -36.83 11.13
C PRO H 16 -32.28 -35.77 12.22
N TYR H 17 -32.87 -34.59 12.04
CA TYR H 17 -32.72 -33.49 13.00
C TYR H 17 -33.77 -33.60 14.11
N VAL H 18 -33.36 -33.26 15.34
CA VAL H 18 -34.20 -33.40 16.55
C VAL H 18 -35.51 -32.63 16.56
N ASP H 19 -35.48 -31.35 16.17
CA ASP H 19 -36.67 -30.49 16.22
C ASP H 19 -37.53 -30.59 14.96
N GLY H 20 -37.00 -31.22 13.91
CA GLY H 20 -37.71 -31.37 12.65
C GLY H 20 -37.00 -30.67 11.51
N SER H 21 -37.09 -29.34 11.50
CA SER H 21 -36.43 -28.51 10.49
C SER H 21 -35.40 -27.55 11.11
N TYR H 22 -34.23 -27.46 10.48
CA TYR H 22 -33.15 -26.59 10.93
C TYR H 22 -32.91 -25.49 9.89
N GLY H 23 -33.69 -24.42 9.98
CA GLY H 23 -33.61 -23.30 9.03
C GLY H 23 -32.35 -22.47 9.19
N TRP H 24 -31.53 -22.44 8.14
CA TRP H 24 -30.29 -21.66 8.12
C TRP H 24 -30.13 -20.90 6.80
N GLY H 25 -29.47 -19.75 6.86
CA GLY H 25 -29.12 -18.98 5.67
C GLY H 25 -30.28 -18.34 4.94
N ALA H 26 -30.17 -18.26 3.62
CA ALA H 26 -31.15 -17.57 2.77
C ALA H 26 -32.29 -18.46 2.26
N GLY H 27 -32.90 -19.22 3.17
CA GLY H 27 -34.05 -20.06 2.85
C GLY H 27 -33.80 -21.56 2.82
N ASN H 28 -32.59 -21.97 3.23
CA ASN H 28 -32.23 -23.39 3.31
C ASN H 28 -32.75 -24.07 4.58
N ALA H 29 -32.96 -25.37 4.50
CA ALA H 29 -33.44 -26.19 5.62
C ALA H 29 -33.02 -27.65 5.45
N ILE H 30 -32.62 -28.28 6.55
CA ILE H 30 -32.33 -29.71 6.55
C ILE H 30 -33.27 -30.49 7.48
N THR H 31 -33.78 -31.61 6.98
CA THR H 31 -34.53 -32.55 7.81
C THR H 31 -33.67 -33.77 8.12
N VAL H 32 -32.83 -34.15 7.16
CA VAL H 32 -31.92 -35.28 7.31
C VAL H 32 -30.53 -34.99 6.72
N ALA H 33 -29.49 -35.22 7.52
CA ALA H 33 -28.11 -35.06 7.09
C ALA H 33 -27.52 -36.43 6.77
N ARG H 34 -26.66 -36.48 5.78
CA ARG H 34 -26.11 -37.73 5.31
C ARG H 34 -24.70 -37.86 5.84
N ALA H 35 -24.49 -38.82 6.74
CA ALA H 35 -23.20 -39.04 7.37
C ALA H 35 -22.30 -39.93 6.52
N SER H 36 -21.00 -39.67 6.60
CA SER H 36 -19.98 -40.53 5.99
C SER H 36 -18.97 -40.90 7.06
N VAL H 37 -18.87 -42.20 7.33
CA VAL H 37 -17.95 -42.73 8.34
C VAL H 37 -16.88 -43.62 7.70
N VAL H 38 -15.63 -43.30 8.00
CA VAL H 38 -14.47 -44.08 7.54
C VAL H 38 -13.91 -44.89 8.70
N VAL H 39 -13.76 -46.20 8.49
CA VAL H 39 -13.22 -47.11 9.51
C VAL H 39 -11.91 -47.75 9.02
N ILE H 40 -10.82 -47.50 9.74
CA ILE H 40 -9.48 -47.99 9.38
C ILE H 40 -9.02 -49.08 10.34
N ASP H 41 -8.76 -50.28 9.82
CA ASP H 41 -8.18 -51.38 10.60
C ASP H 41 -6.68 -51.53 10.35
N THR H 42 -5.96 -52.01 11.37
CA THR H 42 -4.51 -52.22 11.27
C THR H 42 -4.08 -53.65 11.65
N ASP H 43 -2.82 -54.00 11.36
CA ASP H 43 -2.29 -55.34 11.63
C ASP H 43 -2.02 -55.69 13.10
N ALA H 44 -2.04 -54.68 13.99
CA ALA H 44 -2.00 -54.96 15.43
C ALA H 44 -3.41 -54.97 16.04
N GLY H 45 -4.42 -54.85 15.18
CA GLY H 45 -5.81 -54.87 15.63
C GLY H 45 -6.31 -53.56 16.26
N LEU H 46 -5.61 -52.47 15.98
CA LEU H 46 -6.06 -51.14 16.39
C LEU H 46 -6.94 -50.54 15.31
N GLN H 47 -8.16 -50.16 15.67
CA GLN H 47 -9.10 -49.61 14.71
C GLN H 47 -9.41 -48.14 14.99
N GLY H 48 -9.29 -47.31 13.95
CA GLY H 48 -9.61 -45.89 14.03
C GLY H 48 -10.90 -45.60 13.29
N CYS H 49 -11.56 -44.49 13.63
CA CYS H 49 -12.74 -44.06 12.90
C CYS H 49 -12.82 -42.55 12.74
N GLY H 50 -13.58 -42.10 11.73
CA GLY H 50 -13.68 -40.68 11.43
C GLY H 50 -14.97 -40.34 10.75
N GLU H 51 -15.41 -39.09 10.86
CA GLU H 51 -16.70 -38.70 10.30
C GLU H 51 -16.72 -37.32 9.65
N PHE H 52 -17.27 -37.25 8.43
CA PHE H 52 -17.76 -35.97 7.89
C PHE H 52 -19.26 -36.02 7.66
N THR H 53 -19.95 -35.01 8.18
CA THR H 53 -21.37 -34.85 7.93
C THR H 53 -21.61 -33.35 7.73
N PRO H 54 -22.18 -32.96 6.57
CA PRO H 54 -22.53 -31.57 6.34
C PRO H 54 -23.88 -31.19 6.94
N CYS H 55 -23.99 -29.93 7.36
CA CYS H 55 -25.30 -29.35 7.63
C CYS H 55 -25.70 -28.59 6.37
N GLY H 56 -26.36 -29.29 5.46
CA GLY H 56 -26.69 -28.74 4.15
C GLY H 56 -25.58 -29.01 3.16
N GLU H 57 -25.96 -29.54 1.99
CA GLU H 57 -25.01 -29.93 0.95
C GLU H 57 -24.35 -28.74 0.22
N ASN H 58 -24.91 -27.54 0.40
CA ASN H 58 -24.39 -26.31 -0.22
C ASN H 58 -23.88 -25.28 0.80
N TYR H 59 -23.57 -25.75 2.00
CA TYR H 59 -23.17 -24.89 3.11
C TYR H 59 -21.75 -24.36 2.95
N MET H 60 -20.83 -25.25 2.56
CA MET H 60 -19.44 -24.91 2.31
C MET H 60 -18.99 -25.66 1.06
N ILE H 61 -17.70 -25.57 0.73
CA ILE H 61 -17.19 -26.33 -0.43
C ILE H 61 -16.98 -27.77 0.01
N ALA H 62 -18.10 -28.49 0.05
CA ALA H 62 -18.20 -29.81 0.68
C ALA H 62 -19.59 -30.38 0.45
N HIS H 63 -19.64 -31.62 -0.01
CA HIS H 63 -20.88 -32.35 -0.10
C HIS H 63 -20.65 -33.82 0.27
N SER H 64 -21.69 -34.50 0.74
CA SER H 64 -21.55 -35.85 1.28
C SER H 64 -21.08 -36.92 0.27
N GLU H 65 -21.46 -36.79 -0.99
CA GLU H 65 -21.04 -37.75 -2.02
C GLU H 65 -19.56 -37.69 -2.41
N GLY H 66 -18.91 -36.57 -2.10
CA GLY H 66 -17.48 -36.37 -2.43
C GLY H 66 -16.52 -37.15 -1.56
N VAL H 67 -17.00 -37.65 -0.43
CA VAL H 67 -16.22 -38.51 0.44
C VAL H 67 -16.01 -39.88 -0.23
N ASP H 68 -17.06 -40.43 -0.82
CA ASP H 68 -16.99 -41.70 -1.57
C ASP H 68 -16.04 -41.61 -2.75
N ALA H 69 -16.18 -40.51 -3.49
CA ALA H 69 -15.37 -40.24 -4.68
C ALA H 69 -13.89 -40.23 -4.33
N PHE H 70 -13.54 -39.54 -3.25
CA PHE H 70 -12.18 -39.47 -2.77
C PHE H 70 -11.64 -40.82 -2.32
N ALA H 71 -12.41 -41.54 -1.51
CA ALA H 71 -12.03 -42.86 -0.99
C ALA H 71 -11.76 -43.87 -2.11
N ARG H 72 -12.57 -43.83 -3.17
CA ARG H 72 -12.36 -44.71 -4.33
C ARG H 72 -11.00 -44.47 -4.98
N LEU H 73 -10.58 -43.21 -4.99
CA LEU H 73 -9.25 -42.84 -5.43
C LEU H 73 -8.15 -43.13 -4.40
N ALA H 74 -8.38 -42.74 -3.15
CA ALA H 74 -7.33 -42.73 -2.13
C ALA H 74 -7.10 -44.04 -1.38
N ALA H 75 -8.19 -44.66 -0.93
CA ALA H 75 -8.10 -45.87 -0.10
C ALA H 75 -7.22 -47.04 -0.61
N PRO H 76 -7.27 -47.37 -1.94
CA PRO H 76 -6.28 -48.36 -2.44
C PRO H 76 -4.81 -48.00 -2.17
N GLN H 77 -4.48 -46.72 -2.22
CA GLN H 77 -3.10 -46.27 -2.03
C GLN H 77 -2.72 -46.12 -0.55
N LEU H 78 -3.74 -46.08 0.32
CA LEU H 78 -3.52 -45.90 1.77
C LEU H 78 -3.27 -47.21 2.49
N LEU H 79 -3.64 -48.31 1.86
CA LEU H 79 -3.42 -49.64 2.43
C LEU H 79 -1.94 -49.95 2.56
N GLY H 80 -1.54 -50.45 3.72
CA GLY H 80 -0.16 -50.83 3.98
C GLY H 80 0.71 -49.70 4.51
N GLN H 81 0.09 -48.55 4.74
CA GLN H 81 0.77 -47.38 5.26
C GLN H 81 0.66 -47.36 6.77
N ASP H 82 1.51 -46.55 7.41
CA ASP H 82 1.53 -46.39 8.87
C ASP H 82 0.61 -45.24 9.29
N PRO H 83 -0.57 -45.56 9.85
CA PRO H 83 -1.59 -44.55 10.14
C PRO H 83 -1.26 -43.60 11.31
N ARG H 84 -0.31 -43.98 12.16
CA ARG H 84 0.02 -43.11 13.28
C ARG H 84 0.97 -41.96 12.93
N GLN H 85 1.57 -42.02 11.73
CA GLN H 85 2.33 -40.90 11.21
C GLN H 85 1.38 -39.95 10.47
N VAL H 86 0.63 -39.17 11.26
CA VAL H 86 -0.49 -38.34 10.77
C VAL H 86 -0.12 -37.35 9.68
N ALA H 87 1.10 -36.84 9.73
CA ALA H 87 1.55 -35.82 8.79
C ALA H 87 2.18 -36.46 7.56
N ARG H 88 2.54 -37.73 7.67
CA ARG H 88 2.89 -38.50 6.48
C ARG H 88 1.61 -38.84 5.72
N MET H 89 0.59 -39.28 6.46
CA MET H 89 -0.73 -39.58 5.88
C MET H 89 -1.39 -38.34 5.27
N GLU H 90 -1.22 -37.20 5.95
CA GLU H 90 -1.69 -35.90 5.45
C GLU H 90 -1.12 -35.54 4.08
N ARG H 91 0.18 -35.58 3.97
CA ARG H 91 0.82 -35.25 2.75
CA ARG H 91 0.83 -35.25 2.69
C ARG H 91 0.74 -36.27 1.64
N LEU H 92 0.45 -37.50 2.01
CA LEU H 92 0.15 -38.56 1.04
C LEU H 92 -1.24 -38.32 0.45
N MET H 93 -2.24 -38.08 1.31
CA MET H 93 -3.59 -37.76 0.84
C MET H 93 -3.59 -36.49 -0.02
N ASP H 94 -2.76 -35.52 0.37
CA ASP H 94 -2.63 -34.27 -0.38
C ASP H 94 -1.82 -34.43 -1.68
N HIS H 95 -1.00 -35.47 -1.77
CA HIS H 95 -0.31 -35.82 -3.03
C HIS H 95 -1.25 -36.57 -3.97
N LEU H 96 -2.14 -37.39 -3.42
CA LEU H 96 -3.12 -38.15 -4.21
C LEU H 96 -4.15 -37.23 -4.88
N VAL H 97 -4.81 -36.38 -4.12
CA VAL H 97 -5.61 -35.35 -4.69
C VAL H 97 -5.48 -33.97 -4.04
N GLN H 98 -5.55 -32.92 -4.84
CA GLN H 98 -5.50 -31.56 -4.33
C GLN H 98 -6.88 -31.17 -3.82
N GLY H 99 -6.91 -30.35 -2.77
CA GLY H 99 -8.16 -29.86 -2.19
C GLY H 99 -8.99 -30.99 -1.62
N HIS H 100 -10.32 -30.83 -1.68
CA HIS H 100 -11.30 -31.82 -1.18
C HIS H 100 -11.01 -32.21 0.28
N GLY H 101 -10.67 -31.21 1.09
CA GLY H 101 -10.26 -31.41 2.48
C GLY H 101 -11.35 -32.04 3.35
N TYR H 102 -12.59 -31.67 3.06
CA TYR H 102 -13.78 -32.28 3.67
C TYR H 102 -13.79 -33.81 3.61
N ALA H 103 -13.25 -34.34 2.51
CA ALA H 103 -13.29 -35.76 2.22
C ALA H 103 -12.14 -36.50 2.88
N LYS H 104 -11.03 -35.79 3.10
CA LYS H 104 -9.86 -36.32 3.78
C LYS H 104 -10.03 -36.29 5.29
N ALA H 105 -10.89 -35.36 5.74
CA ALA H 105 -11.17 -35.13 7.16
C ALA H 105 -11.56 -36.38 8.00
N PRO H 106 -12.47 -37.25 7.49
CA PRO H 106 -12.71 -38.47 8.27
C PRO H 106 -11.52 -39.45 8.35
N PHE H 107 -10.70 -39.53 7.29
CA PHE H 107 -9.51 -40.38 7.31
C PHE H 107 -8.52 -39.88 8.34
N ASP H 108 -8.31 -38.57 8.32
CA ASP H 108 -7.38 -37.88 9.21
C ASP H 108 -7.76 -38.12 10.70
N ALA H 109 -9.05 -38.02 10.99
CA ALA H 109 -9.57 -38.30 12.33
C ALA H 109 -9.27 -39.73 12.78
N ALA H 110 -9.45 -40.68 11.87
CA ALA H 110 -9.19 -42.10 12.14
C ALA H 110 -7.72 -42.36 12.43
N PHE H 111 -6.86 -41.59 11.78
CA PHE H 111 -5.42 -41.68 11.99
C PHE H 111 -5.00 -41.17 13.37
N TRP H 112 -5.58 -40.04 13.77
CA TRP H 112 -5.37 -39.46 15.10
C TRP H 112 -5.87 -40.38 16.19
N ASP H 113 -7.00 -41.04 15.92
CA ASP H 113 -7.61 -42.04 16.79
C ASP H 113 -6.67 -43.21 17.04
N ILE H 114 -6.07 -43.72 15.96
CA ILE H 114 -5.14 -44.85 16.02
C ILE H 114 -3.87 -44.46 16.78
N LEU H 115 -3.35 -43.27 16.49
CA LEU H 115 -2.13 -42.79 17.16
C LEU H 115 -2.33 -42.71 18.67
N GLY H 116 -3.50 -42.21 19.08
CA GLY H 116 -3.89 -42.15 20.49
C GLY H 116 -3.96 -43.50 21.17
N GLN H 117 -4.47 -44.49 20.45
CA GLN H 117 -4.52 -45.86 20.95
C GLN H 117 -3.12 -46.47 21.07
N ALA H 118 -2.28 -46.29 20.05
CA ALA H 118 -0.90 -46.76 20.05
C ALA H 118 0.01 -46.11 21.10
N THR H 119 -0.30 -44.85 21.45
CA THR H 119 0.43 -44.12 22.50
C THR H 119 -0.22 -44.27 23.87
N GLY H 120 -1.42 -44.83 23.90
CA GLY H 120 -2.21 -44.96 25.14
C GLY H 120 -2.69 -43.63 25.71
N GLN H 121 -2.90 -42.64 24.84
CA GLN H 121 -3.24 -41.28 25.26
C GLN H 121 -4.46 -40.74 24.50
N PRO H 122 -5.30 -39.94 25.18
CA PRO H 122 -6.39 -39.23 24.50
C PRO H 122 -5.86 -38.25 23.47
N VAL H 123 -6.65 -37.99 22.43
CA VAL H 123 -6.24 -37.13 21.32
C VAL H 123 -5.87 -35.70 21.78
N TRP H 124 -6.50 -35.23 22.86
CA TRP H 124 -6.17 -33.92 23.42
C TRP H 124 -4.73 -33.81 23.93
N MET H 125 -4.19 -34.92 24.47
CA MET H 125 -2.80 -35.00 24.90
C MET H 125 -1.82 -34.82 23.72
N LEU H 126 -2.12 -35.48 22.60
CA LEU H 126 -1.26 -35.41 21.41
C LEU H 126 -1.37 -34.06 20.68
N LEU H 127 -2.43 -33.33 20.98
CA LEU H 127 -2.69 -31.98 20.48
C LEU H 127 -2.13 -30.91 21.41
N GLY H 128 -1.48 -31.34 22.50
CA GLY H 128 -0.75 -30.41 23.37
C GLY H 128 -1.10 -30.51 24.84
N GLY H 129 -2.24 -31.12 25.14
CA GLY H 129 -2.71 -31.24 26.52
C GLY H 129 -4.06 -30.61 26.74
N LYS H 130 -4.57 -30.70 27.98
CA LYS H 130 -5.88 -30.16 28.32
C LYS H 130 -5.76 -28.69 28.75
N LEU H 131 -5.98 -27.80 27.78
CA LEU H 131 -5.78 -26.37 27.98
C LEU H 131 -7.09 -25.67 28.35
N CYS H 132 -8.16 -26.45 28.34
CA CYS H 132 -9.49 -25.99 28.69
C CYS H 132 -10.26 -27.18 29.27
N ASP H 133 -10.69 -27.08 30.53
CA ASP H 133 -11.47 -28.16 31.12
C ASP H 133 -12.95 -27.84 31.04
N GLY H 134 -13.60 -28.46 30.05
CA GLY H 134 -14.95 -28.11 29.65
C GLY H 134 -15.03 -26.84 28.84
N ALA H 135 -15.08 -27.01 27.51
CA ALA H 135 -15.31 -25.92 26.58
C ALA H 135 -16.70 -25.34 26.83
N PRO H 136 -16.82 -24.00 26.93
CA PRO H 136 -18.15 -23.45 27.21
C PRO H 136 -19.02 -23.69 25.98
N MET H 137 -20.33 -23.82 26.14
CA MET H 137 -21.15 -24.18 24.98
C MET H 137 -22.15 -23.10 24.60
N TYR H 138 -22.63 -23.17 23.36
CA TYR H 138 -23.72 -22.32 22.92
C TYR H 138 -24.92 -23.17 22.49
N ARG H 139 -26.10 -22.59 22.62
CA ARG H 139 -27.33 -23.21 22.14
C ARG H 139 -27.93 -22.40 21.00
N VAL H 140 -27.98 -23.01 19.81
CA VAL H 140 -28.53 -22.36 18.63
C VAL H 140 -30.06 -22.50 18.52
N ALA H 141 -30.74 -21.36 18.62
CA ALA H 141 -32.16 -21.29 18.33
C ALA H 141 -32.34 -21.05 16.82
N PRO H 142 -32.89 -22.06 16.09
CA PRO H 142 -33.01 -21.97 14.63
C PRO H 142 -34.14 -21.04 14.18
N GLN H 143 -34.34 -20.94 12.87
CA GLN H 143 -35.34 -20.03 12.29
C GLN H 143 -36.78 -20.50 12.50
N ARG H 144 -37.46 -19.85 13.46
CA ARG H 144 -38.86 -20.18 13.78
C ARG H 144 -39.64 -18.94 14.24
N SER H 145 -40.59 -19.14 15.17
CA SER H 145 -41.50 -18.07 15.62
C SER H 145 -40.86 -17.07 16.59
N GLU H 146 -41.69 -16.27 17.27
CA GLU H 146 -41.20 -15.16 18.08
C GLU H 146 -41.39 -15.29 19.60
N ALA H 147 -42.63 -15.50 20.05
CA ALA H 147 -42.96 -15.52 21.49
C ALA H 147 -42.47 -16.78 22.23
N GLU H 148 -41.95 -17.74 21.46
CA GLU H 148 -41.49 -19.04 21.99
C GLU H 148 -40.00 -19.09 22.36
N THR H 149 -39.23 -18.11 21.89
CA THR H 149 -37.81 -18.03 22.22
C THR H 149 -37.57 -17.49 23.64
N ARG H 150 -38.60 -16.88 24.24
CA ARG H 150 -38.54 -16.38 25.61
C ARG H 150 -38.52 -17.51 26.65
N ALA H 151 -39.05 -18.66 26.24
CA ALA H 151 -39.02 -19.90 27.02
C ALA H 151 -37.79 -20.75 26.69
N GLU H 152 -37.33 -20.68 25.43
CA GLU H 152 -36.09 -21.33 24.99
C GLU H 152 -34.86 -20.86 25.76
N LEU H 153 -34.80 -19.56 26.04
CA LEU H 153 -33.71 -18.97 26.82
C LEU H 153 -33.68 -19.43 28.27
N ALA H 154 -34.85 -19.40 28.93
CA ALA H 154 -35.01 -19.84 30.32
C ALA H 154 -34.72 -21.34 30.49
N ARG H 155 -34.96 -22.10 29.42
CA ARG H 155 -34.61 -23.52 29.35
C ARG H 155 -33.09 -23.69 29.36
N HIS H 156 -32.42 -22.97 28.46
CA HIS H 156 -30.98 -23.11 28.30
C HIS H 156 -30.19 -22.35 29.37
N ARG H 157 -30.79 -21.31 29.96
CA ARG H 157 -30.17 -20.58 31.07
C ARG H 157 -30.06 -21.45 32.31
N ALA H 158 -31.11 -22.22 32.60
CA ALA H 158 -31.13 -23.15 33.72
C ALA H 158 -30.31 -24.41 33.43
N ALA H 159 -30.09 -24.71 32.15
CA ALA H 159 -29.28 -25.85 31.71
C ALA H 159 -27.77 -25.62 31.78
N GLY H 160 -27.37 -24.38 32.03
CA GLY H 160 -25.96 -24.02 32.21
C GLY H 160 -25.39 -23.15 31.10
N TYR H 161 -26.08 -23.10 29.97
CA TYR H 161 -25.66 -22.33 28.80
C TYR H 161 -25.76 -20.82 29.05
N ARG H 162 -24.81 -20.08 28.49
CA ARG H 162 -24.75 -18.63 28.68
C ARG H 162 -24.47 -17.97 27.34
N GLN H 163 -24.38 -18.80 26.31
CA GLN H 163 -24.13 -18.31 24.95
C GLN H 163 -25.23 -18.82 24.03
N PHE H 164 -25.80 -17.93 23.22
CA PHE H 164 -26.93 -18.29 22.35
C PHE H 164 -26.76 -17.79 20.92
N GLN H 165 -27.08 -18.65 19.94
CA GLN H 165 -27.03 -18.25 18.54
C GLN H 165 -28.41 -18.00 17.95
N ILE H 166 -28.62 -16.77 17.49
CA ILE H 166 -29.84 -16.40 16.75
C ILE H 166 -29.59 -16.68 15.28
N LYS H 167 -30.40 -17.56 14.69
CA LYS H 167 -30.30 -17.82 13.26
C LYS H 167 -31.06 -16.77 12.46
N VAL H 168 -30.35 -16.13 11.54
CA VAL H 168 -30.90 -15.08 10.70
C VAL H 168 -30.43 -15.32 9.28
N GLY H 169 -30.61 -14.33 8.40
CA GLY H 169 -30.02 -14.40 7.05
C GLY H 169 -30.98 -14.59 5.90
N ALA H 170 -32.24 -14.90 6.19
CA ALA H 170 -33.24 -15.16 5.16
C ALA H 170 -34.00 -13.91 4.72
N ASP H 171 -34.03 -12.91 5.59
CA ASP H 171 -34.70 -11.63 5.34
C ASP H 171 -34.19 -10.60 6.34
N TRP H 172 -33.25 -9.78 5.88
CA TRP H 172 -32.59 -8.72 6.66
C TRP H 172 -33.55 -7.87 7.53
N GLN H 173 -34.75 -7.62 7.01
CA GLN H 173 -35.69 -6.66 7.59
C GLN H 173 -36.38 -7.18 8.83
N SER H 174 -36.82 -8.44 8.77
CA SER H 174 -37.39 -9.10 9.93
C SER H 174 -36.27 -9.57 10.85
N ASP H 175 -35.07 -9.81 10.28
CA ASP H 175 -33.89 -10.14 11.05
C ASP H 175 -33.51 -9.03 12.05
N ILE H 176 -33.75 -7.77 11.66
CA ILE H 176 -33.45 -6.60 12.50
C ILE H 176 -34.33 -6.69 13.75
N ASP H 177 -35.58 -7.07 13.53
CA ASP H 177 -36.60 -7.16 14.56
C ASP H 177 -36.34 -8.28 15.55
N ARG H 178 -35.81 -9.41 15.09
CA ARG H 178 -35.55 -10.53 15.99
C ARG H 178 -34.24 -10.44 16.75
N ILE H 179 -33.27 -9.70 16.20
CA ILE H 179 -32.09 -9.31 16.98
C ILE H 179 -32.56 -8.40 18.10
N ARG H 180 -33.32 -7.36 17.74
CA ARG H 180 -33.79 -6.32 18.67
C ARG H 180 -34.73 -6.81 19.78
N ALA H 181 -35.39 -7.95 19.55
CA ALA H 181 -36.31 -8.50 20.54
C ALA H 181 -35.68 -9.62 21.36
N CYS H 182 -34.61 -10.21 20.87
CA CYS H 182 -33.90 -11.25 21.61
C CYS H 182 -32.93 -10.68 22.64
N LEU H 183 -32.21 -9.62 22.28
CA LEU H 183 -31.19 -9.04 23.17
C LEU H 183 -31.65 -8.56 24.56
N PRO H 184 -32.82 -7.88 24.69
CA PRO H 184 -33.25 -7.53 26.06
C PRO H 184 -33.74 -8.71 26.90
N LEU H 185 -33.76 -9.90 26.32
CA LEU H 185 -34.14 -11.12 27.04
C LEU H 185 -32.89 -11.80 27.65
N LEU H 186 -31.71 -11.35 27.24
CA LEU H 186 -30.46 -11.83 27.80
C LEU H 186 -30.18 -11.24 29.18
N GLU H 187 -29.40 -11.96 29.98
CA GLU H 187 -28.97 -11.50 31.30
C GLU H 187 -27.54 -10.92 31.22
N PRO H 188 -27.05 -10.23 32.28
CA PRO H 188 -25.73 -9.59 32.23
C PRO H 188 -24.55 -10.47 31.79
N GLY H 189 -24.37 -11.63 32.41
CA GLY H 189 -23.24 -12.51 32.08
C GLY H 189 -23.47 -13.45 30.91
N GLU H 190 -23.92 -12.91 29.77
CA GLU H 190 -24.34 -13.73 28.63
C GLU H 190 -23.96 -13.15 27.27
N LYS H 191 -23.92 -14.02 26.24
CA LYS H 191 -23.63 -13.59 24.88
CA LYS H 191 -23.57 -13.66 24.86
C LYS H 191 -24.64 -14.07 23.83
N ALA H 192 -24.77 -13.29 22.76
CA ALA H 192 -25.61 -13.64 21.61
C ALA H 192 -24.88 -13.38 20.30
N MET H 193 -24.83 -14.40 19.44
CA MET H 193 -24.36 -14.21 18.07
C MET H 193 -25.51 -14.34 17.07
N ALA H 194 -25.59 -13.40 16.13
CA ALA H 194 -26.56 -13.50 15.05
C ALA H 194 -25.85 -14.02 13.82
N ASP H 195 -26.17 -15.26 13.43
CA ASP H 195 -25.53 -15.91 12.29
C ASP H 195 -26.41 -15.87 11.05
N ALA H 196 -25.96 -15.17 10.03
CA ALA H 196 -26.69 -15.07 8.77
C ALA H 196 -26.41 -16.22 7.82
N ASN H 197 -25.37 -17.01 8.14
CA ASN H 197 -24.92 -18.16 7.37
C ASN H 197 -24.79 -17.81 5.90
N GLN H 198 -24.02 -16.75 5.64
CA GLN H 198 -23.71 -16.26 4.29
C GLN H 198 -24.93 -15.62 3.59
N GLY H 199 -26.00 -15.38 4.35
CA GLY H 199 -27.30 -15.11 3.75
C GLY H 199 -27.59 -13.74 3.18
N TRP H 200 -26.99 -12.70 3.74
CA TRP H 200 -27.34 -11.34 3.34
C TRP H 200 -26.56 -10.88 2.12
N ARG H 201 -27.23 -10.09 1.29
CA ARG H 201 -26.57 -9.34 0.24
C ARG H 201 -25.93 -8.14 0.93
N VAL H 202 -24.76 -7.74 0.45
CA VAL H 202 -23.92 -6.74 1.12
C VAL H 202 -24.62 -5.43 1.55
N ASP H 203 -25.50 -4.88 0.72
CA ASP H 203 -26.21 -3.63 1.03
C ASP H 203 -27.21 -3.81 2.17
N ASN H 204 -27.81 -4.99 2.24
CA ASN H 204 -28.79 -5.34 3.26
C ASN H 204 -28.15 -5.71 4.59
N ALA H 205 -26.97 -6.30 4.53
CA ALA H 205 -26.17 -6.55 5.73
C ALA H 205 -25.74 -5.22 6.38
N ILE H 206 -25.49 -4.21 5.54
CA ILE H 206 -25.14 -2.87 6.02
C ILE H 206 -26.35 -2.22 6.70
N ARG H 207 -27.52 -2.31 6.06
CA ARG H 207 -28.76 -1.77 6.64
CA ARG H 207 -28.76 -1.78 6.63
C ARG H 207 -29.01 -2.36 8.01
N LEU H 208 -28.79 -3.66 8.14
CA LEU H 208 -28.96 -4.36 9.41
C LEU H 208 -27.96 -3.86 10.45
N ALA H 209 -26.70 -3.70 10.04
CA ALA H 209 -25.63 -3.25 10.93
C ALA H 209 -25.92 -1.86 11.49
N ARG H 210 -26.51 -1.01 10.64
CA ARG H 210 -26.85 0.37 11.02
C ARG H 210 -28.09 0.43 11.90
N ALA H 211 -29.05 -0.46 11.67
CA ALA H 211 -30.28 -0.45 12.45
C ALA H 211 -30.11 -1.10 13.83
N THR H 212 -29.00 -1.82 14.00
CA THR H 212 -28.68 -2.47 15.26
C THR H 212 -27.35 -1.97 15.86
N ARG H 213 -26.97 -0.73 15.55
CA ARG H 213 -25.65 -0.18 15.95
C ARG H 213 -25.51 0.09 17.44
N ASP H 214 -26.64 0.27 18.12
CA ASP H 214 -26.69 0.57 19.55
CA ASP H 214 -26.60 0.58 19.55
C ASP H 214 -26.73 -0.69 20.41
N LEU H 215 -26.46 -1.84 19.79
CA LEU H 215 -26.60 -3.14 20.46
C LEU H 215 -25.32 -3.97 20.54
N ASP H 216 -25.18 -4.69 21.65
CA ASP H 216 -24.05 -5.58 21.89
C ASP H 216 -24.40 -7.03 21.53
N TYR H 217 -23.93 -7.46 20.36
CA TYR H 217 -24.07 -8.84 19.92
C TYR H 217 -22.91 -9.10 18.97
N ILE H 218 -22.76 -10.34 18.55
CA ILE H 218 -21.69 -10.72 17.63
C ILE H 218 -22.31 -10.88 16.24
N LEU H 219 -21.73 -10.20 15.26
CA LEU H 219 -22.21 -10.27 13.89
C LEU H 219 -21.46 -11.40 13.19
N GLU H 220 -22.18 -12.49 12.92
CA GLU H 220 -21.54 -13.69 12.39
C GLU H 220 -21.81 -13.95 10.91
N GLN H 221 -20.72 -14.04 10.14
CA GLN H 221 -20.73 -14.35 8.70
C GLN H 221 -21.96 -13.75 7.98
N PRO H 222 -22.07 -12.41 7.92
CA PRO H 222 -23.24 -11.80 7.30
C PRO H 222 -23.41 -12.10 5.81
N CYS H 223 -22.30 -12.26 5.09
CA CYS H 223 -22.29 -12.48 3.66
C CYS H 223 -21.45 -13.70 3.26
N ARG H 224 -21.45 -14.06 1.98
CA ARG H 224 -20.73 -15.26 1.53
C ARG H 224 -19.21 -15.12 1.61
N SER H 225 -18.67 -14.15 0.88
CA SER H 225 -17.22 -13.95 0.77
C SER H 225 -16.63 -13.10 1.88
N TYR H 226 -15.33 -13.28 2.09
CA TYR H 226 -14.55 -12.46 3.01
C TYR H 226 -14.60 -10.98 2.68
N GLU H 227 -14.50 -10.67 1.38
CA GLU H 227 -14.53 -9.30 0.88
C GLU H 227 -15.87 -8.60 1.14
N GLU H 228 -16.96 -9.32 0.93
CA GLU H 228 -18.29 -8.84 1.28
C GLU H 228 -18.41 -8.55 2.79
N CYS H 229 -17.85 -9.45 3.62
CA CYS H 229 -17.91 -9.29 5.08
C CYS H 229 -17.06 -8.12 5.53
N GLN H 230 -15.94 -7.89 4.84
CA GLN H 230 -15.08 -6.73 5.12
C GLN H 230 -15.75 -5.42 4.70
N GLN H 231 -16.52 -5.47 3.61
CA GLN H 231 -17.33 -4.33 3.17
C GLN H 231 -18.39 -3.96 4.20
N VAL H 232 -18.97 -4.97 4.84
CA VAL H 232 -19.95 -4.78 5.94
C VAL H 232 -19.27 -4.21 7.16
N ARG H 233 -18.04 -4.66 7.42
CA ARG H 233 -17.21 -4.25 8.55
C ARG H 233 -16.77 -2.77 8.49
N ARG H 234 -16.75 -2.20 7.29
CA ARG H 234 -16.51 -0.76 7.10
C ARG H 234 -17.48 0.10 7.90
N VAL H 235 -18.70 -0.43 8.06
CA VAL H 235 -19.80 0.26 8.70
C VAL H 235 -20.11 -0.36 10.06
N ALA H 236 -20.01 -1.69 10.15
CA ALA H 236 -20.36 -2.43 11.38
C ALA H 236 -19.27 -2.41 12.45
N ASP H 237 -19.64 -1.91 13.63
CA ASP H 237 -18.75 -1.85 14.79
C ASP H 237 -18.82 -3.08 15.69
N GLN H 238 -19.91 -3.84 15.55
CA GLN H 238 -20.13 -5.08 16.32
C GLN H 238 -18.97 -6.06 16.12
N PRO H 239 -18.59 -6.82 17.17
CA PRO H 239 -17.54 -7.83 16.97
C PRO H 239 -17.96 -8.78 15.87
N MET H 240 -17.09 -8.96 14.88
CA MET H 240 -17.44 -9.82 13.77
C MET H 240 -16.86 -11.22 13.96
N LYS H 241 -17.65 -12.22 13.62
CA LYS H 241 -17.21 -13.59 13.61
C LYS H 241 -17.24 -14.11 12.19
N LEU H 242 -16.09 -14.60 11.72
CA LEU H 242 -15.99 -15.22 10.41
C LEU H 242 -16.02 -16.74 10.55
N ASP H 243 -16.76 -17.40 9.68
CA ASP H 243 -16.98 -18.83 9.83
C ASP H 243 -16.67 -19.64 8.56
N GLU H 244 -17.62 -19.73 7.62
CA GLU H 244 -17.48 -20.63 6.46
C GLU H 244 -16.39 -20.20 5.48
N CYS H 245 -16.03 -18.93 5.52
CA CYS H 245 -14.95 -18.42 4.67
C CYS H 245 -13.56 -18.76 5.24
N VAL H 246 -13.51 -19.17 6.52
CA VAL H 246 -12.25 -19.60 7.16
C VAL H 246 -11.91 -21.01 6.63
N THR H 247 -11.36 -21.06 5.42
CA THR H 247 -11.14 -22.34 4.74
C THR H 247 -9.80 -23.00 5.10
N GLY H 248 -8.91 -22.23 5.69
CA GLY H 248 -7.60 -22.73 6.04
C GLY H 248 -6.62 -21.66 6.47
N LEU H 249 -5.33 -22.00 6.40
CA LEU H 249 -4.27 -21.15 6.88
C LEU H 249 -4.08 -19.87 6.06
N HIS H 250 -4.26 -19.99 4.75
CA HIS H 250 -4.12 -18.88 3.80
CA HIS H 250 -4.07 -18.84 3.88
C HIS H 250 -5.15 -17.78 4.09
N MET H 251 -6.37 -18.19 4.39
CA MET H 251 -7.42 -17.25 4.73
C MET H 251 -7.16 -16.70 6.13
N ALA H 252 -6.75 -17.58 7.04
CA ALA H 252 -6.32 -17.21 8.39
C ALA H 252 -5.24 -16.15 8.38
N GLN H 253 -4.29 -16.26 7.44
CA GLN H 253 -3.21 -15.28 7.27
C GLN H 253 -3.76 -13.93 6.82
N ARG H 254 -4.73 -13.95 5.89
CA ARG H 254 -5.40 -12.73 5.40
C ARG H 254 -6.19 -12.03 6.51
N ILE H 255 -6.92 -12.82 7.30
CA ILE H 255 -7.71 -12.28 8.44
C ILE H 255 -6.82 -11.61 9.49
N VAL H 256 -5.70 -12.27 9.80
CA VAL H 256 -4.73 -11.75 10.75
C VAL H 256 -4.04 -10.48 10.21
N ALA H 257 -3.61 -10.54 8.95
CA ALA H 257 -3.01 -9.39 8.27
C ALA H 257 -3.95 -8.17 8.25
N ASP H 258 -5.23 -8.38 7.94
CA ASP H 258 -6.25 -7.31 7.97
C ASP H 258 -6.77 -6.96 9.37
N ARG H 259 -6.39 -7.74 10.39
CA ARG H 259 -7.09 -7.78 11.71
C ARG H 259 -8.60 -7.76 11.50
N GLY H 260 -9.05 -8.69 10.66
CA GLY H 260 -10.32 -8.57 9.98
C GLY H 260 -11.52 -9.25 10.62
N ALA H 261 -11.34 -9.82 11.82
CA ALA H 261 -12.45 -10.40 12.61
C ALA H 261 -12.14 -10.40 14.09
N GLU H 262 -13.19 -10.47 14.92
CA GLU H 262 -13.03 -10.57 16.36
C GLU H 262 -13.09 -12.01 16.84
N ILE H 263 -13.80 -12.87 16.11
CA ILE H 263 -13.83 -14.32 16.36
C ILE H 263 -13.60 -15.03 15.03
N CYS H 264 -12.82 -16.11 15.04
CA CYS H 264 -12.67 -16.98 13.88
C CYS H 264 -13.22 -18.36 14.23
N CYS H 265 -14.19 -18.82 13.44
CA CYS H 265 -14.80 -20.11 13.69
C CYS H 265 -14.08 -21.23 12.95
N LEU H 266 -13.69 -22.26 13.68
CA LEU H 266 -12.87 -23.34 13.13
C LEU H 266 -13.63 -24.65 13.04
N LYS H 267 -14.17 -24.92 11.86
CA LYS H 267 -14.91 -26.16 11.61
C LYS H 267 -13.93 -27.17 11.03
N ILE H 268 -13.68 -28.26 11.76
CA ILE H 268 -12.63 -29.25 11.43
C ILE H 268 -12.59 -29.70 9.97
N SER H 269 -13.75 -30.02 9.41
CA SER H 269 -13.81 -30.54 8.04
C SER H 269 -13.72 -29.43 6.99
N ASN H 270 -14.15 -28.23 7.34
CA ASN H 270 -13.95 -27.07 6.47
C ASN H 270 -12.48 -26.69 6.40
N LEU H 271 -11.74 -27.02 7.47
CA LEU H 271 -10.30 -26.82 7.50
C LEU H 271 -9.55 -28.01 6.91
N GLY H 272 -10.26 -29.12 6.70
CA GLY H 272 -9.69 -30.27 6.00
C GLY H 272 -9.16 -31.34 6.91
N GLY H 273 -9.70 -31.42 8.12
CA GLY H 273 -9.29 -32.42 9.07
C GLY H 273 -8.61 -31.83 10.28
N LEU H 274 -8.52 -32.63 11.32
CA LEU H 274 -7.93 -32.26 12.60
C LEU H 274 -6.50 -31.72 12.51
N SER H 275 -5.70 -32.33 11.65
CA SER H 275 -4.31 -31.90 11.39
C SER H 275 -4.23 -30.44 10.97
N LYS H 276 -4.95 -30.08 9.91
CA LYS H 276 -4.96 -28.70 9.41
C LYS H 276 -5.75 -27.77 10.32
N ALA H 277 -6.77 -28.31 10.98
CA ALA H 277 -7.55 -27.54 11.92
C ALA H 277 -6.69 -27.10 13.11
N ARG H 278 -5.86 -28.02 13.61
CA ARG H 278 -4.91 -27.79 14.70
C ARG H 278 -3.90 -26.70 14.38
N ARG H 279 -3.39 -26.76 13.15
CA ARG H 279 -2.36 -25.83 12.74
C ARG H 279 -2.89 -24.42 12.51
N THR H 280 -4.13 -24.34 12.01
CA THR H 280 -4.82 -23.06 11.83
C THR H 280 -5.22 -22.49 13.20
N ARG H 281 -5.63 -23.37 14.11
CA ARG H 281 -5.95 -22.98 15.49
C ARG H 281 -4.74 -22.40 16.22
N ASP H 282 -3.62 -23.09 16.14
CA ASP H 282 -2.38 -22.69 16.79
C ASP H 282 -1.84 -21.38 16.23
N PHE H 283 -2.01 -21.18 14.92
CA PHE H 283 -1.64 -19.93 14.24
C PHE H 283 -2.45 -18.73 14.72
N LEU H 284 -3.76 -18.90 14.81
CA LEU H 284 -4.66 -17.81 15.22
C LEU H 284 -4.45 -17.41 16.67
N ILE H 285 -4.26 -18.41 17.54
CA ILE H 285 -3.98 -18.19 18.96
C ILE H 285 -2.64 -17.49 19.21
N ASP H 286 -1.60 -17.89 18.48
CA ASP H 286 -0.31 -17.20 18.51
C ASP H 286 -0.40 -15.74 18.03
N ASN H 287 -1.45 -15.46 17.29
CA ASN H 287 -1.76 -14.12 16.82
C ASN H 287 -2.90 -13.48 17.63
N ARG H 288 -3.23 -14.12 18.76
CA ARG H 288 -4.18 -13.61 19.75
C ARG H 288 -5.57 -13.27 19.19
N MET H 289 -6.02 -14.15 18.30
CA MET H 289 -7.37 -14.14 17.74
C MET H 289 -8.20 -15.18 18.49
N PRO H 290 -9.32 -14.76 19.10
CA PRO H 290 -10.30 -15.69 19.68
C PRO H 290 -10.89 -16.67 18.68
N VAL H 291 -11.17 -17.90 19.13
CA VAL H 291 -11.64 -18.97 18.26
C VAL H 291 -12.84 -19.76 18.82
N VAL H 292 -13.64 -20.32 17.91
CA VAL H 292 -14.65 -21.32 18.20
C VAL H 292 -14.15 -22.62 17.59
N ALA H 293 -14.18 -23.70 18.39
CA ALA H 293 -13.72 -25.01 17.94
C ALA H 293 -14.93 -25.88 17.64
N GLU H 294 -15.05 -26.32 16.40
CA GLU H 294 -16.32 -26.86 15.92
C GLU H 294 -16.13 -27.82 14.75
N ASP H 295 -17.25 -28.28 14.21
CA ASP H 295 -17.31 -28.90 12.89
C ASP H 295 -18.68 -28.53 12.32
N SER H 296 -18.98 -28.98 11.12
CA SER H 296 -20.24 -28.64 10.44
C SER H 296 -21.48 -29.22 11.14
N TRP H 297 -21.44 -30.53 11.37
CA TRP H 297 -22.59 -31.31 11.85
C TRP H 297 -22.09 -32.72 12.15
N GLY H 298 -22.93 -33.56 12.76
CA GLY H 298 -22.58 -34.96 12.86
C GLY H 298 -22.94 -35.65 14.15
N GLY H 299 -22.65 -36.95 14.20
CA GLY H 299 -22.91 -37.77 15.38
C GLY H 299 -21.74 -37.81 16.32
N GLU H 300 -21.62 -38.91 17.05
CA GLU H 300 -20.62 -39.05 18.13
C GLU H 300 -19.16 -39.04 17.66
N ILE H 301 -18.89 -39.60 16.49
CA ILE H 301 -17.51 -39.68 15.94
C ILE H 301 -16.98 -38.30 15.57
N ALA H 302 -17.84 -37.52 14.91
CA ALA H 302 -17.51 -36.13 14.55
C ALA H 302 -17.39 -35.28 15.81
N SER H 303 -18.24 -35.55 16.81
CA SER H 303 -18.25 -34.80 18.06
C SER H 303 -17.08 -35.11 18.97
N ALA H 304 -16.54 -36.33 18.86
CA ALA H 304 -15.34 -36.73 19.61
C ALA H 304 -14.14 -35.91 19.18
N ALA H 305 -13.94 -35.79 17.86
CA ALA H 305 -12.88 -34.96 17.29
C ALA H 305 -12.97 -33.51 17.74
N VAL H 306 -14.19 -32.96 17.70
CA VAL H 306 -14.47 -31.57 18.10
C VAL H 306 -14.09 -31.34 19.56
N ALA H 307 -14.48 -32.28 20.42
CA ALA H 307 -14.25 -32.18 21.85
C ALA H 307 -12.77 -32.13 22.21
N HIS H 308 -11.98 -32.98 21.57
CA HIS H 308 -10.53 -32.97 21.74
C HIS H 308 -9.90 -31.72 21.15
N PHE H 309 -10.47 -31.23 20.04
CA PHE H 309 -10.07 -29.96 19.42
C PHE H 309 -10.26 -28.80 20.40
N ALA H 310 -11.46 -28.71 20.97
CA ALA H 310 -11.82 -27.74 22.01
C ALA H 310 -10.99 -27.86 23.31
N ALA H 311 -10.70 -29.10 23.72
CA ALA H 311 -9.97 -29.36 24.96
C ALA H 311 -8.50 -28.96 24.88
N SER H 312 -7.96 -28.90 23.67
CA SER H 312 -6.55 -28.54 23.45
C SER H 312 -6.38 -27.07 23.03
N THR H 313 -7.48 -26.33 23.08
CA THR H 313 -7.49 -24.90 22.79
C THR H 313 -7.36 -24.18 24.12
N PRO H 314 -6.48 -23.15 24.21
CA PRO H 314 -6.36 -22.33 25.42
C PRO H 314 -7.70 -21.69 25.81
N GLU H 315 -8.13 -21.86 27.05
CA GLU H 315 -9.45 -21.37 27.49
C GLU H 315 -9.63 -19.85 27.43
N GLU H 316 -8.52 -19.12 27.50
CA GLU H 316 -8.51 -17.65 27.38
C GLU H 316 -8.98 -17.20 26.00
N PHE H 317 -8.77 -18.06 25.00
CA PHE H 317 -9.07 -17.75 23.59
C PHE H 317 -10.18 -18.59 22.97
N LEU H 318 -10.76 -19.50 23.77
CA LEU H 318 -11.85 -20.35 23.29
C LEU H 318 -13.19 -19.73 23.65
N ILE H 319 -13.91 -19.25 22.64
CA ILE H 319 -15.22 -18.62 22.81
C ILE H 319 -16.23 -19.67 23.22
N ASN H 320 -16.40 -20.68 22.36
CA ASN H 320 -17.24 -21.83 22.67
C ASN H 320 -16.94 -23.04 21.81
N SER H 321 -17.70 -24.11 22.03
CA SER H 321 -17.73 -25.27 21.15
C SER H 321 -19.15 -25.82 21.25
N THR H 322 -19.42 -27.00 20.71
CA THR H 322 -20.79 -27.54 20.74
C THR H 322 -20.93 -29.06 20.67
N ASP H 323 -22.07 -29.53 21.18
CA ASP H 323 -22.41 -30.94 21.20
C ASP H 323 -23.20 -31.40 19.96
N LEU H 324 -22.50 -31.54 18.85
CA LEU H 324 -23.12 -31.91 17.56
C LEU H 324 -23.95 -33.21 17.58
N MET H 325 -23.48 -34.22 18.32
CA MET H 325 -24.15 -35.52 18.44
C MET H 325 -25.57 -35.43 19.02
N ASN H 326 -25.83 -34.35 19.74
CA ASN H 326 -27.12 -34.12 20.39
C ASN H 326 -28.15 -33.46 19.48
N TYR H 327 -27.72 -33.00 18.32
CA TYR H 327 -28.63 -32.40 17.35
C TYR H 327 -29.38 -33.45 16.53
N ASN H 328 -29.00 -34.72 16.66
CA ASN H 328 -29.56 -35.79 15.84
C ASN H 328 -30.34 -36.81 16.64
N THR H 329 -31.28 -37.48 15.96
CA THR H 329 -32.06 -38.56 16.57
C THR H 329 -31.33 -39.91 16.45
N ARG H 330 -30.35 -39.98 15.55
CA ARG H 330 -29.61 -41.22 15.30
C ARG H 330 -28.11 -41.06 15.52
N SER H 331 -27.41 -42.19 15.64
CA SER H 331 -25.99 -42.20 16.03
C SER H 331 -25.03 -42.62 14.91
N THR H 332 -23.78 -42.19 15.03
CA THR H 332 -22.71 -42.76 14.22
C THR H 332 -21.71 -43.58 15.04
N GLY H 333 -21.60 -43.27 16.33
CA GLY H 333 -20.60 -43.90 17.17
C GLY H 333 -21.05 -44.28 18.57
N LEU H 334 -20.31 -45.18 19.20
CA LEU H 334 -20.52 -45.53 20.61
C LEU H 334 -19.49 -44.78 21.46
N GLY H 335 -19.97 -43.88 22.30
CA GLY H 335 -19.09 -43.09 23.15
C GLY H 335 -19.14 -41.62 22.79
N GLY H 336 -17.96 -41.02 22.62
CA GLY H 336 -17.87 -39.61 22.30
C GLY H 336 -17.86 -38.75 23.54
N PRO H 337 -17.98 -37.42 23.37
CA PRO H 337 -17.88 -36.51 24.50
C PRO H 337 -19.13 -36.50 25.37
N THR H 338 -19.02 -35.92 26.55
CA THR H 338 -20.15 -35.74 27.45
C THR H 338 -20.32 -34.26 27.70
N VAL H 339 -21.52 -33.87 28.10
CA VAL H 339 -21.74 -32.48 28.51
C VAL H 339 -22.21 -32.42 29.97
N HIS H 340 -21.80 -31.37 30.66
CA HIS H 340 -22.17 -31.14 32.04
C HIS H 340 -22.21 -29.63 32.27
N GLN H 341 -23.38 -29.14 32.68
CA GLN H 341 -23.62 -27.73 33.01
C GLN H 341 -23.13 -26.73 31.95
N GLY H 342 -23.47 -27.01 30.69
CA GLY H 342 -23.16 -26.10 29.58
C GLY H 342 -21.72 -26.11 29.10
N ARG H 343 -20.97 -27.13 29.49
CA ARG H 343 -19.58 -27.27 28.98
C ARG H 343 -19.35 -28.65 28.38
N LEU H 344 -18.54 -28.69 27.32
CA LEU H 344 -18.27 -29.91 26.58
C LEU H 344 -16.99 -30.54 27.06
N TYR H 345 -17.09 -31.79 27.53
CA TYR H 345 -15.93 -32.51 28.05
C TYR H 345 -15.49 -33.65 27.13
N ALA H 346 -14.23 -33.60 26.73
CA ALA H 346 -13.59 -34.69 25.97
C ALA H 346 -13.34 -35.93 26.84
N SER H 347 -13.22 -37.08 26.17
CA SER H 347 -12.85 -38.33 26.82
CA SER H 347 -12.85 -38.33 26.82
C SER H 347 -11.38 -38.33 27.22
N ASP H 348 -11.05 -39.10 28.26
CA ASP H 348 -9.66 -39.20 28.73
C ASP H 348 -9.02 -40.56 28.45
N THR H 349 -9.82 -41.46 27.87
CA THR H 349 -9.37 -42.77 27.41
C THR H 349 -8.51 -42.61 26.12
N PRO H 350 -7.66 -43.61 25.79
CA PRO H 350 -6.80 -43.52 24.58
C PRO H 350 -7.57 -43.35 23.26
N GLY H 351 -7.03 -42.53 22.36
CA GLY H 351 -7.66 -42.29 21.05
C GLY H 351 -8.77 -41.25 21.11
N LEU H 352 -9.68 -41.29 20.15
CA LEU H 352 -10.81 -40.35 20.10
C LEU H 352 -11.89 -40.63 21.16
N GLY H 353 -11.82 -41.80 21.80
CA GLY H 353 -12.80 -42.21 22.81
C GLY H 353 -14.17 -42.56 22.23
N VAL H 354 -14.16 -43.03 20.99
CA VAL H 354 -15.38 -43.39 20.26
C VAL H 354 -15.14 -44.60 19.35
N THR H 355 -16.10 -45.53 19.29
CA THR H 355 -16.05 -46.66 18.34
C THR H 355 -17.25 -46.58 17.36
N PRO H 356 -17.13 -47.16 16.15
CA PRO H 356 -18.26 -47.06 15.20
C PRO H 356 -19.52 -47.81 15.65
N ASP H 357 -20.67 -47.15 15.57
CA ASP H 357 -21.96 -47.79 15.85
C ASP H 357 -22.42 -48.59 14.64
N PHE H 358 -21.88 -49.81 14.52
CA PHE H 358 -22.03 -50.63 13.32
C PHE H 358 -23.47 -51.00 13.01
N ASN H 359 -24.28 -51.12 14.07
CA ASN H 359 -25.70 -51.37 13.97
C ASN H 359 -26.48 -50.23 13.31
N SER H 360 -26.13 -49.00 13.66
CA SER H 360 -26.73 -47.80 13.06
C SER H 360 -26.30 -47.59 11.61
N LEU H 361 -25.01 -47.84 11.34
CA LEU H 361 -24.41 -47.57 10.05
C LEU H 361 -24.79 -48.61 8.98
N GLY H 362 -25.03 -49.85 9.42
CA GLY H 362 -25.38 -50.93 8.50
C GLY H 362 -24.18 -51.47 7.75
N ALA H 363 -24.43 -52.15 6.64
CA ALA H 363 -23.39 -52.70 5.78
C ALA H 363 -22.58 -51.57 5.15
N PRO H 364 -21.24 -51.74 5.05
CA PRO H 364 -20.42 -50.72 4.40
C PRO H 364 -20.71 -50.61 2.90
N VAL H 365 -20.75 -49.39 2.39
CA VAL H 365 -20.97 -49.13 0.96
C VAL H 365 -19.70 -49.40 0.14
N ALA H 366 -18.56 -49.43 0.82
CA ALA H 366 -17.28 -49.70 0.18
C ALA H 366 -16.31 -50.34 1.17
N ASP H 367 -15.47 -51.24 0.66
CA ASP H 367 -14.60 -52.08 1.48
C ASP H 367 -13.34 -52.41 0.68
N TRP H 368 -12.20 -51.90 1.14
CA TRP H 368 -10.91 -52.24 0.53
C TRP H 368 -10.09 -52.93 1.59
N ALA H 369 -9.33 -53.95 1.20
CA ALA H 369 -8.58 -54.75 2.16
C ALA H 369 -7.26 -55.28 1.59
N LEU H 370 -6.46 -55.87 2.48
CA LEU H 370 -5.16 -56.50 2.17
C LEU H 370 -4.06 -55.49 1.85
MG MG I . 27.39 15.67 -1.87
C1 GOL J . 23.29 17.89 -18.21
O1 GOL J . 23.50 16.51 -18.37
C2 GOL J . 22.45 18.09 -16.96
O2 GOL J . 22.51 19.43 -16.53
C3 GOL J . 21.01 17.68 -17.25
O3 GOL J . 20.96 16.29 -17.48
C1 GOL K . 38.75 25.98 24.27
O1 GOL K . 38.74 24.60 24.01
C2 GOL K . 38.07 26.67 23.11
O2 GOL K . 38.78 27.85 22.81
C3 GOL K . 36.61 26.99 23.45
O3 GOL K . 35.77 26.50 22.43
MG MG L . -6.38 29.61 8.52
MG MG M . 0.26 1.82 31.72
C1 GOL N . 14.20 -2.19 18.67
O1 GOL N . 14.57 -0.84 18.48
C2 GOL N . 13.12 -2.30 19.74
O2 GOL N . 13.40 -3.38 20.60
C3 GOL N . 11.76 -2.51 19.09
O3 GOL N . 11.06 -1.29 19.04
MG MG O . 23.29 -19.07 9.15
C1 GOL P . 31.04 -4.43 7.34
O1 GOL P . 30.62 -4.17 6.01
C2 GOL P . 31.92 -5.68 7.33
O2 GOL P . 32.27 -6.11 8.62
C3 GOL P . 33.16 -5.35 6.52
O3 GOL P . 32.83 -5.72 5.21
MG MG Q . -28.76 7.93 -11.13
MG MG R . 4.82 9.35 -30.19
C1 GOL S . 3.36 -7.33 -33.80
O1 GOL S . 4.66 -7.47 -33.30
C2 GOL S . 2.64 -6.38 -32.86
O2 GOL S . 1.72 -5.59 -33.58
C3 GOL S . 1.93 -7.20 -31.77
O3 GOL S . 2.92 -7.75 -30.92
MG MG T . 0.59 -25.57 -18.85
C1 GOL U . 11.78 -31.11 -8.65
O1 GOL U . 10.47 -31.00 -9.15
C2 GOL U . 12.37 -29.71 -8.62
O2 GOL U . 13.67 -29.68 -9.17
C3 GOL U . 12.45 -29.26 -7.16
O3 GOL U . 12.72 -27.89 -7.20
MG MG V . -21.63 -20.21 12.08
C1 GOL W . -32.09 -12.51 1.93
O1 GOL W . -31.28 -13.60 2.30
C2 GOL W . -31.46 -11.23 2.48
O2 GOL W . -32.43 -10.49 3.19
C3 GOL W . -31.04 -10.39 1.29
O3 GOL W . -29.91 -9.62 1.64
#